data_2JKV
#
_entry.id   2JKV
#
_cell.length_a   56.643
_cell.length_b   204.714
_cell.length_c   170.319
_cell.angle_alpha   90.00
_cell.angle_beta   90.65
_cell.angle_gamma   90.00
#
_symmetry.space_group_name_H-M   'P 1 21 1'
#
loop_
_entity.id
_entity.type
_entity.pdbx_description
1 polymer '6-PHOSPHOGLUCONATE DEHYDROGENASE, DECARBOXYLATING'
2 non-polymer 'NADP NICOTINAMIDE-ADENINE-DINUCLEOTIDE PHOSPHATE'
3 non-polymer 'CHLORIDE ION'
4 non-polymer 'SULFATE ION'
5 water water
#
_entity_poly.entity_id   1
_entity_poly.type   'polypeptide(L)'
_entity_poly.pdbx_seq_one_letter_code
;MHHHHHHSSGVDLGTENLYFQSMAQADIALIGLAVMGQNLILNMNDHGFVVCAFNRTVSKVDDFLANEAKGTKVVGAQSL
KEMVSKLKKPRRIILLVKAGQAVDDFIEKLVPLLDTGDIIIDGGNSEYRDTTRRCRDLKAKGILFVGSGVSGGEEGARYG
PSLMPGGNKEAWPHIKTIFQGIAAKVGTGEPCCDWVGDEGAGHFVKMVHNGIEYGDMQLICEAYHLMKDVLGMAQDEMAQ
AFEDWNKTELDSFLIEITANILKFQDTDGKHLLPKIRDSAGQKGTGKWTAISALEYGVPVTLIGEAVFARCLSSLKDERI
QASKKLKGPQKFQFDGDKKSFLEDIRKALYASKIISYAQGFMLLRQAATEFGWTLNYGGIALMWRGGCIIRSVFLGKIKD
AFDRNPELQNLLLDDFFKSAVENCQDSWRRAVSTGVQAGIPMPCFTTALSFYDGYRHEMLPASLIQAQRDYFGAHTYELL
AKPGQFIHTNWTGHGGTVSSSSYNA
;
_entity_poly.pdbx_strand_id   A,B,C,D,E,F
#
# COMPACT_ATOMS: atom_id res chain seq x y z
N ALA A 24 28.55 43.50 -1.30
CA ALA A 24 29.90 43.15 -0.89
C ALA A 24 30.87 44.32 -1.04
N GLN A 25 30.64 45.37 -0.26
CA GLN A 25 31.47 46.56 -0.33
C GLN A 25 32.46 46.68 0.84
N ALA A 26 32.06 46.17 2.01
CA ALA A 26 32.90 46.22 3.22
C ALA A 26 34.01 45.17 3.28
N ASP A 27 35.17 45.59 3.76
CA ASP A 27 36.35 44.73 3.85
C ASP A 27 36.28 43.84 5.08
N ILE A 28 35.58 44.33 6.09
CA ILE A 28 35.54 43.64 7.35
C ILE A 28 34.41 44.21 8.20
N ALA A 29 33.91 43.41 9.13
CA ALA A 29 32.90 43.85 10.08
C ALA A 29 33.48 43.79 11.48
N LEU A 30 32.93 44.61 12.38
CA LEU A 30 33.31 44.55 13.78
C LEU A 30 32.06 44.74 14.62
N ILE A 31 31.93 43.88 15.62
CA ILE A 31 30.78 43.89 16.52
C ILE A 31 31.20 44.31 17.91
N GLY A 32 30.51 45.31 18.45
CA GLY A 32 30.87 45.83 19.76
C GLY A 32 31.33 47.28 19.67
N LEU A 33 30.55 48.18 20.23
CA LEU A 33 30.84 49.60 20.08
C LEU A 33 31.12 50.33 21.41
N ALA A 34 31.87 49.70 22.30
CA ALA A 34 32.45 50.38 23.46
C ALA A 34 33.84 50.93 23.10
N VAL A 35 34.66 51.20 24.11
CA VAL A 35 35.97 51.83 23.87
C VAL A 35 36.82 51.10 22.82
N MET A 36 37.00 49.79 22.97
CA MET A 36 37.86 49.05 22.06
C MET A 36 37.33 48.98 20.63
N GLY A 37 36.05 48.61 20.50
CA GLY A 37 35.42 48.45 19.19
C GLY A 37 35.39 49.73 18.37
N GLN A 38 34.89 50.81 18.95
CA GLN A 38 34.88 52.08 18.26
C GLN A 38 36.28 52.46 17.80
N ASN A 39 37.24 52.41 18.71
CA ASN A 39 38.58 52.85 18.36
C ASN A 39 39.25 51.98 17.31
N LEU A 40 39.05 50.68 17.39
CA LEU A 40 39.71 49.81 16.43
C LEU A 40 39.10 50.01 15.05
N ILE A 41 37.78 50.27 15.03
CA ILE A 41 37.10 50.58 13.78
C ILE A 41 37.73 51.80 13.11
N LEU A 42 37.87 52.88 13.86
CA LEU A 42 38.49 54.10 13.34
C LEU A 42 39.93 53.85 12.89
N ASN A 43 40.64 52.97 13.57
CA ASN A 43 42.01 52.66 13.17
C ASN A 43 42.02 52.01 11.80
N MET A 44 41.19 50.99 11.63
CA MET A 44 41.07 50.31 10.34
C MET A 44 40.58 51.25 9.24
N ASN A 45 39.66 52.14 9.59
CA ASN A 45 39.20 53.12 8.64
C ASN A 45 40.35 53.98 8.16
N ASP A 46 41.17 54.45 9.10
CA ASP A 46 42.28 55.35 8.76
C ASP A 46 43.30 54.67 7.84
N HIS A 47 43.32 53.34 7.86
CA HIS A 47 44.26 52.61 7.02
C HIS A 47 43.58 52.17 5.73
N GLY A 48 42.39 52.69 5.49
CA GLY A 48 41.77 52.61 4.18
C GLY A 48 40.80 51.47 4.00
N PHE A 49 40.58 50.70 5.06
CA PHE A 49 39.62 49.59 5.03
C PHE A 49 38.18 50.05 5.28
N VAL A 50 37.26 49.54 4.48
CA VAL A 50 35.84 49.78 4.72
C VAL A 50 35.33 48.80 5.77
N VAL A 51 34.77 49.35 6.85
CA VAL A 51 34.36 48.51 7.96
C VAL A 51 32.86 48.64 8.20
N CYS A 52 32.20 47.50 8.40
CA CYS A 52 30.78 47.51 8.76
C CYS A 52 30.63 47.31 10.27
N ALA A 53 30.07 48.31 10.93
CA ALA A 53 29.90 48.31 12.39
C ALA A 53 28.56 47.71 12.80
N PHE A 54 28.59 46.89 13.85
CA PHE A 54 27.37 46.37 14.41
C PHE A 54 27.50 46.24 15.92
N ASN A 55 26.36 46.18 16.59
CA ASN A 55 26.33 46.07 18.04
C ASN A 55 25.01 45.45 18.49
N ARG A 56 25.03 44.71 19.59
CA ARG A 56 23.79 44.14 20.12
C ARG A 56 22.71 45.22 20.26
N THR A 57 23.03 46.29 21.00
CA THR A 57 22.13 47.44 21.06
C THR A 57 22.30 48.26 19.78
N VAL A 58 21.36 48.08 18.85
CA VAL A 58 21.49 48.59 17.49
C VAL A 58 21.47 50.11 17.39
N SER A 59 20.77 50.75 18.32
CA SER A 59 20.76 52.21 18.38
C SER A 59 22.19 52.78 18.45
N LYS A 60 23.10 52.06 19.08
CA LYS A 60 24.48 52.54 19.22
C LYS A 60 25.23 52.59 17.89
N VAL A 61 24.81 51.79 16.92
CA VAL A 61 25.38 51.83 15.59
C VAL A 61 25.15 53.20 14.95
N ASP A 62 23.91 53.66 15.01
CA ASP A 62 23.54 54.94 14.42
C ASP A 62 24.20 56.09 15.15
N ASP A 63 24.26 56.00 16.47
CA ASP A 63 24.90 57.04 17.27
C ASP A 63 26.35 57.15 16.85
N PHE A 64 26.96 55.99 16.63
CA PHE A 64 28.36 55.93 16.24
C PHE A 64 28.60 56.60 14.89
N LEU A 65 27.77 56.26 13.90
CA LEU A 65 27.92 56.79 12.55
C LEU A 65 27.61 58.28 12.47
N ALA A 66 26.82 58.75 13.43
CA ALA A 66 26.43 60.15 13.45
C ALA A 66 27.42 61.01 14.25
N ASN A 67 28.28 60.38 15.03
CA ASN A 67 29.23 61.11 15.85
C ASN A 67 30.68 60.74 15.53
N GLU A 68 31.24 59.80 16.31
CA GLU A 68 32.64 59.44 16.17
C GLU A 68 33.05 59.04 14.74
N ALA A 69 32.13 58.41 14.01
CA ALA A 69 32.41 57.96 12.65
C ALA A 69 31.82 58.88 11.59
N LYS A 70 31.47 60.10 12.01
CA LYS A 70 30.77 61.05 11.17
C LYS A 70 31.41 61.25 9.80
N GLY A 71 32.72 61.34 9.74
CA GLY A 71 33.38 61.65 8.48
C GLY A 71 34.23 60.53 7.92
N THR A 72 33.77 59.31 8.08
CA THR A 72 34.55 58.14 7.70
C THR A 72 33.88 57.30 6.62
N LYS A 73 34.56 56.25 6.18
CA LYS A 73 34.02 55.26 5.24
C LYS A 73 33.19 54.20 5.93
N VAL A 74 33.00 54.33 7.23
CA VAL A 74 32.34 53.27 8.00
C VAL A 74 30.89 53.16 7.61
N VAL A 75 30.42 51.93 7.46
CA VAL A 75 29.00 51.68 7.26
C VAL A 75 28.41 50.86 8.41
N GLY A 76 27.10 50.98 8.62
CA GLY A 76 26.44 50.29 9.70
C GLY A 76 25.46 49.24 9.19
N ALA A 77 25.06 48.34 10.08
CA ALA A 77 24.02 47.37 9.76
C ALA A 77 22.97 47.41 10.86
N GLN A 78 21.75 47.02 10.51
CA GLN A 78 20.66 46.98 11.49
C GLN A 78 20.45 45.57 11.99
N SER A 79 21.15 44.60 11.39
CA SER A 79 21.03 43.20 11.77
C SER A 79 22.27 42.42 11.34
N LEU A 80 22.47 41.25 11.94
CA LEU A 80 23.59 40.39 11.56
C LEU A 80 23.49 40.03 10.09
N LYS A 81 22.29 39.62 9.70
CA LYS A 81 21.99 39.23 8.34
C LYS A 81 22.48 40.30 7.36
N GLU A 82 22.10 41.55 7.62
CA GLU A 82 22.53 42.68 6.80
C GLU A 82 24.05 42.90 6.82
N MET A 83 24.62 42.78 8.01
CA MET A 83 26.05 42.98 8.21
C MET A 83 26.84 41.98 7.37
N VAL A 84 26.47 40.72 7.47
CA VAL A 84 27.11 39.66 6.72
C VAL A 84 27.04 39.88 5.20
N SER A 85 25.91 40.38 4.75
CA SER A 85 25.67 40.54 3.33
C SER A 85 26.58 41.62 2.72
N LYS A 86 27.10 42.51 3.56
CA LYS A 86 27.96 43.59 3.08
C LYS A 86 29.43 43.21 2.95
N LEU A 87 29.77 41.97 3.34
CA LEU A 87 31.16 41.57 3.44
C LEU A 87 31.72 40.88 2.21
N LYS A 88 32.95 41.24 1.85
CA LYS A 88 33.67 40.54 0.78
C LYS A 88 34.06 39.15 1.27
N LYS A 89 34.01 38.16 0.39
CA LYS A 89 34.43 36.81 0.75
C LYS A 89 35.93 36.59 0.52
N PRO A 90 36.59 35.81 1.40
CA PRO A 90 35.97 35.18 2.59
C PRO A 90 35.60 36.23 3.61
N ARG A 91 34.38 36.15 4.12
CA ARG A 91 33.89 37.16 5.07
C ARG A 91 34.69 37.13 6.37
N ARG A 92 35.02 38.33 6.86
CA ARG A 92 35.78 38.48 8.10
C ARG A 92 35.04 39.34 9.11
N ILE A 93 34.78 38.77 10.28
CA ILE A 93 34.03 39.46 11.34
C ILE A 93 34.82 39.47 12.61
N ILE A 94 34.96 40.65 13.22
CA ILE A 94 35.64 40.78 14.49
C ILE A 94 34.64 41.03 15.60
N LEU A 95 34.82 40.30 16.69
CA LEU A 95 34.05 40.50 17.92
C LEU A 95 34.93 41.18 18.96
N LEU A 96 34.45 42.33 19.44
CA LEU A 96 35.09 43.01 20.56
C LEU A 96 34.04 43.34 21.60
N VAL A 97 33.49 42.28 22.18
CA VAL A 97 32.49 42.44 23.22
C VAL A 97 32.98 41.80 24.52
N LYS A 98 32.26 42.09 25.60
CA LYS A 98 32.55 41.50 26.89
C LYS A 98 32.69 39.98 26.76
N ALA A 99 33.76 39.43 27.33
CA ALA A 99 34.03 38.00 27.18
C ALA A 99 33.00 37.14 27.87
N GLY A 100 32.83 35.92 27.37
CA GLY A 100 31.90 34.99 27.96
C GLY A 100 30.78 34.54 27.02
N GLN A 101 29.57 34.44 27.56
CA GLN A 101 28.46 33.91 26.81
C GLN A 101 28.14 34.78 25.57
N ALA A 102 28.33 36.09 25.69
CA ALA A 102 28.08 37.00 24.58
C ALA A 102 28.79 36.55 23.31
N VAL A 103 30.04 36.10 23.45
CA VAL A 103 30.79 35.63 22.29
C VAL A 103 30.15 34.39 21.68
N ASP A 104 29.75 33.45 22.53
CA ASP A 104 29.03 32.27 22.04
C ASP A 104 27.69 32.61 21.40
N ASP A 105 26.98 33.57 21.99
CA ASP A 105 25.71 34.03 21.42
C ASP A 105 25.88 34.47 19.97
N PHE A 106 26.89 35.29 19.73
CA PHE A 106 27.13 35.82 18.39
C PHE A 106 27.55 34.72 17.42
N ILE A 107 28.42 33.84 17.89
CA ILE A 107 28.85 32.72 17.05
C ILE A 107 27.66 31.87 16.61
N GLU A 108 26.76 31.57 17.54
CA GLU A 108 25.60 30.74 17.22
C GLU A 108 24.71 31.41 16.16
N LYS A 109 24.55 32.73 16.25
CA LYS A 109 23.75 33.46 15.26
C LYS A 109 24.45 33.62 13.91
N LEU A 110 25.78 33.71 13.92
CA LEU A 110 26.50 33.97 12.68
C LEU A 110 26.67 32.72 11.82
N VAL A 111 26.93 31.59 12.46
CA VAL A 111 27.24 30.38 11.71
C VAL A 111 26.23 30.06 10.60
N PRO A 112 24.93 30.14 10.90
CA PRO A 112 23.99 29.85 9.81
C PRO A 112 23.99 30.88 8.67
N LEU A 113 24.55 32.06 8.89
CA LEU A 113 24.63 33.09 7.86
C LEU A 113 25.90 33.02 7.03
N LEU A 114 26.86 32.22 7.47
CA LEU A 114 28.17 32.23 6.85
C LEU A 114 28.38 31.08 5.89
N ASP A 115 29.39 31.22 5.05
CA ASP A 115 29.79 30.19 4.12
C ASP A 115 31.09 29.55 4.56
N THR A 116 31.33 28.35 4.06
CA THR A 116 32.58 27.67 4.34
C THR A 116 33.76 28.55 3.95
N GLY A 117 34.71 28.69 4.87
CA GLY A 117 35.90 29.48 4.64
C GLY A 117 35.82 30.87 5.23
N ASP A 118 34.63 31.24 5.69
CA ASP A 118 34.44 32.51 6.36
C ASP A 118 35.18 32.51 7.70
N ILE A 119 35.47 33.70 8.22
CA ILE A 119 36.38 33.86 9.34
C ILE A 119 35.82 34.72 10.47
N ILE A 120 35.80 34.16 11.67
CA ILE A 120 35.41 34.93 12.85
C ILE A 120 36.61 35.12 13.79
N ILE A 121 36.82 36.37 14.21
CA ILE A 121 37.97 36.74 15.04
C ILE A 121 37.50 37.34 16.35
N ASP A 122 37.67 36.58 17.43
CA ASP A 122 37.37 37.07 18.77
C ASP A 122 38.56 37.83 19.35
N GLY A 123 38.42 39.15 19.46
CA GLY A 123 39.49 40.00 19.93
C GLY A 123 39.36 40.38 21.40
N GLY A 124 38.31 39.88 22.05
CA GLY A 124 38.09 40.17 23.45
C GLY A 124 38.99 39.38 24.36
N ASN A 125 38.89 39.65 25.66
CA ASN A 125 39.68 38.92 26.66
C ASN A 125 38.99 37.61 27.04
N SER A 126 38.99 36.63 26.14
CA SER A 126 38.34 35.35 26.39
C SER A 126 39.29 34.34 27.02
N GLU A 127 38.76 33.46 27.87
N GLU A 127 38.76 33.46 27.87
CA GLU A 127 39.55 32.39 28.45
CA GLU A 127 39.58 32.41 28.44
C GLU A 127 40.04 31.48 27.32
C GLU A 127 40.04 31.46 27.33
N TYR A 128 41.31 31.09 27.35
CA TYR A 128 41.88 30.27 26.28
C TYR A 128 41.12 28.96 26.03
N ARG A 129 40.61 28.34 27.09
CA ARG A 129 39.89 27.07 26.97
C ARG A 129 38.64 27.25 26.13
N ASP A 130 37.96 28.38 26.32
CA ASP A 130 36.79 28.73 25.51
C ASP A 130 37.18 28.89 24.05
N THR A 131 38.32 29.51 23.82
CA THR A 131 38.78 29.77 22.48
C THR A 131 39.12 28.48 21.77
N THR A 132 39.80 27.58 22.49
CA THR A 132 40.16 26.27 21.96
C THR A 132 38.89 25.49 21.53
N ARG A 133 37.89 25.50 22.41
CA ARG A 133 36.62 24.87 22.13
C ARG A 133 35.93 25.44 20.89
N ARG A 134 35.79 26.76 20.84
CA ARG A 134 35.15 27.41 19.69
C ARG A 134 35.95 27.12 18.41
N CYS A 135 37.26 27.13 18.50
CA CYS A 135 38.10 26.89 17.33
C CYS A 135 37.83 25.51 16.75
N ARG A 136 37.77 24.50 17.61
CA ARG A 136 37.52 23.14 17.17
C ARG A 136 36.10 22.93 16.62
N ASP A 137 35.12 23.50 17.30
CA ASP A 137 33.73 23.40 16.88
C ASP A 137 33.54 23.98 15.48
N LEU A 138 34.02 25.20 15.30
CA LEU A 138 33.80 25.92 14.05
C LEU A 138 34.59 25.30 12.91
N LYS A 139 35.79 24.80 13.20
CA LYS A 139 36.56 24.12 12.19
C LYS A 139 35.78 22.95 11.61
N ALA A 140 35.12 22.17 12.48
CA ALA A 140 34.29 21.06 12.05
C ALA A 140 33.17 21.54 11.14
N LYS A 141 32.79 22.80 11.27
CA LYS A 141 31.69 23.36 10.49
C LYS A 141 32.19 24.21 9.31
N GLY A 142 33.48 24.13 9.01
CA GLY A 142 34.03 24.83 7.87
C GLY A 142 34.30 26.30 8.08
N ILE A 143 34.19 26.75 9.33
CA ILE A 143 34.44 28.15 9.66
C ILE A 143 35.79 28.36 10.37
N LEU A 144 36.53 29.36 9.90
CA LEU A 144 37.85 29.59 10.40
C LEU A 144 37.80 30.56 11.60
N PHE A 145 38.22 30.06 12.76
CA PHE A 145 38.12 30.83 13.99
C PHE A 145 39.47 31.32 14.47
N VAL A 146 39.55 32.63 14.71
CA VAL A 146 40.75 33.23 15.28
C VAL A 146 40.42 33.83 16.63
N GLY A 147 41.18 33.46 17.64
CA GLY A 147 41.12 34.14 18.93
C GLY A 147 42.38 34.96 19.08
N SER A 148 42.20 36.27 19.19
CA SER A 148 43.33 37.18 19.19
C SER A 148 43.31 38.10 20.38
N GLY A 149 44.44 38.19 21.07
CA GLY A 149 44.59 39.18 22.12
C GLY A 149 44.82 40.54 21.49
N VAL A 150 44.31 41.58 22.13
CA VAL A 150 44.56 42.95 21.73
C VAL A 150 45.04 43.71 22.95
N SER A 151 46.19 44.36 22.82
CA SER A 151 46.73 45.17 23.91
C SER A 151 46.84 46.63 23.51
N GLY A 152 46.92 47.52 24.50
CA GLY A 152 47.15 48.93 24.25
C GLY A 152 46.02 49.82 24.72
N GLY A 153 44.92 49.22 25.17
CA GLY A 153 43.76 49.96 25.60
C GLY A 153 43.20 50.88 24.52
N GLU A 154 42.55 51.96 24.95
CA GLU A 154 41.91 52.88 24.02
C GLU A 154 42.89 53.43 22.98
N GLU A 155 44.04 53.91 23.46
CA GLU A 155 45.01 54.56 22.61
C GLU A 155 45.61 53.59 21.60
N GLY A 156 45.93 52.41 22.08
CA GLY A 156 46.50 51.36 21.24
C GLY A 156 45.51 50.94 20.17
N ALA A 157 44.27 50.70 20.55
CA ALA A 157 43.24 50.33 19.58
C ALA A 157 43.06 51.42 18.54
N ARG A 158 43.13 52.67 18.97
CA ARG A 158 42.91 53.79 18.07
C ARG A 158 44.05 53.99 17.05
N TYR A 159 45.31 53.87 17.50
CA TYR A 159 46.44 54.21 16.63
C TYR A 159 47.40 53.08 16.26
N GLY A 160 47.44 52.02 17.07
CA GLY A 160 48.31 50.89 16.78
C GLY A 160 48.46 49.96 17.96
N PRO A 161 47.70 48.86 17.96
CA PRO A 161 47.74 47.94 19.10
C PRO A 161 48.76 46.82 18.86
N SER A 162 49.15 46.15 19.94
CA SER A 162 49.80 44.87 19.85
C SER A 162 48.71 43.81 19.63
N LEU A 163 48.90 42.97 18.62
CA LEU A 163 47.93 41.94 18.29
C LEU A 163 48.53 40.56 18.44
N MET A 164 47.83 39.67 19.14
CA MET A 164 48.29 38.31 19.37
C MET A 164 47.30 37.28 18.83
N PRO A 165 47.31 37.07 17.51
CA PRO A 165 46.39 36.17 16.82
C PRO A 165 46.79 34.70 17.00
N GLY A 166 45.83 33.88 17.39
CA GLY A 166 45.98 32.43 17.35
C GLY A 166 44.68 31.76 16.99
N GLY A 167 44.70 30.45 16.82
CA GLY A 167 43.52 29.70 16.46
C GLY A 167 43.70 28.86 15.20
N ASN A 168 42.84 29.06 14.23
CA ASN A 168 42.91 28.29 12.99
C ASN A 168 43.80 29.00 11.99
N LYS A 169 45.04 28.51 11.84
CA LYS A 169 46.00 29.23 11.01
C LYS A 169 45.59 29.40 9.55
N GLU A 170 44.56 28.68 9.13
CA GLU A 170 44.09 28.77 7.76
C GLU A 170 43.54 30.18 7.50
N ALA A 171 43.22 30.88 8.58
CA ALA A 171 42.71 32.24 8.51
C ALA A 171 43.80 33.29 8.38
N TRP A 172 44.99 32.96 8.88
CA TRP A 172 46.06 33.96 8.99
C TRP A 172 46.34 34.72 7.68
N PRO A 173 46.50 33.99 6.58
CA PRO A 173 46.78 34.63 5.29
C PRO A 173 45.70 35.64 4.89
N HIS A 174 44.46 35.44 5.35
CA HIS A 174 43.37 36.32 4.99
C HIS A 174 43.19 37.52 5.91
N ILE A 175 43.93 37.55 7.02
CA ILE A 175 43.82 38.67 7.95
C ILE A 175 45.15 39.36 8.20
N LYS A 176 46.22 38.75 7.72
CA LYS A 176 47.57 39.26 7.96
C LYS A 176 47.73 40.72 7.54
N THR A 177 47.20 41.04 6.37
CA THR A 177 47.36 42.37 5.83
C THR A 177 46.68 43.46 6.66
N ILE A 178 45.43 43.24 7.05
CA ILE A 178 44.76 44.19 7.93
C ILE A 178 45.44 44.22 9.29
N PHE A 179 45.67 43.05 9.88
CA PHE A 179 46.22 42.97 11.22
C PHE A 179 47.57 43.64 11.36
N GLN A 180 48.50 43.27 10.49
CA GLN A 180 49.82 43.88 10.54
C GLN A 180 49.73 45.32 10.06
N GLY A 181 48.71 45.61 9.27
CA GLY A 181 48.52 46.95 8.79
C GLY A 181 48.20 47.94 9.88
N ILE A 182 47.34 47.56 10.82
CA ILE A 182 46.90 48.49 11.84
C ILE A 182 47.75 48.39 13.11
N ALA A 183 48.60 47.37 13.17
CA ALA A 183 49.34 47.11 14.42
C ALA A 183 50.41 48.15 14.65
N ALA A 184 50.74 48.38 15.93
CA ALA A 184 51.86 49.23 16.28
C ALA A 184 53.07 48.82 15.47
N LYS A 185 53.81 49.81 14.96
CA LYS A 185 55.06 49.55 14.26
C LYS A 185 56.20 50.01 15.15
N VAL A 186 57.30 49.26 15.18
CA VAL A 186 58.46 49.72 15.94
C VAL A 186 59.65 49.96 15.05
N GLY A 187 60.56 50.80 15.54
CA GLY A 187 61.85 51.04 14.89
C GLY A 187 61.84 50.99 13.38
N THR A 188 62.24 49.84 12.83
CA THR A 188 62.38 49.66 11.39
C THR A 188 61.03 49.54 10.65
N GLY A 189 59.93 49.65 11.37
CA GLY A 189 58.62 49.54 10.77
C GLY A 189 57.98 48.15 10.87
N GLU A 190 58.60 47.27 11.65
CA GLU A 190 58.10 45.92 11.88
C GLU A 190 56.85 45.95 12.74
N PRO A 191 55.81 45.23 12.33
CA PRO A 191 54.51 45.21 13.00
C PRO A 191 54.55 44.40 14.28
N CYS A 192 53.91 44.91 15.32
CA CYS A 192 53.80 44.18 16.57
C CYS A 192 52.60 43.25 16.50
N CYS A 193 52.70 42.26 15.63
CA CYS A 193 51.62 41.34 15.39
C CYS A 193 52.12 40.22 14.48
N ASP A 194 52.14 39.00 15.02
CA ASP A 194 52.49 37.84 14.22
C ASP A 194 51.68 36.65 14.73
N TRP A 195 51.56 35.61 13.92
CA TRP A 195 50.76 34.45 14.32
C TRP A 195 51.41 33.78 15.53
N VAL A 196 50.62 33.64 16.58
CA VAL A 196 51.08 33.09 17.86
C VAL A 196 51.10 31.57 17.88
N GLY A 197 50.00 30.95 17.48
CA GLY A 197 49.93 29.50 17.46
C GLY A 197 48.52 28.99 17.42
N ASP A 198 48.38 27.68 17.62
CA ASP A 198 47.11 27.00 17.42
C ASP A 198 46.06 27.22 18.53
N GLU A 199 44.79 27.14 18.13
CA GLU A 199 43.65 27.21 19.03
C GLU A 199 43.73 28.38 20.02
N GLY A 200 43.72 28.08 21.31
CA GLY A 200 43.69 29.12 22.33
C GLY A 200 45.01 29.83 22.61
N ALA A 201 46.06 29.54 21.86
CA ALA A 201 47.38 30.10 22.10
C ALA A 201 47.40 31.63 22.17
N GLY A 202 46.69 32.28 21.26
CA GLY A 202 46.67 33.73 21.25
C GLY A 202 46.12 34.30 22.54
N HIS A 203 45.01 33.75 22.97
CA HIS A 203 44.38 34.24 24.19
C HIS A 203 45.16 33.85 25.45
N PHE A 204 45.92 32.76 25.36
CA PHE A 204 46.73 32.36 26.48
C PHE A 204 47.86 33.37 26.68
N VAL A 205 48.54 33.66 25.60
CA VAL A 205 49.58 34.67 25.61
C VAL A 205 49.04 36.00 26.13
N LYS A 206 47.85 36.38 25.68
CA LYS A 206 47.24 37.61 26.15
C LYS A 206 46.95 37.53 27.65
N MET A 207 46.49 36.37 28.10
CA MET A 207 46.30 36.16 29.54
C MET A 207 47.59 36.42 30.32
N VAL A 208 48.67 35.77 29.89
CA VAL A 208 49.95 35.96 30.52
C VAL A 208 50.40 37.41 30.49
N HIS A 209 50.15 38.08 29.35
CA HIS A 209 50.42 39.51 29.23
C HIS A 209 49.74 40.27 30.39
N ASN A 210 48.50 39.93 30.70
CA ASN A 210 47.83 40.64 31.76
C ASN A 210 48.33 40.25 33.15
N GLY A 211 48.80 39.02 33.28
CA GLY A 211 49.37 38.57 34.55
C GLY A 211 50.59 39.41 34.88
N ILE A 212 51.50 39.54 33.91
CA ILE A 212 52.68 40.39 34.07
C ILE A 212 52.29 41.83 34.36
N GLU A 213 51.29 42.33 33.64
CA GLU A 213 50.77 43.68 33.86
C GLU A 213 50.27 43.91 35.28
N TYR A 214 49.40 43.03 35.77
CA TYR A 214 48.93 43.07 37.15
C TYR A 214 50.09 43.16 38.13
N GLY A 215 51.11 42.37 37.88
CA GLY A 215 52.25 42.29 38.78
C GLY A 215 53.01 43.60 38.79
N ASP A 216 53.32 44.09 37.60
CA ASP A 216 53.98 45.37 37.44
C ASP A 216 53.25 46.54 38.09
N MET A 217 51.93 46.60 37.90
CA MET A 217 51.12 47.67 38.48
C MET A 217 51.18 47.63 40.00
N GLN A 218 51.11 46.43 40.56
CA GLN A 218 51.11 46.28 42.01
C GLN A 218 52.47 46.68 42.59
N LEU A 219 53.55 46.25 41.95
CA LEU A 219 54.89 46.66 42.36
C LEU A 219 55.04 48.17 42.30
N ILE A 220 54.54 48.78 41.23
CA ILE A 220 54.57 50.24 41.12
C ILE A 220 53.84 50.90 42.32
N CYS A 221 52.69 50.34 42.68
CA CYS A 221 51.94 50.84 43.83
C CYS A 221 52.73 50.74 45.12
N GLU A 222 53.50 49.67 45.27
CA GLU A 222 54.26 49.46 46.50
C GLU A 222 55.43 50.46 46.59
N ALA A 223 56.07 50.74 45.46
CA ALA A 223 57.11 51.76 45.37
C ALA A 223 56.53 53.09 45.78
N TYR A 224 55.38 53.40 45.20
CA TYR A 224 54.70 54.63 45.49
C TYR A 224 54.37 54.72 46.99
N HIS A 225 53.91 53.63 47.56
CA HIS A 225 53.55 53.61 48.97
C HIS A 225 54.78 53.89 49.83
N LEU A 226 55.90 53.28 49.48
CA LEU A 226 57.17 53.56 50.17
C LEU A 226 57.61 55.03 50.02
N MET A 227 57.50 55.58 48.81
CA MET A 227 57.86 56.98 48.60
C MET A 227 57.00 57.88 49.46
N LYS A 228 55.71 57.58 49.50
CA LYS A 228 54.76 58.42 50.20
C LYS A 228 54.90 58.32 51.71
N ASP A 229 55.00 57.10 52.23
CA ASP A 229 54.86 56.88 53.66
C ASP A 229 56.16 56.65 54.42
N VAL A 230 57.21 56.24 53.73
CA VAL A 230 58.51 56.10 54.38
C VAL A 230 59.33 57.37 54.15
N LEU A 231 59.37 57.84 52.90
CA LEU A 231 60.17 59.01 52.54
C LEU A 231 59.39 60.32 52.67
N GLY A 232 58.09 60.21 52.91
CA GLY A 232 57.24 61.39 53.05
C GLY A 232 57.25 62.35 51.86
N MET A 233 57.38 61.83 50.64
CA MET A 233 57.45 62.68 49.45
C MET A 233 56.10 63.27 49.01
N ALA A 234 56.17 64.44 48.41
CA ALA A 234 54.97 65.11 47.90
C ALA A 234 54.56 64.50 46.55
N GLN A 235 53.30 64.68 46.18
CA GLN A 235 52.77 64.13 44.94
C GLN A 235 53.67 64.44 43.74
N ASP A 236 53.97 65.71 43.53
CA ASP A 236 54.75 66.14 42.36
C ASP A 236 56.20 65.67 42.41
N GLU A 237 56.73 65.55 43.61
CA GLU A 237 58.07 65.03 43.83
C GLU A 237 58.12 63.57 43.39
N MET A 238 57.08 62.83 43.73
CA MET A 238 57.01 61.43 43.34
C MET A 238 56.82 61.29 41.84
N ALA A 239 55.96 62.14 41.27
CA ALA A 239 55.81 62.22 39.81
C ALA A 239 57.17 62.37 39.15
N GLN A 240 57.98 63.31 39.65
CA GLN A 240 59.29 63.53 39.09
C GLN A 240 60.18 62.29 39.21
N ALA A 241 60.12 61.59 40.35
CA ALA A 241 60.93 60.40 40.53
C ALA A 241 60.63 59.37 39.45
N PHE A 242 59.35 59.10 39.24
CA PHE A 242 58.94 58.16 38.20
C PHE A 242 59.37 58.63 36.82
N GLU A 243 59.17 59.92 36.55
CA GLU A 243 59.62 60.50 35.29
C GLU A 243 61.11 60.27 35.05
N ASP A 244 61.92 60.39 36.10
CA ASP A 244 63.35 60.15 35.96
C ASP A 244 63.65 58.66 35.79
N TRP A 245 62.96 57.84 36.58
CA TRP A 245 63.11 56.40 36.50
C TRP A 245 62.82 55.88 35.09
N ASN A 246 61.90 56.55 34.41
CA ASN A 246 61.48 56.19 33.06
C ASN A 246 62.59 56.40 32.02
N LYS A 247 63.69 57.02 32.43
CA LYS A 247 64.75 57.32 31.49
C LYS A 247 65.82 56.22 31.51
N THR A 248 65.79 55.40 32.55
CA THR A 248 66.77 54.36 32.77
C THR A 248 66.23 52.95 32.45
N GLU A 249 66.64 51.97 33.25
CA GLU A 249 66.27 50.57 33.04
C GLU A 249 64.76 50.35 33.18
N LEU A 250 64.10 51.20 33.95
CA LEU A 250 62.65 51.07 34.18
C LEU A 250 61.80 51.67 33.06
N ASP A 251 62.46 52.18 32.02
CA ASP A 251 61.79 52.73 30.85
C ASP A 251 60.68 51.80 30.35
N SER A 252 59.43 52.23 30.53
CA SER A 252 58.26 51.41 30.24
C SER A 252 56.99 52.24 30.27
N PHE A 253 55.97 51.74 29.56
CA PHE A 253 54.67 52.38 29.51
C PHE A 253 54.05 52.68 30.89
N LEU A 254 54.05 51.67 31.77
CA LEU A 254 53.43 51.82 33.08
C LEU A 254 54.14 52.85 33.95
N ILE A 255 55.47 52.88 33.91
CA ILE A 255 56.21 53.88 34.67
C ILE A 255 55.86 55.25 34.11
N GLU A 256 55.88 55.37 32.79
CA GLU A 256 55.51 56.62 32.11
C GLU A 256 54.16 57.19 32.60
N ILE A 257 53.10 56.39 32.50
CA ILE A 257 51.77 56.92 32.81
C ILE A 257 51.58 57.19 34.30
N THR A 258 52.35 56.49 35.14
CA THR A 258 52.28 56.68 36.57
C THR A 258 52.76 58.08 36.91
N ALA A 259 53.83 58.48 36.25
CA ALA A 259 54.34 59.85 36.37
C ALA A 259 53.25 60.85 36.01
N ASN A 260 52.57 60.61 34.89
CA ASN A 260 51.50 61.53 34.46
C ASN A 260 50.34 61.56 35.44
N ILE A 261 49.95 60.38 35.90
CA ILE A 261 48.86 60.26 36.86
C ILE A 261 49.17 61.05 38.15
N LEU A 262 50.39 60.90 38.66
CA LEU A 262 50.82 61.62 39.85
C LEU A 262 50.78 63.15 39.69
N LYS A 263 51.08 63.65 38.47
CA LYS A 263 51.04 65.08 38.13
C LYS A 263 49.62 65.62 37.99
N PHE A 264 48.70 64.75 37.58
CA PHE A 264 47.41 65.19 37.07
C PHE A 264 46.58 65.98 38.09
N GLN A 265 46.07 67.12 37.66
CA GLN A 265 45.28 67.98 38.53
C GLN A 265 43.83 68.08 38.09
N ASP A 266 42.94 68.02 39.07
CA ASP A 266 41.51 68.08 38.83
C ASP A 266 41.15 69.52 38.49
N THR A 267 39.93 69.73 38.02
CA THR A 267 39.48 71.05 37.58
C THR A 267 39.61 72.10 38.68
N ASP A 268 39.74 71.64 39.93
CA ASP A 268 39.84 72.55 41.06
C ASP A 268 41.28 72.85 41.47
N GLY A 269 42.23 72.40 40.67
CA GLY A 269 43.63 72.62 40.95
C GLY A 269 44.30 71.62 41.89
N LYS A 270 43.50 70.89 42.66
CA LYS A 270 44.01 69.82 43.51
C LYS A 270 44.33 68.56 42.68
N HIS A 271 45.28 67.75 43.15
CA HIS A 271 45.64 66.52 42.46
C HIS A 271 44.47 65.55 42.48
N LEU A 272 44.26 64.83 41.38
CA LEU A 272 43.10 63.95 41.24
C LEU A 272 43.27 62.63 42.00
N LEU A 273 44.47 62.05 41.95
CA LEU A 273 44.68 60.71 42.51
C LEU A 273 44.27 60.56 43.97
N PRO A 274 44.60 61.55 44.81
CA PRO A 274 44.21 61.41 46.22
C PRO A 274 42.69 61.40 46.43
N LYS A 275 41.92 61.80 45.44
CA LYS A 275 40.47 61.77 45.58
C LYS A 275 39.88 60.40 45.23
N ILE A 276 40.68 59.55 44.60
CA ILE A 276 40.17 58.30 44.05
C ILE A 276 40.01 57.20 45.08
N ARG A 277 38.86 56.53 45.04
CA ARG A 277 38.60 55.41 45.93
C ARG A 277 39.57 54.22 45.71
N ASP A 278 40.12 53.71 46.80
CA ASP A 278 41.19 52.71 46.74
C ASP A 278 40.67 51.28 46.77
N SER A 279 39.76 50.98 45.87
CA SER A 279 39.22 49.64 45.76
C SER A 279 39.38 49.17 44.31
N ALA A 280 40.34 48.28 44.07
CA ALA A 280 40.70 47.92 42.70
C ALA A 280 39.76 46.90 42.08
N GLY A 281 39.36 47.16 40.84
CA GLY A 281 38.52 46.24 40.11
C GLY A 281 39.37 45.28 39.34
N GLN A 282 38.74 44.23 38.82
CA GLN A 282 39.43 43.30 37.94
C GLN A 282 38.38 42.59 37.10
N LYS A 283 38.78 42.18 35.90
CA LYS A 283 37.82 41.65 34.96
C LYS A 283 38.13 40.21 34.53
N GLY A 284 39.03 39.55 35.23
CA GLY A 284 39.18 38.12 35.09
C GLY A 284 40.53 37.58 34.67
N THR A 285 41.21 38.29 33.78
CA THR A 285 42.44 37.77 33.18
C THR A 285 43.54 37.48 34.19
N GLY A 286 43.72 38.38 35.16
CA GLY A 286 44.70 38.18 36.19
C GLY A 286 44.42 36.91 36.99
N LYS A 287 43.20 36.85 37.52
CA LYS A 287 42.68 35.66 38.17
C LYS A 287 42.94 34.38 37.34
N TRP A 288 42.63 34.41 36.05
CA TRP A 288 42.82 33.22 35.22
C TRP A 288 44.28 32.78 35.13
N THR A 289 45.17 33.75 35.09
CA THR A 289 46.58 33.50 34.99
C THR A 289 47.03 32.75 36.23
N ALA A 290 46.64 33.25 37.40
CA ALA A 290 46.97 32.64 38.67
C ALA A 290 46.44 31.22 38.76
N ILE A 291 45.20 31.05 38.32
CA ILE A 291 44.54 29.75 38.33
C ILE A 291 45.22 28.74 37.40
N SER A 292 45.62 29.18 36.22
CA SER A 292 46.38 28.34 35.31
C SER A 292 47.67 27.90 35.94
N ALA A 293 48.36 28.85 36.57
CA ALA A 293 49.62 28.57 37.26
C ALA A 293 49.44 27.47 38.30
N LEU A 294 48.45 27.64 39.17
CA LEU A 294 48.15 26.63 40.18
C LEU A 294 47.82 25.27 39.53
N GLU A 295 47.00 25.27 38.49
CA GLU A 295 46.58 24.04 37.87
C GLU A 295 47.74 23.26 37.27
N TYR A 296 48.74 23.95 36.76
CA TYR A 296 49.85 23.28 36.09
C TYR A 296 51.15 23.27 36.90
N GLY A 297 51.08 23.77 38.13
CA GLY A 297 52.19 23.70 39.06
C GLY A 297 53.37 24.59 38.71
N VAL A 298 53.08 25.77 38.21
CA VAL A 298 54.11 26.75 37.90
C VAL A 298 54.05 27.82 38.97
N PRO A 299 55.19 28.11 39.62
CA PRO A 299 55.29 29.05 40.74
C PRO A 299 55.20 30.51 40.31
N VAL A 300 54.07 30.92 39.76
CA VAL A 300 53.91 32.29 39.31
C VAL A 300 53.39 33.13 40.48
N THR A 301 54.25 33.36 41.46
CA THR A 301 53.84 33.92 42.76
C THR A 301 53.40 35.37 42.70
N LEU A 302 54.05 36.16 41.83
CA LEU A 302 53.73 37.59 41.76
C LEU A 302 52.29 37.86 41.35
N ILE A 303 51.82 37.16 40.31
CA ILE A 303 50.46 37.35 39.84
C ILE A 303 49.46 36.97 40.91
N GLY A 304 49.74 35.88 41.60
CA GLY A 304 48.94 35.49 42.74
C GLY A 304 48.78 36.61 43.76
N GLU A 305 49.90 37.18 44.21
CA GLU A 305 49.82 38.28 45.17
C GLU A 305 49.15 39.51 44.59
N ALA A 306 49.41 39.79 43.31
CA ALA A 306 48.78 40.95 42.69
C ALA A 306 47.25 40.83 42.70
N VAL A 307 46.73 39.67 42.31
CA VAL A 307 45.26 39.47 42.29
C VAL A 307 44.69 39.57 43.70
N PHE A 308 45.32 38.88 44.65
CA PHE A 308 44.87 38.90 46.03
C PHE A 308 44.92 40.31 46.61
N ALA A 309 45.93 41.09 46.21
CA ALA A 309 46.02 42.49 46.64
C ALA A 309 44.80 43.30 46.20
N ARG A 310 44.36 43.10 44.96
CA ARG A 310 43.13 43.73 44.51
C ARG A 310 41.94 43.32 45.36
N CYS A 311 41.85 42.02 45.67
CA CYS A 311 40.75 41.51 46.52
C CYS A 311 40.76 42.16 47.89
N LEU A 312 41.94 42.19 48.49
CA LEU A 312 42.14 42.89 49.75
C LEU A 312 41.70 44.37 49.71
N SER A 313 42.03 45.08 48.63
CA SER A 313 41.63 46.50 48.57
C SER A 313 40.12 46.64 48.52
N SER A 314 39.45 45.65 47.94
CA SER A 314 37.99 45.63 47.85
C SER A 314 37.31 45.59 49.20
N LEU A 315 38.00 45.00 50.18
CA LEU A 315 37.50 44.95 51.56
C LEU A 315 37.64 46.30 52.25
N LYS A 316 37.33 47.36 51.51
CA LYS A 316 37.55 48.71 51.98
C LYS A 316 36.90 48.94 53.34
N ASP A 317 35.62 48.61 53.44
CA ASP A 317 34.88 48.83 54.67
C ASP A 317 35.48 48.07 55.86
N GLU A 318 35.88 46.82 55.61
CA GLU A 318 36.58 46.02 56.59
C GLU A 318 37.89 46.68 57.02
N ARG A 319 38.59 47.24 56.05
CA ARG A 319 39.90 47.81 56.34
C ARG A 319 39.76 49.05 57.20
N ILE A 320 38.72 49.83 56.94
CA ILE A 320 38.41 50.97 57.79
C ILE A 320 38.18 50.51 59.21
N GLN A 321 37.34 49.50 59.36
CA GLN A 321 37.10 48.89 60.68
C GLN A 321 38.39 48.42 61.33
N ALA A 322 39.14 47.60 60.61
CA ALA A 322 40.38 47.02 61.12
C ALA A 322 41.41 48.07 61.52
N SER A 323 41.45 49.19 60.80
CA SER A 323 42.44 50.23 61.05
C SER A 323 42.27 50.83 62.45
N LYS A 324 41.06 50.71 63.00
CA LYS A 324 40.76 51.21 64.32
C LYS A 324 41.30 50.31 65.44
N LYS A 325 41.37 49.00 65.19
CA LYS A 325 41.81 48.06 66.21
C LYS A 325 43.25 47.54 66.05
N LEU A 326 43.71 47.38 64.82
CA LEU A 326 45.03 46.78 64.61
C LEU A 326 46.11 47.83 64.45
N LYS A 327 47.07 47.81 65.35
CA LYS A 327 48.12 48.80 65.35
C LYS A 327 49.30 48.29 64.52
N GLY A 328 50.09 49.23 63.98
CA GLY A 328 51.29 48.87 63.25
C GLY A 328 52.51 49.01 64.13
N PRO A 329 53.72 49.10 63.53
CA PRO A 329 54.96 49.35 64.28
C PRO A 329 54.83 50.69 64.99
N GLN A 330 55.03 50.72 66.29
CA GLN A 330 54.73 51.93 67.04
C GLN A 330 55.80 52.99 66.89
N LYS A 331 57.06 52.58 66.94
CA LYS A 331 58.15 53.54 67.01
C LYS A 331 59.09 53.50 65.81
N PHE A 332 58.57 53.78 64.62
CA PHE A 332 59.42 53.86 63.44
C PHE A 332 59.58 55.27 62.90
N GLN A 333 60.83 55.68 62.72
CA GLN A 333 61.17 56.91 62.04
C GLN A 333 62.32 56.64 61.08
N PHE A 334 62.16 57.04 59.83
CA PHE A 334 63.21 56.86 58.84
C PHE A 334 64.36 57.82 59.11
N ASP A 335 65.51 57.29 59.45
CA ASP A 335 66.68 58.11 59.76
C ASP A 335 67.83 57.75 58.83
N GLY A 336 67.65 58.02 57.55
CA GLY A 336 68.66 57.72 56.56
C GLY A 336 68.66 58.71 55.43
N ASP A 337 69.51 58.49 54.43
CA ASP A 337 69.58 59.38 53.27
C ASP A 337 68.42 59.11 52.31
N LYS A 338 67.47 60.04 52.30
CA LYS A 338 66.31 59.91 51.42
C LYS A 338 66.69 59.63 49.97
N LYS A 339 67.68 60.34 49.45
CA LYS A 339 68.06 60.14 48.06
C LYS A 339 68.58 58.71 47.85
N SER A 340 69.38 58.22 48.77
CA SER A 340 69.93 56.88 48.67
C SER A 340 68.83 55.83 48.71
N PHE A 341 67.86 56.03 49.58
CA PHE A 341 66.77 55.09 49.71
C PHE A 341 65.81 55.12 48.51
N LEU A 342 65.66 56.29 47.90
CA LEU A 342 64.87 56.43 46.70
C LEU A 342 65.46 55.56 45.60
N GLU A 343 66.77 55.59 45.48
CA GLU A 343 67.49 54.75 44.53
C GLU A 343 67.31 53.27 44.86
N ASP A 344 67.30 52.95 46.14
CA ASP A 344 67.02 51.59 46.58
C ASP A 344 65.66 51.11 46.08
N ILE A 345 64.64 51.94 46.26
CA ILE A 345 63.30 51.64 45.78
C ILE A 345 63.33 51.38 44.29
N ARG A 346 64.05 52.21 43.55
CA ARG A 346 64.14 52.08 42.10
C ARG A 346 64.71 50.70 41.72
N LYS A 347 65.79 50.30 42.37
CA LYS A 347 66.43 49.04 42.07
C LYS A 347 65.60 47.85 42.51
N ALA A 348 64.91 48.00 43.64
CA ALA A 348 64.02 46.95 44.11
C ALA A 348 62.93 46.73 43.06
N LEU A 349 62.41 47.84 42.54
CA LEU A 349 61.33 47.79 41.59
C LEU A 349 61.79 47.11 40.30
N TYR A 350 63.00 47.43 39.87
CA TYR A 350 63.57 46.86 38.68
C TYR A 350 63.73 45.34 38.81
N ALA A 351 64.27 44.89 39.94
CA ALA A 351 64.53 43.46 40.14
C ALA A 351 63.22 42.70 40.18
N SER A 352 62.26 43.25 40.91
CA SER A 352 60.98 42.60 41.04
C SER A 352 60.27 42.55 39.70
N LYS A 353 60.37 43.64 38.93
CA LYS A 353 59.80 43.69 37.58
C LYS A 353 60.37 42.54 36.75
N ILE A 354 61.65 42.28 36.92
CA ILE A 354 62.29 41.20 36.20
C ILE A 354 61.68 39.86 36.59
N ILE A 355 61.53 39.60 37.89
CA ILE A 355 60.88 38.38 38.36
C ILE A 355 59.48 38.22 37.74
N SER A 356 58.70 39.31 37.74
CA SER A 356 57.39 39.33 37.10
C SER A 356 57.44 38.70 35.71
N TYR A 357 58.27 39.26 34.85
CA TYR A 357 58.42 38.73 33.49
C TYR A 357 58.97 37.30 33.44
N ALA A 358 59.96 36.99 34.26
CA ALA A 358 60.51 35.65 34.29
C ALA A 358 59.42 34.62 34.61
N GLN A 359 58.56 34.94 35.58
CA GLN A 359 57.48 34.02 35.93
C GLN A 359 56.52 33.87 34.76
N GLY A 360 56.14 34.99 34.17
CA GLY A 360 55.33 35.00 32.96
C GLY A 360 55.81 34.05 31.88
N PHE A 361 57.09 34.09 31.57
CA PHE A 361 57.66 33.19 30.57
C PHE A 361 57.76 31.73 31.00
N MET A 362 57.85 31.48 32.31
CA MET A 362 57.80 30.12 32.83
C MET A 362 56.43 29.53 32.50
N LEU A 363 55.41 30.35 32.67
CA LEU A 363 54.06 29.93 32.40
C LEU A 363 53.86 29.65 30.91
N LEU A 364 54.42 30.50 30.04
CA LEU A 364 54.29 30.27 28.61
C LEU A 364 54.94 28.95 28.22
N ARG A 365 56.15 28.72 28.74
CA ARG A 365 56.90 27.50 28.45
C ARG A 365 56.07 26.29 28.89
N GLN A 366 55.45 26.40 30.05
CA GLN A 366 54.64 25.30 30.57
C GLN A 366 53.43 25.02 29.68
N ALA A 367 52.80 26.08 29.17
CA ALA A 367 51.68 25.92 28.24
C ALA A 367 52.09 25.20 26.96
N ALA A 368 53.24 25.55 26.41
CA ALA A 368 53.70 24.94 25.18
C ALA A 368 53.84 23.45 25.42
N THR A 369 54.32 23.08 26.61
CA THR A 369 54.49 21.69 26.97
C THR A 369 53.14 21.00 27.15
N GLU A 370 52.26 21.64 27.92
CA GLU A 370 50.95 21.09 28.17
C GLU A 370 50.11 20.89 26.90
N PHE A 371 50.18 21.82 25.95
CA PHE A 371 49.25 21.84 24.82
C PHE A 371 49.88 21.59 23.47
N GLY A 372 51.21 21.53 23.44
CA GLY A 372 51.92 21.26 22.21
C GLY A 372 52.05 22.46 21.31
N TRP A 373 51.64 23.63 21.81
CA TRP A 373 51.84 24.88 21.07
C TRP A 373 53.32 25.16 20.81
N THR A 374 53.65 25.52 19.58
CA THR A 374 55.01 25.89 19.23
C THR A 374 55.16 27.40 19.40
N LEU A 375 55.34 27.84 20.64
CA LEU A 375 55.44 29.27 20.94
C LEU A 375 56.85 29.80 20.67
N ASN A 376 56.90 30.98 20.07
CA ASN A 376 58.15 31.69 19.83
C ASN A 376 58.33 32.76 20.91
N TYR A 377 59.08 32.43 21.96
CA TYR A 377 59.17 33.31 23.12
C TYR A 377 59.78 34.63 22.77
N GLY A 378 60.88 34.60 22.01
CA GLY A 378 61.51 35.82 21.52
C GLY A 378 60.55 36.67 20.72
N GLY A 379 59.77 36.00 19.86
CA GLY A 379 58.78 36.65 19.04
C GLY A 379 57.70 37.32 19.86
N ILE A 380 57.21 36.61 20.87
CA ILE A 380 56.21 37.17 21.76
C ILE A 380 56.74 38.44 22.40
N ALA A 381 58.00 38.41 22.84
CA ALA A 381 58.64 39.57 23.44
C ALA A 381 58.65 40.76 22.48
N LEU A 382 58.95 40.49 21.21
CA LEU A 382 58.96 41.54 20.20
C LEU A 382 57.56 42.12 19.94
N MET A 383 56.53 41.28 20.01
CA MET A 383 55.16 41.78 19.80
C MET A 383 54.79 42.78 20.87
N TRP A 384 55.51 42.78 21.99
CA TRP A 384 55.16 43.65 23.10
C TRP A 384 55.86 45.00 23.11
N ARG A 385 56.65 45.28 22.07
CA ARG A 385 57.44 46.51 22.05
C ARG A 385 56.63 47.77 21.73
N GLY A 386 55.45 47.59 21.17
CA GLY A 386 54.59 48.71 20.82
C GLY A 386 53.12 48.46 21.09
N GLY A 387 52.36 49.55 21.23
CA GLY A 387 50.93 49.50 21.47
C GLY A 387 50.54 48.50 22.54
N CYS A 388 51.34 48.45 23.59
CA CYS A 388 51.28 47.36 24.55
C CYS A 388 51.47 47.90 25.95
N ILE A 389 50.65 47.43 26.89
CA ILE A 389 50.69 47.94 28.26
C ILE A 389 52.00 47.59 28.96
N ILE A 390 52.58 46.45 28.60
CA ILE A 390 53.81 46.01 29.24
C ILE A 390 55.03 46.27 28.36
N ARG A 391 54.93 47.26 27.48
CA ARG A 391 56.09 47.72 26.73
C ARG A 391 57.19 48.13 27.71
N SER A 392 58.37 47.54 27.55
CA SER A 392 59.52 47.87 28.37
C SER A 392 60.75 47.92 27.49
N VAL A 393 61.72 48.73 27.90
CA VAL A 393 62.92 48.91 27.12
C VAL A 393 63.69 47.59 26.97
N PHE A 394 63.48 46.64 27.88
CA PHE A 394 64.30 45.42 27.86
C PHE A 394 63.68 44.22 27.15
N LEU A 395 62.53 44.41 26.49
CA LEU A 395 61.91 43.32 25.75
C LEU A 395 62.85 42.78 24.68
N GLY A 396 63.70 43.67 24.18
CA GLY A 396 64.67 43.28 23.18
C GLY A 396 65.67 42.32 23.79
N LYS A 397 65.95 42.52 25.07
CA LYS A 397 66.90 41.68 25.80
C LYS A 397 66.33 40.28 25.98
N ILE A 398 65.04 40.21 26.22
CA ILE A 398 64.36 38.92 26.31
C ILE A 398 64.45 38.16 25.01
N LYS A 399 64.19 38.85 23.90
CA LYS A 399 64.33 38.25 22.58
C LYS A 399 65.74 37.71 22.39
N ASP A 400 66.74 38.51 22.75
CA ASP A 400 68.15 38.12 22.63
C ASP A 400 68.47 36.85 23.40
N ALA A 401 67.98 36.81 24.64
CA ALA A 401 68.12 35.66 25.52
C ALA A 401 67.63 34.37 24.86
N PHE A 402 66.40 34.38 24.37
CA PHE A 402 65.85 33.21 23.70
C PHE A 402 66.51 32.92 22.35
N ASP A 403 67.06 33.96 21.72
CA ASP A 403 67.87 33.77 20.51
C ASP A 403 69.12 32.96 20.83
N ARG A 404 69.84 33.35 21.88
CA ARG A 404 71.08 32.65 22.26
C ARG A 404 70.78 31.23 22.73
N ASN A 405 69.58 31.03 23.28
CA ASN A 405 69.24 29.77 23.89
C ASN A 405 67.73 29.57 23.88
N PRO A 406 67.21 28.99 22.80
CA PRO A 406 65.75 28.87 22.62
C PRO A 406 65.14 27.97 23.68
N GLU A 407 66.00 27.21 24.35
CA GLU A 407 65.57 26.29 25.38
C GLU A 407 65.74 26.86 26.77
N LEU A 408 66.20 28.12 26.81
CA LEU A 408 66.38 28.84 28.07
C LEU A 408 65.24 28.52 29.03
N GLN A 409 65.58 27.96 30.18
CA GLN A 409 64.58 27.48 31.14
C GLN A 409 64.03 28.59 32.02
N ASN A 410 64.79 29.67 32.12
CA ASN A 410 64.36 30.80 32.95
C ASN A 410 65.16 32.04 32.60
N LEU A 411 64.45 33.17 32.53
CA LEU A 411 65.09 34.46 32.21
C LEU A 411 66.22 34.81 33.18
N LEU A 412 66.10 34.37 34.43
CA LEU A 412 67.12 34.70 35.41
C LEU A 412 68.45 34.09 35.04
N LEU A 413 68.42 33.02 34.24
CA LEU A 413 69.64 32.35 33.86
C LEU A 413 70.40 33.09 32.74
N ASP A 414 69.71 34.00 32.05
CA ASP A 414 70.38 34.80 31.04
C ASP A 414 71.24 35.90 31.69
N ASP A 415 72.38 36.18 31.09
CA ASP A 415 73.35 37.07 31.71
C ASP A 415 72.81 38.47 31.98
N PHE A 416 72.11 39.04 31.02
CA PHE A 416 71.57 40.38 31.19
C PHE A 416 70.70 40.48 32.43
N PHE A 417 69.83 39.50 32.62
CA PHE A 417 68.91 39.49 33.75
C PHE A 417 69.54 39.06 35.06
N LYS A 418 70.42 38.07 35.00
CA LYS A 418 71.18 37.65 36.16
C LYS A 418 71.99 38.83 36.71
N SER A 419 72.64 39.58 35.81
CA SER A 419 73.47 40.70 36.22
C SER A 419 72.66 41.83 36.80
N ALA A 420 71.54 42.16 36.17
CA ALA A 420 70.68 43.22 36.67
C ALA A 420 70.21 42.91 38.09
N VAL A 421 69.74 41.68 38.31
CA VAL A 421 69.23 41.29 39.61
C VAL A 421 70.35 41.30 40.62
N GLU A 422 71.53 40.84 40.19
CA GLU A 422 72.67 40.82 41.08
C GLU A 422 73.01 42.23 41.56
N ASN A 423 72.93 43.19 40.65
CA ASN A 423 73.25 44.58 40.98
C ASN A 423 72.20 45.27 41.82
N CYS A 424 70.97 44.75 41.79
CA CYS A 424 69.88 45.36 42.52
C CYS A 424 69.68 44.72 43.88
N GLN A 425 70.32 43.58 44.08
CA GLN A 425 70.01 42.72 45.21
C GLN A 425 70.09 43.44 46.55
N ASP A 426 71.19 44.13 46.78
CA ASP A 426 71.43 44.83 48.05
C ASP A 426 70.36 45.88 48.31
N SER A 427 70.05 46.69 47.31
CA SER A 427 69.03 47.72 47.43
C SER A 427 67.68 47.07 47.66
N TRP A 428 67.43 46.01 46.91
CA TRP A 428 66.19 45.25 47.01
C TRP A 428 65.94 44.83 48.47
N ARG A 429 66.92 44.17 49.08
CA ARG A 429 66.76 43.71 50.46
C ARG A 429 66.64 44.87 51.44
N ARG A 430 67.34 45.95 51.18
CA ARG A 430 67.29 47.14 52.00
C ARG A 430 65.87 47.75 51.96
N ALA A 431 65.31 47.86 50.76
CA ALA A 431 63.98 48.44 50.61
C ALA A 431 62.92 47.59 51.31
N VAL A 432 63.00 46.29 51.12
CA VAL A 432 62.05 45.39 51.76
C VAL A 432 62.16 45.40 53.30
N SER A 433 63.38 45.28 53.81
CA SER A 433 63.59 45.32 55.27
C SER A 433 63.05 46.59 55.87
N THR A 434 63.28 47.71 55.19
CA THR A 434 62.80 48.98 55.70
C THR A 434 61.29 49.01 55.63
N GLY A 435 60.74 48.54 54.51
CA GLY A 435 59.31 48.49 54.33
C GLY A 435 58.66 47.71 55.46
N VAL A 436 59.28 46.58 55.79
CA VAL A 436 58.78 45.70 56.84
C VAL A 436 58.78 46.40 58.19
N GLN A 437 59.87 47.11 58.48
CA GLN A 437 60.01 47.85 59.72
C GLN A 437 58.99 48.99 59.83
N ALA A 438 58.70 49.62 58.70
CA ALA A 438 57.78 50.75 58.64
C ALA A 438 56.33 50.29 58.65
N GLY A 439 56.09 49.01 58.39
CA GLY A 439 54.74 48.48 58.39
C GLY A 439 54.02 48.68 57.07
N ILE A 440 54.79 48.81 56.00
CA ILE A 440 54.22 49.03 54.68
C ILE A 440 53.96 47.70 53.97
N PRO A 441 52.71 47.46 53.53
CA PRO A 441 52.35 46.25 52.80
C PRO A 441 53.10 46.15 51.48
N MET A 442 53.89 45.09 51.30
CA MET A 442 54.58 44.86 50.05
C MET A 442 54.43 43.41 49.58
N PRO A 443 53.20 43.00 49.29
CA PRO A 443 52.93 41.61 48.93
C PRO A 443 53.76 41.17 47.72
N CYS A 444 53.90 42.06 46.75
CA CYS A 444 54.64 41.73 45.55
C CYS A 444 56.16 41.84 45.67
N PHE A 445 56.65 42.88 46.35
CA PHE A 445 58.09 42.99 46.52
C PHE A 445 58.58 41.77 47.27
N THR A 446 57.87 41.40 48.33
CA THR A 446 58.33 40.29 49.18
C THR A 446 58.21 38.94 48.50
N THR A 447 57.14 38.73 47.75
CA THR A 447 56.97 37.46 47.08
C THR A 447 58.01 37.30 45.98
N ALA A 448 58.34 38.40 45.31
CA ALA A 448 59.37 38.38 44.27
C ALA A 448 60.73 38.02 44.84
N LEU A 449 61.07 38.61 45.97
CA LEU A 449 62.33 38.32 46.65
C LEU A 449 62.34 36.89 47.20
N SER A 450 61.25 36.47 47.84
CA SER A 450 61.14 35.10 48.33
C SER A 450 61.33 34.10 47.20
N PHE A 451 60.76 34.41 46.05
CA PHE A 451 60.92 33.55 44.89
C PHE A 451 62.38 33.49 44.45
N TYR A 452 63.04 34.65 44.38
CA TYR A 452 64.44 34.67 43.98
C TYR A 452 65.28 33.82 44.93
N ASP A 453 65.09 34.05 46.23
CA ASP A 453 65.84 33.32 47.24
C ASP A 453 65.52 31.82 47.23
N GLY A 454 64.27 31.48 46.91
CA GLY A 454 63.88 30.10 46.85
C GLY A 454 64.49 29.42 45.64
N TYR A 455 64.36 30.08 44.49
CA TYR A 455 64.80 29.51 43.21
C TYR A 455 66.32 29.29 43.15
N ARG A 456 67.09 30.12 43.86
CA ARG A 456 68.54 30.04 43.80
C ARG A 456 69.13 29.04 44.79
N HIS A 457 68.27 28.52 45.69
CA HIS A 457 68.67 27.53 46.70
C HIS A 457 68.63 26.10 46.22
N GLU A 458 69.76 25.41 46.30
CA GLU A 458 69.83 23.99 45.97
C GLU A 458 69.04 23.14 46.98
N MET A 459 69.12 23.52 48.26
CA MET A 459 68.34 22.83 49.29
C MET A 459 67.29 23.74 49.87
N LEU A 460 66.07 23.21 49.95
CA LEU A 460 64.94 23.91 50.55
C LEU A 460 64.37 23.06 51.69
N PRO A 461 63.66 23.70 52.63
CA PRO A 461 63.08 22.95 53.75
C PRO A 461 61.85 22.10 53.37
N ALA A 462 61.59 21.95 52.07
CA ALA A 462 60.45 21.15 51.62
C ALA A 462 60.58 19.68 52.03
N SER A 463 61.81 19.24 52.29
CA SER A 463 62.06 17.91 52.80
C SER A 463 61.32 17.69 54.13
N LEU A 464 61.25 18.74 54.94
CA LEU A 464 60.45 18.67 56.17
C LEU A 464 58.96 18.47 55.85
N ILE A 465 58.47 19.13 54.81
CA ILE A 465 57.10 18.92 54.39
C ILE A 465 56.85 17.47 54.00
N GLN A 466 57.78 16.90 53.23
CA GLN A 466 57.72 15.48 52.89
C GLN A 466 57.72 14.58 54.13
N ALA A 467 58.55 14.92 55.11
CA ALA A 467 58.63 14.09 56.31
C ALA A 467 57.31 14.16 57.07
N GLN A 468 56.73 15.34 57.15
CA GLN A 468 55.47 15.51 57.87
C GLN A 468 54.35 14.72 57.20
N ARG A 469 54.27 14.83 55.88
CA ARG A 469 53.22 14.17 55.11
C ARG A 469 53.32 12.66 55.26
N ASP A 470 54.54 12.14 55.24
CA ASP A 470 54.71 10.70 55.42
C ASP A 470 54.39 10.29 56.85
N TYR A 471 54.65 11.20 57.78
CA TYR A 471 54.44 10.93 59.19
C TYR A 471 52.96 10.82 59.52
N PHE A 472 52.16 11.79 59.08
CA PHE A 472 50.75 11.76 59.43
C PHE A 472 49.83 11.07 58.41
N GLY A 473 50.25 11.07 57.14
CA GLY A 473 49.39 10.56 56.09
C GLY A 473 49.97 9.40 55.31
N ALA A 474 51.18 8.99 55.66
CA ALA A 474 51.85 7.90 54.97
C ALA A 474 51.97 8.15 53.47
N HIS A 475 52.25 9.39 53.08
CA HIS A 475 52.28 9.71 51.66
C HIS A 475 53.54 9.25 50.96
N THR A 476 54.51 8.80 51.75
CA THR A 476 55.81 8.32 51.23
C THR A 476 56.69 9.46 50.72
N TYR A 477 57.99 9.20 50.64
CA TYR A 477 58.95 10.23 50.25
C TYR A 477 60.10 9.57 49.53
N GLU A 478 61.03 10.36 49.00
CA GLU A 478 62.19 9.77 48.36
C GLU A 478 63.45 10.28 49.01
N LEU A 479 64.51 9.51 48.89
CA LEU A 479 65.81 9.93 49.36
C LEU A 479 66.52 10.75 48.28
N LEU A 480 67.27 11.77 48.70
CA LEU A 480 68.14 12.49 47.80
C LEU A 480 68.96 11.54 46.94
N ALA A 481 69.56 10.54 47.60
CA ALA A 481 70.49 9.65 46.95
C ALA A 481 69.87 8.69 45.93
N LYS A 482 68.54 8.55 45.96
CA LYS A 482 67.87 7.66 45.00
C LYS A 482 66.46 8.15 44.64
N PRO A 483 66.40 9.23 43.87
CA PRO A 483 65.10 9.80 43.51
C PRO A 483 64.31 8.80 42.69
N GLY A 484 62.99 8.83 42.82
CA GLY A 484 62.12 7.96 42.07
C GLY A 484 61.63 6.73 42.82
N GLN A 485 62.36 6.36 43.86
CA GLN A 485 61.99 5.24 44.69
C GLN A 485 61.35 5.76 45.97
N PHE A 486 60.08 5.45 46.18
CA PHE A 486 59.34 6.00 47.30
C PHE A 486 59.29 5.11 48.52
N ILE A 487 59.42 5.73 49.68
CA ILE A 487 59.55 5.00 50.93
C ILE A 487 58.51 5.48 51.91
N HIS A 488 58.02 4.56 52.73
CA HIS A 488 57.26 4.93 53.92
C HIS A 488 58.01 4.53 55.19
N THR A 489 58.14 5.47 56.12
CA THR A 489 58.82 5.19 57.37
C THR A 489 57.83 5.13 58.54
N ASN A 490 58.05 4.19 59.45
CA ASN A 490 57.26 4.09 60.67
C ASN A 490 57.75 5.10 61.71
N TRP A 491 57.44 6.36 61.47
CA TRP A 491 57.94 7.47 62.27
C TRP A 491 57.64 7.32 63.76
N THR A 492 56.41 6.96 64.11
CA THR A 492 56.04 6.87 65.51
C THR A 492 56.50 5.57 66.15
N GLY A 493 56.79 4.57 65.33
CA GLY A 493 57.20 3.27 65.85
C GLY A 493 56.01 2.38 66.18
N HIS A 494 54.80 2.91 65.99
CA HIS A 494 53.59 2.17 66.35
C HIS A 494 52.62 2.07 65.18
N GLY A 495 53.05 2.56 64.03
CA GLY A 495 52.19 2.58 62.86
C GLY A 495 52.17 1.28 62.10
N GLY A 496 51.31 1.22 61.08
CA GLY A 496 51.19 0.05 60.25
C GLY A 496 52.17 0.07 59.09
N THR A 497 52.06 -0.90 58.20
CA THR A 497 52.95 -0.96 57.06
C THR A 497 52.24 -0.48 55.81
N VAL A 498 50.91 -0.56 55.82
CA VAL A 498 50.12 -0.11 54.68
C VAL A 498 50.09 1.40 54.60
N SER A 499 50.62 1.93 53.50
CA SER A 499 50.73 3.37 53.35
C SER A 499 49.73 3.85 52.30
N SER A 500 49.76 5.14 52.02
CA SER A 500 49.04 5.71 50.91
C SER A 500 49.87 5.46 49.66
N SER A 501 49.28 5.62 48.49
CA SER A 501 50.07 5.57 47.26
C SER A 501 50.75 6.92 47.01
N SER A 502 51.80 6.89 46.21
CA SER A 502 52.51 8.11 45.88
C SER A 502 51.98 8.66 44.57
N TYR A 503 51.29 9.79 44.62
CA TYR A 503 50.78 10.41 43.41
C TYR A 503 50.52 11.88 43.66
N ASN A 504 50.51 12.66 42.58
CA ASN A 504 50.18 14.06 42.68
C ASN A 504 48.88 14.35 41.96
N ALA A 505 48.27 15.48 42.32
CA ALA A 505 46.97 15.84 41.79
C ALA A 505 46.69 17.31 42.07
N ALA B 24 22.16 -10.14 55.90
CA ALA B 24 22.16 -8.82 56.53
C ALA B 24 22.82 -8.85 57.91
N GLN B 25 24.11 -9.17 57.94
CA GLN B 25 24.85 -9.28 59.19
C GLN B 25 25.74 -8.05 59.48
N ALA B 26 26.28 -7.44 58.43
CA ALA B 26 27.18 -6.30 58.58
C ALA B 26 26.45 -4.97 58.81
N ASP B 27 27.04 -4.12 59.66
CA ASP B 27 26.46 -2.84 60.02
C ASP B 27 26.77 -1.80 58.97
N ILE B 28 27.88 -2.02 58.28
CA ILE B 28 28.38 -1.02 57.35
C ILE B 28 29.43 -1.66 56.46
N ALA B 29 29.62 -1.06 55.29
CA ALA B 29 30.64 -1.48 54.36
C ALA B 29 31.60 -0.33 54.10
N LEU B 30 32.84 -0.65 53.77
CA LEU B 30 33.81 0.35 53.39
C LEU B 30 34.61 -0.18 52.21
N ILE B 31 34.79 0.69 51.23
CA ILE B 31 35.52 0.37 50.02
C ILE B 31 36.83 1.16 49.95
N GLY B 32 37.93 0.44 49.75
CA GLY B 32 39.23 1.09 49.73
C GLY B 32 40.11 0.57 50.86
N LEU B 33 41.16 -0.15 50.49
CA LEU B 33 42.00 -0.79 51.49
C LEU B 33 43.42 -0.28 51.48
N ALA B 34 43.58 1.03 51.30
CA ALA B 34 44.86 1.68 51.52
C ALA B 34 44.93 2.11 52.99
N VAL B 35 45.84 3.01 53.33
CA VAL B 35 46.03 3.40 54.72
C VAL B 35 44.72 3.84 55.44
N MET B 36 43.98 4.76 54.85
CA MET B 36 42.80 5.30 55.51
C MET B 36 41.73 4.24 55.71
N GLY B 37 41.48 3.46 54.66
CA GLY B 37 40.40 2.49 54.68
C GLY B 37 40.63 1.37 55.68
N GLN B 38 41.80 0.74 55.60
CA GLN B 38 42.16 -0.31 56.53
C GLN B 38 42.03 0.18 57.97
N ASN B 39 42.61 1.34 58.24
CA ASN B 39 42.60 1.86 59.59
C ASN B 39 41.21 2.23 60.10
N LEU B 40 40.39 2.81 59.23
CA LEU B 40 39.06 3.21 59.67
C LEU B 40 38.20 1.99 59.93
N ILE B 41 38.43 0.95 59.15
CA ILE B 41 37.71 -0.30 59.34
C ILE B 41 38.03 -0.90 60.72
N LEU B 42 39.31 -0.96 61.05
CA LEU B 42 39.74 -1.45 62.35
C LEU B 42 39.18 -0.60 63.48
N ASN B 43 39.09 0.71 63.26
CA ASN B 43 38.51 1.58 64.26
C ASN B 43 37.06 1.20 64.54
N MET B 44 36.28 1.06 63.47
CA MET B 44 34.86 0.70 63.61
C MET B 44 34.67 -0.69 64.21
N ASN B 45 35.55 -1.60 63.83
CA ASN B 45 35.52 -2.92 64.40
C ASN B 45 35.75 -2.86 65.92
N ASP B 46 36.73 -2.07 66.36
CA ASP B 46 37.01 -1.95 67.80
C ASP B 46 35.82 -1.39 68.56
N HIS B 47 34.96 -0.65 67.88
CA HIS B 47 33.79 -0.05 68.53
C HIS B 47 32.59 -0.97 68.44
N GLY B 48 32.83 -2.17 67.94
CA GLY B 48 31.82 -3.19 67.98
C GLY B 48 30.97 -3.32 66.74
N PHE B 49 31.25 -2.54 65.71
CA PHE B 49 30.50 -2.62 64.46
C PHE B 49 31.08 -3.67 63.52
N VAL B 50 30.19 -4.45 62.93
CA VAL B 50 30.59 -5.41 61.93
C VAL B 50 30.69 -4.73 60.56
N VAL B 51 31.87 -4.82 59.97
CA VAL B 51 32.18 -4.08 58.77
C VAL B 51 32.47 -5.03 57.63
N CYS B 52 31.89 -4.74 56.46
CA CYS B 52 32.20 -5.50 55.26
C CYS B 52 33.19 -4.74 54.39
N ALA B 53 34.37 -5.32 54.19
CA ALA B 53 35.45 -4.70 53.44
C ALA B 53 35.41 -5.07 51.96
N PHE B 54 35.66 -4.08 51.11
CA PHE B 54 35.79 -4.33 49.69
C PHE B 54 36.84 -3.40 49.06
N ASN B 55 37.33 -3.77 47.88
CA ASN B 55 38.34 -3.00 47.16
C ASN B 55 38.31 -3.32 45.67
N ARG B 56 38.66 -2.35 44.83
CA ARG B 56 38.78 -2.59 43.40
C ARG B 56 39.62 -3.83 43.13
N THR B 57 40.86 -3.83 43.62
CA THR B 57 41.72 -5.01 43.54
C THR B 57 41.28 -5.99 44.65
N VAL B 58 40.48 -6.99 44.27
CA VAL B 58 39.80 -7.85 45.24
C VAL B 58 40.76 -8.73 46.04
N SER B 59 41.91 -9.04 45.46
CA SER B 59 42.90 -9.82 46.19
C SER B 59 43.29 -9.15 47.49
N LYS B 60 43.26 -7.82 47.52
CA LYS B 60 43.62 -7.06 48.73
C LYS B 60 42.63 -7.26 49.87
N VAL B 61 41.40 -7.62 49.55
CA VAL B 61 40.41 -7.94 50.56
C VAL B 61 40.86 -9.17 51.38
N ASP B 62 41.25 -10.20 50.68
CA ASP B 62 41.68 -11.43 51.34
C ASP B 62 42.98 -11.20 52.12
N ASP B 63 43.90 -10.44 51.54
CA ASP B 63 45.16 -10.14 52.18
C ASP B 63 44.89 -9.42 53.50
N PHE B 64 43.93 -8.51 53.48
CA PHE B 64 43.57 -7.75 54.66
C PHE B 64 42.96 -8.66 55.75
N LEU B 65 42.02 -9.52 55.37
CA LEU B 65 41.38 -10.40 56.34
C LEU B 65 42.35 -11.41 56.92
N ALA B 66 43.41 -11.70 56.18
CA ALA B 66 44.39 -12.69 56.60
C ALA B 66 45.48 -12.07 57.45
N ASN B 67 45.61 -10.75 57.40
CA ASN B 67 46.66 -10.09 58.14
C ASN B 67 46.14 -9.09 59.15
N GLU B 68 46.05 -7.83 58.75
CA GLU B 68 45.65 -6.76 59.67
C GLU B 68 44.30 -7.01 60.37
N ALA B 69 43.38 -7.66 59.68
CA ALA B 69 42.06 -7.93 60.25
C ALA B 69 41.94 -9.38 60.76
N LYS B 70 43.07 -10.06 60.93
CA LYS B 70 43.05 -11.48 61.23
C LYS B 70 42.24 -11.89 62.47
N GLY B 71 42.20 -11.05 63.50
CA GLY B 71 41.42 -11.42 64.67
C GLY B 71 40.19 -10.56 64.92
N THR B 72 39.56 -10.11 63.84
CA THR B 72 38.46 -9.15 63.97
C THR B 72 37.12 -9.74 63.53
N LYS B 73 36.05 -8.96 63.68
CA LYS B 73 34.74 -9.36 63.16
C LYS B 73 34.54 -8.88 61.70
N VAL B 74 35.60 -8.39 61.07
CA VAL B 74 35.48 -7.91 59.72
C VAL B 74 35.16 -9.05 58.77
N VAL B 75 34.23 -8.79 57.85
CA VAL B 75 33.94 -9.70 56.75
C VAL B 75 34.28 -9.08 55.39
N GLY B 76 34.58 -9.94 54.43
CA GLY B 76 34.93 -9.45 53.12
C GLY B 76 33.93 -9.84 52.05
N ALA B 77 34.00 -9.16 50.92
CA ALA B 77 33.14 -9.48 49.80
C ALA B 77 34.02 -9.66 48.57
N GLN B 78 33.56 -10.45 47.61
CA GLN B 78 34.33 -10.62 46.39
C GLN B 78 33.71 -9.84 45.24
N SER B 79 32.60 -9.16 45.52
CA SER B 79 31.95 -8.29 44.54
C SER B 79 31.07 -7.27 45.23
N LEU B 80 30.73 -6.20 44.52
CA LEU B 80 29.81 -5.21 45.05
C LEU B 80 28.47 -5.85 45.42
N LYS B 81 27.98 -6.70 44.53
CA LYS B 81 26.68 -7.33 44.70
C LYS B 81 26.67 -8.06 46.03
N GLU B 82 27.73 -8.83 46.25
CA GLU B 82 27.86 -9.58 47.51
C GLU B 82 27.99 -8.66 48.72
N MET B 83 28.76 -7.59 48.58
CA MET B 83 28.96 -6.65 49.66
C MET B 83 27.65 -6.00 50.08
N VAL B 84 26.89 -5.55 49.09
CA VAL B 84 25.61 -4.90 49.36
C VAL B 84 24.65 -5.83 50.08
N SER B 85 24.69 -7.11 49.72
CA SER B 85 23.73 -8.07 50.23
C SER B 85 23.96 -8.38 51.70
N LYS B 86 25.14 -8.05 52.20
CA LYS B 86 25.49 -8.31 53.59
C LYS B 86 25.06 -7.19 54.55
N LEU B 87 24.54 -6.11 54.00
CA LEU B 87 24.30 -4.90 54.77
C LEU B 87 22.90 -4.79 55.35
N LYS B 88 22.82 -4.31 56.59
CA LYS B 88 21.54 -4.02 57.21
C LYS B 88 20.95 -2.75 56.59
N LYS B 89 19.64 -2.73 56.44
CA LYS B 89 18.95 -1.58 55.88
C LYS B 89 18.62 -0.54 56.96
N PRO B 90 18.73 0.76 56.64
CA PRO B 90 19.18 1.28 55.34
C PRO B 90 20.66 1.02 55.17
N ARG B 91 21.06 0.52 54.00
CA ARG B 91 22.45 0.16 53.75
C ARG B 91 23.36 1.37 53.81
N ARG B 92 24.51 1.20 54.42
CA ARG B 92 25.48 2.26 54.58
C ARG B 92 26.83 1.82 54.01
N ILE B 93 27.33 2.56 53.01
CA ILE B 93 28.60 2.26 52.36
C ILE B 93 29.54 3.46 52.41
N ILE B 94 30.76 3.24 52.86
CA ILE B 94 31.76 4.30 52.93
C ILE B 94 32.78 4.08 51.83
N LEU B 95 33.14 5.18 51.17
CA LEU B 95 34.17 5.15 50.13
C LEU B 95 35.41 5.90 50.63
N LEU B 96 36.55 5.19 50.67
CA LEU B 96 37.83 5.80 50.96
C LEU B 96 38.80 5.43 49.87
N VAL B 97 38.55 5.93 48.68
CA VAL B 97 39.44 5.69 47.55
C VAL B 97 39.96 7.01 47.03
N LYS B 98 40.98 6.92 46.18
CA LYS B 98 41.54 8.10 45.51
C LYS B 98 40.42 8.96 44.90
N ALA B 99 40.39 10.24 45.25
CA ALA B 99 39.37 11.16 44.79
C ALA B 99 39.32 11.30 43.26
N GLY B 100 38.14 11.56 42.72
CA GLY B 100 38.01 11.72 41.29
C GLY B 100 37.04 10.74 40.64
N GLN B 101 37.43 10.25 39.48
CA GLN B 101 36.58 9.38 38.69
C GLN B 101 36.22 8.10 39.45
N ALA B 102 37.19 7.58 40.21
CA ALA B 102 36.98 6.34 40.95
C ALA B 102 35.73 6.41 41.82
N VAL B 103 35.47 7.58 42.42
CA VAL B 103 34.26 7.73 43.21
C VAL B 103 33.00 7.62 42.34
N ASP B 104 32.99 8.33 41.21
CA ASP B 104 31.86 8.23 40.30
C ASP B 104 31.69 6.79 39.79
N ASP B 105 32.81 6.13 39.49
CA ASP B 105 32.77 4.74 39.05
C ASP B 105 32.00 3.85 40.03
N PHE B 106 32.31 3.95 41.31
CA PHE B 106 31.65 3.12 42.30
C PHE B 106 30.19 3.52 42.48
N ILE B 107 29.91 4.83 42.48
CA ILE B 107 28.52 5.26 42.59
C ILE B 107 27.66 4.68 41.45
N GLU B 108 28.15 4.76 40.22
CA GLU B 108 27.44 4.20 39.08
C GLU B 108 27.12 2.71 39.25
N LYS B 109 28.08 1.95 39.75
CA LYS B 109 27.91 0.52 39.96
C LYS B 109 27.01 0.19 41.16
N LEU B 110 27.02 1.05 42.16
CA LEU B 110 26.24 0.81 43.38
C LEU B 110 24.75 1.11 43.24
N VAL B 111 24.42 2.22 42.58
CA VAL B 111 23.03 2.66 42.49
C VAL B 111 22.03 1.58 42.05
N PRO B 112 22.39 0.78 41.03
CA PRO B 112 21.50 -0.30 40.60
C PRO B 112 21.26 -1.36 41.68
N LEU B 113 22.20 -1.50 42.61
CA LEU B 113 22.13 -2.54 43.64
C LEU B 113 21.44 -2.06 44.91
N LEU B 114 21.17 -0.75 44.99
CA LEU B 114 20.65 -0.16 46.22
C LEU B 114 19.15 0.06 46.20
N ASP B 115 18.60 0.23 47.39
CA ASP B 115 17.19 0.56 47.56
C ASP B 115 17.05 2.00 48.00
N THR B 116 15.86 2.55 47.79
CA THR B 116 15.54 3.89 48.22
C THR B 116 15.83 4.04 49.70
N GLY B 117 16.55 5.09 50.08
CA GLY B 117 16.86 5.32 51.48
C GLY B 117 18.23 4.82 51.88
N ASP B 118 18.89 4.08 50.99
CA ASP B 118 20.25 3.63 51.24
C ASP B 118 21.21 4.82 51.18
N ILE B 119 22.39 4.66 51.77
CA ILE B 119 23.27 5.77 52.09
C ILE B 119 24.70 5.53 51.63
N ILE B 120 25.23 6.44 50.83
CA ILE B 120 26.61 6.37 50.38
C ILE B 120 27.41 7.52 50.97
N ILE B 121 28.53 7.20 51.61
CA ILE B 121 29.38 8.18 52.27
C ILE B 121 30.77 8.26 51.65
N ASP B 122 31.04 9.34 50.92
CA ASP B 122 32.38 9.59 50.37
C ASP B 122 33.26 10.28 51.41
N GLY B 123 34.25 9.56 51.92
CA GLY B 123 35.11 10.08 52.96
C GLY B 123 36.43 10.58 52.43
N GLY B 124 36.64 10.45 51.14
CA GLY B 124 37.91 10.85 50.54
C GLY B 124 38.01 12.35 50.39
N ASN B 125 39.13 12.81 49.87
CA ASN B 125 39.34 14.23 49.61
C ASN B 125 38.77 14.68 48.27
N SER B 126 37.45 14.69 48.15
CA SER B 126 36.80 15.06 46.89
C SER B 126 36.58 16.56 46.80
N GLU B 127 36.55 17.09 45.59
CA GLU B 127 36.21 18.52 45.40
C GLU B 127 34.75 18.76 45.72
N TYR B 128 34.50 19.82 46.46
CA TYR B 128 33.16 20.07 46.95
C TYR B 128 32.12 20.17 45.82
N ARG B 129 32.51 20.66 44.65
CA ARG B 129 31.58 20.79 43.52
C ARG B 129 31.14 19.42 43.03
N ASP B 130 32.07 18.48 43.00
CA ASP B 130 31.75 17.08 42.71
C ASP B 130 30.77 16.51 43.72
N THR B 131 31.00 16.80 44.99
CA THR B 131 30.15 16.32 46.03
C THR B 131 28.74 16.90 45.92
N THR B 132 28.66 18.18 45.60
CA THR B 132 27.35 18.83 45.44
C THR B 132 26.58 18.14 44.31
N ARG B 133 27.28 17.90 43.20
CA ARG B 133 26.68 17.27 42.04
C ARG B 133 26.17 15.87 42.35
N ARG B 134 27.03 15.04 42.95
CA ARG B 134 26.66 13.69 43.34
C ARG B 134 25.47 13.70 44.29
N CYS B 135 25.49 14.64 45.23
CA CYS B 135 24.45 14.73 46.24
C CYS B 135 23.10 14.98 45.57
N ARG B 136 23.07 15.91 44.63
CA ARG B 136 21.82 16.23 43.93
C ARG B 136 21.33 15.09 43.04
N ASP B 137 22.25 14.49 42.29
CA ASP B 137 21.91 13.40 41.40
C ASP B 137 21.31 12.22 42.16
N LEU B 138 21.96 11.83 43.25
CA LEU B 138 21.52 10.67 44.00
C LEU B 138 20.23 10.95 44.73
N LYS B 139 20.06 12.18 45.18
CA LYS B 139 18.83 12.53 45.88
C LYS B 139 17.65 12.28 44.96
N ALA B 140 17.78 12.70 43.71
CA ALA B 140 16.78 12.49 42.68
C ALA B 140 16.47 11.01 42.50
N LYS B 141 17.43 10.15 42.81
CA LYS B 141 17.24 8.71 42.64
C LYS B 141 16.91 8.00 43.95
N GLY B 142 16.60 8.75 45.00
CA GLY B 142 16.21 8.16 46.28
C GLY B 142 17.35 7.68 47.16
N ILE B 143 18.57 8.03 46.79
CA ILE B 143 19.74 7.63 47.55
C ILE B 143 20.35 8.79 48.31
N LEU B 144 20.66 8.54 49.58
CA LEU B 144 21.15 9.57 50.48
C LEU B 144 22.66 9.61 50.43
N PHE B 145 23.19 10.75 49.98
CA PHE B 145 24.61 10.91 49.79
C PHE B 145 25.26 11.82 50.83
N VAL B 146 26.30 11.34 51.46
CA VAL B 146 27.07 12.14 52.39
C VAL B 146 28.49 12.29 51.89
N GLY B 147 28.98 13.53 51.86
CA GLY B 147 30.36 13.81 51.55
C GLY B 147 31.01 14.30 52.83
N SER B 148 31.97 13.54 53.35
CA SER B 148 32.53 13.80 54.68
C SER B 148 34.02 13.90 54.64
N GLY B 149 34.54 14.96 55.25
CA GLY B 149 35.97 15.09 55.37
C GLY B 149 36.41 14.16 56.48
N VAL B 150 37.62 13.62 56.36
CA VAL B 150 38.22 12.81 57.39
C VAL B 150 39.61 13.36 57.64
N SER B 151 39.92 13.70 58.90
CA SER B 151 41.21 14.23 59.26
C SER B 151 41.92 13.34 60.29
N GLY B 152 43.24 13.46 60.40
CA GLY B 152 44.02 12.74 61.39
C GLY B 152 45.00 11.73 60.80
N GLY B 153 44.95 11.55 59.49
CA GLY B 153 45.83 10.60 58.83
C GLY B 153 45.64 9.19 59.34
N GLU B 154 46.70 8.40 59.25
CA GLU B 154 46.69 7.00 59.67
C GLU B 154 46.23 6.83 61.13
N GLU B 155 46.88 7.57 62.03
CA GLU B 155 46.65 7.42 63.46
C GLU B 155 45.23 7.87 63.81
N GLY B 156 44.78 8.95 63.19
CA GLY B 156 43.44 9.45 63.43
C GLY B 156 42.39 8.45 62.97
N ALA B 157 42.56 7.93 61.76
CA ALA B 157 41.64 6.92 61.22
C ALA B 157 41.60 5.71 62.14
N ARG B 158 42.77 5.31 62.61
CA ARG B 158 42.86 4.11 63.42
C ARG B 158 42.18 4.22 64.78
N TYR B 159 42.31 5.38 65.44
CA TYR B 159 41.89 5.53 66.85
C TYR B 159 40.83 6.58 67.14
N GLY B 160 40.68 7.56 66.25
CA GLY B 160 39.71 8.61 66.44
C GLY B 160 39.97 9.82 65.55
N PRO B 161 39.27 9.89 64.41
CA PRO B 161 39.45 11.00 63.48
C PRO B 161 38.51 12.16 63.78
N SER B 162 38.88 13.33 63.25
CA SER B 162 37.96 14.43 63.07
C SER B 162 37.09 14.09 61.85
N LEU B 163 35.78 14.18 62.00
CA LEU B 163 34.89 13.87 60.90
C LEU B 163 34.02 15.07 60.57
N MET B 164 33.98 15.45 59.29
CA MET B 164 33.20 16.61 58.86
C MET B 164 32.17 16.21 57.81
N PRO B 165 31.03 15.67 58.27
CA PRO B 165 29.97 15.14 57.40
C PRO B 165 29.09 16.25 56.84
N GLY B 166 28.87 16.25 55.53
CA GLY B 166 27.90 17.13 54.91
C GLY B 166 27.21 16.39 53.79
N GLY B 167 26.19 17.02 53.22
CA GLY B 167 25.48 16.43 52.09
C GLY B 167 23.97 16.39 52.31
N ASN B 168 23.41 15.20 52.19
CA ASN B 168 21.97 14.99 52.38
C ASN B 168 21.68 14.69 53.85
N LYS B 169 21.14 15.67 54.58
CA LYS B 169 20.99 15.54 56.02
C LYS B 169 20.05 14.41 56.44
N GLU B 170 19.26 13.91 55.49
CA GLU B 170 18.37 12.81 55.80
C GLU B 170 19.15 11.58 56.24
N ALA B 171 20.42 11.54 55.87
CA ALA B 171 21.31 10.43 56.23
C ALA B 171 21.86 10.55 57.66
N TRP B 172 21.97 11.78 58.15
CA TRP B 172 22.70 12.04 59.39
C TRP B 172 22.24 11.16 60.58
N PRO B 173 20.92 11.10 60.80
CA PRO B 173 20.43 10.26 61.89
C PRO B 173 20.85 8.81 61.77
N HIS B 174 21.06 8.33 60.53
CA HIS B 174 21.43 6.92 60.31
C HIS B 174 22.92 6.64 60.42
N ILE B 175 23.74 7.67 60.53
CA ILE B 175 25.18 7.47 60.64
C ILE B 175 25.77 8.13 61.86
N LYS B 176 24.97 8.95 62.52
CA LYS B 176 25.41 9.72 63.67
C LYS B 176 26.08 8.85 64.74
N THR B 177 25.45 7.72 65.05
CA THR B 177 25.94 6.84 66.10
C THR B 177 27.31 6.28 65.80
N ILE B 178 27.51 5.81 64.58
CA ILE B 178 28.79 5.25 64.18
C ILE B 178 29.83 6.35 64.08
N PHE B 179 29.47 7.44 63.42
CA PHE B 179 30.38 8.54 63.20
C PHE B 179 30.88 9.17 64.48
N GLN B 180 29.96 9.57 65.35
CA GLN B 180 30.35 10.15 66.61
C GLN B 180 30.97 9.08 67.50
N GLY B 181 30.62 7.83 67.24
CA GLY B 181 31.17 6.72 67.99
C GLY B 181 32.66 6.58 67.82
N ILE B 182 33.14 6.63 66.59
CA ILE B 182 34.54 6.39 66.33
C ILE B 182 35.34 7.67 66.32
N ALA B 183 34.67 8.81 66.38
CA ALA B 183 35.38 10.09 66.28
C ALA B 183 36.23 10.39 67.50
N ALA B 184 37.32 11.13 67.30
CA ALA B 184 38.12 11.59 68.42
C ALA B 184 37.22 12.27 69.46
N LYS B 185 37.51 12.03 70.73
CA LYS B 185 36.79 12.69 71.82
C LYS B 185 37.74 13.69 72.47
N VAL B 186 37.23 14.86 72.85
CA VAL B 186 38.07 15.82 73.57
C VAL B 186 37.57 16.05 74.97
N GLY B 187 38.48 16.53 75.83
CA GLY B 187 38.15 16.95 77.18
C GLY B 187 37.01 16.22 77.85
N THR B 188 35.81 16.81 77.80
CA THR B 188 34.65 16.24 78.49
C THR B 188 34.04 15.02 77.79
N GLY B 189 34.67 14.57 76.71
CA GLY B 189 34.18 13.43 75.97
C GLY B 189 33.31 13.77 74.76
N GLU B 190 33.25 15.05 74.39
CA GLU B 190 32.49 15.46 73.21
C GLU B 190 33.20 15.05 71.92
N PRO B 191 32.44 14.52 70.97
CA PRO B 191 32.97 13.92 69.76
C PRO B 191 33.37 15.00 68.78
N CYS B 192 34.50 14.82 68.09
CA CYS B 192 34.93 15.76 67.06
C CYS B 192 34.24 15.42 65.73
N CYS B 193 32.93 15.56 65.73
CA CYS B 193 32.14 15.19 64.57
C CYS B 193 30.70 15.65 64.76
N ASP B 194 30.29 16.58 63.90
CA ASP B 194 28.91 17.01 63.87
C ASP B 194 28.53 17.39 62.45
N TRP B 195 27.23 17.46 62.18
CA TRP B 195 26.77 17.78 60.83
C TRP B 195 27.25 19.17 60.42
N VAL B 196 27.95 19.24 59.30
CA VAL B 196 28.51 20.49 58.84
C VAL B 196 27.51 21.32 58.04
N GLY B 197 26.85 20.70 57.07
CA GLY B 197 25.89 21.41 56.25
C GLY B 197 25.52 20.70 54.97
N ASP B 198 24.76 21.39 54.13
CA ASP B 198 24.19 20.83 52.90
C ASP B 198 25.23 20.55 51.81
N GLU B 199 24.96 19.51 51.03
CA GLU B 199 25.70 19.21 49.81
C GLU B 199 27.21 19.14 50.03
N GLY B 200 27.97 19.96 49.31
CA GLY B 200 29.41 19.91 49.39
C GLY B 200 30.04 20.56 50.61
N ALA B 201 29.23 21.03 51.55
CA ALA B 201 29.77 21.76 52.68
C ALA B 201 30.84 21.00 53.47
N GLY B 202 30.60 19.72 53.72
CA GLY B 202 31.57 18.93 54.46
C GLY B 202 32.93 18.94 53.77
N HIS B 203 32.93 18.70 52.47
CA HIS B 203 34.17 18.63 51.72
C HIS B 203 34.82 19.99 51.54
N PHE B 204 34.00 21.03 51.58
CA PHE B 204 34.52 22.36 51.50
C PHE B 204 35.30 22.71 52.77
N VAL B 205 34.66 22.48 53.90
CA VAL B 205 35.32 22.66 55.18
C VAL B 205 36.61 21.85 55.29
N LYS B 206 36.57 20.61 54.81
CA LYS B 206 37.74 19.79 54.79
C LYS B 206 38.82 20.40 53.89
N MET B 207 38.40 20.99 52.77
CA MET B 207 39.36 21.66 51.87
C MET B 207 40.06 22.80 52.60
N VAL B 208 39.28 23.65 53.25
CA VAL B 208 39.84 24.75 54.03
C VAL B 208 40.79 24.23 55.12
N HIS B 209 40.40 23.17 55.80
CA HIS B 209 41.26 22.51 56.77
C HIS B 209 42.64 22.26 56.16
N ASN B 210 42.67 21.71 54.95
CA ASN B 210 43.95 21.42 54.30
C ASN B 210 44.69 22.69 53.86
N GLY B 211 43.94 23.74 53.53
CA GLY B 211 44.56 25.00 53.19
C GLY B 211 45.34 25.53 54.39
N ILE B 212 44.67 25.58 55.53
CA ILE B 212 45.30 26.01 56.77
C ILE B 212 46.54 25.15 57.06
N GLU B 213 46.38 23.84 56.90
CA GLU B 213 47.45 22.89 57.13
C GLU B 213 48.68 23.14 56.25
N TYR B 214 48.47 23.28 54.94
CA TYR B 214 49.56 23.65 54.02
C TYR B 214 50.30 24.88 54.50
N GLY B 215 49.53 25.88 54.93
CA GLY B 215 50.10 27.14 55.38
C GLY B 215 50.96 26.97 56.61
N ASP B 216 50.40 26.29 57.61
CA ASP B 216 51.12 25.94 58.82
C ASP B 216 52.42 25.18 58.55
N MET B 217 52.33 24.16 57.71
CA MET B 217 53.51 23.36 57.42
C MET B 217 54.62 24.21 56.82
N GLN B 218 54.23 25.10 55.91
CA GLN B 218 55.22 25.92 55.20
C GLN B 218 55.86 26.93 56.16
N LEU B 219 55.06 27.56 57.00
CA LEU B 219 55.56 28.43 58.06
C LEU B 219 56.57 27.71 58.95
N ILE B 220 56.23 26.49 59.35
CA ILE B 220 57.12 25.69 60.17
C ILE B 220 58.45 25.46 59.45
N CYS B 221 58.37 25.16 58.16
CA CYS B 221 59.60 24.98 57.36
C CYS B 221 60.46 26.23 57.31
N GLU B 222 59.81 27.39 57.24
CA GLU B 222 60.55 28.65 57.20
C GLU B 222 61.24 28.94 58.53
N ALA B 223 60.56 28.67 59.64
CA ALA B 223 61.19 28.80 60.96
C ALA B 223 62.37 27.86 61.07
N TYR B 224 62.19 26.64 60.62
CA TYR B 224 63.27 25.66 60.63
C TYR B 224 64.44 26.15 59.78
N HIS B 225 64.15 26.74 58.62
CA HIS B 225 65.21 27.25 57.76
C HIS B 225 66.00 28.36 58.46
N LEU B 226 65.30 29.25 59.15
CA LEU B 226 65.95 30.31 59.88
C LEU B 226 66.82 29.75 61.01
N MET B 227 66.29 28.76 61.74
CA MET B 227 67.07 28.16 62.82
C MET B 227 68.32 27.52 62.26
N LYS B 228 68.19 26.86 61.13
CA LYS B 228 69.29 26.12 60.54
C LYS B 228 70.34 27.03 59.93
N ASP B 229 69.90 28.00 59.15
CA ASP B 229 70.82 28.75 58.31
C ASP B 229 71.19 30.14 58.84
N VAL B 230 70.35 30.71 59.71
CA VAL B 230 70.71 31.98 60.33
C VAL B 230 71.37 31.75 61.68
N LEU B 231 70.75 30.91 62.51
CA LEU B 231 71.26 30.64 63.86
C LEU B 231 72.25 29.47 63.89
N GLY B 232 72.38 28.78 62.77
CA GLY B 232 73.31 27.66 62.68
C GLY B 232 73.09 26.55 63.70
N MET B 233 71.84 26.26 64.05
CA MET B 233 71.55 25.26 65.06
C MET B 233 71.66 23.82 64.55
N ALA B 234 71.97 22.91 65.48
CA ALA B 234 72.09 21.49 65.18
C ALA B 234 70.71 20.84 65.16
N GLN B 235 70.57 19.72 64.46
N GLN B 235 70.58 19.72 64.47
CA GLN B 235 69.27 19.05 64.34
CA GLN B 235 69.30 19.03 64.36
C GLN B 235 68.61 18.92 65.71
C GLN B 235 68.63 18.95 65.71
N ASP B 236 69.29 18.27 66.65
CA ASP B 236 68.70 17.97 67.95
C ASP B 236 68.38 19.22 68.76
N GLU B 237 69.16 20.27 68.54
CA GLU B 237 68.93 21.55 69.17
C GLU B 237 67.62 22.14 68.66
N MET B 238 67.42 22.05 67.35
CA MET B 238 66.17 22.54 66.78
C MET B 238 64.98 21.68 67.21
N ALA B 239 65.19 20.37 67.22
CA ALA B 239 64.22 19.44 67.80
C ALA B 239 63.75 19.96 69.16
N GLN B 240 64.71 20.30 70.02
CA GLN B 240 64.41 20.78 71.36
C GLN B 240 63.60 22.08 71.34
N ALA B 241 64.00 22.99 70.46
CA ALA B 241 63.29 24.25 70.33
C ALA B 241 61.80 24.02 70.07
N PHE B 242 61.49 23.16 69.09
CA PHE B 242 60.10 22.89 68.74
C PHE B 242 59.37 22.20 69.86
N GLU B 243 60.06 21.26 70.51
CA GLU B 243 59.50 20.60 71.69
C GLU B 243 59.10 21.62 72.77
N ASP B 244 59.94 22.63 72.97
CA ASP B 244 59.67 23.67 73.96
C ASP B 244 58.52 24.55 73.52
N TRP B 245 58.57 24.99 72.25
CA TRP B 245 57.50 25.80 71.70
C TRP B 245 56.13 25.14 71.82
N ASN B 246 56.12 23.81 71.76
CA ASN B 246 54.88 23.06 71.82
C ASN B 246 54.23 23.12 73.21
N LYS B 247 54.91 23.71 74.18
CA LYS B 247 54.37 23.80 75.53
C LYS B 247 53.61 25.11 75.75
N THR B 248 53.83 26.09 74.87
CA THR B 248 53.15 27.37 75.03
C THR B 248 52.11 27.61 73.95
N GLU B 249 52.06 28.83 73.41
CA GLU B 249 51.01 29.23 72.47
C GLU B 249 50.98 28.38 71.21
N LEU B 250 52.15 27.89 70.80
CA LEU B 250 52.25 27.10 69.59
C LEU B 250 51.86 25.63 69.75
N ASP B 251 51.38 25.27 70.95
CA ASP B 251 50.89 23.93 71.22
C ASP B 251 49.96 23.43 70.10
N SER B 252 50.43 22.46 69.34
CA SER B 252 49.67 21.92 68.22
C SER B 252 50.30 20.66 67.68
N PHE B 253 49.51 19.89 66.95
CA PHE B 253 49.94 18.62 66.34
C PHE B 253 51.21 18.77 65.46
N LEU B 254 51.19 19.75 64.57
CA LEU B 254 52.29 19.91 63.63
C LEU B 254 53.60 20.30 64.29
N ILE B 255 53.55 21.16 65.31
CA ILE B 255 54.73 21.51 66.06
C ILE B 255 55.28 20.27 66.75
N GLU B 256 54.41 19.56 67.42
CA GLU B 256 54.73 18.30 68.05
C GLU B 256 55.49 17.33 67.13
N ILE B 257 54.89 16.97 65.99
CA ILE B 257 55.53 15.97 65.11
C ILE B 257 56.83 16.48 64.48
N THR B 258 56.94 17.79 64.31
CA THR B 258 58.15 18.38 63.74
C THR B 258 59.31 18.13 64.69
N ALA B 259 59.05 18.29 65.98
CA ALA B 259 60.06 17.99 66.98
C ALA B 259 60.49 16.54 66.85
N ASN B 260 59.52 15.62 66.71
CA ASN B 260 59.85 14.20 66.56
C ASN B 260 60.67 13.92 65.34
N ILE B 261 60.22 14.49 64.23
CA ILE B 261 60.89 14.31 62.96
C ILE B 261 62.35 14.77 63.03
N LEU B 262 62.60 15.91 63.66
CA LEU B 262 63.96 16.43 63.79
C LEU B 262 64.89 15.51 64.59
N LYS B 263 64.35 14.84 65.62
CA LYS B 263 65.11 13.91 66.45
C LYS B 263 65.36 12.59 65.73
N PHE B 264 64.45 12.24 64.83
CA PHE B 264 64.40 10.87 64.34
C PHE B 264 65.69 10.39 63.65
N GLN B 265 66.14 9.21 64.06
CA GLN B 265 67.37 8.66 63.49
C GLN B 265 67.10 7.42 62.67
N ASP B 266 67.80 7.33 61.54
CA ASP B 266 67.69 6.17 60.67
C ASP B 266 68.42 4.97 61.27
N THR B 267 68.20 3.79 60.71
CA THR B 267 68.81 2.56 61.23
C THR B 267 70.31 2.65 61.38
N ASP B 268 70.95 3.57 60.68
CA ASP B 268 72.41 3.71 60.72
C ASP B 268 72.87 4.74 61.75
N GLY B 269 71.94 5.24 62.57
CA GLY B 269 72.27 6.21 63.60
C GLY B 269 72.31 7.67 63.16
N LYS B 270 72.39 7.91 61.84
CA LYS B 270 72.33 9.28 61.34
C LYS B 270 70.86 9.75 61.26
N HIS B 271 70.66 11.06 61.38
CA HIS B 271 69.31 11.61 61.29
C HIS B 271 68.70 11.34 59.92
N LEU B 272 67.41 11.07 59.88
CA LEU B 272 66.74 10.71 58.65
C LEU B 272 66.43 11.92 57.76
N LEU B 273 65.99 13.01 58.38
CA LEU B 273 65.51 14.15 57.64
C LEU B 273 66.51 14.70 56.59
N PRO B 274 67.79 14.80 56.95
CA PRO B 274 68.76 15.32 55.97
C PRO B 274 68.94 14.41 54.75
N LYS B 275 68.47 13.17 54.81
CA LYS B 275 68.58 12.27 53.67
C LYS B 275 67.40 12.42 52.71
N ILE B 276 66.36 13.12 53.15
CA ILE B 276 65.13 13.17 52.38
C ILE B 276 65.13 14.19 51.24
N ARG B 277 64.65 13.76 50.08
CA ARG B 277 64.58 14.62 48.92
C ARG B 277 63.61 15.78 49.11
N ASP B 278 64.08 16.89 48.62
CA ASP B 278 63.69 18.23 48.89
C ASP B 278 62.56 18.69 47.90
N SER B 279 61.64 17.80 47.55
CA SER B 279 60.62 18.07 46.54
C SER B 279 59.23 17.67 47.02
N ALA B 280 58.44 18.66 47.41
CA ALA B 280 57.13 18.43 48.04
C ALA B 280 56.04 18.00 47.08
N GLY B 281 55.34 16.93 47.45
CA GLY B 281 54.20 16.50 46.66
C GLY B 281 52.93 17.19 47.14
N GLN B 282 51.86 17.04 46.38
CA GLN B 282 50.57 17.52 46.81
C GLN B 282 49.51 16.76 46.04
N LYS B 283 48.32 16.64 46.62
CA LYS B 283 47.28 15.80 46.05
C LYS B 283 46.00 16.58 45.71
N GLY B 284 46.08 17.91 45.71
CA GLY B 284 44.99 18.69 45.17
C GLY B 284 44.29 19.66 46.07
N THR B 285 44.06 19.27 47.32
CA THR B 285 43.23 20.08 48.20
C THR B 285 43.78 21.49 48.43
N GLY B 286 45.08 21.62 48.59
CA GLY B 286 45.67 22.93 48.81
C GLY B 286 45.41 23.80 47.59
N LYS B 287 45.74 23.25 46.44
CA LYS B 287 45.50 23.90 45.16
C LYS B 287 44.03 24.33 45.04
N TRP B 288 43.11 23.45 45.39
CA TRP B 288 41.69 23.79 45.31
C TRP B 288 41.30 24.96 46.19
N THR B 289 41.92 25.04 47.36
CA THR B 289 41.60 26.09 48.31
C THR B 289 41.97 27.43 47.68
N ALA B 290 43.19 27.48 47.16
CA ALA B 290 43.72 28.69 46.57
C ALA B 290 42.86 29.11 45.38
N ILE B 291 42.47 28.14 44.56
CA ILE B 291 41.63 28.43 43.41
C ILE B 291 40.26 28.96 43.81
N SER B 292 39.64 28.36 44.83
CA SER B 292 38.36 28.83 45.34
C SER B 292 38.46 30.26 45.81
N ALA B 293 39.56 30.55 46.51
CA ALA B 293 39.84 31.88 47.02
C ALA B 293 39.89 32.91 45.88
N LEU B 294 40.62 32.57 44.83
CA LEU B 294 40.72 33.43 43.66
C LEU B 294 39.36 33.62 43.02
N GLU B 295 38.62 32.53 42.87
CA GLU B 295 37.34 32.57 42.18
C GLU B 295 36.33 33.48 42.89
N TYR B 296 36.40 33.54 44.21
CA TYR B 296 35.41 34.30 44.97
C TYR B 296 35.97 35.56 45.60
N GLY B 297 37.19 35.91 45.22
CA GLY B 297 37.81 37.16 45.64
C GLY B 297 38.11 37.28 47.12
N VAL B 298 38.56 36.20 47.73
CA VAL B 298 38.97 36.21 49.14
C VAL B 298 40.49 36.17 49.18
N PRO B 299 41.12 37.12 49.89
CA PRO B 299 42.58 37.23 49.91
C PRO B 299 43.24 36.20 50.83
N VAL B 300 43.13 34.92 50.47
CA VAL B 300 43.76 33.86 51.26
C VAL B 300 45.19 33.67 50.77
N THR B 301 46.04 34.65 51.10
CA THR B 301 47.37 34.76 50.52
C THR B 301 48.33 33.66 50.97
N LEU B 302 48.20 33.22 52.22
CA LEU B 302 49.10 32.18 52.73
C LEU B 302 49.01 30.85 52.01
N ILE B 303 47.79 30.37 51.76
CA ILE B 303 47.61 29.10 51.04
C ILE B 303 48.20 29.20 49.63
N GLY B 304 47.97 30.32 48.97
CA GLY B 304 48.59 30.55 47.68
C GLY B 304 50.09 30.37 47.71
N GLU B 305 50.77 31.02 48.65
CA GLU B 305 52.23 30.92 48.71
C GLU B 305 52.63 29.52 49.10
N ALA B 306 51.86 28.89 49.98
CA ALA B 306 52.20 27.54 50.41
C ALA B 306 52.16 26.57 49.23
N VAL B 307 51.13 26.67 48.41
CA VAL B 307 51.00 25.80 47.23
C VAL B 307 52.11 26.06 46.20
N PHE B 308 52.34 27.32 45.89
CA PHE B 308 53.42 27.65 44.98
C PHE B 308 54.79 27.23 45.53
N ALA B 309 54.98 27.31 46.84
CA ALA B 309 56.25 26.88 47.43
C ALA B 309 56.49 25.40 47.14
N ARG B 310 55.45 24.59 47.25
CA ARG B 310 55.60 23.18 46.87
C ARG B 310 55.99 23.05 45.40
N CYS B 311 55.33 23.81 44.54
CA CYS B 311 55.65 23.80 43.10
C CYS B 311 57.11 24.14 42.87
N LEU B 312 57.56 25.23 43.50
CA LEU B 312 58.94 25.66 43.43
C LEU B 312 59.92 24.57 43.90
N SER B 313 59.57 23.84 44.94
CA SER B 313 60.47 22.81 45.45
C SER B 313 60.62 21.69 44.43
N SER B 314 59.58 21.48 43.64
CA SER B 314 59.55 20.42 42.64
C SER B 314 60.51 20.69 41.50
N LEU B 315 60.84 21.96 41.29
CA LEU B 315 61.81 22.35 40.28
C LEU B 315 63.22 22.09 40.80
N LYS B 316 63.40 20.96 41.46
CA LYS B 316 64.65 20.63 42.11
C LYS B 316 65.84 20.70 41.14
N ASP B 317 65.69 20.10 39.97
CA ASP B 317 66.78 20.12 38.97
C ASP B 317 67.14 21.53 38.51
N GLU B 318 66.12 22.35 38.28
CA GLU B 318 66.31 23.74 37.95
C GLU B 318 67.02 24.48 39.06
N ARG B 319 66.66 24.17 40.30
CA ARG B 319 67.22 24.91 41.42
C ARG B 319 68.68 24.59 41.60
N ILE B 320 69.06 23.34 41.34
CA ILE B 320 70.47 22.99 41.38
C ILE B 320 71.19 23.81 40.34
N GLN B 321 70.65 23.86 39.14
CA GLN B 321 71.25 24.64 38.05
C GLN B 321 71.35 26.12 38.45
N ALA B 322 70.23 26.70 38.92
CA ALA B 322 70.21 28.11 39.28
C ALA B 322 71.16 28.46 40.42
N SER B 323 71.37 27.54 41.35
CA SER B 323 72.21 27.80 42.52
C SER B 323 73.66 28.05 42.09
N LYS B 324 74.00 27.58 40.90
CA LYS B 324 75.32 27.76 40.30
C LYS B 324 75.55 29.20 39.83
N LYS B 325 74.48 29.84 39.36
CA LYS B 325 74.60 31.15 38.71
C LYS B 325 74.10 32.31 39.56
N LEU B 326 73.04 32.09 40.34
CA LEU B 326 72.42 33.17 41.09
C LEU B 326 72.97 33.26 42.50
N LYS B 327 73.59 34.39 42.81
CA LYS B 327 74.25 34.56 44.09
C LYS B 327 73.26 35.18 45.07
N GLY B 328 73.46 34.92 46.37
CA GLY B 328 72.64 35.53 47.38
C GLY B 328 73.34 36.74 47.96
N PRO B 329 72.91 37.20 49.14
CA PRO B 329 73.60 38.26 49.88
C PRO B 329 75.03 37.82 50.14
N GLN B 330 76.00 38.60 49.70
CA GLN B 330 77.38 38.18 49.77
C GLN B 330 77.93 38.26 51.20
N LYS B 331 77.65 39.36 51.88
CA LYS B 331 78.30 39.63 53.16
C LYS B 331 77.35 39.67 54.35
N PHE B 332 76.70 38.55 54.64
CA PHE B 332 75.85 38.49 55.83
C PHE B 332 76.40 37.59 56.91
N GLN B 333 76.49 38.14 58.12
CA GLN B 333 76.82 37.37 59.32
C GLN B 333 75.87 37.81 60.43
N PHE B 334 75.22 36.85 61.07
CA PHE B 334 74.33 37.16 62.18
C PHE B 334 75.14 37.57 63.41
N ASP B 335 74.99 38.82 63.84
CA ASP B 335 75.74 39.33 64.98
C ASP B 335 74.75 39.84 66.04
N GLY B 336 73.98 38.92 66.61
CA GLY B 336 73.01 39.27 67.62
C GLY B 336 72.85 38.15 68.65
N ASP B 337 71.95 38.35 69.60
CA ASP B 337 71.69 37.33 70.61
C ASP B 337 70.84 36.16 70.07
N LYS B 338 71.48 35.00 69.92
CA LYS B 338 70.79 33.80 69.42
C LYS B 338 69.53 33.47 70.18
N LYS B 339 69.57 33.49 71.51
CA LYS B 339 68.40 33.13 72.29
C LYS B 339 67.28 34.12 72.01
N SER B 340 67.61 35.40 71.96
CA SER B 340 66.60 36.42 71.68
C SER B 340 65.98 36.25 70.30
N PHE B 341 66.80 35.95 69.30
CA PHE B 341 66.31 35.74 67.96
C PHE B 341 65.46 34.47 67.81
N LEU B 342 65.82 33.43 68.56
CA LEU B 342 65.03 32.21 68.55
C LEU B 342 63.61 32.51 69.05
N GLU B 343 63.51 33.33 70.09
CA GLU B 343 62.19 33.76 70.57
C GLU B 343 61.44 34.57 69.53
N ASP B 344 62.17 35.42 68.82
CA ASP B 344 61.60 36.18 67.73
C ASP B 344 60.97 35.25 66.70
N ILE B 345 61.70 34.22 66.30
CA ILE B 345 61.18 33.26 65.37
C ILE B 345 59.89 32.62 65.89
N ARG B 346 59.87 32.28 67.17
CA ARG B 346 58.69 31.68 67.78
C ARG B 346 57.50 32.62 67.65
N LYS B 347 57.70 33.88 67.97
CA LYS B 347 56.61 34.84 67.96
C LYS B 347 56.15 35.11 66.52
N ALA B 348 57.10 35.14 65.61
CA ALA B 348 56.82 35.33 64.20
C ALA B 348 55.95 34.20 63.70
N LEU B 349 56.30 32.98 64.11
CA LEU B 349 55.56 31.77 63.77
C LEU B 349 54.14 31.83 64.29
N TYR B 350 53.99 32.23 65.55
CA TYR B 350 52.69 32.32 66.18
C TYR B 350 51.79 33.31 65.44
N ALA B 351 52.31 34.50 65.14
CA ALA B 351 51.52 35.54 64.48
C ALA B 351 51.09 35.06 63.11
N SER B 352 52.01 34.48 62.37
CA SER B 352 51.72 34.01 61.05
C SER B 352 50.71 32.88 61.07
N LYS B 353 50.83 32.00 62.07
CA LYS B 353 49.88 30.91 62.26
C LYS B 353 48.49 31.48 62.41
N ILE B 354 48.40 32.56 63.17
CA ILE B 354 47.13 33.22 63.38
C ILE B 354 46.55 33.73 62.07
N ILE B 355 47.36 34.41 61.26
CA ILE B 355 46.92 34.83 59.93
C ILE B 355 46.37 33.64 59.11
N SER B 356 47.10 32.53 59.10
CA SER B 356 46.69 31.34 58.37
C SER B 356 45.24 30.96 58.72
N TYR B 357 44.93 30.80 60.00
CA TYR B 357 43.56 30.50 60.43
C TYR B 357 42.56 31.59 60.11
N ALA B 358 42.97 32.85 60.29
CA ALA B 358 42.08 33.96 60.01
C ALA B 358 41.64 33.94 58.54
N GLN B 359 42.59 33.67 57.66
CA GLN B 359 42.32 33.60 56.24
C GLN B 359 41.35 32.46 55.94
N GLY B 360 41.67 31.29 56.51
CA GLY B 360 40.81 30.14 56.41
C GLY B 360 39.35 30.42 56.74
N PHE B 361 39.11 31.15 57.82
CA PHE B 361 37.73 31.41 58.22
C PHE B 361 37.09 32.48 57.35
N MET B 362 37.89 33.37 56.77
CA MET B 362 37.36 34.33 55.79
C MET B 362 36.78 33.56 54.61
N LEU B 363 37.46 32.49 54.23
CA LEU B 363 37.01 31.67 53.12
C LEU B 363 35.73 30.93 53.47
N LEU B 364 35.64 30.43 54.70
CA LEU B 364 34.44 29.71 55.13
C LEU B 364 33.25 30.64 55.13
N ARG B 365 33.42 31.82 55.72
CA ARG B 365 32.40 32.87 55.69
C ARG B 365 31.94 33.16 54.26
N GLN B 366 32.88 33.30 53.35
CA GLN B 366 32.56 33.56 51.95
C GLN B 366 31.73 32.44 51.33
N ALA B 367 32.10 31.19 51.62
CA ALA B 367 31.34 30.04 51.11
C ALA B 367 29.90 30.07 51.59
N ALA B 368 29.70 30.39 52.86
CA ALA B 368 28.36 30.43 53.43
C ALA B 368 27.52 31.39 52.64
N THR B 369 28.13 32.51 52.28
CA THR B 369 27.46 33.55 51.52
C THR B 369 27.18 33.07 50.11
N GLU B 370 28.22 32.53 49.47
CA GLU B 370 28.09 32.08 48.10
C GLU B 370 27.03 30.97 47.91
N PHE B 371 26.94 30.04 48.87
CA PHE B 371 26.17 28.83 48.67
C PHE B 371 24.97 28.70 49.59
N GLY B 372 24.84 29.62 50.54
CA GLY B 372 23.73 29.59 51.47
C GLY B 372 23.87 28.57 52.60
N TRP B 373 25.04 27.93 52.68
CA TRP B 373 25.34 27.03 53.79
C TRP B 373 25.28 27.77 55.12
N THR B 374 24.61 27.17 56.10
CA THR B 374 24.55 27.71 57.44
C THR B 374 25.67 27.10 58.27
N LEU B 375 26.88 27.62 58.09
CA LEU B 375 28.05 27.08 58.76
C LEU B 375 28.17 27.61 60.19
N ASN B 376 28.50 26.71 61.10
CA ASN B 376 28.77 27.06 62.50
C ASN B 376 30.27 27.17 62.70
N TYR B 377 30.79 28.39 62.66
CA TYR B 377 32.23 28.60 62.67
C TYR B 377 32.85 28.11 63.97
N GLY B 378 32.24 28.45 65.09
CA GLY B 378 32.71 27.97 66.37
C GLY B 378 32.68 26.46 66.46
N GLY B 379 31.63 25.86 65.90
CA GLY B 379 31.46 24.43 65.87
C GLY B 379 32.54 23.75 65.04
N ILE B 380 32.87 24.36 63.92
CA ILE B 380 33.94 23.84 63.08
C ILE B 380 35.28 23.86 63.82
N ALA B 381 35.55 24.96 64.52
CA ALA B 381 36.75 25.05 65.34
C ALA B 381 36.79 23.93 66.38
N LEU B 382 35.66 23.64 67.02
CA LEU B 382 35.60 22.55 68.00
C LEU B 382 35.86 21.17 67.41
N MET B 383 35.38 20.94 66.19
CA MET B 383 35.62 19.67 65.53
C MET B 383 37.10 19.41 65.29
N TRP B 384 37.92 20.45 65.34
CA TRP B 384 39.35 20.34 65.00
C TRP B 384 40.25 20.09 66.21
N ARG B 385 39.66 19.95 67.39
CA ARG B 385 40.42 19.81 68.62
C ARG B 385 41.06 18.45 68.81
N GLY B 386 40.59 17.44 68.09
CA GLY B 386 41.12 16.09 68.22
C GLY B 386 41.18 15.35 66.90
N GLY B 387 42.05 14.34 66.83
CA GLY B 387 42.22 13.51 65.65
C GLY B 387 42.31 14.32 64.37
N CYS B 388 43.02 15.44 64.46
CA CYS B 388 43.01 16.43 63.41
C CYS B 388 44.40 17.04 63.25
N ILE B 389 44.81 17.21 61.99
CA ILE B 389 46.17 17.63 61.69
C ILE B 389 46.42 19.07 62.13
N ILE B 390 45.35 19.88 62.17
CA ILE B 390 45.49 21.27 62.56
C ILE B 390 44.94 21.52 63.96
N ARG B 391 45.00 20.48 64.79
CA ARG B 391 44.73 20.63 66.22
C ARG B 391 45.66 21.67 66.80
N SER B 392 45.09 22.69 67.42
CA SER B 392 45.89 23.74 68.03
C SER B 392 45.27 24.08 69.37
N VAL B 393 46.11 24.53 70.31
CA VAL B 393 45.62 24.87 71.63
C VAL B 393 44.61 26.01 71.59
N PHE B 394 44.65 26.82 70.54
CA PHE B 394 43.77 28.00 70.51
C PHE B 394 42.44 27.83 69.76
N LEU B 395 42.14 26.62 69.30
CA LEU B 395 40.86 26.37 68.64
C LEU B 395 39.71 26.74 69.55
N GLY B 396 39.90 26.55 70.86
CA GLY B 396 38.89 26.93 71.82
C GLY B 396 38.66 28.44 71.82
N LYS B 397 39.75 29.18 71.60
CA LYS B 397 39.68 30.64 71.52
C LYS B 397 38.88 31.08 70.32
N ILE B 398 39.03 30.35 69.21
CA ILE B 398 38.26 30.66 68.00
C ILE B 398 36.77 30.49 68.27
N LYS B 399 36.43 29.38 68.92
CA LYS B 399 35.06 29.12 69.31
C LYS B 399 34.53 30.25 70.17
N ASP B 400 35.33 30.67 71.17
CA ASP B 400 34.93 31.77 72.06
C ASP B 400 34.66 33.07 71.30
N ALA B 401 35.54 33.37 70.36
CA ALA B 401 35.42 34.57 69.54
C ALA B 401 34.08 34.59 68.80
N PHE B 402 33.75 33.49 68.15
CA PHE B 402 32.48 33.42 67.42
C PHE B 402 31.28 33.34 68.35
N ASP B 403 31.50 32.84 69.56
CA ASP B 403 30.47 32.86 70.59
C ASP B 403 30.12 34.29 70.98
N ARG B 404 31.16 35.09 71.25
CA ARG B 404 31.00 36.49 71.61
C ARG B 404 30.37 37.30 70.49
N ASN B 405 30.62 36.89 69.26
CA ASN B 405 30.22 37.66 68.10
C ASN B 405 30.11 36.76 66.87
N PRO B 406 28.95 36.15 66.68
CA PRO B 406 28.72 35.17 65.61
C PRO B 406 28.94 35.79 64.24
N GLU B 407 28.89 37.11 64.18
CA GLU B 407 29.01 37.83 62.93
C GLU B 407 30.43 38.33 62.73
N LEU B 408 31.29 37.98 63.70
CA LEU B 408 32.69 38.32 63.61
C LEU B 408 33.20 38.21 62.16
N GLN B 409 33.69 39.33 61.63
CA GLN B 409 34.09 39.38 60.24
C GLN B 409 35.51 38.89 60.02
N ASN B 410 36.31 38.92 61.08
CA ASN B 410 37.68 38.44 60.99
C ASN B 410 38.25 38.12 62.36
N LEU B 411 39.01 37.04 62.43
CA LEU B 411 39.58 36.62 63.71
C LEU B 411 40.47 37.69 64.31
N LEU B 412 41.13 38.47 63.47
CA LEU B 412 42.05 39.48 63.97
C LEU B 412 41.32 40.55 64.76
N LEU B 413 40.01 40.66 64.56
CA LEU B 413 39.22 41.64 65.29
C LEU B 413 38.89 41.18 66.70
N ASP B 414 39.00 39.89 66.97
CA ASP B 414 38.77 39.40 68.32
C ASP B 414 39.96 39.73 69.23
N ASP B 415 39.65 40.08 70.47
CA ASP B 415 40.66 40.55 71.41
C ASP B 415 41.82 39.58 71.61
N PHE B 416 41.52 38.30 71.83
CA PHE B 416 42.57 37.30 72.02
C PHE B 416 43.61 37.32 70.89
N PHE B 417 43.13 37.33 69.64
CA PHE B 417 44.00 37.30 68.48
C PHE B 417 44.62 38.64 68.13
N LYS B 418 43.86 39.73 68.34
CA LYS B 418 44.40 41.07 68.19
C LYS B 418 45.60 41.26 69.11
N SER B 419 45.43 40.88 70.37
CA SER B 419 46.47 41.03 71.38
C SER B 419 47.69 40.19 71.06
N ALA B 420 47.45 38.93 70.69
CA ALA B 420 48.55 38.03 70.39
C ALA B 420 49.43 38.62 69.28
N VAL B 421 48.79 39.07 68.21
CA VAL B 421 49.52 39.59 67.08
C VAL B 421 50.23 40.88 67.44
N GLU B 422 49.56 41.70 68.23
CA GLU B 422 50.17 42.94 68.71
C GLU B 422 51.46 42.65 69.49
N ASN B 423 51.42 41.63 70.34
CA ASN B 423 52.60 41.29 71.13
C ASN B 423 53.72 40.63 70.34
N CYS B 424 53.38 40.03 69.20
CA CYS B 424 54.39 39.37 68.37
C CYS B 424 54.99 40.29 67.31
N GLN B 425 54.32 41.43 67.08
CA GLN B 425 54.59 42.28 65.94
C GLN B 425 56.07 42.64 65.78
N ASP B 426 56.67 43.16 66.84
CA ASP B 426 58.08 43.52 66.82
C ASP B 426 58.97 42.36 66.42
N SER B 427 58.77 41.22 67.07
CA SER B 427 59.61 40.07 66.81
C SER B 427 59.39 39.59 65.38
N TRP B 428 58.13 39.63 64.97
CA TRP B 428 57.75 39.27 63.63
C TRP B 428 58.55 40.04 62.61
N ARG B 429 58.54 41.36 62.71
CA ARG B 429 59.24 42.21 61.75
C ARG B 429 60.75 42.02 61.82
N ARG B 430 61.25 41.75 63.02
CA ARG B 430 62.67 41.51 63.24
C ARG B 430 63.09 40.25 62.52
N ALA B 431 62.28 39.20 62.68
CA ALA B 431 62.54 37.89 62.06
C ALA B 431 62.59 37.99 60.54
N VAL B 432 61.57 38.63 59.98
CA VAL B 432 61.46 38.77 58.55
C VAL B 432 62.59 39.63 57.98
N SER B 433 62.86 40.76 58.63
CA SER B 433 63.90 41.67 58.16
C SER B 433 65.26 40.96 58.16
N THR B 434 65.51 40.18 59.20
CA THR B 434 66.76 39.43 59.29
C THR B 434 66.80 38.37 58.20
N GLY B 435 65.68 37.66 58.04
CA GLY B 435 65.58 36.61 57.05
C GLY B 435 65.90 37.17 55.67
N VAL B 436 65.35 38.35 55.38
CA VAL B 436 65.55 39.02 54.12
C VAL B 436 67.02 39.32 53.88
N GLN B 437 67.67 39.82 54.92
CA GLN B 437 69.07 40.17 54.80
C GLN B 437 69.94 38.96 54.64
N ALA B 438 69.54 37.86 55.27
CA ALA B 438 70.31 36.63 55.19
C ALA B 438 70.07 35.88 53.87
N GLY B 439 69.01 36.26 53.16
CA GLY B 439 68.71 35.62 51.89
C GLY B 439 67.89 34.35 52.03
N ILE B 440 67.16 34.22 53.14
CA ILE B 440 66.33 33.05 53.39
C ILE B 440 64.92 33.23 52.84
N PRO B 441 64.49 32.29 51.98
CA PRO B 441 63.14 32.33 51.39
C PRO B 441 62.06 32.23 52.47
N MET B 442 61.22 33.24 52.59
CA MET B 442 60.12 33.22 53.54
C MET B 442 58.79 33.60 52.89
N PRO B 443 58.36 32.83 51.88
CA PRO B 443 57.14 33.20 51.14
C PRO B 443 55.93 33.35 52.05
N CYS B 444 55.78 32.47 53.04
CA CYS B 444 54.63 32.54 53.95
C CYS B 444 54.76 33.58 55.08
N PHE B 445 55.93 33.69 55.70
CA PHE B 445 56.11 34.71 56.73
C PHE B 445 55.81 36.08 56.15
N THR B 446 56.36 36.34 54.96
CA THR B 446 56.26 37.66 54.36
C THR B 446 54.87 37.94 53.85
N THR B 447 54.21 36.94 53.28
CA THR B 447 52.84 37.17 52.81
C THR B 447 51.89 37.41 53.97
N ALA B 448 52.14 36.71 55.08
CA ALA B 448 51.33 36.85 56.27
C ALA B 448 51.44 38.25 56.83
N LEU B 449 52.67 38.75 56.90
CA LEU B 449 52.92 40.09 57.40
C LEU B 449 52.39 41.16 56.43
N SER B 450 52.62 40.96 55.13
CA SER B 450 52.06 41.85 54.10
C SER B 450 50.53 41.95 54.25
N PHE B 451 49.90 40.81 54.46
CA PHE B 451 48.45 40.77 54.64
C PHE B 451 48.03 41.53 55.90
N TYR B 452 48.72 41.29 57.01
CA TYR B 452 48.43 42.06 58.23
C TYR B 452 48.54 43.58 57.99
N ASP B 453 49.63 44.01 57.37
CA ASP B 453 49.85 45.42 57.12
C ASP B 453 48.86 45.98 56.13
N GLY B 454 48.44 45.17 55.17
CA GLY B 454 47.46 45.61 54.17
C GLY B 454 46.11 45.78 54.81
N TYR B 455 45.71 44.78 55.59
CA TYR B 455 44.37 44.70 56.15
C TYR B 455 44.12 45.79 57.19
N ARG B 456 45.17 46.22 57.88
CA ARG B 456 45.03 47.21 58.95
C ARG B 456 45.06 48.65 58.43
N HIS B 457 45.38 48.80 57.14
CA HIS B 457 45.48 50.11 56.49
C HIS B 457 44.15 50.60 55.96
N GLU B 458 43.71 51.76 56.42
CA GLU B 458 42.50 52.37 55.91
C GLU B 458 42.70 52.82 54.46
N MET B 459 43.88 53.35 54.16
CA MET B 459 44.19 53.74 52.79
C MET B 459 45.29 52.85 52.20
N LEU B 460 45.02 52.33 51.00
CA LEU B 460 45.99 51.53 50.26
C LEU B 460 46.26 52.17 48.89
N PRO B 461 47.41 51.86 48.27
CA PRO B 461 47.76 52.40 46.95
C PRO B 461 46.88 51.89 45.79
N ALA B 462 45.85 51.11 46.10
CA ALA B 462 44.99 50.55 45.07
C ALA B 462 44.34 51.64 44.23
N SER B 463 44.22 52.83 44.81
CA SER B 463 43.71 53.98 44.09
C SER B 463 44.54 54.23 42.83
N LEU B 464 45.84 54.03 42.93
CA LEU B 464 46.72 54.20 41.79
C LEU B 464 46.42 53.16 40.71
N ILE B 465 46.09 51.94 41.13
CA ILE B 465 45.71 50.91 40.17
C ILE B 465 44.44 51.33 39.44
N GLN B 466 43.49 51.88 40.18
CA GLN B 466 42.27 52.38 39.57
C GLN B 466 42.58 53.50 38.57
N ALA B 467 43.50 54.38 38.92
CA ALA B 467 43.85 55.49 38.03
C ALA B 467 44.48 54.95 36.75
N GLN B 468 45.38 53.98 36.89
CA GLN B 468 46.09 53.42 35.75
C GLN B 468 45.11 52.72 34.81
N ARG B 469 44.23 51.90 35.38
CA ARG B 469 43.23 51.19 34.62
C ARG B 469 42.36 52.14 33.82
N ASP B 470 41.93 53.23 34.45
CA ASP B 470 41.11 54.20 33.76
C ASP B 470 41.92 54.93 32.69
N TYR B 471 43.21 55.13 32.96
CA TYR B 471 44.08 55.85 32.05
C TYR B 471 44.29 55.05 30.76
N PHE B 472 44.65 53.77 30.86
CA PHE B 472 44.94 53.00 29.64
C PHE B 472 43.74 52.25 29.05
N GLY B 473 42.79 51.86 29.89
CA GLY B 473 41.69 51.05 29.43
C GLY B 473 40.32 51.65 29.63
N ALA B 474 40.28 52.86 30.17
CA ALA B 474 39.01 53.54 30.39
C ALA B 474 38.04 52.73 31.27
N HIS B 475 38.57 52.06 32.29
CA HIS B 475 37.76 51.15 33.09
C HIS B 475 36.87 51.87 34.08
N THR B 476 37.11 53.17 34.24
CA THR B 476 36.34 54.04 35.16
C THR B 476 36.71 53.76 36.61
N TYR B 477 36.42 54.73 37.48
CA TYR B 477 36.76 54.61 38.90
C TYR B 477 35.75 55.38 39.72
N GLU B 478 35.82 55.26 41.04
CA GLU B 478 34.95 56.04 41.90
C GLU B 478 35.76 56.98 42.76
N LEU B 479 35.11 58.04 43.21
CA LEU B 479 35.71 58.96 44.18
C LEU B 479 35.40 58.49 45.60
N LEU B 480 36.35 58.67 46.51
CA LEU B 480 36.13 58.40 47.92
C LEU B 480 34.84 59.03 48.42
N ALA B 481 34.64 60.28 48.04
CA ALA B 481 33.51 61.07 48.50
C ALA B 481 32.15 60.61 48.00
N LYS B 482 32.11 59.82 46.93
CA LYS B 482 30.84 59.31 46.41
C LYS B 482 30.97 57.92 45.79
N PRO B 483 31.11 56.91 46.64
CA PRO B 483 31.26 55.54 46.14
C PRO B 483 30.03 55.14 45.36
N GLY B 484 30.21 54.29 44.36
CA GLY B 484 29.09 53.77 43.58
C GLY B 484 28.85 54.48 42.28
N GLN B 485 29.33 55.72 42.18
CA GLN B 485 29.22 56.49 40.95
C GLN B 485 30.54 56.44 40.19
N PHE B 486 30.52 55.81 39.02
CA PHE B 486 31.76 55.63 38.27
C PHE B 486 32.05 56.71 37.25
N ILE B 487 33.33 57.10 37.18
CA ILE B 487 33.77 58.19 36.33
C ILE B 487 34.87 57.74 35.39
N HIS B 488 34.89 58.33 34.20
CA HIS B 488 36.05 58.22 33.33
C HIS B 488 36.68 59.57 33.10
N THR B 489 37.99 59.64 33.27
CA THR B 489 38.73 60.90 33.11
C THR B 489 39.58 60.86 31.86
N ASN B 490 39.62 61.99 31.16
CA ASN B 490 40.49 62.14 29.99
C ASN B 490 41.92 62.47 30.42
N TRP B 491 42.59 61.47 30.98
CA TRP B 491 43.93 61.66 31.55
C TRP B 491 44.92 62.29 30.59
N THR B 492 44.96 61.79 29.35
CA THR B 492 45.96 62.28 28.39
C THR B 492 45.57 63.63 27.80
N GLY B 493 44.28 63.96 27.86
CA GLY B 493 43.79 65.19 27.27
C GLY B 493 43.49 65.05 25.79
N HIS B 494 43.74 63.88 25.23
CA HIS B 494 43.52 63.64 23.80
C HIS B 494 42.64 62.43 23.55
N GLY B 495 42.11 61.83 24.62
CA GLY B 495 41.31 60.64 24.47
C GLY B 495 39.87 60.93 24.09
N GLY B 496 39.10 59.88 23.89
CA GLY B 496 37.69 59.98 23.57
C GLY B 496 36.83 60.05 24.83
N THR B 497 35.52 60.02 24.63
CA THR B 497 34.58 60.06 25.75
C THR B 497 33.99 58.67 25.99
N VAL B 498 34.00 57.84 24.96
CA VAL B 498 33.52 56.47 25.09
C VAL B 498 34.46 55.62 25.92
N SER B 499 33.97 55.15 27.06
CA SER B 499 34.80 54.36 27.97
C SER B 499 34.42 52.89 27.88
N SER B 500 35.07 52.08 28.70
CA SER B 500 34.60 50.72 28.90
C SER B 500 33.48 50.76 29.94
N SER B 501 32.77 49.67 30.12
CA SER B 501 31.80 49.62 31.19
C SER B 501 32.48 49.21 32.49
N SER B 502 31.82 49.51 33.59
CA SER B 502 32.37 49.21 34.90
C SER B 502 31.77 47.89 35.36
N TYR B 503 32.61 46.86 35.43
CA TYR B 503 32.16 45.55 35.88
C TYR B 503 33.33 44.72 36.35
N ASN B 504 33.05 43.78 37.23
CA ASN B 504 34.06 42.85 37.70
C ASN B 504 33.80 41.42 37.18
N ALA B 505 34.84 40.61 37.11
CA ALA B 505 34.71 39.25 36.62
C ALA B 505 35.89 38.40 37.04
N ALA C 24 -31.26 -47.25 -1.75
CA ALA C 24 -31.68 -45.92 -2.19
C ALA C 24 -30.57 -44.88 -1.99
N GLN C 25 -29.48 -45.06 -2.73
CA GLN C 25 -28.29 -44.23 -2.67
C GLN C 25 -28.24 -43.17 -3.77
N ALA C 26 -28.63 -43.59 -4.97
CA ALA C 26 -28.52 -42.73 -6.16
C ALA C 26 -29.64 -41.70 -6.25
N ASP C 27 -29.29 -40.51 -6.71
CA ASP C 27 -30.23 -39.41 -6.88
C ASP C 27 -31.03 -39.56 -8.15
N ILE C 28 -30.42 -40.23 -9.13
CA ILE C 28 -31.00 -40.31 -10.45
C ILE C 28 -30.35 -41.44 -11.24
N ALA C 29 -31.09 -41.97 -12.20
CA ALA C 29 -30.53 -42.96 -13.12
C ALA C 29 -30.57 -42.43 -14.55
N LEU C 30 -29.64 -42.90 -15.36
CA LEU C 30 -29.60 -42.54 -16.77
C LEU C 30 -29.30 -43.78 -17.60
N ILE C 31 -30.09 -43.98 -18.66
CA ILE C 31 -29.96 -45.14 -19.53
C ILE C 31 -29.50 -44.70 -20.91
N GLY C 32 -28.40 -45.29 -21.38
CA GLY C 32 -27.84 -44.91 -22.67
C GLY C 32 -26.44 -44.36 -22.48
N LEU C 33 -25.45 -45.09 -23.00
CA LEU C 33 -24.06 -44.76 -22.76
C LEU C 33 -23.30 -44.44 -24.04
N ALA C 34 -23.97 -43.75 -24.96
CA ALA C 34 -23.30 -43.15 -26.10
C ALA C 34 -22.83 -41.75 -25.71
N VAL C 35 -22.56 -40.92 -26.72
CA VAL C 35 -22.05 -39.57 -26.47
C VAL C 35 -22.90 -38.75 -25.49
N MET C 36 -24.20 -38.65 -25.73
CA MET C 36 -25.05 -37.82 -24.87
C MET C 36 -25.14 -38.32 -23.44
N GLY C 37 -25.38 -39.62 -23.30
CA GLY C 37 -25.56 -40.22 -21.99
C GLY C 37 -24.33 -40.13 -21.11
N GLN C 38 -23.19 -40.57 -21.62
CA GLN C 38 -21.95 -40.53 -20.87
C GLN C 38 -21.67 -39.14 -20.36
N ASN C 39 -21.71 -38.19 -21.28
CA ASN C 39 -21.39 -36.82 -20.92
C ASN C 39 -22.39 -36.19 -19.93
N LEU C 40 -23.68 -36.47 -20.11
CA LEU C 40 -24.66 -35.89 -19.21
C LEU C 40 -24.49 -36.46 -17.81
N ILE C 41 -24.13 -37.74 -17.74
CA ILE C 41 -23.87 -38.36 -16.44
C ILE C 41 -22.73 -37.67 -15.72
N LEU C 42 -21.61 -37.48 -16.41
CA LEU C 42 -20.47 -36.78 -15.84
C LEU C 42 -20.83 -35.35 -15.41
N ASN C 43 -21.69 -34.70 -16.18
CA ASN C 43 -22.16 -33.36 -15.83
C ASN C 43 -22.85 -33.39 -14.47
N MET C 44 -23.82 -34.28 -14.34
CA MET C 44 -24.57 -34.42 -13.11
C MET C 44 -23.68 -34.83 -11.93
N ASN C 45 -22.75 -35.73 -12.22
CA ASN C 45 -21.76 -36.14 -11.22
C ASN C 45 -20.98 -34.92 -10.71
N ASP C 46 -20.53 -34.07 -11.62
CA ASP C 46 -19.72 -32.92 -11.23
C ASP C 46 -20.51 -31.89 -10.41
N HIS C 47 -21.84 -31.95 -10.50
CA HIS C 47 -22.68 -31.06 -9.70
C HIS C 47 -23.13 -31.73 -8.41
N GLY C 48 -22.53 -32.89 -8.12
CA GLY C 48 -22.70 -33.53 -6.82
C GLY C 48 -23.79 -34.58 -6.71
N PHE C 49 -24.44 -34.86 -7.83
CA PHE C 49 -25.50 -35.86 -7.83
C PHE C 49 -24.95 -37.26 -8.05
N VAL C 50 -25.46 -38.23 -7.28
CA VAL C 50 -25.07 -39.62 -7.48
C VAL C 50 -25.97 -40.24 -8.54
N VAL C 51 -25.35 -40.75 -9.59
CA VAL C 51 -26.06 -41.20 -10.77
C VAL C 51 -25.85 -42.70 -10.96
N CYS C 52 -26.93 -43.41 -11.26
CA CYS C 52 -26.81 -44.82 -11.60
C CYS C 52 -26.91 -45.00 -13.12
N ALA C 53 -25.82 -45.50 -13.71
CA ALA C 53 -25.75 -45.68 -15.15
C ALA C 53 -26.22 -47.06 -15.58
N PHE C 54 -26.98 -47.11 -16.66
CA PHE C 54 -27.40 -48.36 -17.25
C PHE C 54 -27.41 -48.26 -18.76
N ASN C 55 -27.30 -49.41 -19.42
CA ASN C 55 -27.37 -49.45 -20.87
C ASN C 55 -27.83 -50.82 -21.34
N ARG C 56 -28.49 -50.86 -22.49
CA ARG C 56 -28.97 -52.13 -23.06
C ARG C 56 -27.84 -53.15 -23.10
N THR C 57 -26.75 -52.79 -23.76
CA THR C 57 -25.54 -53.60 -23.76
C THR C 57 -24.80 -53.36 -22.45
N VAL C 58 -25.01 -54.29 -21.53
CA VAL C 58 -24.62 -54.12 -20.14
C VAL C 58 -23.11 -54.01 -19.96
N SER C 59 -22.37 -54.66 -20.86
CA SER C 59 -20.90 -54.58 -20.85
C SER C 59 -20.42 -53.14 -20.82
N LYS C 60 -21.14 -52.28 -21.54
CA LYS C 60 -20.77 -50.87 -21.66
C LYS C 60 -20.83 -50.11 -20.34
N VAL C 61 -21.66 -50.59 -19.41
CA VAL C 61 -21.74 -50.00 -18.09
C VAL C 61 -20.40 -50.15 -17.37
N ASP C 62 -19.85 -51.35 -17.40
CA ASP C 62 -18.58 -51.62 -16.73
C ASP C 62 -17.44 -50.86 -17.41
N ASP C 63 -17.45 -50.86 -18.74
CA ASP C 63 -16.44 -50.11 -19.50
C ASP C 63 -16.43 -48.67 -19.05
N PHE C 64 -17.63 -48.11 -18.90
CA PHE C 64 -17.78 -46.71 -18.50
C PHE C 64 -17.20 -46.47 -17.11
N LEU C 65 -17.60 -47.32 -16.18
CA LEU C 65 -17.18 -47.18 -14.79
C LEU C 65 -15.68 -47.36 -14.62
N ALA C 66 -15.09 -48.11 -15.54
CA ALA C 66 -13.66 -48.40 -15.49
C ALA C 66 -12.83 -47.35 -16.23
N ASN C 67 -13.49 -46.55 -17.06
CA ASN C 67 -12.78 -45.55 -17.85
C ASN C 67 -13.21 -44.12 -17.56
N GLU C 68 -14.14 -43.61 -18.38
CA GLU C 68 -14.57 -42.22 -18.27
C GLU C 68 -15.09 -41.85 -16.88
N ALA C 69 -15.75 -42.80 -16.21
CA ALA C 69 -16.27 -42.54 -14.85
C ALA C 69 -15.36 -43.10 -13.75
N LYS C 70 -14.10 -43.37 -14.08
CA LYS C 70 -13.18 -44.01 -13.17
C LYS C 70 -13.07 -43.36 -11.79
N GLY C 71 -13.06 -42.03 -11.71
CA GLY C 71 -12.88 -41.40 -10.42
C GLY C 71 -14.10 -40.65 -9.89
N THR C 72 -15.28 -41.20 -10.11
CA THR C 72 -16.50 -40.45 -9.88
C THR C 72 -17.39 -41.13 -8.86
N LYS C 73 -18.50 -40.49 -8.51
CA LYS C 73 -19.49 -41.11 -7.63
C LYS C 73 -20.50 -41.96 -8.39
N VAL C 74 -20.27 -42.14 -9.69
CA VAL C 74 -21.20 -42.89 -10.53
C VAL C 74 -21.26 -44.36 -10.12
N VAL C 75 -22.47 -44.90 -10.05
CA VAL C 75 -22.64 -46.32 -9.81
C VAL C 75 -23.32 -46.97 -11.02
N GLY C 76 -23.11 -48.27 -11.20
CA GLY C 76 -23.69 -48.99 -12.31
C GLY C 76 -24.68 -50.03 -11.87
N ALA C 77 -25.51 -50.47 -12.80
CA ALA C 77 -26.45 -51.56 -12.55
C ALA C 77 -26.29 -52.62 -13.62
N GLN C 78 -26.59 -53.87 -13.28
CA GLN C 78 -26.49 -54.94 -14.26
C GLN C 78 -27.87 -55.29 -14.82
N SER C 79 -28.91 -54.63 -14.30
CA SER C 79 -30.27 -54.85 -14.76
C SER C 79 -31.13 -53.66 -14.41
N LEU C 80 -32.29 -53.55 -15.06
CA LEU C 80 -33.25 -52.50 -14.75
C LEU C 80 -33.74 -52.62 -13.32
N LYS C 81 -34.05 -53.84 -12.92
CA LYS C 81 -34.51 -54.12 -11.57
C LYS C 81 -33.53 -53.55 -10.54
N GLU C 82 -32.25 -53.84 -10.72
CA GLU C 82 -31.18 -53.35 -9.84
C GLU C 82 -31.05 -51.83 -9.87
N MET C 83 -31.15 -51.26 -11.07
CA MET C 83 -31.06 -49.82 -11.26
C MET C 83 -32.14 -49.11 -10.47
N VAL C 84 -33.38 -49.59 -10.63
CA VAL C 84 -34.53 -48.97 -9.99
C VAL C 84 -34.39 -49.01 -8.47
N SER C 85 -33.83 -50.11 -7.96
CA SER C 85 -33.74 -50.34 -6.52
C SER C 85 -32.76 -49.38 -5.85
N LYS C 86 -31.85 -48.81 -6.63
CA LYS C 86 -30.85 -47.88 -6.09
C LYS C 86 -31.36 -46.45 -5.99
N LEU C 87 -32.58 -46.19 -6.50
CA LEU C 87 -33.09 -44.84 -6.64
C LEU C 87 -33.88 -44.30 -5.44
N LYS C 88 -33.62 -43.03 -5.08
CA LYS C 88 -34.41 -42.35 -4.07
C LYS C 88 -35.79 -42.06 -4.65
N LYS C 89 -36.82 -42.14 -3.80
CA LYS C 89 -38.17 -41.86 -4.25
C LYS C 89 -38.52 -40.37 -4.05
N PRO C 90 -39.32 -39.79 -4.98
CA PRO C 90 -39.80 -40.42 -6.22
C PRO C 90 -38.66 -40.71 -7.19
N ARG C 91 -38.61 -41.94 -7.68
CA ARG C 91 -37.53 -42.36 -8.54
C ARG C 91 -37.51 -41.54 -9.83
N ARG C 92 -36.30 -41.19 -10.26
CA ARG C 92 -36.12 -40.40 -11.48
C ARG C 92 -35.17 -41.13 -12.45
N ILE C 93 -35.68 -41.44 -13.64
CA ILE C 93 -34.88 -42.13 -14.66
C ILE C 93 -34.86 -41.35 -15.97
N ILE C 94 -33.64 -41.10 -16.48
CA ILE C 94 -33.46 -40.42 -17.74
C ILE C 94 -33.13 -41.42 -18.85
N LEU C 95 -33.79 -41.25 -19.99
CA LEU C 95 -33.50 -42.02 -21.19
C LEU C 95 -32.82 -41.15 -22.23
N LEU C 96 -31.60 -41.52 -22.59
CA LEU C 96 -30.89 -40.86 -23.69
C LEU C 96 -30.44 -41.91 -24.69
N VAL C 97 -31.41 -42.57 -25.32
CA VAL C 97 -31.12 -43.58 -26.31
C VAL C 97 -31.70 -43.18 -27.65
N LYS C 98 -31.30 -43.89 -28.71
CA LYS C 98 -31.84 -43.69 -30.04
C LYS C 98 -33.36 -43.63 -30.02
N ALA C 99 -33.93 -42.56 -30.58
CA ALA C 99 -35.37 -42.33 -30.60
C ALA C 99 -36.13 -43.45 -31.32
N GLY C 100 -37.36 -43.67 -30.90
CA GLY C 100 -38.21 -44.68 -31.54
C GLY C 100 -38.60 -45.81 -30.62
N GLN C 101 -38.57 -47.02 -31.13
CA GLN C 101 -39.08 -48.19 -30.40
C GLN C 101 -38.31 -48.39 -29.10
N ALA C 102 -37.01 -48.15 -29.16
CA ALA C 102 -36.14 -48.30 -28.00
C ALA C 102 -36.72 -47.62 -26.76
N VAL C 103 -37.28 -46.43 -26.94
CA VAL C 103 -37.85 -45.71 -25.81
C VAL C 103 -39.08 -46.43 -25.26
N ASP C 104 -39.96 -46.86 -26.16
CA ASP C 104 -41.14 -47.65 -25.75
C ASP C 104 -40.73 -48.97 -25.08
N ASP C 105 -39.69 -49.60 -25.61
CA ASP C 105 -39.14 -50.83 -25.02
C ASP C 105 -38.79 -50.64 -23.54
N PHE C 106 -38.05 -49.58 -23.25
CA PHE C 106 -37.64 -49.32 -21.87
C PHE C 106 -38.83 -48.94 -20.98
N ILE C 107 -39.74 -48.15 -21.50
CA ILE C 107 -40.92 -47.78 -20.72
C ILE C 107 -41.69 -49.02 -20.31
N GLU C 108 -41.88 -49.92 -21.26
CA GLU C 108 -42.62 -51.15 -21.02
C GLU C 108 -42.01 -51.97 -19.88
N LYS C 109 -40.67 -52.03 -19.86
CA LYS C 109 -39.96 -52.79 -18.85
C LYS C 109 -39.90 -52.08 -17.50
N LEU C 110 -39.90 -50.76 -17.52
CA LEU C 110 -39.78 -49.97 -16.29
C LEU C 110 -41.08 -49.89 -15.49
N VAL C 111 -42.18 -49.72 -16.19
CA VAL C 111 -43.49 -49.53 -15.56
C VAL C 111 -43.79 -50.53 -14.43
N PRO C 112 -43.57 -51.82 -14.68
CA PRO C 112 -43.85 -52.81 -13.63
C PRO C 112 -42.94 -52.68 -12.41
N LEU C 113 -41.78 -52.05 -12.60
CA LEU C 113 -40.78 -51.89 -11.53
C LEU C 113 -40.98 -50.62 -10.72
N LEU C 114 -41.82 -49.71 -11.20
CA LEU C 114 -41.97 -48.41 -10.57
C LEU C 114 -43.18 -48.28 -9.66
N ASP C 115 -43.16 -47.24 -8.83
CA ASP C 115 -44.27 -46.93 -7.95
C ASP C 115 -44.97 -45.67 -8.45
N THR C 116 -46.21 -45.50 -8.03
CA THR C 116 -46.98 -44.30 -8.34
C THR C 116 -46.18 -43.06 -7.94
N GLY C 117 -46.06 -42.10 -8.87
CA GLY C 117 -45.35 -40.85 -8.61
C GLY C 117 -43.91 -40.85 -9.09
N ASP C 118 -43.43 -42.00 -9.55
CA ASP C 118 -42.09 -42.09 -10.12
C ASP C 118 -42.08 -41.38 -11.46
N ILE C 119 -40.89 -41.05 -11.94
CA ILE C 119 -40.70 -40.08 -13.03
C ILE C 119 -39.75 -40.60 -14.11
N ILE C 120 -40.22 -40.62 -15.35
CA ILE C 120 -39.38 -41.02 -16.46
C ILE C 120 -39.19 -39.84 -17.40
N ILE C 121 -37.93 -39.56 -17.73
CA ILE C 121 -37.56 -38.41 -18.56
C ILE C 121 -36.89 -38.84 -19.84
N ASP C 122 -37.59 -38.71 -20.96
CA ASP C 122 -37.03 -39.01 -22.29
C ASP C 122 -36.33 -37.77 -22.82
N GLY C 123 -35.00 -37.84 -22.88
CA GLY C 123 -34.21 -36.70 -23.30
C GLY C 123 -33.76 -36.80 -24.74
N GLY C 124 -34.11 -37.90 -25.40
CA GLY C 124 -33.70 -38.13 -26.77
C GLY C 124 -34.50 -37.28 -27.75
N ASN C 125 -34.15 -37.38 -29.03
CA ASN C 125 -34.88 -36.65 -30.06
C ASN C 125 -36.12 -37.41 -30.53
N SER C 126 -37.13 -37.48 -29.67
CA SER C 126 -38.36 -38.22 -29.99
C SER C 126 -39.40 -37.33 -30.68
N GLU C 127 -40.20 -37.93 -31.56
CA GLU C 127 -41.33 -37.28 -32.21
C GLU C 127 -42.36 -36.82 -31.19
N TYR C 128 -42.76 -35.55 -31.25
CA TYR C 128 -43.67 -35.01 -30.22
C TYR C 128 -44.96 -35.81 -30.05
N ARG C 129 -45.46 -36.39 -31.14
CA ARG C 129 -46.67 -37.20 -31.06
C ARG C 129 -46.47 -38.44 -30.20
N ASP C 130 -45.31 -39.08 -30.34
CA ASP C 130 -44.92 -40.19 -29.48
C ASP C 130 -44.83 -39.76 -28.01
N THR C 131 -44.30 -38.58 -27.78
CA THR C 131 -44.16 -38.06 -26.44
C THR C 131 -45.54 -37.82 -25.82
N THR C 132 -46.42 -37.20 -26.58
CA THR C 132 -47.79 -36.96 -26.12
C THR C 132 -48.47 -38.28 -25.73
N ARG C 133 -48.31 -39.28 -26.58
CA ARG C 133 -48.89 -40.62 -26.35
C ARG C 133 -48.38 -41.24 -25.06
N ARG C 134 -47.06 -41.29 -24.92
CA ARG C 134 -46.43 -41.84 -23.74
C ARG C 134 -46.86 -41.09 -22.47
N CYS C 135 -46.92 -39.77 -22.58
CA CYS C 135 -47.30 -38.93 -21.45
C CYS C 135 -48.70 -39.28 -20.95
N ARG C 136 -49.65 -39.41 -21.86
CA ARG C 136 -51.03 -39.75 -21.50
C ARG C 136 -51.15 -41.17 -20.93
N ASP C 137 -50.48 -42.12 -21.58
CA ASP C 137 -50.55 -43.52 -21.14
C ASP C 137 -49.99 -43.68 -19.73
N LEU C 138 -48.82 -43.10 -19.49
CA LEU C 138 -48.17 -43.23 -18.19
C LEU C 138 -48.93 -42.48 -17.10
N LYS C 139 -49.49 -41.34 -17.45
CA LYS C 139 -50.30 -40.59 -16.49
C LYS C 139 -51.41 -41.49 -15.95
N ALA C 140 -52.11 -42.18 -16.85
CA ALA C 140 -53.19 -43.07 -16.45
C ALA C 140 -52.68 -44.16 -15.52
N LYS C 141 -51.38 -44.42 -15.57
CA LYS C 141 -50.79 -45.49 -14.76
C LYS C 141 -50.08 -44.95 -13.53
N GLY C 142 -50.25 -43.66 -13.25
CA GLY C 142 -49.66 -43.04 -12.08
C GLY C 142 -48.18 -42.68 -12.21
N ILE C 143 -47.66 -42.77 -13.42
CA ILE C 143 -46.26 -42.42 -13.67
C ILE C 143 -46.10 -41.09 -14.39
N LEU C 144 -45.17 -40.28 -13.88
CA LEU C 144 -44.96 -38.94 -14.39
C LEU C 144 -43.95 -38.96 -15.52
N PHE C 145 -44.40 -38.58 -16.71
CA PHE C 145 -43.53 -38.62 -17.88
C PHE C 145 -43.12 -37.23 -18.33
N VAL C 146 -41.82 -37.08 -18.52
CA VAL C 146 -41.27 -35.83 -19.05
C VAL C 146 -40.55 -36.13 -20.36
N GLY C 147 -40.93 -35.39 -21.41
CA GLY C 147 -40.22 -35.42 -22.67
C GLY C 147 -39.44 -34.12 -22.79
N SER C 148 -38.12 -34.21 -22.77
CA SER C 148 -37.32 -33.00 -22.76
C SER C 148 -36.29 -32.96 -23.87
N GLY C 149 -36.24 -31.83 -24.57
CA GLY C 149 -35.20 -31.62 -25.56
C GLY C 149 -33.89 -31.32 -24.88
N VAL C 150 -32.81 -31.80 -25.49
CA VAL C 150 -31.48 -31.51 -24.98
C VAL C 150 -30.66 -30.96 -26.14
N SER C 151 -30.08 -29.77 -25.95
CA SER C 151 -29.25 -29.16 -26.98
C SER C 151 -27.81 -28.97 -26.52
N GLY C 152 -26.88 -28.83 -27.46
CA GLY C 152 -25.51 -28.53 -27.11
C GLY C 152 -24.53 -29.62 -27.53
N GLY C 153 -25.07 -30.74 -28.01
CA GLY C 153 -24.23 -31.88 -28.38
C GLY C 153 -23.33 -32.36 -27.26
N GLU C 154 -22.17 -32.91 -27.62
CA GLU C 154 -21.25 -33.48 -26.64
C GLU C 154 -20.85 -32.48 -25.58
N GLU C 155 -20.38 -31.31 -26.03
CA GLU C 155 -19.85 -30.27 -25.15
C GLU C 155 -20.92 -29.72 -24.21
N GLY C 156 -22.11 -29.51 -24.76
CA GLY C 156 -23.23 -29.03 -23.97
C GLY C 156 -23.64 -30.02 -22.91
N ALA C 157 -23.79 -31.30 -23.31
CA ALA C 157 -24.14 -32.35 -22.35
C ALA C 157 -23.11 -32.46 -21.23
N ARG C 158 -21.85 -32.26 -21.59
CA ARG C 158 -20.75 -32.40 -20.65
C ARG C 158 -20.70 -31.27 -19.62
N TYR C 159 -20.95 -30.04 -20.07
CA TYR C 159 -20.71 -28.86 -19.22
C TYR C 159 -21.92 -27.96 -18.92
N GLY C 160 -22.93 -28.02 -19.76
CA GLY C 160 -24.11 -27.21 -19.56
C GLY C 160 -24.96 -27.13 -20.80
N PRO C 161 -25.99 -27.97 -20.89
CA PRO C 161 -26.87 -27.99 -22.06
C PRO C 161 -28.07 -27.07 -21.92
N SER C 162 -28.67 -26.70 -23.05
CA SER C 162 -30.00 -26.12 -23.06
C SER C 162 -30.98 -27.27 -22.87
N LEU C 163 -31.89 -27.13 -21.91
CA LEU C 163 -32.88 -28.15 -21.64
C LEU C 163 -34.29 -27.64 -21.84
N MET C 164 -35.09 -28.40 -22.57
CA MET C 164 -36.45 -28.01 -22.89
C MET C 164 -37.46 -29.06 -22.42
N PRO C 165 -37.76 -29.04 -21.11
CA PRO C 165 -38.62 -30.03 -20.46
C PRO C 165 -40.09 -29.77 -20.70
N GLY C 166 -40.83 -30.80 -21.08
CA GLY C 166 -42.28 -30.69 -21.26
C GLY C 166 -42.90 -32.02 -20.90
N GLY C 167 -44.22 -32.05 -20.78
CA GLY C 167 -44.92 -33.30 -20.49
C GLY C 167 -45.85 -33.17 -19.31
N ASN C 168 -45.66 -34.03 -18.31
CA ASN C 168 -46.49 -33.99 -17.11
C ASN C 168 -45.88 -33.07 -16.05
N LYS C 169 -46.46 -31.89 -15.92
CA LYS C 169 -45.85 -30.86 -15.09
C LYS C 169 -45.75 -31.22 -13.61
N GLU C 170 -46.44 -32.28 -13.21
CA GLU C 170 -46.37 -32.70 -11.81
C GLU C 170 -44.97 -33.19 -11.48
N ALA C 171 -44.19 -33.49 -12.51
CA ALA C 171 -42.79 -33.92 -12.33
C ALA C 171 -41.82 -32.75 -12.17
N TRP C 172 -42.20 -31.58 -12.68
CA TRP C 172 -41.29 -30.42 -12.77
C TRP C 172 -40.61 -30.09 -11.43
N PRO C 173 -41.40 -29.95 -10.37
CA PRO C 173 -40.82 -29.66 -9.05
C PRO C 173 -39.81 -30.70 -8.58
N HIS C 174 -39.93 -31.93 -9.04
CA HIS C 174 -39.00 -32.98 -8.61
C HIS C 174 -37.75 -33.08 -9.46
N ILE C 175 -37.69 -32.35 -10.57
CA ILE C 175 -36.53 -32.42 -11.46
C ILE C 175 -35.88 -31.05 -11.67
N LYS C 176 -36.58 -30.01 -11.23
CA LYS C 176 -36.17 -28.61 -11.44
C LYS C 176 -34.74 -28.34 -10.95
N THR C 177 -34.43 -28.80 -9.75
CA THR C 177 -33.13 -28.48 -9.20
C THR C 177 -31.99 -29.17 -9.94
N ILE C 178 -32.17 -30.42 -10.33
CA ILE C 178 -31.13 -31.09 -11.11
C ILE C 178 -31.02 -30.45 -12.48
N PHE C 179 -32.15 -30.29 -13.14
CA PHE C 179 -32.17 -29.74 -14.49
C PHE C 179 -31.56 -28.36 -14.58
N GLN C 180 -32.07 -27.44 -13.75
CA GLN C 180 -31.54 -26.09 -13.75
C GLN C 180 -30.11 -26.08 -13.21
N GLY C 181 -29.80 -27.06 -12.37
CA GLY C 181 -28.47 -27.18 -11.81
C GLY C 181 -27.41 -27.43 -12.86
N ILE C 182 -27.68 -28.35 -13.79
CA ILE C 182 -26.69 -28.74 -14.77
C ILE C 182 -26.77 -27.93 -16.05
N ALA C 183 -27.86 -27.17 -16.20
CA ALA C 183 -28.09 -26.42 -17.43
C ALA C 183 -27.09 -25.31 -17.64
N ALA C 184 -26.83 -25.03 -18.91
CA ALA C 184 -26.00 -23.91 -19.29
C ALA C 184 -26.45 -22.70 -18.55
N LYS C 185 -25.44 -21.97 -18.12
CA LYS C 185 -25.67 -20.72 -17.45
C LYS C 185 -25.17 -19.61 -18.36
N VAL C 186 -25.90 -18.50 -18.39
CA VAL C 186 -25.44 -17.34 -19.14
C VAL C 186 -25.25 -16.15 -18.25
N GLY C 187 -24.40 -15.23 -18.69
CA GLY C 187 -24.17 -13.98 -17.99
C GLY C 187 -24.17 -14.01 -16.47
N THR C 188 -25.28 -13.60 -15.87
CA THR C 188 -25.34 -13.57 -14.40
C THR C 188 -25.53 -14.92 -13.74
N GLY C 189 -25.48 -15.99 -14.52
CA GLY C 189 -25.61 -17.32 -13.97
C GLY C 189 -27.01 -17.93 -14.07
N GLU C 190 -27.88 -17.28 -14.84
CA GLU C 190 -29.24 -17.77 -15.07
C GLU C 190 -29.18 -19.03 -15.93
N PRO C 191 -29.98 -20.04 -15.55
CA PRO C 191 -29.96 -21.33 -16.23
C PRO C 191 -30.74 -21.25 -17.54
N CYS C 192 -30.28 -21.93 -18.58
CA CYS C 192 -31.03 -22.03 -19.83
C CYS C 192 -31.96 -23.25 -19.83
N CYS C 193 -32.97 -23.25 -18.97
CA CYS C 193 -33.85 -24.40 -18.83
C CYS C 193 -35.07 -24.01 -17.98
N ASP C 194 -36.25 -24.10 -18.59
CA ASP C 194 -37.49 -23.85 -17.85
C ASP C 194 -38.60 -24.73 -18.43
N TRP C 195 -39.69 -24.89 -17.68
CA TRP C 195 -40.75 -25.75 -18.16
C TRP C 195 -41.39 -25.16 -19.42
N VAL C 196 -41.41 -25.98 -20.47
CA VAL C 196 -41.92 -25.56 -21.78
C VAL C 196 -43.44 -25.65 -21.89
N GLY C 197 -44.01 -26.78 -21.47
CA GLY C 197 -45.44 -26.95 -21.54
C GLY C 197 -45.88 -28.41 -21.51
N ASP C 198 -47.15 -28.62 -21.81
CA ASP C 198 -47.80 -29.92 -21.64
C ASP C 198 -47.41 -30.95 -22.71
N GLU C 199 -47.42 -32.22 -22.31
CA GLU C 199 -47.24 -33.34 -23.21
C GLU C 199 -46.02 -33.21 -24.12
N GLY C 200 -46.24 -33.24 -25.43
CA GLY C 200 -45.14 -33.21 -26.38
C GLY C 200 -44.49 -31.85 -26.65
N ALA C 201 -44.92 -30.83 -25.91
CA ALA C 201 -44.42 -29.47 -26.12
C ALA C 201 -42.88 -29.38 -26.10
N GLY C 202 -42.25 -29.99 -25.11
CA GLY C 202 -40.80 -29.95 -25.02
C GLY C 202 -40.15 -30.47 -26.30
N HIS C 203 -40.58 -31.64 -26.76
CA HIS C 203 -39.98 -32.23 -27.95
C HIS C 203 -40.34 -31.49 -29.22
N PHE C 204 -41.47 -30.80 -29.19
CA PHE C 204 -41.89 -30.06 -30.36
C PHE C 204 -40.98 -28.85 -30.50
N VAL C 205 -40.88 -28.12 -29.41
CA VAL C 205 -39.97 -26.99 -29.37
C VAL C 205 -38.60 -27.46 -29.80
N LYS C 206 -38.19 -28.63 -29.32
CA LYS C 206 -36.88 -29.15 -29.71
C LYS C 206 -36.84 -29.48 -31.19
N MET C 207 -37.96 -29.93 -31.76
CA MET C 207 -38.02 -30.21 -33.19
C MET C 207 -37.76 -28.94 -33.99
N VAL C 208 -38.49 -27.91 -33.60
CA VAL C 208 -38.39 -26.60 -34.20
C VAL C 208 -36.95 -26.09 -34.12
N HIS C 209 -36.36 -26.27 -32.94
CA HIS C 209 -34.95 -25.91 -32.72
C HIS C 209 -34.11 -26.53 -33.83
N ASN C 210 -34.31 -27.81 -34.12
CA ASN C 210 -33.50 -28.48 -35.12
C ASN C 210 -33.84 -28.05 -36.55
N GLY C 211 -35.08 -27.65 -36.78
CA GLY C 211 -35.47 -27.11 -38.06
C GLY C 211 -34.67 -25.83 -38.33
N ILE C 212 -34.68 -24.91 -37.38
CA ILE C 212 -33.88 -23.70 -37.53
C ILE C 212 -32.41 -24.03 -37.71
N GLU C 213 -31.91 -24.97 -36.91
CA GLU C 213 -30.51 -25.38 -37.02
C GLU C 213 -30.13 -25.88 -38.42
N TYR C 214 -30.94 -26.81 -38.97
CA TYR C 214 -30.77 -27.29 -40.33
C TYR C 214 -30.67 -26.15 -41.33
N GLY C 215 -31.58 -25.19 -41.15
CA GLY C 215 -31.65 -24.04 -42.05
C GLY C 215 -30.37 -23.23 -41.99
N ASP C 216 -29.96 -22.89 -40.78
CA ASP C 216 -28.74 -22.12 -40.54
C ASP C 216 -27.52 -22.81 -41.11
N MET C 217 -27.40 -24.10 -40.86
CA MET C 217 -26.24 -24.86 -41.31
C MET C 217 -26.15 -24.82 -42.84
N GLN C 218 -27.29 -24.99 -43.51
CA GLN C 218 -27.30 -25.00 -44.97
C GLN C 218 -26.93 -23.63 -45.53
N LEU C 219 -27.49 -22.57 -44.94
CA LEU C 219 -27.14 -21.20 -45.33
C LEU C 219 -25.65 -20.95 -45.18
N ILE C 220 -25.07 -21.42 -44.07
CA ILE C 220 -23.62 -21.27 -43.87
C ILE C 220 -22.84 -21.98 -44.99
N CYS C 221 -23.31 -23.16 -45.37
CA CYS C 221 -22.69 -23.90 -46.45
C CYS C 221 -22.75 -23.13 -47.78
N GLU C 222 -23.86 -22.45 -48.02
CA GLU C 222 -23.99 -21.68 -49.25
C GLU C 222 -23.05 -20.47 -49.25
N ALA C 223 -22.93 -19.80 -48.11
CA ALA C 223 -21.99 -18.69 -48.01
C ALA C 223 -20.60 -19.21 -48.31
N TYR C 224 -20.26 -20.33 -47.67
CA TYR C 224 -18.97 -20.97 -47.85
C TYR C 224 -18.72 -21.28 -49.32
N HIS C 225 -19.74 -21.81 -50.00
CA HIS C 225 -19.62 -22.16 -51.41
C HIS C 225 -19.35 -20.91 -52.27
N LEU C 226 -20.06 -19.84 -52.00
CA LEU C 226 -19.82 -18.59 -52.68
C LEU C 226 -18.39 -18.08 -52.42
N MET C 227 -17.95 -18.13 -51.16
CA MET C 227 -16.60 -17.66 -50.85
C MET C 227 -15.56 -18.50 -51.59
N LYS C 228 -15.80 -19.81 -51.65
CA LYS C 228 -14.85 -20.73 -52.27
C LYS C 228 -14.84 -20.61 -53.79
N ASP C 229 -16.02 -20.60 -54.40
CA ASP C 229 -16.13 -20.77 -55.84
C ASP C 229 -16.35 -19.48 -56.64
N VAL C 230 -16.89 -18.45 -56.00
CA VAL C 230 -17.05 -17.17 -56.69
C VAL C 230 -15.87 -16.27 -56.36
N LEU C 231 -15.50 -16.18 -55.08
CA LEU C 231 -14.40 -15.29 -54.68
C LEU C 231 -13.05 -16.00 -54.66
N GLY C 232 -13.08 -17.32 -54.88
CA GLY C 232 -11.86 -18.12 -54.92
C GLY C 232 -10.97 -18.02 -53.69
N MET C 233 -11.58 -17.94 -52.51
CA MET C 233 -10.84 -17.76 -51.26
C MET C 233 -10.19 -19.06 -50.77
N ALA C 234 -9.04 -18.92 -50.11
CA ALA C 234 -8.36 -20.07 -49.50
C ALA C 234 -9.03 -20.47 -48.18
N GLN C 235 -8.77 -21.69 -47.75
CA GLN C 235 -9.41 -22.27 -46.56
C GLN C 235 -9.27 -21.36 -45.36
N ASP C 236 -8.03 -20.94 -45.09
CA ASP C 236 -7.70 -20.13 -43.93
C ASP C 236 -8.25 -18.71 -44.02
N GLU C 237 -8.33 -18.21 -45.23
CA GLU C 237 -8.93 -16.91 -45.50
C GLU C 237 -10.43 -16.94 -45.16
N MET C 238 -11.09 -18.03 -45.56
CA MET C 238 -12.50 -18.18 -45.25
C MET C 238 -12.72 -18.38 -43.74
N ALA C 239 -11.85 -19.15 -43.11
CA ALA C 239 -11.91 -19.31 -41.66
C ALA C 239 -11.90 -17.93 -41.02
N GLN C 240 -11.01 -17.07 -41.49
CA GLN C 240 -10.88 -15.72 -40.93
C GLN C 240 -12.17 -14.91 -41.13
N ALA C 241 -12.76 -15.04 -42.32
CA ALA C 241 -13.99 -14.33 -42.61
C ALA C 241 -15.06 -14.66 -41.59
N PHE C 242 -15.26 -15.96 -41.35
CA PHE C 242 -16.27 -16.42 -40.39
C PHE C 242 -15.94 -15.95 -38.99
N GLU C 243 -14.66 -16.02 -38.64
CA GLU C 243 -14.21 -15.57 -37.34
C GLU C 243 -14.56 -14.09 -37.14
N ASP C 244 -14.39 -13.30 -38.18
CA ASP C 244 -14.71 -11.87 -38.09
C ASP C 244 -16.22 -11.66 -38.02
N TRP C 245 -16.96 -12.38 -38.86
CA TRP C 245 -18.41 -12.31 -38.88
C TRP C 245 -18.99 -12.62 -37.51
N ASN C 246 -18.32 -13.50 -36.77
CA ASN C 246 -18.81 -13.94 -35.45
C ASN C 246 -18.71 -12.84 -34.39
N LYS C 247 -18.10 -11.71 -34.74
CA LYS C 247 -17.99 -10.62 -33.80
C LYS C 247 -19.12 -9.60 -33.93
N THR C 248 -19.85 -9.64 -35.04
CA THR C 248 -20.96 -8.70 -35.21
C THR C 248 -22.33 -9.38 -35.14
N GLU C 249 -23.23 -9.02 -36.06
CA GLU C 249 -24.62 -9.49 -36.07
C GLU C 249 -24.74 -10.99 -36.10
N LEU C 250 -23.79 -11.65 -36.78
CA LEU C 250 -23.85 -13.10 -36.98
C LEU C 250 -23.27 -13.89 -35.81
N ASP C 251 -22.90 -13.18 -34.74
CA ASP C 251 -22.42 -13.79 -33.51
C ASP C 251 -23.31 -14.98 -33.08
N SER C 252 -22.78 -16.19 -33.22
CA SER C 252 -23.55 -17.39 -32.92
C SER C 252 -22.65 -18.63 -32.88
N PHE C 253 -23.17 -19.70 -32.28
CA PHE C 253 -22.45 -20.95 -32.14
C PHE C 253 -22.00 -21.52 -33.50
N LEU C 254 -22.94 -21.60 -34.42
CA LEU C 254 -22.67 -22.22 -35.72
C LEU C 254 -21.59 -21.48 -36.52
N ILE C 255 -21.64 -20.15 -36.50
CA ILE C 255 -20.62 -19.33 -37.15
C ILE C 255 -19.24 -19.57 -36.51
N GLU C 256 -19.22 -19.51 -35.18
CA GLU C 256 -18.03 -19.81 -34.42
C GLU C 256 -17.37 -21.14 -34.83
N ILE C 257 -18.12 -22.23 -34.79
CA ILE C 257 -17.50 -23.54 -35.04
C ILE C 257 -17.08 -23.72 -36.50
N THR C 258 -17.78 -23.03 -37.40
CA THR C 258 -17.48 -23.08 -38.83
C THR C 258 -16.06 -22.52 -39.05
N ALA C 259 -15.77 -21.43 -38.35
CA ALA C 259 -14.44 -20.85 -38.36
C ALA C 259 -13.40 -21.88 -37.91
N ASN C 260 -13.70 -22.56 -36.82
CA ASN C 260 -12.78 -23.57 -36.30
C ASN C 260 -12.58 -24.71 -37.27
N ILE C 261 -13.69 -25.22 -37.80
CA ILE C 261 -13.66 -26.32 -38.77
C ILE C 261 -12.81 -25.97 -39.98
N LEU C 262 -12.99 -24.76 -40.52
CA LEU C 262 -12.22 -24.34 -41.69
C LEU C 262 -10.70 -24.27 -41.42
N LYS C 263 -10.35 -23.98 -40.17
CA LYS C 263 -8.95 -23.88 -39.75
C LYS C 263 -8.34 -25.25 -39.53
N PHE C 264 -9.18 -26.21 -39.17
CA PHE C 264 -8.70 -27.48 -38.62
C PHE C 264 -7.79 -28.27 -39.57
N GLN C 265 -6.62 -28.67 -39.07
CA GLN C 265 -5.65 -29.41 -39.86
C GLN C 265 -5.50 -30.85 -39.42
N ASP C 266 -5.46 -31.74 -40.40
CA ASP C 266 -5.29 -33.15 -40.15
C ASP C 266 -3.84 -33.43 -39.71
N THR C 267 -3.58 -34.64 -39.20
CA THR C 267 -2.25 -35.03 -38.71
C THR C 267 -1.15 -34.79 -39.73
N ASP C 268 -1.51 -34.70 -41.00
CA ASP C 268 -0.51 -34.54 -42.05
C ASP C 268 -0.32 -33.06 -42.43
N GLY C 269 -0.90 -32.16 -41.66
CA GLY C 269 -0.75 -30.74 -41.92
C GLY C 269 -1.72 -30.16 -42.94
N LYS C 270 -2.35 -31.02 -43.74
CA LYS C 270 -3.38 -30.56 -44.67
C LYS C 270 -4.71 -30.34 -43.95
N HIS C 271 -5.53 -29.42 -44.46
CA HIS C 271 -6.86 -29.17 -43.89
C HIS C 271 -7.74 -30.42 -43.97
N LEU C 272 -8.49 -30.70 -42.90
CA LEU C 272 -9.33 -31.89 -42.83
C LEU C 272 -10.58 -31.82 -43.71
N LEU C 273 -11.25 -30.67 -43.69
CA LEU C 273 -12.55 -30.50 -44.34
C LEU C 273 -12.57 -30.95 -45.81
N PRO C 274 -11.57 -30.56 -46.60
CA PRO C 274 -11.62 -30.97 -48.01
C PRO C 274 -11.46 -32.49 -48.22
N LYS C 275 -11.05 -33.23 -47.19
CA LYS C 275 -10.97 -34.69 -47.30
C LYS C 275 -12.31 -35.39 -47.02
N ILE C 276 -13.27 -34.64 -46.50
CA ILE C 276 -14.53 -35.22 -46.03
C ILE C 276 -15.55 -35.46 -47.13
N ARG C 277 -16.14 -36.66 -47.12
CA ARG C 277 -17.17 -37.03 -48.10
C ARG C 277 -18.41 -36.14 -48.00
N ASP C 278 -18.85 -35.64 -49.14
CA ASP C 278 -19.93 -34.65 -49.18
C ASP C 278 -21.35 -35.26 -49.26
N SER C 279 -21.68 -36.08 -48.28
CA SER C 279 -22.98 -36.70 -48.21
C SER C 279 -23.54 -36.55 -46.81
N ALA C 280 -24.50 -35.64 -46.66
CA ALA C 280 -25.02 -35.27 -45.34
C ALA C 280 -26.01 -36.28 -44.78
N GLY C 281 -25.80 -36.67 -43.53
CA GLY C 281 -26.74 -37.55 -42.85
C GLY C 281 -27.82 -36.73 -42.17
N GLN C 282 -28.86 -37.41 -41.72
CA GLN C 282 -29.90 -36.77 -40.93
C GLN C 282 -30.62 -37.85 -40.11
N LYS C 283 -31.13 -37.47 -38.96
CA LYS C 283 -31.68 -38.48 -38.06
C LYS C 283 -33.15 -38.25 -37.73
N GLY C 284 -33.80 -37.41 -38.53
CA GLY C 284 -35.26 -37.32 -38.49
C GLY C 284 -35.89 -35.99 -38.13
N THR C 285 -35.32 -35.28 -37.16
CA THR C 285 -35.96 -34.08 -36.66
C THR C 285 -36.23 -33.03 -37.73
N GLY C 286 -35.27 -32.83 -38.61
CA GLY C 286 -35.42 -31.83 -39.66
C GLY C 286 -36.60 -32.19 -40.53
N LYS C 287 -36.59 -33.44 -41.00
CA LYS C 287 -37.71 -33.98 -41.76
C LYS C 287 -39.05 -33.82 -41.03
N TRP C 288 -39.10 -34.13 -39.74
CA TRP C 288 -40.35 -33.99 -39.01
C TRP C 288 -40.87 -32.56 -38.98
N THR C 289 -39.94 -31.61 -38.90
CA THR C 289 -40.29 -30.20 -38.83
C THR C 289 -41.00 -29.83 -40.13
N ALA C 290 -40.36 -30.22 -41.23
CA ALA C 290 -40.87 -29.94 -42.58
C ALA C 290 -42.25 -30.56 -42.78
N ILE C 291 -42.39 -31.80 -42.32
CA ILE C 291 -43.65 -32.51 -42.46
C ILE C 291 -44.75 -31.86 -41.61
N SER C 292 -44.40 -31.44 -40.40
CA SER C 292 -45.37 -30.76 -39.54
C SER C 292 -45.84 -29.46 -40.16
N ALA C 293 -44.89 -28.71 -40.72
CA ALA C 293 -45.19 -27.51 -41.49
C ALA C 293 -46.21 -27.79 -42.61
N LEU C 294 -45.93 -28.80 -43.44
CA LEU C 294 -46.85 -29.15 -44.52
C LEU C 294 -48.22 -29.53 -43.97
N GLU C 295 -48.23 -30.37 -42.93
CA GLU C 295 -49.49 -30.86 -42.37
C GLU C 295 -50.38 -29.74 -41.86
N TYR C 296 -49.78 -28.67 -41.32
CA TYR C 296 -50.56 -27.57 -40.73
C TYR C 296 -50.59 -26.31 -41.57
N GLY C 297 -50.02 -26.37 -42.76
CA GLY C 297 -50.07 -25.26 -43.71
C GLY C 297 -49.31 -24.01 -43.30
N VAL C 298 -48.14 -24.22 -42.68
CA VAL C 298 -47.22 -23.12 -42.34
C VAL C 298 -46.09 -23.13 -43.34
N PRO C 299 -45.84 -21.99 -44.00
CA PRO C 299 -44.82 -21.93 -45.06
C PRO C 299 -43.40 -21.85 -44.48
N VAL C 300 -42.94 -22.94 -43.87
CA VAL C 300 -41.57 -23.01 -43.35
C VAL C 300 -40.62 -23.50 -44.44
N THR C 301 -40.38 -22.64 -45.42
CA THR C 301 -39.73 -23.04 -46.66
C THR C 301 -38.27 -23.40 -46.51
N LEU C 302 -37.58 -22.69 -45.61
CA LEU C 302 -36.15 -22.93 -45.39
C LEU C 302 -35.83 -24.34 -44.91
N ILE C 303 -36.58 -24.83 -43.93
CA ILE C 303 -36.36 -26.19 -43.41
C ILE C 303 -36.57 -27.23 -44.50
N GLY C 304 -37.63 -27.03 -45.29
CA GLY C 304 -37.87 -27.90 -46.43
C GLY C 304 -36.68 -27.98 -47.37
N GLU C 305 -36.13 -26.83 -47.77
CA GLU C 305 -34.98 -26.80 -48.67
C GLU C 305 -33.78 -27.44 -48.01
N ALA C 306 -33.60 -27.16 -46.73
CA ALA C 306 -32.46 -27.67 -45.98
C ALA C 306 -32.48 -29.21 -46.01
N VAL C 307 -33.65 -29.78 -45.74
CA VAL C 307 -33.77 -31.22 -45.66
C VAL C 307 -33.53 -31.84 -47.02
N PHE C 308 -34.17 -31.28 -48.05
CA PHE C 308 -33.97 -31.79 -49.41
C PHE C 308 -32.51 -31.64 -49.85
N ALA C 309 -31.86 -30.57 -49.41
CA ALA C 309 -30.44 -30.37 -49.74
C ALA C 309 -29.62 -31.56 -49.23
N ARG C 310 -29.91 -31.99 -48.01
CA ARG C 310 -29.19 -33.17 -47.50
C ARG C 310 -29.47 -34.39 -48.36
N CYS C 311 -30.74 -34.60 -48.71
CA CYS C 311 -31.11 -35.70 -49.59
C CYS C 311 -30.36 -35.67 -50.93
N LEU C 312 -30.35 -34.50 -51.56
CA LEU C 312 -29.59 -34.30 -52.78
C LEU C 312 -28.09 -34.62 -52.64
N SER C 313 -27.48 -34.24 -51.51
CA SER C 313 -26.06 -34.51 -51.30
C SER C 313 -25.80 -36.02 -51.22
N SER C 314 -26.80 -36.76 -50.73
CA SER C 314 -26.72 -38.22 -50.58
C SER C 314 -26.62 -38.93 -51.93
N LEU C 315 -27.15 -38.29 -52.96
CA LEU C 315 -27.10 -38.80 -54.31
C LEU C 315 -25.71 -38.59 -54.91
N LYS C 316 -24.69 -38.77 -54.09
CA LYS C 316 -23.31 -38.49 -54.48
C LYS C 316 -22.92 -39.17 -55.78
N ASP C 317 -23.20 -40.47 -55.90
CA ASP C 317 -22.87 -41.22 -57.10
C ASP C 317 -23.56 -40.68 -58.34
N GLU C 318 -24.85 -40.37 -58.22
CA GLU C 318 -25.58 -39.75 -59.32
C GLU C 318 -24.97 -38.41 -59.68
N ARG C 319 -24.51 -37.66 -58.68
CA ARG C 319 -24.01 -36.32 -58.92
C ARG C 319 -22.71 -36.37 -59.68
N ILE C 320 -21.90 -37.39 -59.38
CA ILE C 320 -20.67 -37.60 -60.12
C ILE C 320 -21.00 -37.87 -61.55
N GLN C 321 -21.93 -38.78 -61.76
CA GLN C 321 -22.44 -39.10 -63.08
C GLN C 321 -22.95 -37.85 -63.81
N ALA C 322 -23.84 -37.11 -63.14
CA ALA C 322 -24.47 -35.96 -63.78
C ALA C 322 -23.47 -34.84 -64.11
N SER C 323 -22.42 -34.74 -63.32
CA SER C 323 -21.43 -33.67 -63.49
C SER C 323 -20.72 -33.82 -64.83
N LYS C 324 -20.74 -35.02 -65.37
CA LYS C 324 -20.08 -35.27 -66.65
C LYS C 324 -20.92 -34.82 -67.84
N LYS C 325 -22.24 -34.75 -67.67
CA LYS C 325 -23.11 -34.49 -68.80
C LYS C 325 -23.79 -33.12 -68.74
N LEU C 326 -24.07 -32.65 -67.52
CA LEU C 326 -24.78 -31.39 -67.35
C LEU C 326 -23.81 -30.22 -67.11
N LYS C 327 -23.82 -29.27 -68.03
CA LYS C 327 -22.88 -28.15 -67.97
C LYS C 327 -23.52 -27.00 -67.22
N GLY C 328 -22.68 -26.18 -66.58
CA GLY C 328 -23.15 -25.00 -65.90
C GLY C 328 -23.03 -23.78 -66.78
N PRO C 329 -23.06 -22.59 -66.15
CA PRO C 329 -22.83 -21.37 -66.90
C PRO C 329 -21.45 -21.49 -67.51
N GLN C 330 -21.36 -21.35 -68.83
CA GLN C 330 -20.10 -21.60 -69.51
C GLN C 330 -19.11 -20.46 -69.27
N LYS C 331 -19.57 -19.22 -69.42
CA LYS C 331 -18.66 -18.09 -69.42
C LYS C 331 -18.85 -17.12 -68.26
N PHE C 332 -18.62 -17.59 -67.03
CA PHE C 332 -18.68 -16.70 -65.89
C PHE C 332 -17.33 -16.43 -65.24
N GLN C 333 -17.02 -15.15 -65.08
CA GLN C 333 -15.84 -14.71 -64.33
C GLN C 333 -16.26 -13.56 -63.43
N PHE C 334 -15.96 -13.67 -62.14
CA PHE C 334 -16.27 -12.58 -61.21
C PHE C 334 -15.35 -11.38 -61.46
N ASP C 335 -15.94 -10.26 -61.88
CA ASP C 335 -15.16 -9.07 -62.15
C ASP C 335 -15.66 -7.92 -61.30
N GLY C 336 -15.46 -8.04 -59.99
CA GLY C 336 -15.90 -7.01 -59.06
C GLY C 336 -14.99 -6.93 -57.85
N ASP C 337 -15.34 -6.07 -56.90
CA ASP C 337 -14.54 -5.90 -55.69
C ASP C 337 -14.79 -7.04 -54.68
N LYS C 338 -13.80 -7.89 -54.47
CA LYS C 338 -13.93 -9.04 -53.57
C LYS C 338 -14.35 -8.68 -52.13
N LYS C 339 -13.76 -7.63 -51.58
CA LYS C 339 -14.07 -7.22 -50.22
C LYS C 339 -15.54 -6.85 -50.11
N SER C 340 -16.00 -6.07 -51.07
CA SER C 340 -17.38 -5.61 -51.07
C SER C 340 -18.35 -6.78 -51.17
N PHE C 341 -18.04 -7.74 -52.04
CA PHE C 341 -18.91 -8.89 -52.21
C PHE C 341 -18.88 -9.82 -50.99
N LEU C 342 -17.75 -9.88 -50.30
CA LEU C 342 -17.66 -10.68 -49.09
C LEU C 342 -18.66 -10.13 -48.08
N GLU C 343 -18.70 -8.80 -48.00
CA GLU C 343 -19.63 -8.13 -47.09
C GLU C 343 -21.07 -8.44 -47.50
N ASP C 344 -21.30 -8.45 -48.80
CA ASP C 344 -22.62 -8.83 -49.32
C ASP C 344 -23.03 -10.21 -48.82
N ILE C 345 -22.11 -11.16 -48.93
CA ILE C 345 -22.38 -12.52 -48.48
C ILE C 345 -22.75 -12.51 -46.99
N ARG C 346 -22.03 -11.71 -46.21
CA ARG C 346 -22.29 -11.59 -44.77
C ARG C 346 -23.72 -11.12 -44.51
N LYS C 347 -24.09 -10.04 -45.19
CA LYS C 347 -25.41 -9.45 -45.03
C LYS C 347 -26.52 -10.40 -45.52
N ALA C 348 -26.26 -11.07 -46.63
CA ALA C 348 -27.22 -12.04 -47.15
C ALA C 348 -27.43 -13.16 -46.13
N LEU C 349 -26.32 -13.61 -45.52
CA LEU C 349 -26.39 -14.66 -44.52
C LEU C 349 -27.22 -14.21 -43.31
N TYR C 350 -26.98 -12.99 -42.86
CA TYR C 350 -27.71 -12.44 -41.72
C TYR C 350 -29.21 -12.37 -41.98
N ALA C 351 -29.60 -11.84 -43.14
CA ALA C 351 -31.02 -11.74 -43.48
C ALA C 351 -31.68 -13.12 -43.54
N SER C 352 -31.03 -14.03 -44.22
CA SER C 352 -31.57 -15.36 -44.38
C SER C 352 -31.68 -16.05 -43.02
N LYS C 353 -30.67 -15.86 -42.17
CA LYS C 353 -30.68 -16.40 -40.82
C LYS C 353 -31.93 -15.90 -40.10
N ILE C 354 -32.22 -14.61 -40.27
CA ILE C 354 -33.40 -14.02 -39.66
C ILE C 354 -34.68 -14.72 -40.14
N ILE C 355 -34.84 -14.88 -41.45
CA ILE C 355 -35.94 -15.65 -42.02
C ILE C 355 -36.08 -17.02 -41.35
N SER C 356 -34.97 -17.74 -41.26
CA SER C 356 -34.95 -19.06 -40.65
C SER C 356 -35.64 -19.05 -39.27
N TYR C 357 -35.23 -18.12 -38.41
CA TYR C 357 -35.85 -17.99 -37.09
C TYR C 357 -37.30 -17.55 -37.14
N ALA C 358 -37.62 -16.63 -38.03
CA ALA C 358 -38.98 -16.15 -38.16
C ALA C 358 -39.93 -17.30 -38.51
N GLN C 359 -39.48 -18.17 -39.42
CA GLN C 359 -40.28 -19.31 -39.83
C GLN C 359 -40.48 -20.26 -38.66
N GLY C 360 -39.39 -20.55 -37.96
CA GLY C 360 -39.42 -21.36 -36.77
C GLY C 360 -40.49 -20.91 -35.77
N PHE C 361 -40.57 -19.62 -35.52
CA PHE C 361 -41.54 -19.12 -34.56
C PHE C 361 -42.97 -19.09 -35.09
N MET C 362 -43.11 -19.03 -36.42
CA MET C 362 -44.41 -19.17 -37.05
C MET C 362 -44.96 -20.56 -36.75
N LEU C 363 -44.07 -21.54 -36.81
CA LEU C 363 -44.44 -22.93 -36.57
C LEU C 363 -44.79 -23.15 -35.10
N LEU C 364 -44.04 -22.51 -34.20
CA LEU C 364 -44.37 -22.58 -32.76
C LEU C 364 -45.75 -22.01 -32.48
N ARG C 365 -45.99 -20.81 -32.99
CA ARG C 365 -47.28 -20.15 -32.86
C ARG C 365 -48.40 -21.08 -33.35
N GLN C 366 -48.18 -21.73 -34.50
CA GLN C 366 -49.18 -22.62 -35.06
C GLN C 366 -49.47 -23.80 -34.14
N ALA C 367 -48.41 -24.34 -33.54
CA ALA C 367 -48.53 -25.46 -32.62
C ALA C 367 -49.40 -25.09 -31.42
N ALA C 368 -49.12 -23.93 -30.84
CA ALA C 368 -49.91 -23.45 -29.71
C ALA C 368 -51.39 -23.47 -30.08
N THR C 369 -51.68 -23.02 -31.29
CA THR C 369 -53.03 -22.93 -31.79
C THR C 369 -53.62 -24.34 -31.95
N GLU C 370 -52.88 -25.18 -32.66
CA GLU C 370 -53.29 -26.55 -32.92
C GLU C 370 -53.58 -27.36 -31.64
N PHE C 371 -52.73 -27.21 -30.64
CA PHE C 371 -52.74 -28.15 -29.51
C PHE C 371 -53.13 -27.49 -28.19
N GLY C 372 -53.25 -26.17 -28.19
CA GLY C 372 -53.65 -25.46 -27.00
C GLY C 372 -52.53 -25.24 -26.01
N TRP C 373 -51.30 -25.57 -26.41
CA TRP C 373 -50.15 -25.29 -25.55
C TRP C 373 -49.99 -23.80 -25.34
N THR C 374 -49.74 -23.42 -24.09
CA THR C 374 -49.47 -22.03 -23.74
C THR C 374 -47.97 -21.80 -23.80
N LEU C 375 -47.46 -21.60 -25.00
CA LEU C 375 -46.03 -21.46 -25.21
C LEU C 375 -45.58 -20.02 -24.93
N ASN C 376 -44.44 -19.92 -24.27
CA ASN C 376 -43.84 -18.62 -23.97
C ASN C 376 -42.71 -18.40 -24.98
N TYR C 377 -43.02 -17.70 -26.07
CA TYR C 377 -42.06 -17.53 -27.15
C TYR C 377 -40.77 -16.82 -26.69
N GLY C 378 -40.93 -15.73 -25.95
CA GLY C 378 -39.78 -15.03 -25.40
C GLY C 378 -38.95 -15.94 -24.52
N GLY C 379 -39.63 -16.73 -23.69
CA GLY C 379 -38.98 -17.68 -22.81
C GLY C 379 -38.20 -18.74 -23.56
N ILE C 380 -38.78 -19.23 -24.64
CA ILE C 380 -38.10 -20.21 -25.46
C ILE C 380 -36.82 -19.60 -26.03
N ALA C 381 -36.92 -18.38 -26.54
CA ALA C 381 -35.74 -17.64 -27.03
C ALA C 381 -34.64 -17.60 -25.97
N LEU C 382 -35.03 -17.29 -24.73
CA LEU C 382 -34.07 -17.21 -23.64
C LEU C 382 -33.40 -18.54 -23.33
N MET C 383 -34.17 -19.64 -23.42
CA MET C 383 -33.61 -20.97 -23.18
C MET C 383 -32.51 -21.34 -24.17
N TRP C 384 -32.50 -20.66 -25.32
CA TRP C 384 -31.53 -20.96 -26.37
C TRP C 384 -30.24 -20.15 -26.30
N ARG C 385 -30.10 -19.31 -25.28
CA ARG C 385 -28.94 -18.43 -25.17
C ARG C 385 -27.64 -19.12 -24.79
N GLY C 386 -27.75 -20.33 -24.24
CA GLY C 386 -26.55 -21.07 -23.88
C GLY C 386 -26.66 -22.56 -24.11
N GLY C 387 -25.52 -23.23 -24.20
CA GLY C 387 -25.50 -24.68 -24.35
C GLY C 387 -26.43 -25.14 -25.46
N CYS C 388 -26.49 -24.35 -26.52
CA CYS C 388 -27.51 -24.50 -27.55
C CYS C 388 -26.92 -24.30 -28.93
N ILE C 389 -27.26 -25.16 -29.86
CA ILE C 389 -26.66 -25.08 -31.20
C ILE C 389 -27.11 -23.83 -31.94
N ILE C 390 -28.31 -23.36 -31.65
CA ILE C 390 -28.81 -22.17 -32.32
C ILE C 390 -28.71 -20.91 -31.45
N ARG C 391 -27.77 -20.92 -30.51
CA ARG C 391 -27.46 -19.71 -29.76
C ARG C 391 -27.07 -18.58 -30.71
N SER C 392 -27.78 -17.47 -30.61
CA SER C 392 -27.49 -16.32 -31.44
C SER C 392 -27.60 -15.07 -30.58
N VAL C 393 -26.83 -14.06 -30.94
CA VAL C 393 -26.81 -12.84 -30.14
C VAL C 393 -28.19 -12.14 -30.11
N PHE C 394 -29.06 -12.46 -31.07
CA PHE C 394 -30.35 -11.76 -31.12
C PHE C 394 -31.53 -12.47 -30.43
N LEU C 395 -31.29 -13.62 -29.80
CA LEU C 395 -32.36 -14.31 -29.08
C LEU C 395 -33.05 -13.38 -28.09
N GLY C 396 -32.26 -12.51 -27.47
CA GLY C 396 -32.79 -11.49 -26.58
C GLY C 396 -33.73 -10.53 -27.28
N LYS C 397 -33.41 -10.21 -28.54
CA LYS C 397 -34.27 -9.32 -29.33
C LYS C 397 -35.60 -9.96 -29.59
N ILE C 398 -35.59 -11.28 -29.83
CA ILE C 398 -36.81 -12.05 -30.02
C ILE C 398 -37.71 -11.94 -28.80
N LYS C 399 -37.11 -12.13 -27.63
CA LYS C 399 -37.81 -12.00 -26.36
C LYS C 399 -38.42 -10.60 -26.25
N ASP C 400 -37.61 -9.59 -26.58
CA ASP C 400 -38.08 -8.20 -26.51
C ASP C 400 -39.28 -7.93 -27.41
N ALA C 401 -39.20 -8.44 -28.65
CA ALA C 401 -40.29 -8.36 -29.61
C ALA C 401 -41.62 -8.88 -29.02
N PHE C 402 -41.59 -10.08 -28.46
CA PHE C 402 -42.80 -10.67 -27.89
C PHE C 402 -43.22 -9.99 -26.59
N ASP C 403 -42.26 -9.38 -25.92
CA ASP C 403 -42.59 -8.57 -24.75
C ASP C 403 -43.40 -7.35 -25.16
N ARG C 404 -42.95 -6.65 -26.19
CA ARG C 404 -43.63 -5.44 -26.66
C ARG C 404 -45.00 -5.79 -27.25
N ASN C 405 -45.13 -7.00 -27.78
CA ASN C 405 -46.34 -7.40 -28.48
C ASN C 405 -46.50 -8.92 -28.45
N PRO C 406 -47.12 -9.44 -27.38
CA PRO C 406 -47.27 -10.89 -27.17
C PRO C 406 -48.00 -11.55 -28.31
N GLU C 407 -48.76 -10.75 -29.05
CA GLU C 407 -49.55 -11.25 -30.15
C GLU C 407 -48.81 -11.12 -31.47
N LEU C 408 -47.51 -10.77 -31.38
CA LEU C 408 -46.64 -10.60 -32.54
C LEU C 408 -46.83 -11.78 -33.50
N GLN C 409 -47.27 -11.47 -34.71
CA GLN C 409 -47.61 -12.53 -35.66
C GLN C 409 -46.40 -13.00 -36.46
N ASN C 410 -45.37 -12.16 -36.53
CA ASN C 410 -44.16 -12.54 -37.23
C ASN C 410 -42.98 -11.69 -36.80
N LEU C 411 -41.83 -12.32 -36.63
CA LEU C 411 -40.61 -11.63 -36.23
C LEU C 411 -40.27 -10.49 -37.15
N LEU C 412 -40.61 -10.61 -38.42
CA LEU C 412 -40.25 -9.60 -39.40
C LEU C 412 -40.95 -8.29 -39.12
N LEU C 413 -42.07 -8.36 -38.40
CA LEU C 413 -42.83 -7.15 -38.08
C LEU C 413 -42.24 -6.38 -36.91
N ASP C 414 -41.35 -7.02 -36.14
CA ASP C 414 -40.65 -6.31 -35.09
C ASP C 414 -39.58 -5.38 -35.67
N ASP C 415 -39.40 -4.22 -35.05
CA ASP C 415 -38.50 -3.20 -35.57
C ASP C 415 -37.07 -3.67 -35.75
N PHE C 416 -36.51 -4.32 -34.74
CA PHE C 416 -35.15 -4.82 -34.81
C PHE C 416 -34.91 -5.69 -36.06
N PHE C 417 -35.82 -6.63 -36.30
CA PHE C 417 -35.67 -7.57 -37.43
C PHE C 417 -36.05 -6.95 -38.77
N LYS C 418 -37.07 -6.10 -38.78
CA LYS C 418 -37.46 -5.34 -39.95
C LYS C 418 -36.26 -4.52 -40.44
N SER C 419 -35.63 -3.81 -39.52
CA SER C 419 -34.52 -2.93 -39.84
C SER C 419 -33.32 -3.69 -40.35
N ALA C 420 -33.02 -4.80 -39.69
CA ALA C 420 -31.90 -5.66 -40.08
C ALA C 420 -32.05 -6.10 -41.51
N VAL C 421 -33.22 -6.65 -41.84
CA VAL C 421 -33.44 -7.18 -43.17
C VAL C 421 -33.46 -6.05 -44.19
N GLU C 422 -34.00 -4.91 -43.79
CA GLU C 422 -34.02 -3.77 -44.69
C GLU C 422 -32.59 -3.37 -45.07
N ASN C 423 -31.70 -3.37 -44.08
CA ASN C 423 -30.31 -2.99 -44.32
C ASN C 423 -29.51 -4.03 -45.08
N CYS C 424 -29.97 -5.28 -45.07
CA CYS C 424 -29.23 -6.34 -45.76
C CYS C 424 -29.77 -6.58 -47.15
N GLN C 425 -30.94 -6.03 -47.43
CA GLN C 425 -31.68 -6.40 -48.63
C GLN C 425 -30.88 -6.25 -49.93
N ASP C 426 -30.23 -5.11 -50.13
CA ASP C 426 -29.49 -4.89 -51.37
C ASP C 426 -28.33 -5.89 -51.50
N SER C 427 -27.59 -6.12 -50.43
CA SER C 427 -26.49 -7.08 -50.43
C SER C 427 -27.04 -8.49 -50.70
N TRP C 428 -28.15 -8.79 -50.04
CA TRP C 428 -28.84 -10.07 -50.20
C TRP C 428 -29.08 -10.38 -51.68
N ARG C 429 -29.71 -9.43 -52.38
CA ARG C 429 -30.09 -9.61 -53.77
C ARG C 429 -28.87 -9.69 -54.66
N ARG C 430 -27.85 -8.92 -54.30
CA ARG C 430 -26.60 -8.92 -55.04
C ARG C 430 -25.94 -10.31 -54.94
N ALA C 431 -25.91 -10.85 -53.73
CA ALA C 431 -25.26 -12.14 -53.51
C ALA C 431 -25.99 -13.24 -54.27
N VAL C 432 -27.32 -13.24 -54.20
CA VAL C 432 -28.10 -14.27 -54.85
C VAL C 432 -27.98 -14.16 -56.37
N SER C 433 -28.11 -12.94 -56.89
CA SER C 433 -27.99 -12.73 -58.35
C SER C 433 -26.66 -13.22 -58.86
N THR C 434 -25.59 -12.91 -58.13
CA THR C 434 -24.27 -13.32 -58.56
C THR C 434 -24.14 -14.84 -58.46
N GLY C 435 -24.66 -15.41 -57.38
CA GLY C 435 -24.63 -16.85 -57.18
C GLY C 435 -25.29 -17.55 -58.35
N VAL C 436 -26.44 -17.02 -58.76
CA VAL C 436 -27.21 -17.59 -59.85
C VAL C 436 -26.40 -17.54 -61.15
N GLN C 437 -25.74 -16.41 -61.38
CA GLN C 437 -24.92 -16.24 -62.57
C GLN C 437 -23.75 -17.21 -62.59
N ALA C 438 -23.20 -17.43 -61.41
CA ALA C 438 -22.03 -18.29 -61.23
C ALA C 438 -22.41 -19.78 -61.30
N GLY C 439 -23.69 -20.06 -61.11
CA GLY C 439 -24.14 -21.44 -61.14
C GLY C 439 -24.01 -22.14 -59.79
N ILE C 440 -23.96 -21.35 -58.72
CA ILE C 440 -23.84 -21.92 -57.39
C ILE C 440 -25.19 -22.21 -56.75
N PRO C 441 -25.40 -23.48 -56.35
CA PRO C 441 -26.67 -23.89 -55.73
C PRO C 441 -26.90 -23.15 -54.43
N MET C 442 -28.02 -22.42 -54.36
CA MET C 442 -28.38 -21.69 -53.16
C MET C 442 -29.84 -21.92 -52.77
N PRO C 443 -30.20 -23.18 -52.49
CA PRO C 443 -31.58 -23.55 -52.17
C PRO C 443 -32.16 -22.71 -51.03
N CYS C 444 -31.36 -22.51 -50.00
CA CYS C 444 -31.82 -21.80 -48.83
C CYS C 444 -31.77 -20.28 -48.95
N PHE C 445 -30.70 -19.72 -49.53
CA PHE C 445 -30.66 -18.27 -49.74
C PHE C 445 -31.86 -17.83 -50.58
N THR C 446 -32.12 -18.56 -51.66
CA THR C 446 -33.19 -18.16 -52.58
C THR C 446 -34.57 -18.39 -52.01
N THR C 447 -34.75 -19.47 -51.27
CA THR C 447 -36.06 -19.72 -50.67
C THR C 447 -36.36 -18.66 -49.64
N ALA C 448 -35.34 -18.24 -48.91
CA ALA C 448 -35.49 -17.23 -47.88
C ALA C 448 -35.88 -15.89 -48.51
N LEU C 449 -35.22 -15.56 -49.62
CA LEU C 449 -35.52 -14.32 -50.31
C LEU C 449 -36.89 -14.37 -50.95
N SER C 450 -37.20 -15.49 -51.60
CA SER C 450 -38.52 -15.69 -52.19
C SER C 450 -39.62 -15.51 -51.15
N PHE C 451 -39.38 -16.05 -49.97
CA PHE C 451 -40.31 -15.93 -48.87
C PHE C 451 -40.50 -14.47 -48.42
N TYR C 452 -39.38 -13.77 -48.23
CA TYR C 452 -39.45 -12.36 -47.91
C TYR C 452 -40.27 -11.56 -48.94
N ASP C 453 -39.95 -11.76 -50.21
CA ASP C 453 -40.64 -11.06 -51.30
C ASP C 453 -42.12 -11.47 -51.39
N GLY C 454 -42.42 -12.72 -51.08
CA GLY C 454 -43.79 -13.20 -51.08
C GLY C 454 -44.60 -12.61 -49.93
N TYR C 455 -44.03 -12.73 -48.73
CA TYR C 455 -44.68 -12.26 -47.51
C TYR C 455 -45.00 -10.76 -47.50
N ARG C 456 -44.14 -9.95 -48.11
CA ARG C 456 -44.29 -8.49 -48.09
C ARG C 456 -45.25 -7.97 -49.17
N HIS C 457 -45.65 -8.85 -50.06
CA HIS C 457 -46.60 -8.50 -51.11
C HIS C 457 -48.05 -8.60 -50.66
N GLU C 458 -48.79 -7.51 -50.74
CA GLU C 458 -50.20 -7.59 -50.44
C GLU C 458 -50.96 -8.36 -51.55
N MET C 459 -50.51 -8.24 -52.80
CA MET C 459 -51.11 -9.02 -53.88
C MET C 459 -50.13 -10.04 -54.44
N LEU C 460 -50.59 -11.28 -54.53
CA LEU C 460 -49.80 -12.38 -55.08
C LEU C 460 -50.57 -13.02 -56.24
N PRO C 461 -49.86 -13.68 -57.17
CA PRO C 461 -50.52 -14.26 -58.35
C PRO C 461 -51.35 -15.52 -58.02
N ALA C 462 -51.49 -15.82 -56.73
CA ALA C 462 -52.28 -16.97 -56.27
C ALA C 462 -53.71 -16.91 -56.79
N SER C 463 -54.19 -15.70 -57.08
CA SER C 463 -55.52 -15.53 -57.64
C SER C 463 -55.65 -16.29 -58.97
N LEU C 464 -54.55 -16.35 -59.73
CA LEU C 464 -54.52 -17.12 -60.99
C LEU C 464 -54.66 -18.61 -60.71
N ILE C 465 -54.02 -19.08 -59.65
CA ILE C 465 -54.18 -20.45 -59.23
C ILE C 465 -55.64 -20.76 -58.92
N GLN C 466 -56.30 -19.85 -58.17
CA GLN C 466 -57.72 -20.00 -57.87
C GLN C 466 -58.54 -20.05 -59.15
N ALA C 467 -58.20 -19.19 -60.10
CA ALA C 467 -58.90 -19.13 -61.37
C ALA C 467 -58.75 -20.42 -62.16
N GLN C 468 -57.52 -20.91 -62.25
CA GLN C 468 -57.24 -22.15 -62.97
C GLN C 468 -58.00 -23.32 -62.33
N ARG C 469 -57.94 -23.39 -61.00
CA ARG C 469 -58.60 -24.45 -60.25
C ARG C 469 -60.10 -24.47 -60.56
N ASP C 470 -60.70 -23.29 -60.58
CA ASP C 470 -62.13 -23.17 -60.87
C ASP C 470 -62.41 -23.52 -62.31
N TYR C 471 -61.46 -23.18 -63.16
CA TYR C 471 -61.60 -23.39 -64.59
C TYR C 471 -61.61 -24.88 -64.94
N PHE C 472 -60.64 -25.64 -64.43
CA PHE C 472 -60.55 -27.05 -64.82
C PHE C 472 -61.29 -28.01 -63.85
N GLY C 473 -61.38 -27.63 -62.58
CA GLY C 473 -61.94 -28.52 -61.58
C GLY C 473 -63.16 -28.00 -60.84
N ALA C 474 -63.60 -26.80 -61.23
CA ALA C 474 -64.78 -26.17 -60.63
C ALA C 474 -64.67 -26.07 -59.11
N HIS C 475 -63.47 -25.74 -58.61
CA HIS C 475 -63.25 -25.73 -57.16
C HIS C 475 -63.81 -24.48 -56.48
N THR C 476 -64.24 -23.52 -57.30
CA THR C 476 -64.84 -22.25 -56.86
C THR C 476 -63.79 -21.31 -56.26
N TYR C 477 -64.13 -20.02 -56.20
CA TYR C 477 -63.20 -19.02 -55.72
C TYR C 477 -63.97 -17.91 -55.02
N GLU C 478 -63.25 -16.98 -54.39
CA GLU C 478 -63.87 -15.80 -53.75
C GLU C 478 -63.44 -14.54 -54.46
N LEU C 479 -64.28 -13.52 -54.38
CA LEU C 479 -63.90 -12.19 -54.83
C LEU C 479 -63.20 -11.46 -53.69
N LEU C 480 -62.22 -10.63 -54.05
CA LEU C 480 -61.62 -9.71 -53.10
C LEU C 480 -62.69 -8.96 -52.31
N ALA C 481 -63.67 -8.41 -53.01
CA ALA C 481 -64.64 -7.53 -52.39
C ALA C 481 -65.67 -8.24 -51.48
N LYS C 482 -65.69 -9.57 -51.50
CA LYS C 482 -66.67 -10.32 -50.73
C LYS C 482 -66.11 -11.66 -50.27
N PRO C 483 -65.08 -11.65 -49.42
CA PRO C 483 -64.46 -12.89 -48.94
C PRO C 483 -65.49 -13.78 -48.26
N GLY C 484 -65.35 -15.09 -48.38
CA GLY C 484 -66.23 -16.01 -47.67
C GLY C 484 -67.34 -16.58 -48.52
N GLN C 485 -67.66 -15.88 -49.59
CA GLN C 485 -68.70 -16.33 -50.51
C GLN C 485 -68.05 -16.90 -51.75
N PHE C 486 -68.25 -18.20 -51.95
CA PHE C 486 -67.59 -18.87 -53.06
C PHE C 486 -68.43 -18.96 -54.34
N ILE C 487 -67.74 -18.77 -55.46
CA ILE C 487 -68.37 -18.69 -56.76
C ILE C 487 -67.77 -19.70 -57.72
N HIS C 488 -68.60 -20.25 -58.61
CA HIS C 488 -68.05 -20.96 -59.76
C HIS C 488 -68.44 -20.27 -61.05
N THR C 489 -67.47 -20.11 -61.94
CA THR C 489 -67.69 -19.41 -63.20
C THR C 489 -67.62 -20.39 -64.34
N ASN C 490 -68.48 -20.16 -65.34
CA ASN C 490 -68.47 -20.95 -66.56
C ASN C 490 -67.42 -20.43 -67.53
N TRP C 491 -66.15 -20.63 -67.18
CA TRP C 491 -65.04 -20.06 -67.93
C TRP C 491 -65.07 -20.38 -69.44
N THR C 492 -65.32 -21.64 -69.79
CA THR C 492 -65.29 -22.07 -71.19
C THR C 492 -66.54 -21.63 -71.94
N GLY C 493 -67.63 -21.41 -71.21
CA GLY C 493 -68.90 -21.04 -71.80
C GLY C 493 -69.70 -22.26 -72.22
N HIS C 494 -69.14 -23.46 -72.00
CA HIS C 494 -69.79 -24.71 -72.37
C HIS C 494 -69.88 -25.70 -71.20
N GLY C 495 -69.46 -25.26 -70.03
CA GLY C 495 -69.49 -26.12 -68.87
C GLY C 495 -70.88 -26.27 -68.26
N GLY C 496 -70.95 -27.12 -67.22
CA GLY C 496 -72.17 -27.30 -66.46
C GLY C 496 -72.28 -26.31 -65.30
N THR C 497 -73.29 -26.52 -64.47
CA THR C 497 -73.56 -25.65 -63.35
C THR C 497 -73.08 -26.32 -62.07
N VAL C 498 -73.09 -27.65 -62.07
CA VAL C 498 -72.65 -28.45 -60.93
C VAL C 498 -71.15 -28.33 -60.74
N SER C 499 -70.74 -27.77 -59.62
CA SER C 499 -69.32 -27.60 -59.36
C SER C 499 -68.85 -28.60 -58.30
N SER C 500 -67.59 -28.48 -57.90
CA SER C 500 -67.12 -29.20 -56.72
C SER C 500 -67.49 -28.36 -55.51
N SER C 501 -67.33 -28.93 -54.33
CA SER C 501 -67.54 -28.15 -53.13
C SER C 501 -66.26 -27.42 -52.78
N SER C 502 -66.37 -26.35 -51.99
CA SER C 502 -65.15 -25.66 -51.57
C SER C 502 -64.74 -26.11 -50.19
N TYR C 503 -63.60 -26.76 -50.14
CA TYR C 503 -63.04 -27.22 -48.88
C TYR C 503 -61.55 -27.43 -49.04
N ASN C 504 -60.85 -27.40 -47.91
CA ASN C 504 -59.41 -27.62 -47.91
C ASN C 504 -59.09 -28.89 -47.17
N ALA C 505 -57.92 -29.45 -47.47
CA ALA C 505 -57.52 -30.72 -46.90
C ALA C 505 -56.02 -30.92 -47.05
N ALA D 24 -81.18 -56.89 -63.35
CA ALA D 24 -79.81 -56.84 -63.86
C ALA D 24 -79.72 -56.19 -65.23
N GLN D 25 -80.12 -54.92 -65.30
CA GLN D 25 -80.10 -54.20 -66.57
C GLN D 25 -78.90 -53.27 -66.73
N ALA D 26 -78.43 -52.70 -65.63
CA ALA D 26 -77.33 -51.72 -65.69
C ALA D 26 -75.96 -52.37 -65.77
N ASP D 27 -75.08 -51.74 -66.54
CA ASP D 27 -73.71 -52.22 -66.77
C ASP D 27 -72.83 -51.85 -65.60
N ILE D 28 -73.16 -50.75 -64.94
CA ILE D 28 -72.31 -50.21 -63.91
C ILE D 28 -73.07 -49.18 -63.10
N ALA D 29 -72.59 -48.95 -61.88
CA ALA D 29 -73.18 -47.96 -60.97
C ALA D 29 -72.13 -46.91 -60.63
N LEU D 30 -72.60 -45.71 -60.35
CA LEU D 30 -71.70 -44.67 -59.87
C LEU D 30 -72.39 -43.93 -58.74
N ILE D 31 -71.65 -43.72 -57.66
CA ILE D 31 -72.13 -43.03 -56.47
C ILE D 31 -71.41 -41.71 -56.33
N GLY D 32 -72.17 -40.62 -56.22
CA GLY D 32 -71.60 -39.29 -56.15
C GLY D 32 -72.04 -38.42 -57.31
N LEU D 33 -72.87 -37.43 -57.05
CA LEU D 33 -73.43 -36.60 -58.11
C LEU D 33 -73.00 -35.14 -58.04
N ALA D 34 -71.75 -34.92 -57.65
CA ALA D 34 -71.10 -33.62 -57.82
C ALA D 34 -70.56 -33.52 -59.25
N VAL D 35 -69.66 -32.57 -59.51
CA VAL D 35 -69.15 -32.34 -60.87
C VAL D 35 -68.58 -33.61 -61.54
N MET D 36 -67.65 -34.28 -60.88
CA MET D 36 -67.04 -35.46 -61.48
C MET D 36 -68.02 -36.60 -61.77
N GLY D 37 -68.83 -36.96 -60.77
CA GLY D 37 -69.74 -38.06 -60.91
C GLY D 37 -70.73 -37.87 -62.04
N GLN D 38 -71.42 -36.73 -62.04
CA GLN D 38 -72.40 -36.44 -63.09
C GLN D 38 -71.78 -36.55 -64.47
N ASN D 39 -70.65 -35.88 -64.65
CA ASN D 39 -69.99 -35.88 -65.94
C ASN D 39 -69.46 -37.23 -66.40
N LEU D 40 -68.90 -38.00 -65.48
CA LEU D 40 -68.39 -39.31 -65.81
C LEU D 40 -69.54 -40.25 -66.18
N ILE D 41 -70.67 -40.08 -65.52
CA ILE D 41 -71.84 -40.90 -65.85
C ILE D 41 -72.30 -40.62 -67.27
N LEU D 42 -72.41 -39.36 -67.63
CA LEU D 42 -72.79 -38.96 -68.97
C LEU D 42 -71.78 -39.46 -70.01
N ASN D 43 -70.51 -39.45 -69.65
CA ASN D 43 -69.50 -39.99 -70.55
C ASN D 43 -69.78 -41.46 -70.85
N MET D 44 -69.97 -42.26 -69.81
CA MET D 44 -70.24 -43.68 -69.97
C MET D 44 -71.52 -43.92 -70.74
N ASN D 45 -72.53 -43.12 -70.45
CA ASN D 45 -73.78 -43.18 -71.15
C ASN D 45 -73.57 -42.98 -72.66
N ASP D 46 -72.79 -41.97 -73.02
CA ASP D 46 -72.52 -41.68 -74.43
C ASP D 46 -71.81 -42.82 -75.13
N HIS D 47 -71.12 -43.67 -74.38
CA HIS D 47 -70.39 -44.78 -74.96
C HIS D 47 -71.24 -46.03 -74.97
N GLY D 48 -72.52 -45.87 -74.64
CA GLY D 48 -73.48 -46.97 -74.73
C GLY D 48 -73.69 -47.81 -73.49
N PHE D 49 -73.03 -47.49 -72.38
CA PHE D 49 -73.23 -48.26 -71.15
C PHE D 49 -74.40 -47.72 -70.32
N VAL D 50 -75.19 -48.65 -69.80
CA VAL D 50 -76.29 -48.31 -68.91
C VAL D 50 -75.75 -48.14 -67.49
N VAL D 51 -75.96 -46.96 -66.93
CA VAL D 51 -75.38 -46.60 -65.65
C VAL D 51 -76.47 -46.37 -64.62
N CYS D 52 -76.28 -46.91 -63.43
CA CYS D 52 -77.19 -46.63 -62.34
C CYS D 52 -76.57 -45.59 -61.40
N ALA D 53 -77.22 -44.43 -61.30
CA ALA D 53 -76.75 -43.32 -60.48
C ALA D 53 -77.26 -43.42 -59.05
N PHE D 54 -76.39 -43.14 -58.10
CA PHE D 54 -76.80 -43.03 -56.71
C PHE D 54 -76.01 -41.94 -55.98
N ASN D 55 -76.54 -41.47 -54.86
CA ASN D 55 -75.90 -40.42 -54.10
C ASN D 55 -76.35 -40.47 -52.64
N ARG D 56 -75.48 -40.07 -51.71
CA ARG D 56 -75.88 -40.00 -50.30
C ARG D 56 -77.18 -39.23 -50.12
N THR D 57 -77.21 -38.00 -50.60
CA THR D 57 -78.42 -37.20 -50.65
C THR D 57 -79.27 -37.66 -51.85
N VAL D 58 -80.31 -38.44 -51.59
CA VAL D 58 -81.02 -39.16 -52.64
C VAL D 58 -81.82 -38.24 -53.58
N SER D 59 -82.27 -37.12 -53.06
CA SER D 59 -83.01 -36.18 -53.87
C SER D 59 -82.22 -35.79 -55.12
N LYS D 60 -80.89 -35.79 -55.01
CA LYS D 60 -80.04 -35.36 -56.12
C LYS D 60 -80.07 -36.34 -57.27
N VAL D 61 -80.42 -37.59 -56.98
CA VAL D 61 -80.55 -38.59 -58.02
C VAL D 61 -81.68 -38.19 -58.97
N ASP D 62 -82.81 -37.83 -58.38
CA ASP D 62 -83.98 -37.47 -59.17
C ASP D 62 -83.76 -36.17 -59.92
N ASP D 63 -83.11 -35.21 -59.26
CA ASP D 63 -82.79 -33.95 -59.91
C ASP D 63 -81.93 -34.20 -61.14
N PHE D 64 -80.97 -35.10 -61.00
CA PHE D 64 -80.07 -35.46 -62.08
C PHE D 64 -80.83 -36.06 -63.26
N LEU D 65 -81.68 -37.05 -62.96
CA LEU D 65 -82.42 -37.76 -63.98
C LEU D 65 -83.42 -36.86 -64.69
N ALA D 66 -83.85 -35.81 -64.00
CA ALA D 66 -84.84 -34.89 -64.55
C ALA D 66 -84.19 -33.76 -65.33
N ASN D 67 -82.88 -33.57 -65.14
CA ASN D 67 -82.17 -32.48 -65.79
C ASN D 67 -81.04 -32.94 -66.69
N GLU D 68 -79.83 -32.95 -66.16
CA GLU D 68 -78.66 -33.29 -66.97
C GLU D 68 -78.79 -34.64 -67.69
N ALA D 69 -79.47 -35.60 -67.06
CA ALA D 69 -79.56 -36.94 -67.64
C ALA D 69 -80.93 -37.17 -68.31
N LYS D 70 -81.64 -36.08 -68.56
CA LYS D 70 -83.01 -36.11 -69.07
C LYS D 70 -83.24 -37.02 -70.28
N GLY D 71 -82.33 -37.00 -71.24
CA GLY D 71 -82.54 -37.84 -72.41
C GLY D 71 -81.60 -39.03 -72.58
N THR D 72 -81.24 -39.66 -71.46
CA THR D 72 -80.19 -40.67 -71.47
C THR D 72 -80.74 -42.03 -71.08
N LYS D 73 -79.89 -43.04 -71.13
CA LYS D 73 -80.26 -44.37 -70.63
C LYS D 73 -79.94 -44.55 -69.16
N VAL D 74 -79.57 -43.47 -68.48
CA VAL D 74 -79.25 -43.54 -67.07
C VAL D 74 -80.47 -43.90 -66.23
N VAL D 75 -80.27 -44.80 -65.26
CA VAL D 75 -81.31 -45.10 -64.29
C VAL D 75 -80.84 -44.76 -62.90
N GLY D 76 -81.80 -44.49 -62.01
CA GLY D 76 -81.48 -44.10 -60.65
C GLY D 76 -81.92 -45.15 -59.65
N ALA D 77 -81.40 -45.05 -58.44
CA ALA D 77 -81.83 -45.93 -57.35
C ALA D 77 -82.16 -45.06 -56.16
N GLN D 78 -83.06 -45.52 -55.30
CA GLN D 78 -83.40 -44.77 -54.09
C GLN D 78 -82.67 -45.32 -52.86
N SER D 79 -81.91 -46.41 -53.06
CA SER D 79 -81.15 -47.04 -51.97
C SER D 79 -79.98 -47.84 -52.53
N LEU D 80 -79.00 -48.13 -51.70
CA LEU D 80 -77.88 -48.99 -52.10
C LEU D 80 -78.37 -50.36 -52.50
N LYS D 81 -79.30 -50.90 -51.73
CA LYS D 81 -79.83 -52.22 -52.00
C LYS D 81 -80.44 -52.27 -53.39
N GLU D 82 -81.25 -51.27 -53.71
CA GLU D 82 -81.88 -51.19 -55.03
C GLU D 82 -80.85 -51.01 -56.14
N MET D 83 -79.84 -50.19 -55.89
CA MET D 83 -78.79 -49.96 -56.87
C MET D 83 -78.05 -51.24 -57.20
N VAL D 84 -77.63 -51.95 -56.17
CA VAL D 84 -76.90 -53.20 -56.33
C VAL D 84 -77.73 -54.22 -57.14
N SER D 85 -79.02 -54.24 -56.90
CA SER D 85 -79.89 -55.23 -57.52
C SER D 85 -80.02 -55.02 -59.03
N LYS D 86 -79.72 -53.82 -59.51
CA LYS D 86 -79.84 -53.52 -60.94
C LYS D 86 -78.58 -53.88 -61.74
N LEU D 87 -77.53 -54.31 -61.08
CA LEU D 87 -76.26 -54.50 -61.76
C LEU D 87 -76.02 -55.91 -62.30
N LYS D 88 -75.40 -55.96 -63.47
CA LYS D 88 -74.95 -57.23 -64.04
C LYS D 88 -73.76 -57.74 -63.25
N LYS D 89 -73.67 -59.06 -63.10
CA LYS D 89 -72.55 -59.67 -62.39
C LYS D 89 -71.39 -59.96 -63.34
N PRO D 90 -70.15 -59.80 -62.87
CA PRO D 90 -69.76 -59.30 -61.55
C PRO D 90 -70.12 -57.83 -61.42
N ARG D 91 -70.77 -57.46 -60.33
CA ARG D 91 -71.23 -56.10 -60.15
C ARG D 91 -70.07 -55.11 -60.07
N ARG D 92 -70.24 -53.96 -60.72
CA ARG D 92 -69.20 -52.92 -60.74
C ARG D 92 -69.77 -51.58 -60.24
N ILE D 93 -69.16 -51.06 -59.18
CA ILE D 93 -69.63 -49.82 -58.57
C ILE D 93 -68.49 -48.84 -58.49
N ILE D 94 -68.74 -47.63 -58.98
CA ILE D 94 -67.75 -46.56 -58.93
C ILE D 94 -68.10 -45.54 -57.85
N LEU D 95 -67.08 -45.13 -57.09
CA LEU D 95 -67.21 -44.11 -56.04
C LEU D 95 -66.50 -42.82 -56.44
N LEU D 96 -67.25 -41.73 -56.54
CA LEU D 96 -66.66 -40.42 -56.78
C LEU D 96 -67.20 -39.47 -55.74
N VAL D 97 -66.85 -39.74 -54.49
CA VAL D 97 -67.25 -38.93 -53.37
C VAL D 97 -66.02 -38.30 -52.71
N LYS D 98 -66.25 -37.28 -51.88
CA LYS D 98 -65.20 -36.64 -51.12
C LYS D 98 -64.34 -37.70 -50.42
N ALA D 99 -63.04 -37.62 -50.65
CA ALA D 99 -62.12 -38.61 -50.09
C ALA D 99 -62.21 -38.64 -48.57
N GLY D 100 -61.93 -39.81 -47.99
CA GLY D 100 -61.89 -39.95 -46.55
C GLY D 100 -62.90 -40.94 -46.01
N GLN D 101 -63.57 -40.56 -44.92
CA GLN D 101 -64.47 -41.47 -44.22
C GLN D 101 -65.64 -41.87 -45.11
N ALA D 102 -66.13 -40.93 -45.90
CA ALA D 102 -67.23 -41.17 -46.84
C ALA D 102 -67.02 -42.44 -47.67
N VAL D 103 -65.80 -42.64 -48.16
CA VAL D 103 -65.48 -43.86 -48.91
C VAL D 103 -65.65 -45.11 -48.04
N ASP D 104 -65.08 -45.10 -46.84
CA ASP D 104 -65.23 -46.23 -45.94
C ASP D 104 -66.68 -46.46 -45.55
N ASP D 105 -67.42 -45.38 -45.32
CA ASP D 105 -68.85 -45.47 -45.07
C ASP D 105 -69.59 -46.31 -46.11
N PHE D 106 -69.37 -45.99 -47.39
CA PHE D 106 -70.02 -46.70 -48.49
C PHE D 106 -69.55 -48.15 -48.61
N ILE D 107 -68.25 -48.37 -48.46
CA ILE D 107 -67.71 -49.72 -48.49
C ILE D 107 -68.38 -50.60 -47.45
N GLU D 108 -68.53 -50.06 -46.25
CA GLU D 108 -69.11 -50.80 -45.14
C GLU D 108 -70.55 -51.21 -45.43
N LYS D 109 -71.28 -50.30 -46.09
CA LYS D 109 -72.67 -50.54 -46.46
C LYS D 109 -72.82 -51.49 -47.65
N LEU D 110 -71.88 -51.42 -48.56
CA LEU D 110 -71.91 -52.22 -49.79
C LEU D 110 -71.58 -53.69 -49.61
N VAL D 111 -70.54 -53.97 -48.84
CA VAL D 111 -70.04 -55.33 -48.63
C VAL D 111 -71.11 -56.38 -48.31
N PRO D 112 -72.02 -56.06 -47.38
CA PRO D 112 -73.08 -57.03 -47.05
C PRO D 112 -74.03 -57.30 -48.23
N LEU D 113 -74.10 -56.36 -49.18
CA LEU D 113 -75.01 -56.48 -50.32
C LEU D 113 -74.37 -57.19 -51.50
N LEU D 114 -73.06 -57.36 -51.47
CA LEU D 114 -72.34 -57.85 -52.64
C LEU D 114 -72.03 -59.34 -52.59
N ASP D 115 -71.69 -59.88 -53.74
CA ASP D 115 -71.28 -61.26 -53.91
C ASP D 115 -69.77 -61.33 -54.11
N THR D 116 -69.21 -62.49 -53.83
CA THR D 116 -67.82 -62.73 -54.11
C THR D 116 -67.53 -62.47 -55.57
N GLY D 117 -66.48 -61.70 -55.83
CA GLY D 117 -66.08 -61.38 -57.19
C GLY D 117 -66.62 -60.03 -57.68
N ASP D 118 -67.51 -59.43 -56.90
CA ASP D 118 -67.99 -58.08 -57.21
C ASP D 118 -66.86 -57.06 -57.02
N ILE D 119 -67.00 -55.91 -57.67
CA ILE D 119 -65.90 -54.96 -57.81
C ILE D 119 -66.28 -53.54 -57.39
N ILE D 120 -65.50 -52.97 -56.48
CA ILE D 120 -65.69 -51.58 -56.10
C ILE D 120 -64.50 -50.75 -56.58
N ILE D 121 -64.79 -49.67 -57.31
CA ILE D 121 -63.75 -48.75 -57.79
C ILE D 121 -63.85 -47.37 -57.13
N ASP D 122 -62.85 -47.03 -56.33
CA ASP D 122 -62.74 -45.69 -55.77
C ASP D 122 -62.00 -44.78 -56.75
N GLY D 123 -62.73 -43.84 -57.34
CA GLY D 123 -62.16 -42.92 -58.34
C GLY D 123 -61.79 -41.56 -57.75
N GLY D 124 -62.06 -41.36 -56.46
CA GLY D 124 -61.79 -40.09 -55.83
C GLY D 124 -60.31 -39.92 -55.52
N ASN D 125 -59.96 -38.76 -54.99
CA ASN D 125 -58.59 -38.47 -54.58
C ASN D 125 -58.26 -39.03 -53.18
N SER D 126 -58.15 -40.35 -53.06
CA SER D 126 -57.89 -40.98 -51.77
C SER D 126 -56.41 -41.14 -51.49
N GLU D 127 -56.05 -41.17 -50.21
CA GLU D 127 -54.67 -41.42 -49.82
C GLU D 127 -54.28 -42.86 -50.11
N TYR D 128 -53.16 -43.03 -50.79
CA TYR D 128 -52.77 -44.36 -51.23
C TYR D 128 -52.70 -45.39 -50.11
N ARG D 129 -52.38 -44.97 -48.89
CA ARG D 129 -52.37 -45.92 -47.77
C ARG D 129 -53.76 -46.40 -47.41
N ASP D 130 -54.75 -45.51 -47.50
CA ASP D 130 -56.15 -45.91 -47.31
C ASP D 130 -56.56 -46.91 -48.41
N THR D 131 -56.10 -46.64 -49.62
CA THR D 131 -56.45 -47.54 -50.73
C THR D 131 -55.83 -48.91 -50.53
N THR D 132 -54.57 -48.93 -50.10
CA THR D 132 -53.90 -50.21 -49.84
C THR D 132 -54.65 -51.00 -48.77
N ARG D 133 -55.02 -50.32 -47.69
CA ARG D 133 -55.76 -50.93 -46.60
C ARG D 133 -57.11 -51.50 -47.04
N ARG D 134 -57.89 -50.72 -47.77
CA ARG D 134 -59.18 -51.18 -48.26
C ARG D 134 -59.02 -52.35 -49.23
N CYS D 135 -58.01 -52.27 -50.10
CA CYS D 135 -57.75 -53.34 -51.06
C CYS D 135 -57.51 -54.67 -50.34
N ARG D 136 -56.68 -54.66 -49.30
CA ARG D 136 -56.38 -55.87 -48.55
C ARG D 136 -57.58 -56.41 -47.76
N ASP D 137 -58.30 -55.52 -47.09
CA ASP D 137 -59.47 -55.93 -46.33
C ASP D 137 -60.52 -56.59 -47.21
N LEU D 138 -60.86 -55.94 -48.33
CA LEU D 138 -61.90 -56.43 -49.20
C LEU D 138 -61.46 -57.72 -49.87
N LYS D 139 -60.17 -57.83 -50.19
CA LYS D 139 -59.67 -59.04 -50.83
C LYS D 139 -59.98 -60.22 -49.93
N ALA D 140 -59.68 -60.05 -48.65
CA ALA D 140 -59.95 -61.08 -47.65
C ALA D 140 -61.42 -61.46 -47.61
N LYS D 141 -62.27 -60.55 -48.08
CA LYS D 141 -63.71 -60.81 -48.05
C LYS D 141 -64.28 -61.21 -49.42
N GLY D 142 -63.41 -61.49 -50.39
CA GLY D 142 -63.84 -61.89 -51.72
C GLY D 142 -64.27 -60.77 -52.64
N ILE D 143 -64.04 -59.53 -52.23
CA ILE D 143 -64.40 -58.34 -53.00
C ILE D 143 -63.20 -57.71 -53.68
N LEU D 144 -63.34 -57.43 -54.97
CA LEU D 144 -62.25 -56.89 -55.77
C LEU D 144 -62.26 -55.37 -55.72
N PHE D 145 -61.22 -54.79 -55.13
CA PHE D 145 -61.14 -53.34 -54.95
C PHE D 145 -60.15 -52.69 -55.91
N VAL D 146 -60.62 -51.65 -56.60
CA VAL D 146 -59.77 -50.84 -57.44
C VAL D 146 -59.74 -49.40 -56.94
N GLY D 147 -58.53 -48.89 -56.75
CA GLY D 147 -58.35 -47.47 -56.46
C GLY D 147 -57.77 -46.82 -57.69
N SER D 148 -58.54 -45.91 -58.29
CA SER D 148 -58.15 -45.36 -59.56
C SER D 148 -58.12 -43.84 -59.53
N GLY D 149 -57.02 -43.27 -59.98
CA GLY D 149 -56.96 -41.83 -60.17
C GLY D 149 -57.77 -41.45 -61.40
N VAL D 150 -58.40 -40.29 -61.33
CA VAL D 150 -59.09 -39.72 -62.48
C VAL D 150 -58.60 -38.29 -62.68
N SER D 151 -58.12 -37.98 -63.88
CA SER D 151 -57.66 -36.62 -64.15
C SER D 151 -58.43 -35.99 -65.33
N GLY D 152 -58.42 -34.66 -65.40
CA GLY D 152 -59.07 -33.96 -66.49
C GLY D 152 -60.17 -33.02 -66.05
N GLY D 153 -60.50 -33.08 -64.77
CA GLY D 153 -61.53 -32.23 -64.22
C GLY D 153 -62.86 -32.45 -64.90
N GLU D 154 -63.71 -31.43 -64.88
CA GLU D 154 -65.05 -31.52 -65.43
C GLU D 154 -65.06 -31.98 -66.90
N GLU D 155 -64.26 -31.31 -67.72
CA GLU D 155 -64.19 -31.58 -69.15
C GLU D 155 -63.68 -32.99 -69.44
N GLY D 156 -62.63 -33.38 -68.71
CA GLY D 156 -62.04 -34.69 -68.89
C GLY D 156 -63.04 -35.78 -68.52
N ALA D 157 -63.70 -35.60 -67.39
CA ALA D 157 -64.70 -36.56 -66.93
C ALA D 157 -65.80 -36.69 -67.96
N ARG D 158 -66.20 -35.57 -68.53
CA ARG D 158 -67.30 -35.54 -69.48
C ARG D 158 -66.97 -36.22 -70.83
N TYR D 159 -65.77 -35.97 -71.36
CA TYR D 159 -65.46 -36.43 -72.71
C TYR D 159 -64.32 -37.43 -72.87
N GLY D 160 -63.43 -37.49 -71.88
CA GLY D 160 -62.33 -38.43 -71.92
C GLY D 160 -61.25 -38.10 -70.92
N PRO D 161 -61.27 -38.78 -69.77
CA PRO D 161 -60.26 -38.52 -68.75
C PRO D 161 -59.06 -39.42 -68.88
N SER D 162 -57.96 -39.01 -68.25
CA SER D 162 -56.86 -39.92 -67.92
C SER D 162 -57.28 -40.78 -66.72
N LEU D 163 -57.16 -42.09 -66.86
CA LEU D 163 -57.50 -43.00 -65.78
C LEU D 163 -56.30 -43.81 -65.32
N MET D 164 -56.09 -43.83 -63.99
CA MET D 164 -54.95 -44.50 -63.38
C MET D 164 -55.40 -45.56 -62.41
N PRO D 165 -55.85 -46.70 -62.93
CA PRO D 165 -56.37 -47.80 -62.13
C PRO D 165 -55.27 -48.64 -61.47
N GLY D 166 -55.45 -48.92 -60.19
CA GLY D 166 -54.58 -49.83 -59.46
C GLY D 166 -55.37 -50.52 -58.36
N GLY D 167 -54.75 -51.50 -57.72
CA GLY D 167 -55.42 -52.23 -56.64
C GLY D 167 -55.37 -53.72 -56.87
N ASN D 168 -56.55 -54.34 -56.89
CA ASN D 168 -56.66 -55.78 -57.08
C ASN D 168 -56.80 -56.13 -58.57
N LYS D 169 -55.70 -56.59 -59.18
CA LYS D 169 -55.65 -56.78 -60.65
C LYS D 169 -56.69 -57.77 -61.18
N GLU D 170 -57.30 -58.54 -60.28
CA GLU D 170 -58.28 -59.53 -60.71
C GLU D 170 -59.51 -58.82 -61.26
N ALA D 171 -59.65 -57.54 -60.93
CA ALA D 171 -60.75 -56.73 -61.43
C ALA D 171 -60.48 -56.15 -62.82
N TRP D 172 -59.21 -56.01 -63.19
CA TRP D 172 -58.83 -55.28 -64.41
C TRP D 172 -59.58 -55.77 -65.65
N PRO D 173 -59.57 -57.08 -65.87
CA PRO D 173 -60.22 -57.61 -67.07
C PRO D 173 -61.72 -57.28 -67.11
N HIS D 174 -62.33 -57.07 -65.94
CA HIS D 174 -63.76 -56.78 -65.87
C HIS D 174 -64.11 -55.31 -66.02
N ILE D 175 -63.10 -54.44 -66.03
CA ILE D 175 -63.36 -53.01 -66.11
C ILE D 175 -62.60 -52.37 -67.28
N LYS D 176 -61.68 -53.13 -67.86
CA LYS D 176 -60.80 -52.65 -68.92
C LYS D 176 -61.59 -52.02 -70.08
N THR D 177 -62.65 -52.70 -70.48
CA THR D 177 -63.42 -52.29 -71.64
C THR D 177 -64.10 -50.94 -71.43
N ILE D 178 -64.75 -50.78 -70.30
CA ILE D 178 -65.38 -49.50 -69.99
C ILE D 178 -64.32 -48.41 -69.76
N PHE D 179 -63.31 -48.73 -68.97
CA PHE D 179 -62.31 -47.75 -68.62
C PHE D 179 -61.55 -47.24 -69.83
N GLN D 180 -61.03 -48.16 -70.63
CA GLN D 180 -60.33 -47.75 -71.84
C GLN D 180 -61.30 -47.18 -72.85
N GLY D 181 -62.56 -47.58 -72.74
CA GLY D 181 -63.60 -47.11 -73.62
C GLY D 181 -63.86 -45.62 -73.48
N ILE D 182 -63.94 -45.14 -72.26
CA ILE D 182 -64.28 -43.74 -72.02
C ILE D 182 -63.05 -42.84 -71.90
N ALA D 183 -61.87 -43.46 -71.81
CA ALA D 183 -60.64 -42.70 -71.57
C ALA D 183 -60.29 -41.84 -72.76
N ALA D 184 -59.63 -40.71 -72.50
CA ALA D 184 -59.08 -39.90 -73.59
C ALA D 184 -58.22 -40.80 -74.48
N LYS D 185 -58.26 -40.55 -75.79
CA LYS D 185 -57.39 -41.27 -76.72
C LYS D 185 -56.38 -40.29 -77.27
N VAL D 186 -55.16 -40.76 -77.51
CA VAL D 186 -54.12 -39.92 -78.08
C VAL D 186 -53.73 -40.42 -79.47
N GLY D 187 -53.21 -39.51 -80.30
CA GLY D 187 -52.59 -39.88 -81.58
C GLY D 187 -53.17 -41.07 -82.30
N THR D 188 -52.54 -42.23 -82.11
CA THR D 188 -52.95 -43.45 -82.82
C THR D 188 -54.23 -44.10 -82.26
N GLY D 189 -54.83 -43.46 -81.24
CA GLY D 189 -56.05 -43.97 -80.64
C GLY D 189 -55.84 -44.79 -79.38
N GLU D 190 -54.61 -44.81 -78.85
CA GLU D 190 -54.36 -45.51 -77.59
C GLU D 190 -54.97 -44.76 -76.41
N PRO D 191 -55.60 -45.51 -75.52
CA PRO D 191 -56.30 -44.92 -74.37
C PRO D 191 -55.33 -44.49 -73.30
N CYS D 192 -55.62 -43.34 -72.69
CA CYS D 192 -54.84 -42.84 -71.57
C CYS D 192 -55.35 -43.52 -70.32
N CYS D 193 -55.22 -44.84 -70.35
CA CYS D 193 -55.67 -45.68 -69.26
C CYS D 193 -55.08 -47.07 -69.39
N ASP D 194 -54.25 -47.45 -68.42
CA ASP D 194 -53.78 -48.82 -68.32
C ASP D 194 -53.55 -49.18 -66.87
N TRP D 195 -53.44 -50.47 -66.57
CA TRP D 195 -53.23 -50.91 -65.20
C TRP D 195 -51.92 -50.38 -64.67
N VAL D 196 -52.01 -49.68 -63.56
CA VAL D 196 -50.86 -49.03 -62.93
C VAL D 196 -50.06 -50.01 -62.06
N GLY D 197 -50.75 -50.71 -61.17
CA GLY D 197 -50.09 -51.65 -60.30
C GLY D 197 -50.92 -52.02 -59.09
N ASP D 198 -50.26 -52.63 -58.11
CA ASP D 198 -50.94 -53.24 -56.99
C ASP D 198 -51.37 -52.26 -55.91
N GLU D 199 -52.47 -52.60 -55.24
CA GLU D 199 -52.96 -51.84 -54.09
C GLU D 199 -53.06 -50.34 -54.34
N GLY D 200 -52.36 -49.54 -53.55
CA GLY D 200 -52.47 -48.10 -53.66
C GLY D 200 -51.69 -47.43 -54.80
N ALA D 201 -51.06 -48.22 -55.66
CA ALA D 201 -50.27 -47.65 -56.76
C ALA D 201 -51.02 -46.64 -57.63
N GLY D 202 -52.26 -46.94 -57.99
CA GLY D 202 -53.02 -46.01 -58.82
C GLY D 202 -53.14 -44.64 -58.15
N HIS D 203 -53.55 -44.66 -56.89
CA HIS D 203 -53.76 -43.42 -56.18
C HIS D 203 -52.45 -42.70 -55.89
N PHE D 204 -51.36 -43.47 -55.83
CA PHE D 204 -50.04 -42.88 -55.67
C PHE D 204 -49.62 -42.09 -56.91
N VAL D 205 -49.75 -42.71 -58.11
CA VAL D 205 -49.46 -42.07 -59.39
C VAL D 205 -50.31 -40.82 -59.62
N LYS D 206 -51.58 -40.90 -59.24
CA LYS D 206 -52.49 -39.78 -59.30
C LYS D 206 -51.96 -38.66 -58.41
N MET D 207 -51.46 -39.03 -57.23
CA MET D 207 -50.87 -38.06 -56.29
C MET D 207 -49.72 -37.30 -56.96
N VAL D 208 -48.80 -38.04 -57.57
CA VAL D 208 -47.66 -37.44 -58.22
C VAL D 208 -48.14 -36.54 -59.36
N HIS D 209 -49.16 -37.00 -60.09
CA HIS D 209 -49.74 -36.17 -61.13
C HIS D 209 -50.09 -34.77 -60.57
N ASN D 210 -50.73 -34.77 -59.40
CA ASN D 210 -51.12 -33.50 -58.79
C ASN D 210 -49.92 -32.70 -58.28
N GLY D 211 -48.87 -33.38 -57.87
CA GLY D 211 -47.65 -32.71 -57.45
C GLY D 211 -47.08 -31.91 -58.60
N ILE D 212 -46.88 -32.58 -59.73
CA ILE D 212 -46.40 -31.92 -60.93
C ILE D 212 -47.32 -30.77 -61.32
N GLU D 213 -48.63 -31.01 -61.25
CA GLU D 213 -49.65 -30.01 -61.53
C GLU D 213 -49.47 -28.73 -60.69
N TYR D 214 -49.42 -28.89 -59.38
CA TYR D 214 -49.16 -27.79 -58.46
C TYR D 214 -47.91 -27.00 -58.85
N GLY D 215 -46.86 -27.72 -59.20
CA GLY D 215 -45.60 -27.11 -59.57
C GLY D 215 -45.74 -26.27 -60.83
N ASP D 216 -46.31 -26.89 -61.86
CA ASP D 216 -46.59 -26.22 -63.13
C ASP D 216 -47.42 -24.94 -62.95
N MET D 217 -48.48 -25.05 -62.16
CA MET D 217 -49.35 -23.90 -61.93
C MET D 217 -48.61 -22.76 -61.26
N GLN D 218 -47.77 -23.08 -60.29
CA GLN D 218 -47.04 -22.05 -59.56
C GLN D 218 -46.03 -21.36 -60.48
N LEU D 219 -45.32 -22.17 -61.27
CA LEU D 219 -44.39 -21.66 -62.26
C LEU D 219 -45.08 -20.68 -63.20
N ILE D 220 -46.23 -21.08 -63.71
CA ILE D 220 -47.02 -20.21 -64.58
C ILE D 220 -47.35 -18.86 -63.89
N CYS D 221 -47.71 -18.92 -62.61
CA CYS D 221 -48.00 -17.72 -61.85
C CYS D 221 -46.78 -16.81 -61.72
N GLU D 222 -45.60 -17.40 -61.60
CA GLU D 222 -44.38 -16.63 -61.43
C GLU D 222 -44.05 -15.94 -62.74
N ALA D 223 -44.21 -16.65 -63.85
CA ALA D 223 -44.00 -16.05 -65.18
C ALA D 223 -44.99 -14.87 -65.38
N TYR D 224 -46.24 -15.10 -64.99
CA TYR D 224 -47.27 -14.08 -65.05
C TYR D 224 -46.86 -12.87 -64.22
N HIS D 225 -46.35 -13.12 -63.02
CA HIS D 225 -45.95 -12.02 -62.13
C HIS D 225 -44.83 -11.20 -62.75
N LEU D 226 -43.86 -11.88 -63.36
CA LEU D 226 -42.77 -11.22 -64.05
C LEU D 226 -43.30 -10.36 -65.21
N MET D 227 -44.21 -10.93 -66.00
CA MET D 227 -44.75 -10.21 -67.15
C MET D 227 -45.48 -8.97 -66.66
N LYS D 228 -46.22 -9.13 -65.56
CA LYS D 228 -47.05 -8.05 -65.02
C LYS D 228 -46.22 -6.95 -64.38
N ASP D 229 -45.28 -7.34 -63.52
CA ASP D 229 -44.61 -6.36 -62.65
C ASP D 229 -43.20 -5.95 -63.08
N VAL D 230 -42.53 -6.79 -63.86
CA VAL D 230 -41.24 -6.38 -64.42
C VAL D 230 -41.44 -5.73 -65.79
N LEU D 231 -42.19 -6.38 -66.66
CA LEU D 231 -42.36 -5.88 -68.03
C LEU D 231 -43.57 -4.95 -68.18
N GLY D 232 -44.36 -4.85 -67.12
CA GLY D 232 -45.54 -3.99 -67.09
C GLY D 232 -46.57 -4.24 -68.18
N MET D 233 -46.79 -5.52 -68.50
CA MET D 233 -47.67 -5.88 -69.62
C MET D 233 -49.14 -5.80 -69.22
N ALA D 234 -49.98 -5.48 -70.19
CA ALA D 234 -51.44 -5.45 -70.02
C ALA D 234 -52.02 -6.87 -69.99
N GLN D 235 -53.22 -7.00 -69.44
CA GLN D 235 -53.85 -8.30 -69.29
C GLN D 235 -53.92 -9.07 -70.62
N ASP D 236 -54.45 -8.40 -71.65
CA ASP D 236 -54.62 -9.00 -72.96
C ASP D 236 -53.30 -9.30 -73.66
N GLU D 237 -52.30 -8.45 -73.44
CA GLU D 237 -50.97 -8.65 -74.01
C GLU D 237 -50.36 -9.93 -73.42
N MET D 238 -50.55 -10.13 -72.13
CA MET D 238 -50.08 -11.32 -71.46
C MET D 238 -50.84 -12.57 -71.94
N ALA D 239 -52.15 -12.45 -72.08
CA ALA D 239 -52.96 -13.52 -72.66
C ALA D 239 -52.35 -13.95 -73.99
N GLN D 240 -52.01 -12.96 -74.83
CA GLN D 240 -51.42 -13.25 -76.14
C GLN D 240 -50.08 -13.97 -76.01
N ALA D 241 -49.26 -13.54 -75.06
CA ALA D 241 -47.96 -14.18 -74.85
C ALA D 241 -48.13 -15.68 -74.57
N PHE D 242 -49.01 -16.01 -73.65
CA PHE D 242 -49.30 -17.40 -73.30
C PHE D 242 -49.86 -18.18 -74.49
N GLU D 243 -50.78 -17.54 -75.22
CA GLU D 243 -51.32 -18.11 -76.45
C GLU D 243 -50.22 -18.49 -77.43
N ASP D 244 -49.22 -17.61 -77.56
CA ASP D 244 -48.09 -17.83 -78.46
C ASP D 244 -47.21 -18.95 -77.94
N TRP D 245 -46.87 -18.87 -76.66
CA TRP D 245 -46.08 -19.90 -76.01
C TRP D 245 -46.67 -21.30 -76.17
N ASN D 246 -48.00 -21.36 -76.26
CA ASN D 246 -48.68 -22.65 -76.35
C ASN D 246 -48.50 -23.32 -77.71
N LYS D 247 -47.87 -22.62 -78.63
CA LYS D 247 -47.67 -23.17 -79.98
C LYS D 247 -46.32 -23.86 -80.09
N THR D 248 -45.44 -23.58 -79.13
CA THR D 248 -44.08 -24.14 -79.15
C THR D 248 -43.90 -25.24 -78.11
N GLU D 249 -42.72 -25.28 -77.49
CA GLU D 249 -42.38 -26.32 -76.53
C GLU D 249 -43.32 -26.35 -75.32
N LEU D 250 -43.87 -25.20 -74.94
CA LEU D 250 -44.73 -25.16 -73.75
C LEU D 250 -46.17 -25.56 -74.04
N ASP D 251 -46.41 -26.05 -75.25
CA ASP D 251 -47.74 -26.56 -75.62
C ASP D 251 -48.28 -27.54 -74.56
N SER D 252 -49.32 -27.10 -73.86
CA SER D 252 -49.91 -27.87 -72.77
C SER D 252 -51.25 -27.29 -72.37
N PHE D 253 -52.05 -28.10 -71.69
CA PHE D 253 -53.35 -27.66 -71.20
C PHE D 253 -53.28 -26.42 -70.28
N LEU D 254 -52.38 -26.43 -69.30
CA LEU D 254 -52.31 -25.34 -68.34
C LEU D 254 -51.96 -24.01 -69.00
N ILE D 255 -51.03 -24.04 -69.94
CA ILE D 255 -50.67 -22.82 -70.67
C ILE D 255 -51.89 -22.33 -71.46
N GLU D 256 -52.55 -23.27 -72.13
CA GLU D 256 -53.72 -22.92 -72.92
C GLU D 256 -54.78 -22.21 -72.05
N ILE D 257 -55.18 -22.82 -70.95
CA ILE D 257 -56.28 -22.22 -70.17
C ILE D 257 -55.87 -20.91 -69.51
N THR D 258 -54.58 -20.75 -69.25
CA THR D 258 -54.10 -19.51 -68.65
C THR D 258 -54.30 -18.35 -69.61
N ALA D 259 -54.03 -18.59 -70.90
CA ALA D 259 -54.32 -17.62 -71.94
C ALA D 259 -55.79 -17.24 -71.90
N ASN D 260 -56.65 -18.26 -71.78
CA ASN D 260 -58.09 -18.06 -71.74
C ASN D 260 -58.52 -17.24 -70.54
N ILE D 261 -58.00 -17.63 -69.38
CA ILE D 261 -58.29 -16.93 -68.14
C ILE D 261 -57.91 -15.45 -68.23
N LEU D 262 -56.72 -15.17 -68.77
CA LEU D 262 -56.25 -13.78 -68.87
C LEU D 262 -57.15 -12.90 -69.72
N LYS D 263 -57.83 -13.47 -70.71
CA LYS D 263 -58.73 -12.70 -71.59
C LYS D 263 -60.10 -12.49 -70.97
N PHE D 264 -60.48 -13.39 -70.07
CA PHE D 264 -61.86 -13.48 -69.64
C PHE D 264 -62.40 -12.19 -69.04
N GLN D 265 -63.55 -11.75 -69.52
CA GLN D 265 -64.17 -10.54 -68.99
C GLN D 265 -65.48 -10.80 -68.27
N ASP D 266 -65.65 -10.13 -67.13
CA ASP D 266 -66.84 -10.25 -66.31
C ASP D 266 -68.00 -9.53 -66.99
N THR D 267 -69.20 -9.76 -66.49
CA THR D 267 -70.43 -9.23 -67.10
C THR D 267 -70.40 -7.70 -67.24
N ASP D 268 -69.50 -7.05 -66.51
CA ASP D 268 -69.40 -5.60 -66.57
C ASP D 268 -68.30 -5.12 -67.52
N GLY D 269 -67.74 -6.04 -68.30
CA GLY D 269 -66.74 -5.67 -69.28
C GLY D 269 -65.32 -5.62 -68.75
N LYS D 270 -65.16 -5.54 -67.42
CA LYS D 270 -63.84 -5.56 -66.83
C LYS D 270 -63.33 -7.01 -66.72
N HIS D 271 -62.00 -7.20 -66.72
CA HIS D 271 -61.42 -8.54 -66.59
C HIS D 271 -61.76 -9.15 -65.24
N LEU D 272 -62.05 -10.45 -65.22
CA LEU D 272 -62.47 -11.12 -64.00
C LEU D 272 -61.31 -11.40 -63.06
N LEU D 273 -60.18 -11.82 -63.60
CA LEU D 273 -59.06 -12.28 -62.76
C LEU D 273 -58.62 -11.27 -61.69
N PRO D 274 -58.53 -9.99 -62.05
CA PRO D 274 -58.08 -9.00 -61.05
C PRO D 274 -59.07 -8.85 -59.89
N LYS D 275 -60.29 -9.36 -60.05
CA LYS D 275 -61.32 -9.28 -59.01
C LYS D 275 -61.17 -10.40 -57.99
N ILE D 276 -60.40 -11.43 -58.36
CA ILE D 276 -60.34 -12.66 -57.58
C ILE D 276 -59.42 -12.60 -56.37
N ARG D 277 -59.94 -13.07 -55.24
CA ARG D 277 -59.16 -13.14 -54.01
C ARG D 277 -57.93 -14.04 -54.16
N ASP D 278 -56.78 -13.52 -53.74
CA ASP D 278 -55.49 -14.20 -53.98
C ASP D 278 -55.09 -15.12 -52.82
N SER D 279 -56.01 -16.00 -52.47
CA SER D 279 -55.70 -16.98 -51.45
C SER D 279 -56.01 -18.37 -51.99
N ALA D 280 -54.95 -19.13 -52.25
CA ALA D 280 -55.10 -20.41 -52.94
C ALA D 280 -55.55 -21.51 -52.01
N GLY D 281 -56.57 -22.24 -52.44
CA GLY D 281 -57.02 -23.40 -51.72
C GLY D 281 -56.21 -24.62 -52.10
N GLN D 282 -56.37 -25.68 -51.32
CA GLN D 282 -55.79 -26.97 -51.67
C GLN D 282 -56.55 -28.09 -50.95
N LYS D 283 -56.56 -29.27 -51.58
CA LYS D 283 -57.41 -30.35 -51.11
C LYS D 283 -56.63 -31.56 -50.63
N GLY D 284 -55.30 -31.43 -50.52
CA GLY D 284 -54.50 -32.46 -49.91
C GLY D 284 -53.43 -33.13 -50.77
N THR D 285 -53.76 -33.41 -52.04
CA THR D 285 -52.85 -34.21 -52.87
C THR D 285 -51.44 -33.61 -52.99
N GLY D 286 -51.35 -32.29 -53.16
CA GLY D 286 -50.05 -31.64 -53.29
C GLY D 286 -49.25 -31.86 -52.02
N LYS D 287 -49.88 -31.52 -50.89
CA LYS D 287 -49.30 -31.76 -49.58
C LYS D 287 -48.82 -33.20 -49.41
N TRP D 288 -49.65 -34.18 -49.78
CA TRP D 288 -49.27 -35.59 -49.61
C TRP D 288 -48.02 -35.94 -50.41
N THR D 289 -47.92 -35.37 -51.61
CA THR D 289 -46.79 -35.59 -52.49
C THR D 289 -45.52 -35.13 -51.80
N ALA D 290 -45.53 -33.91 -51.28
CA ALA D 290 -44.35 -33.36 -50.61
C ALA D 290 -43.99 -34.16 -49.36
N ILE D 291 -45.01 -34.58 -48.62
CA ILE D 291 -44.80 -35.41 -47.45
C ILE D 291 -44.19 -36.80 -47.78
N SER D 292 -44.66 -37.40 -48.87
CA SER D 292 -44.12 -38.67 -49.34
C SER D 292 -42.66 -38.53 -49.70
N ALA D 293 -42.35 -37.45 -50.40
CA ALA D 293 -40.99 -37.13 -50.80
C ALA D 293 -40.09 -37.00 -49.57
N LEU D 294 -40.55 -36.28 -48.56
CA LEU D 294 -39.74 -36.10 -47.36
C LEU D 294 -39.58 -37.46 -46.66
N GLU D 295 -40.67 -38.23 -46.57
CA GLU D 295 -40.64 -39.52 -45.90
C GLU D 295 -39.62 -40.49 -46.51
N TYR D 296 -39.46 -40.45 -47.83
CA TYR D 296 -38.58 -41.40 -48.50
C TYR D 296 -37.29 -40.79 -49.06
N GLY D 297 -37.03 -39.54 -48.72
CA GLY D 297 -35.76 -38.89 -49.02
C GLY D 297 -35.53 -38.59 -50.49
N VAL D 298 -36.59 -38.23 -51.19
CA VAL D 298 -36.50 -37.80 -52.57
C VAL D 298 -36.62 -36.28 -52.64
N PRO D 299 -35.63 -35.62 -53.27
CA PRO D 299 -35.55 -34.14 -53.37
C PRO D 299 -36.58 -33.54 -54.33
N VAL D 300 -37.86 -33.66 -54.02
CA VAL D 300 -38.92 -33.15 -54.87
C VAL D 300 -39.20 -31.70 -54.48
N THR D 301 -38.24 -30.84 -54.74
CA THR D 301 -38.21 -29.48 -54.20
C THR D 301 -39.32 -28.56 -54.73
N LEU D 302 -39.65 -28.71 -56.01
CA LEU D 302 -40.63 -27.83 -56.62
C LEU D 302 -42.06 -27.97 -56.03
N ILE D 303 -42.49 -29.20 -55.80
CA ILE D 303 -43.79 -29.46 -55.18
C ILE D 303 -43.84 -28.91 -53.76
N GLY D 304 -42.77 -29.09 -52.99
CA GLY D 304 -42.65 -28.45 -51.69
C GLY D 304 -42.90 -26.94 -51.77
N GLU D 305 -42.18 -26.26 -52.66
CA GLU D 305 -42.32 -24.80 -52.77
C GLU D 305 -43.73 -24.44 -53.20
N ALA D 306 -44.28 -25.23 -54.12
CA ALA D 306 -45.63 -24.96 -54.63
C ALA D 306 -46.66 -25.01 -53.51
N VAL D 307 -46.61 -26.06 -52.69
CA VAL D 307 -47.54 -26.20 -51.57
C VAL D 307 -47.39 -25.05 -50.59
N PHE D 308 -46.14 -24.75 -50.21
CA PHE D 308 -45.88 -23.69 -49.25
C PHE D 308 -46.35 -22.35 -49.82
N ALA D 309 -46.18 -22.18 -51.12
CA ALA D 309 -46.64 -20.98 -51.83
C ALA D 309 -48.14 -20.74 -51.59
N ARG D 310 -48.92 -21.81 -51.73
CA ARG D 310 -50.35 -21.72 -51.44
C ARG D 310 -50.60 -21.33 -49.98
N CYS D 311 -49.86 -21.95 -49.07
CA CYS D 311 -50.02 -21.62 -47.65
C CYS D 311 -49.77 -20.14 -47.41
N LEU D 312 -48.67 -19.65 -47.98
CA LEU D 312 -48.28 -18.26 -47.86
C LEU D 312 -49.38 -17.32 -48.39
N SER D 313 -50.03 -17.72 -49.49
CA SER D 313 -51.06 -16.89 -50.12
C SER D 313 -52.25 -16.76 -49.17
N SER D 314 -52.45 -17.82 -48.38
CA SER D 314 -53.55 -17.90 -47.41
C SER D 314 -53.41 -16.87 -46.30
N LEU D 315 -52.17 -16.49 -45.99
CA LEU D 315 -51.91 -15.47 -44.96
C LEU D 315 -52.18 -14.09 -45.52
N LYS D 316 -53.27 -13.97 -46.27
CA LYS D 316 -53.63 -12.76 -46.98
C LYS D 316 -53.66 -11.55 -46.03
N ASP D 317 -54.31 -11.69 -44.89
CA ASP D 317 -54.43 -10.55 -43.97
C ASP D 317 -53.06 -10.14 -43.40
N GLU D 318 -52.25 -11.14 -43.08
CA GLU D 318 -50.89 -10.90 -42.64
C GLU D 318 -50.08 -10.17 -43.70
N ARG D 319 -50.29 -10.55 -44.96
CA ARG D 319 -49.51 -9.99 -46.06
C ARG D 319 -49.88 -8.54 -46.29
N ILE D 320 -51.15 -8.24 -46.10
CA ILE D 320 -51.64 -6.87 -46.13
C ILE D 320 -50.90 -6.05 -45.08
N GLN D 321 -50.88 -6.57 -43.86
CA GLN D 321 -50.17 -5.93 -42.76
C GLN D 321 -48.68 -5.75 -43.08
N ALA D 322 -48.04 -6.86 -43.48
CA ALA D 322 -46.63 -6.88 -43.78
C ALA D 322 -46.22 -5.88 -44.85
N SER D 323 -47.08 -5.72 -45.86
CA SER D 323 -46.76 -4.87 -47.00
C SER D 323 -46.64 -3.41 -46.59
N LYS D 324 -47.20 -3.06 -45.44
CA LYS D 324 -47.08 -1.71 -44.91
C LYS D 324 -45.73 -1.43 -44.26
N LYS D 325 -45.07 -2.49 -43.76
CA LYS D 325 -43.84 -2.35 -42.98
C LYS D 325 -42.58 -2.77 -43.74
N LEU D 326 -42.70 -3.82 -44.54
CA LEU D 326 -41.55 -4.42 -45.20
C LEU D 326 -41.40 -3.85 -46.60
N LYS D 327 -40.29 -3.16 -46.85
CA LYS D 327 -40.06 -2.57 -48.15
C LYS D 327 -39.30 -3.54 -49.06
N GLY D 328 -39.49 -3.39 -50.36
CA GLY D 328 -38.73 -4.18 -51.33
C GLY D 328 -37.53 -3.39 -51.86
N PRO D 329 -36.99 -3.81 -53.01
CA PRO D 329 -35.91 -3.04 -53.64
C PRO D 329 -36.45 -1.67 -53.97
N GLN D 330 -35.79 -0.62 -53.48
CA GLN D 330 -36.32 0.73 -53.64
C GLN D 330 -36.20 1.22 -55.07
N LYS D 331 -35.02 1.02 -55.65
CA LYS D 331 -34.70 1.67 -56.92
C LYS D 331 -34.50 0.72 -58.09
N PHE D 332 -35.53 -0.04 -58.44
CA PHE D 332 -35.44 -0.92 -59.59
C PHE D 332 -36.30 -0.47 -60.78
N GLN D 333 -35.67 -0.34 -61.94
CA GLN D 333 -36.37 -0.12 -63.20
C GLN D 333 -35.77 -1.05 -64.25
N PHE D 334 -36.62 -1.80 -64.93
CA PHE D 334 -36.15 -2.68 -65.99
C PHE D 334 -35.73 -1.86 -67.22
N ASP D 335 -34.44 -1.89 -67.54
CA ASP D 335 -33.91 -1.13 -68.69
C ASP D 335 -33.26 -2.08 -69.68
N GLY D 336 -34.06 -2.94 -70.29
CA GLY D 336 -33.54 -3.90 -71.25
C GLY D 336 -34.55 -4.16 -72.35
N ASP D 337 -34.22 -5.04 -73.29
CA ASP D 337 -35.15 -5.42 -74.35
C ASP D 337 -36.24 -6.35 -73.85
N LYS D 338 -37.44 -5.79 -73.74
CA LYS D 338 -38.62 -6.51 -73.31
C LYS D 338 -38.84 -7.81 -74.06
N LYS D 339 -38.77 -7.77 -75.38
CA LYS D 339 -39.00 -8.97 -76.18
C LYS D 339 -37.99 -10.06 -75.82
N SER D 340 -36.71 -9.68 -75.69
CA SER D 340 -35.66 -10.61 -75.33
C SER D 340 -35.94 -11.26 -73.97
N PHE D 341 -36.33 -10.42 -73.01
CA PHE D 341 -36.58 -10.88 -71.66
C PHE D 341 -37.80 -11.80 -71.60
N LEU D 342 -38.79 -11.48 -72.43
CA LEU D 342 -39.99 -12.32 -72.49
C LEU D 342 -39.61 -13.73 -72.92
N GLU D 343 -38.75 -13.83 -73.92
CA GLU D 343 -38.25 -15.13 -74.35
C GLU D 343 -37.43 -15.82 -73.24
N ASP D 344 -36.68 -15.03 -72.47
CA ASP D 344 -35.96 -15.58 -71.32
C ASP D 344 -36.93 -16.23 -70.33
N ILE D 345 -38.00 -15.52 -70.02
CA ILE D 345 -39.02 -16.07 -69.13
C ILE D 345 -39.57 -17.39 -69.68
N ARG D 346 -39.81 -17.43 -70.98
CA ARG D 346 -40.31 -18.65 -71.62
C ARG D 346 -39.35 -19.81 -71.38
N LYS D 347 -38.07 -19.57 -71.64
CA LYS D 347 -37.04 -20.60 -71.51
C LYS D 347 -36.91 -21.04 -70.07
N ALA D 348 -36.96 -20.07 -69.16
CA ALA D 348 -36.83 -20.37 -67.74
C ALA D 348 -37.97 -21.26 -67.32
N LEU D 349 -39.16 -20.95 -67.83
CA LEU D 349 -40.36 -21.72 -67.53
C LEU D 349 -40.21 -23.15 -68.03
N TYR D 350 -39.71 -23.28 -69.26
CA TYR D 350 -39.52 -24.60 -69.86
C TYR D 350 -38.56 -25.45 -69.04
N ALA D 351 -37.41 -24.88 -68.71
CA ALA D 351 -36.40 -25.60 -67.93
C ALA D 351 -36.92 -26.05 -66.56
N SER D 352 -37.55 -25.12 -65.86
CA SER D 352 -38.14 -25.43 -64.57
C SER D 352 -39.22 -26.51 -64.70
N LYS D 353 -40.06 -26.42 -65.72
CA LYS D 353 -41.11 -27.42 -65.95
C LYS D 353 -40.45 -28.78 -66.06
N ILE D 354 -39.33 -28.81 -66.79
CA ILE D 354 -38.53 -30.03 -66.93
C ILE D 354 -38.13 -30.61 -65.56
N ILE D 355 -37.49 -29.79 -64.73
CA ILE D 355 -37.15 -30.18 -63.35
C ILE D 355 -38.37 -30.75 -62.59
N SER D 356 -39.51 -30.05 -62.67
CA SER D 356 -40.72 -30.48 -62.00
C SER D 356 -40.98 -31.96 -62.33
N TYR D 357 -41.04 -32.28 -63.62
CA TYR D 357 -41.33 -33.65 -64.07
C TYR D 357 -40.24 -34.65 -63.66
N ALA D 358 -38.99 -34.22 -63.76
CA ALA D 358 -37.90 -35.11 -63.43
C ALA D 358 -37.94 -35.47 -61.93
N GLN D 359 -38.31 -34.51 -61.09
CA GLN D 359 -38.46 -34.78 -59.68
C GLN D 359 -39.61 -35.76 -59.45
N GLY D 360 -40.75 -35.51 -60.10
CA GLY D 360 -41.90 -36.42 -60.05
C GLY D 360 -41.52 -37.87 -60.31
N PHE D 361 -40.74 -38.09 -61.37
CA PHE D 361 -40.40 -39.45 -61.75
C PHE D 361 -39.38 -40.07 -60.82
N MET D 362 -38.58 -39.23 -60.16
CA MET D 362 -37.68 -39.71 -59.11
C MET D 362 -38.49 -40.29 -57.97
N LEU D 363 -39.60 -39.64 -57.66
CA LEU D 363 -40.46 -40.10 -56.59
C LEU D 363 -41.14 -41.41 -56.98
N LEU D 364 -41.59 -41.51 -58.23
CA LEU D 364 -42.21 -42.73 -58.74
C LEU D 364 -41.24 -43.92 -58.64
N ARG D 365 -40.02 -43.71 -59.11
CA ARG D 365 -38.98 -44.72 -59.03
C ARG D 365 -38.77 -45.15 -57.57
N GLN D 366 -38.75 -44.18 -56.66
CA GLN D 366 -38.53 -44.47 -55.24
C GLN D 366 -39.65 -45.34 -54.68
N ALA D 367 -40.89 -45.02 -55.06
CA ALA D 367 -42.05 -45.79 -54.60
C ALA D 367 -41.99 -47.25 -55.05
N ALA D 368 -41.64 -47.46 -56.32
CA ALA D 368 -41.47 -48.82 -56.84
C ALA D 368 -40.47 -49.58 -55.97
N THR D 369 -39.40 -48.91 -55.58
CA THR D 369 -38.39 -49.54 -54.75
C THR D 369 -38.97 -49.81 -53.37
N GLU D 370 -39.56 -48.78 -52.77
CA GLU D 370 -40.13 -48.89 -51.42
C GLU D 370 -41.17 -50.00 -51.29
N PHE D 371 -42.04 -50.12 -52.30
CA PHE D 371 -43.23 -50.96 -52.17
C PHE D 371 -43.24 -52.18 -53.07
N GLY D 372 -42.26 -52.28 -53.97
CA GLY D 372 -42.18 -53.41 -54.87
C GLY D 372 -43.13 -53.31 -56.05
N TRP D 373 -43.80 -52.17 -56.20
CA TRP D 373 -44.66 -51.95 -57.37
C TRP D 373 -43.83 -51.99 -58.65
N THR D 374 -44.36 -52.68 -59.65
CA THR D 374 -43.72 -52.74 -60.95
C THR D 374 -44.31 -51.67 -61.84
N LEU D 375 -43.82 -50.44 -61.66
CA LEU D 375 -44.34 -49.29 -62.38
C LEU D 375 -43.76 -49.19 -63.79
N ASN D 376 -44.61 -48.93 -64.77
CA ASN D 376 -44.13 -48.64 -66.11
C ASN D 376 -44.10 -47.13 -66.34
N TYR D 377 -42.92 -46.54 -66.23
CA TYR D 377 -42.79 -45.08 -66.26
C TYR D 377 -43.20 -44.52 -67.60
N GLY D 378 -42.75 -45.17 -68.67
CA GLY D 378 -43.18 -44.75 -70.00
C GLY D 378 -44.69 -44.82 -70.18
N GLY D 379 -45.28 -45.89 -69.67
CA GLY D 379 -46.72 -46.06 -69.73
C GLY D 379 -47.49 -45.00 -68.95
N ILE D 380 -46.95 -44.65 -67.78
CA ILE D 380 -47.53 -43.57 -66.98
C ILE D 380 -47.52 -42.27 -67.77
N ALA D 381 -46.40 -41.98 -68.41
CA ALA D 381 -46.29 -40.77 -69.25
C ALA D 381 -47.36 -40.79 -70.34
N LEU D 382 -47.57 -41.96 -70.95
CA LEU D 382 -48.59 -42.10 -71.98
C LEU D 382 -49.99 -41.85 -71.44
N MET D 383 -50.25 -42.30 -70.22
CA MET D 383 -51.55 -42.10 -69.58
C MET D 383 -51.85 -40.62 -69.38
N TRP D 384 -50.77 -39.86 -69.18
CA TRP D 384 -50.83 -38.42 -68.93
C TRP D 384 -50.76 -37.56 -70.19
N ARG D 385 -50.66 -38.20 -71.35
CA ARG D 385 -50.49 -37.46 -72.59
C ARG D 385 -51.78 -36.74 -72.96
N GLY D 386 -52.89 -37.30 -72.50
CA GLY D 386 -54.22 -36.74 -72.76
C GLY D 386 -55.06 -36.87 -71.51
N GLY D 387 -56.23 -36.24 -71.50
CA GLY D 387 -57.17 -36.38 -70.40
C GLY D 387 -56.85 -35.58 -69.15
N CYS D 388 -55.60 -35.60 -68.73
CA CYS D 388 -55.24 -34.98 -67.46
C CYS D 388 -54.95 -33.49 -67.57
N ILE D 389 -54.87 -32.84 -66.41
CA ILE D 389 -54.63 -31.41 -66.34
C ILE D 389 -53.21 -31.06 -66.81
N ILE D 390 -52.27 -31.97 -66.62
CA ILE D 390 -50.87 -31.69 -66.99
C ILE D 390 -50.51 -32.15 -68.41
N ARG D 391 -51.51 -32.47 -69.21
CA ARG D 391 -51.27 -32.95 -70.57
C ARG D 391 -50.48 -31.94 -71.41
N SER D 392 -49.53 -32.44 -72.17
CA SER D 392 -48.69 -31.58 -72.99
C SER D 392 -47.87 -32.41 -73.97
N VAL D 393 -47.47 -31.75 -75.05
CA VAL D 393 -46.58 -32.35 -76.02
C VAL D 393 -45.32 -32.89 -75.32
N PHE D 394 -44.84 -32.08 -74.39
CA PHE D 394 -43.72 -32.39 -73.52
C PHE D 394 -43.71 -33.85 -73.06
N LEU D 395 -44.90 -34.34 -72.70
CA LEU D 395 -45.07 -35.66 -72.09
C LEU D 395 -44.75 -36.79 -73.06
N GLY D 396 -44.90 -36.54 -74.35
CA GLY D 396 -44.50 -37.52 -75.34
C GLY D 396 -43.00 -37.75 -75.28
N LYS D 397 -42.24 -36.69 -74.97
CA LYS D 397 -40.79 -36.78 -74.90
C LYS D 397 -40.37 -37.64 -73.72
N ILE D 398 -41.08 -37.48 -72.61
CA ILE D 398 -40.83 -38.32 -71.45
C ILE D 398 -41.06 -39.80 -71.79
N LYS D 399 -42.17 -40.09 -72.46
CA LYS D 399 -42.43 -41.46 -72.90
C LYS D 399 -41.28 -41.97 -73.75
N ASP D 400 -40.83 -41.14 -74.70
CA ASP D 400 -39.72 -41.50 -75.59
C ASP D 400 -38.46 -41.86 -74.80
N ALA D 401 -38.12 -41.01 -73.84
CA ALA D 401 -36.95 -41.20 -73.01
C ALA D 401 -36.97 -42.58 -72.33
N PHE D 402 -38.09 -42.90 -71.68
CA PHE D 402 -38.22 -44.20 -71.01
C PHE D 402 -38.29 -45.36 -71.99
N ASP D 403 -38.74 -45.07 -73.21
CA ASP D 403 -38.74 -46.08 -74.25
C ASP D 403 -37.29 -46.43 -74.63
N ARG D 404 -36.47 -45.40 -74.83
CA ARG D 404 -35.05 -45.60 -75.18
C ARG D 404 -34.29 -46.28 -74.06
N ASN D 405 -34.73 -46.05 -72.83
CA ASN D 405 -34.03 -46.61 -71.68
C ASN D 405 -34.95 -46.71 -70.47
N PRO D 406 -35.63 -47.84 -70.35
CA PRO D 406 -36.65 -48.00 -69.30
C PRO D 406 -36.04 -47.90 -67.90
N GLU D 407 -34.72 -47.92 -67.81
CA GLU D 407 -34.04 -47.86 -66.51
C GLU D 407 -33.37 -46.50 -66.16
N LEU D 408 -33.21 -45.59 -67.10
CA LEU D 408 -32.87 -44.18 -66.84
C LEU D 408 -33.02 -43.71 -65.38
N GLN D 409 -31.96 -43.16 -64.78
CA GLN D 409 -32.04 -42.76 -63.36
C GLN D 409 -32.62 -41.36 -63.20
N ASN D 410 -32.60 -40.58 -64.26
CA ASN D 410 -33.09 -39.22 -64.19
C ASN D 410 -33.33 -38.64 -65.59
N LEU D 411 -34.45 -37.94 -65.77
CA LEU D 411 -34.82 -37.38 -67.08
C LEU D 411 -33.75 -36.45 -67.62
N LEU D 412 -33.04 -35.78 -66.71
CA LEU D 412 -32.02 -34.81 -67.08
C LEU D 412 -30.90 -35.48 -67.87
N LEU D 413 -30.74 -36.79 -67.66
CA LEU D 413 -29.68 -37.55 -68.31
C LEU D 413 -30.03 -37.91 -69.74
N ASP D 414 -31.31 -37.85 -70.08
CA ASP D 414 -31.73 -38.10 -71.46
C ASP D 414 -31.36 -36.91 -72.36
N ASP D 415 -30.91 -37.21 -73.57
CA ASP D 415 -30.40 -36.18 -74.46
C ASP D 415 -31.41 -35.06 -74.77
N PHE D 416 -32.66 -35.43 -75.05
CA PHE D 416 -33.69 -34.43 -75.31
C PHE D 416 -33.77 -33.38 -74.22
N PHE D 417 -33.83 -33.85 -72.97
CA PHE D 417 -34.00 -32.98 -71.83
C PHE D 417 -32.72 -32.28 -71.42
N LYS D 418 -31.59 -32.98 -71.50
CA LYS D 418 -30.31 -32.33 -71.26
C LYS D 418 -30.10 -31.17 -72.23
N SER D 419 -30.42 -31.39 -73.50
CA SER D 419 -30.23 -30.37 -74.54
C SER D 419 -31.13 -29.16 -74.30
N ALA D 420 -32.40 -29.44 -73.99
CA ALA D 420 -33.39 -28.39 -73.76
C ALA D 420 -32.93 -27.47 -72.62
N VAL D 421 -32.57 -28.09 -71.49
CA VAL D 421 -32.09 -27.35 -70.32
C VAL D 421 -30.83 -26.57 -70.65
N GLU D 422 -29.92 -27.20 -71.40
CA GLU D 422 -28.69 -26.54 -71.79
C GLU D 422 -29.01 -25.27 -72.58
N ASN D 423 -29.96 -25.37 -73.51
CA ASN D 423 -30.33 -24.24 -74.33
C ASN D 423 -31.06 -23.13 -73.59
N CYS D 424 -31.71 -23.49 -72.50
CA CYS D 424 -32.50 -22.53 -71.74
C CYS D 424 -31.71 -21.90 -70.61
N GLN D 425 -30.56 -22.48 -70.31
CA GLN D 425 -29.83 -22.15 -69.10
C GLN D 425 -29.53 -20.64 -68.95
N ASP D 426 -29.00 -20.04 -70.00
CA ASP D 426 -28.66 -18.62 -69.97
C ASP D 426 -29.88 -17.75 -69.69
N SER D 427 -30.96 -17.99 -70.43
CA SER D 427 -32.20 -17.24 -70.23
C SER D 427 -32.75 -17.48 -68.82
N TRP D 428 -32.70 -18.72 -68.37
CA TRP D 428 -33.15 -19.10 -67.05
C TRP D 428 -32.49 -18.22 -65.99
N ARG D 429 -31.16 -18.18 -66.01
CA ARG D 429 -30.41 -17.43 -65.01
C ARG D 429 -30.67 -15.94 -65.11
N ARG D 430 -30.84 -15.46 -66.34
CA ARG D 430 -31.13 -14.05 -66.55
C ARG D 430 -32.51 -13.69 -65.97
N ALA D 431 -33.50 -14.54 -66.20
CA ALA D 431 -34.84 -14.31 -65.67
C ALA D 431 -34.85 -14.30 -64.14
N VAL D 432 -34.18 -15.28 -63.55
CA VAL D 432 -34.17 -15.34 -62.10
C VAL D 432 -33.39 -14.19 -61.49
N SER D 433 -32.23 -13.87 -62.05
CA SER D 433 -31.41 -12.77 -61.54
C SER D 433 -32.19 -11.46 -61.59
N THR D 434 -32.89 -11.23 -62.70
CA THR D 434 -33.69 -10.02 -62.84
C THR D 434 -34.85 -10.05 -61.84
N GLY D 435 -35.51 -11.19 -61.73
CA GLY D 435 -36.61 -11.34 -60.80
C GLY D 435 -36.17 -10.98 -59.40
N VAL D 436 -35.00 -11.48 -59.02
CA VAL D 436 -34.47 -11.24 -57.69
C VAL D 436 -34.22 -9.76 -57.46
N GLN D 437 -33.65 -9.09 -58.45
CA GLN D 437 -33.38 -7.67 -58.30
C GLN D 437 -34.66 -6.83 -58.27
N ALA D 438 -35.68 -7.28 -58.98
CA ALA D 438 -36.97 -6.58 -59.00
C ALA D 438 -37.81 -6.87 -57.74
N GLY D 439 -37.44 -7.92 -57.01
CA GLY D 439 -38.11 -8.24 -55.77
C GLY D 439 -39.32 -9.15 -55.97
N ILE D 440 -39.33 -9.85 -57.09
CA ILE D 440 -40.44 -10.73 -57.46
C ILE D 440 -40.23 -12.13 -56.85
N PRO D 441 -41.22 -12.60 -56.08
CA PRO D 441 -41.15 -13.93 -55.45
C PRO D 441 -41.13 -15.03 -56.51
N MET D 442 -40.07 -15.83 -56.56
CA MET D 442 -40.04 -16.97 -57.50
C MET D 442 -39.60 -18.26 -56.82
N PRO D 443 -40.39 -18.73 -55.84
CA PRO D 443 -40.05 -19.92 -55.06
C PRO D 443 -39.72 -21.10 -55.96
N CYS D 444 -40.50 -21.27 -57.02
CA CYS D 444 -40.33 -22.43 -57.91
C CYS D 444 -39.25 -22.30 -58.97
N PHE D 445 -39.15 -21.12 -59.59
CA PHE D 445 -38.04 -20.88 -60.52
C PHE D 445 -36.71 -21.12 -59.82
N THR D 446 -36.57 -20.52 -58.63
CA THR D 446 -35.30 -20.58 -57.91
C THR D 446 -35.00 -21.97 -57.37
N THR D 447 -35.99 -22.67 -56.84
CA THR D 447 -35.71 -24.01 -56.34
C THR D 447 -35.34 -24.97 -57.49
N ALA D 448 -35.98 -24.77 -58.64
CA ALA D 448 -35.69 -25.59 -59.80
C ALA D 448 -34.26 -25.37 -60.27
N LEU D 449 -33.82 -24.12 -60.29
CA LEU D 449 -32.46 -23.80 -60.71
C LEU D 449 -31.45 -24.29 -59.66
N SER D 450 -31.75 -24.05 -58.38
CA SER D 450 -30.90 -24.54 -57.29
C SER D 450 -30.72 -26.04 -57.42
N PHE D 451 -31.81 -26.75 -57.70
CA PHE D 451 -31.74 -28.19 -57.87
C PHE D 451 -30.84 -28.58 -59.06
N TYR D 452 -31.05 -27.94 -60.20
CA TYR D 452 -30.21 -28.19 -61.36
C TYR D 452 -28.72 -27.99 -61.02
N ASP D 453 -28.40 -26.87 -60.41
CA ASP D 453 -27.00 -26.59 -60.06
C ASP D 453 -26.47 -27.55 -58.99
N GLY D 454 -27.35 -27.99 -58.09
CA GLY D 454 -26.95 -28.96 -57.08
C GLY D 454 -26.65 -30.30 -57.71
N TYR D 455 -27.60 -30.79 -58.49
CA TYR D 455 -27.52 -32.15 -59.07
C TYR D 455 -26.34 -32.33 -60.02
N ARG D 456 -25.94 -31.25 -60.70
CA ARG D 456 -24.87 -31.35 -61.70
C ARG D 456 -23.48 -31.21 -61.09
N HIS D 457 -23.42 -30.77 -59.83
CA HIS D 457 -22.14 -30.60 -59.13
C HIS D 457 -21.62 -31.91 -58.53
N GLU D 458 -20.39 -32.27 -58.89
CA GLU D 458 -19.76 -33.44 -58.28
C GLU D 458 -19.45 -33.19 -56.81
N MET D 459 -19.06 -31.96 -56.50
CA MET D 459 -18.78 -31.59 -55.12
C MET D 459 -19.76 -30.56 -54.59
N LEU D 460 -20.33 -30.85 -53.43
CA LEU D 460 -21.24 -29.94 -52.75
C LEU D 460 -20.70 -29.59 -51.37
N PRO D 461 -21.12 -28.44 -50.80
CA PRO D 461 -20.65 -28.07 -49.45
C PRO D 461 -21.26 -28.90 -48.32
N ALA D 462 -22.00 -29.96 -48.67
CA ALA D 462 -22.57 -30.86 -47.67
C ALA D 462 -21.48 -31.44 -46.73
N SER D 463 -20.25 -31.49 -47.21
CA SER D 463 -19.14 -31.97 -46.40
C SER D 463 -18.98 -31.10 -45.15
N LEU D 464 -19.29 -29.82 -45.28
CA LEU D 464 -19.23 -28.90 -44.17
C LEU D 464 -20.33 -29.25 -43.14
N ILE D 465 -21.49 -29.63 -43.64
CA ILE D 465 -22.56 -30.10 -42.78
C ILE D 465 -22.11 -31.32 -41.98
N GLN D 466 -21.48 -32.27 -42.66
CA GLN D 466 -20.92 -33.44 -41.99
C GLN D 466 -19.89 -33.05 -40.92
N ALA D 467 -19.03 -32.08 -41.24
CA ALA D 467 -18.02 -31.63 -40.29
C ALA D 467 -18.68 -31.01 -39.06
N GLN D 468 -19.68 -30.17 -39.31
CA GLN D 468 -20.39 -29.50 -38.22
C GLN D 468 -21.10 -30.52 -37.33
N ARG D 469 -21.80 -31.46 -37.95
CA ARG D 469 -22.49 -32.50 -37.20
C ARG D 469 -21.52 -33.34 -36.35
N ASP D 470 -20.37 -33.70 -36.91
CA ASP D 470 -19.40 -34.44 -36.12
C ASP D 470 -18.78 -33.56 -35.03
N TYR D 471 -18.67 -32.28 -35.33
CA TYR D 471 -18.10 -31.32 -34.39
C TYR D 471 -18.97 -31.19 -33.13
N PHE D 472 -20.26 -30.91 -33.31
CA PHE D 472 -21.11 -30.67 -32.14
C PHE D 472 -21.84 -31.90 -31.62
N GLY D 473 -22.12 -32.85 -32.49
CA GLY D 473 -22.89 -34.02 -32.08
C GLY D 473 -22.17 -35.36 -32.21
N ALA D 474 -20.91 -35.33 -32.64
CA ALA D 474 -20.13 -36.54 -32.81
C ALA D 474 -20.83 -37.57 -33.71
N HIS D 475 -21.48 -37.11 -34.77
CA HIS D 475 -22.27 -38.02 -35.60
C HIS D 475 -21.40 -38.84 -36.55
N THR D 476 -20.12 -38.49 -36.62
CA THR D 476 -19.14 -39.17 -37.47
C THR D 476 -19.37 -38.89 -38.95
N TYR D 477 -18.33 -39.14 -39.76
CA TYR D 477 -18.36 -38.77 -41.17
C TYR D 477 -17.46 -39.75 -41.90
N GLU D 478 -17.49 -39.69 -43.25
CA GLU D 478 -16.63 -40.53 -44.09
C GLU D 478 -15.66 -39.65 -44.86
N LEU D 479 -14.51 -40.24 -45.22
CA LEU D 479 -13.59 -39.60 -46.15
C LEU D 479 -13.96 -39.93 -47.58
N LEU D 480 -13.74 -38.96 -48.46
CA LEU D 480 -13.88 -39.18 -49.90
C LEU D 480 -13.18 -40.46 -50.32
N ALA D 481 -11.93 -40.59 -49.88
CA ALA D 481 -11.06 -41.68 -50.31
C ALA D 481 -11.47 -43.07 -49.81
N LYS D 482 -12.33 -43.12 -48.79
CA LYS D 482 -12.74 -44.42 -48.24
C LYS D 482 -14.18 -44.40 -47.74
N PRO D 483 -15.15 -44.34 -48.66
CA PRO D 483 -16.56 -44.29 -48.26
C PRO D 483 -16.91 -45.54 -47.48
N GLY D 484 -17.86 -45.43 -46.56
CA GLY D 484 -18.35 -46.59 -45.84
C GLY D 484 -17.72 -46.74 -44.46
N GLN D 485 -16.55 -46.14 -44.29
CA GLN D 485 -15.83 -46.20 -43.04
C GLN D 485 -16.02 -44.88 -42.30
N PHE D 486 -16.69 -44.93 -41.15
CA PHE D 486 -17.04 -43.72 -40.41
C PHE D 486 -16.05 -43.35 -39.32
N ILE D 487 -15.80 -42.04 -39.22
CA ILE D 487 -14.78 -41.51 -38.33
C ILE D 487 -15.35 -40.42 -37.44
N HIS D 488 -14.83 -40.34 -36.22
CA HIS D 488 -15.09 -39.19 -35.38
C HIS D 488 -13.79 -38.48 -35.06
N THR D 489 -13.81 -37.16 -35.23
CA THR D 489 -12.63 -36.36 -35.00
C THR D 489 -12.81 -35.50 -33.75
N ASN D 490 -11.72 -35.34 -33.01
CA ASN D 490 -11.72 -34.48 -31.83
C ASN D 490 -11.46 -33.03 -32.24
N TRP D 491 -12.47 -32.44 -32.90
CA TRP D 491 -12.36 -31.10 -33.46
C TRP D 491 -11.84 -30.05 -32.48
N THR D 492 -12.40 -30.01 -31.27
CA THR D 492 -12.01 -28.98 -30.30
C THR D 492 -10.70 -29.29 -29.61
N GLY D 493 -10.30 -30.56 -29.64
CA GLY D 493 -9.08 -30.98 -28.97
C GLY D 493 -9.29 -31.29 -27.49
N HIS D 494 -10.53 -31.11 -27.02
CA HIS D 494 -10.83 -31.30 -25.61
C HIS D 494 -12.01 -32.27 -25.42
N GLY D 495 -12.49 -32.84 -26.51
CA GLY D 495 -13.63 -33.73 -26.45
C GLY D 495 -13.28 -35.15 -26.03
N GLY D 496 -14.31 -35.99 -25.90
CA GLY D 496 -14.12 -37.38 -25.53
C GLY D 496 -13.92 -38.25 -26.77
N THR D 497 -13.88 -39.56 -26.56
CA THR D 497 -13.70 -40.47 -27.67
C THR D 497 -15.01 -41.18 -28.00
N VAL D 498 -15.91 -41.24 -27.01
CA VAL D 498 -17.21 -41.84 -27.24
C VAL D 498 -18.06 -40.94 -28.12
N SER D 499 -18.40 -41.44 -29.30
CA SER D 499 -19.20 -40.67 -30.25
C SER D 499 -20.65 -41.15 -30.28
N SER D 500 -21.44 -40.56 -31.16
CA SER D 500 -22.75 -41.09 -31.49
C SER D 500 -22.56 -42.21 -32.49
N SER D 501 -23.60 -43.01 -32.70
CA SER D 501 -23.55 -44.02 -33.75
C SER D 501 -23.90 -43.38 -35.10
N SER D 502 -23.45 -44.02 -36.17
CA SER D 502 -23.71 -43.50 -37.51
C SER D 502 -24.96 -44.19 -38.07
N TYR D 503 -26.04 -43.43 -38.18
CA TYR D 503 -27.28 -43.99 -38.69
C TYR D 503 -28.17 -42.87 -39.25
N ASN D 504 -29.05 -43.22 -40.18
CA ASN D 504 -30.00 -42.27 -40.73
C ASN D 504 -31.41 -42.62 -40.31
N ALA D 505 -32.29 -41.63 -40.32
CA ALA D 505 -33.67 -41.82 -39.88
C ALA D 505 -34.55 -40.67 -40.37
N ALA E 24 21.64 -19.09 42.65
CA ALA E 24 21.47 -19.51 41.26
C ALA E 24 20.73 -20.84 41.16
N GLN E 25 19.47 -20.84 41.57
CA GLN E 25 18.65 -22.05 41.60
C GLN E 25 17.68 -22.14 40.42
N ALA E 26 17.16 -21.00 39.98
CA ALA E 26 16.16 -20.99 38.90
C ALA E 26 16.77 -21.06 37.51
N ASP E 27 16.08 -21.78 36.64
CA ASP E 27 16.51 -21.98 35.26
C ASP E 27 16.16 -20.77 34.41
N ILE E 28 15.12 -20.07 34.80
CA ILE E 28 14.61 -18.98 33.98
C ILE E 28 13.66 -18.11 34.79
N ALA E 29 13.52 -16.87 34.36
CA ALA E 29 12.62 -15.93 35.00
C ALA E 29 11.56 -15.51 34.00
N LEU E 30 10.38 -15.16 34.51
CA LEU E 30 9.35 -14.59 33.67
C LEU E 30 8.66 -13.44 34.39
N ILE E 31 8.51 -12.32 33.67
CA ILE E 31 7.91 -11.11 34.21
C ILE E 31 6.57 -10.83 33.55
N GLY E 32 5.53 -10.66 34.35
CA GLY E 32 4.18 -10.47 33.86
C GLY E 32 3.28 -11.60 34.27
N LEU E 33 2.34 -11.31 35.17
CA LEU E 33 1.49 -12.35 35.73
C LEU E 33 0.01 -12.19 35.39
N ALA E 34 -0.25 -11.69 34.20
CA ALA E 34 -1.55 -11.88 33.59
C ALA E 34 -1.66 -13.37 33.29
N VAL E 35 -2.74 -13.80 32.65
CA VAL E 35 -2.93 -15.22 32.46
C VAL E 35 -1.90 -15.88 31.54
N MET E 36 -1.51 -15.21 30.45
CA MET E 36 -0.50 -15.79 29.56
C MET E 36 0.82 -16.07 30.30
N GLY E 37 1.36 -15.05 31.00
CA GLY E 37 2.53 -15.20 31.87
C GLY E 37 2.37 -16.31 32.90
N GLN E 38 1.28 -16.24 33.66
CA GLN E 38 0.94 -17.28 34.60
C GLN E 38 0.96 -18.65 33.92
N ASN E 39 0.25 -18.76 32.80
CA ASN E 39 0.12 -20.05 32.16
C ASN E 39 1.41 -20.59 31.56
N LEU E 40 2.22 -19.70 31.02
CA LEU E 40 3.49 -20.12 30.46
C LEU E 40 4.42 -20.58 31.55
N ILE E 41 4.33 -19.95 32.72
CA ILE E 41 5.15 -20.33 33.84
C ILE E 41 4.79 -21.74 34.29
N LEU E 42 3.49 -22.01 34.45
CA LEU E 42 3.04 -23.36 34.79
C LEU E 42 3.46 -24.41 33.76
N ASN E 43 3.47 -24.03 32.49
CA ASN E 43 3.90 -24.92 31.43
C ASN E 43 5.36 -25.31 31.66
N MET E 44 6.22 -24.31 31.83
CA MET E 44 7.64 -24.58 32.04
C MET E 44 7.87 -25.37 33.31
N ASN E 45 7.12 -25.05 34.36
CA ASN E 45 7.17 -25.82 35.59
C ASN E 45 6.87 -27.29 35.34
N ASP E 46 5.78 -27.55 34.62
CA ASP E 46 5.38 -28.94 34.34
C ASP E 46 6.47 -29.70 33.57
N HIS E 47 7.32 -28.98 32.85
CA HIS E 47 8.38 -29.61 32.10
C HIS E 47 9.67 -29.70 32.90
N GLY E 48 9.58 -29.38 34.19
CA GLY E 48 10.69 -29.61 35.10
C GLY E 48 11.64 -28.44 35.31
N PHE E 49 11.38 -27.31 34.67
CA PHE E 49 12.21 -26.14 34.84
C PHE E 49 11.77 -25.31 36.06
N VAL E 50 12.75 -24.85 36.83
CA VAL E 50 12.49 -23.96 37.94
C VAL E 50 12.40 -22.54 37.42
N VAL E 51 11.28 -21.89 37.70
CA VAL E 51 11.01 -20.57 37.16
C VAL E 51 10.89 -19.55 38.28
N CYS E 52 11.50 -18.38 38.09
CA CYS E 52 11.31 -17.26 38.99
C CYS E 52 10.29 -16.29 38.43
N ALA E 53 9.20 -16.10 39.17
CA ALA E 53 8.10 -15.20 38.79
C ALA E 53 8.32 -13.80 39.31
N PHE E 54 8.08 -12.82 38.46
CA PHE E 54 8.10 -11.42 38.88
C PHE E 54 7.06 -10.59 38.16
N ASN E 55 6.81 -9.41 38.71
CA ASN E 55 5.74 -8.54 38.24
C ASN E 55 5.93 -7.17 38.86
N ARG E 56 5.57 -6.12 38.12
CA ARG E 56 5.69 -4.73 38.57
C ARG E 56 4.92 -4.56 39.87
N THR E 57 3.61 -4.77 39.80
CA THR E 57 2.78 -4.86 40.99
C THR E 57 3.09 -6.15 41.74
N VAL E 58 4.02 -6.04 42.68
CA VAL E 58 4.68 -7.17 43.35
C VAL E 58 3.73 -8.08 44.14
N SER E 59 2.64 -7.51 44.63
CA SER E 59 1.67 -8.25 45.40
C SER E 59 1.17 -9.44 44.60
N LYS E 60 1.11 -9.30 43.28
CA LYS E 60 0.57 -10.34 42.42
C LYS E 60 1.48 -11.59 42.37
N VAL E 61 2.76 -11.39 42.65
CA VAL E 61 3.71 -12.51 42.75
C VAL E 61 3.27 -13.45 43.87
N ASP E 62 3.03 -12.89 45.05
CA ASP E 62 2.66 -13.71 46.19
C ASP E 62 1.28 -14.32 46.02
N ASP E 63 0.36 -13.58 45.41
CA ASP E 63 -0.96 -14.08 45.12
C ASP E 63 -0.83 -15.35 44.26
N PHE E 64 0.05 -15.26 43.27
CA PHE E 64 0.27 -16.35 42.34
C PHE E 64 0.86 -17.58 43.04
N LEU E 65 1.87 -17.36 43.86
CA LEU E 65 2.54 -18.46 44.55
C LEU E 65 1.63 -19.13 45.58
N ALA E 66 0.64 -18.38 46.05
CA ALA E 66 -0.27 -18.87 47.06
C ALA E 66 -1.49 -19.55 46.44
N ASN E 67 -1.71 -19.32 45.15
CA ASN E 67 -2.85 -19.92 44.47
C ASN E 67 -2.49 -20.82 43.30
N GLU E 68 -2.47 -20.26 42.10
CA GLU E 68 -2.23 -21.06 40.90
C GLU E 68 -0.93 -21.86 40.95
N ALA E 69 0.11 -21.31 41.56
CA ALA E 69 1.41 -21.97 41.66
C ALA E 69 1.60 -22.68 43.01
N LYS E 70 0.51 -22.86 43.74
CA LYS E 70 0.56 -23.39 45.11
C LYS E 70 1.39 -24.67 45.29
N GLY E 71 1.31 -25.61 44.37
CA GLY E 71 2.05 -26.84 44.54
C GLY E 71 3.17 -27.08 43.56
N THR E 72 3.86 -26.00 43.17
CA THR E 72 4.87 -26.09 42.11
C THR E 72 6.26 -25.78 42.61
N LYS E 73 7.23 -25.85 41.70
CA LYS E 73 8.60 -25.50 42.00
C LYS E 73 8.87 -24.02 41.75
N VAL E 74 7.81 -23.25 41.48
CA VAL E 74 7.97 -21.85 41.14
C VAL E 74 8.44 -21.05 42.33
N VAL E 75 9.42 -20.18 42.12
CA VAL E 75 9.85 -19.23 43.15
C VAL E 75 9.50 -17.81 42.72
N GLY E 76 9.34 -16.91 43.69
CA GLY E 76 9.06 -15.52 43.41
C GLY E 76 10.19 -14.60 43.83
N ALA E 77 10.18 -13.38 43.30
CA ALA E 77 11.10 -12.35 43.76
C ALA E 77 10.32 -11.09 44.12
N GLN E 78 10.89 -10.28 45.01
CA GLN E 78 10.23 -9.05 45.42
C GLN E 78 10.85 -7.84 44.71
N SER E 79 11.89 -8.10 43.92
CA SER E 79 12.54 -7.05 43.14
C SER E 79 13.27 -7.65 41.95
N LEU E 80 13.57 -6.81 40.96
CA LEU E 80 14.35 -7.25 39.80
C LEU E 80 15.72 -7.77 40.24
N LYS E 81 16.34 -7.02 41.13
CA LYS E 81 17.67 -7.36 41.62
C LYS E 81 17.65 -8.78 42.21
N GLU E 82 16.65 -9.08 43.02
CA GLU E 82 16.54 -10.42 43.63
C GLU E 82 16.24 -11.49 42.59
N MET E 83 15.38 -11.16 41.64
CA MET E 83 15.04 -12.11 40.60
C MET E 83 16.27 -12.49 39.80
N VAL E 84 17.05 -11.48 39.41
CA VAL E 84 18.27 -11.70 38.63
C VAL E 84 19.24 -12.60 39.36
N SER E 85 19.33 -12.41 40.68
CA SER E 85 20.32 -13.11 41.45
C SER E 85 20.01 -14.59 41.58
N LYS E 86 18.77 -14.97 41.30
CA LYS E 86 18.34 -16.37 41.43
C LYS E 86 18.61 -17.18 40.15
N LEU E 87 19.07 -16.51 39.10
CA LEU E 87 19.18 -17.12 37.78
C LEU E 87 20.53 -17.78 37.49
N LYS E 88 20.48 -18.95 36.86
CA LYS E 88 21.67 -19.62 36.37
C LYS E 88 22.21 -18.85 35.16
N LYS E 89 23.53 -18.77 35.03
CA LYS E 89 24.16 -18.09 33.90
C LYS E 89 24.35 -19.04 32.72
N PRO E 90 24.16 -18.54 31.49
CA PRO E 90 23.71 -17.19 31.11
C PRO E 90 22.29 -16.97 31.58
N ARG E 91 22.03 -15.89 32.30
CA ARG E 91 20.70 -15.63 32.80
C ARG E 91 19.68 -15.45 31.65
N ARG E 92 18.49 -15.99 31.86
CA ARG E 92 17.42 -15.98 30.88
C ARG E 92 16.16 -15.39 31.49
N ILE E 93 15.70 -14.27 30.94
CA ILE E 93 14.50 -13.58 31.42
C ILE E 93 13.46 -13.41 30.31
N ILE E 94 12.24 -13.85 30.58
CA ILE E 94 11.15 -13.65 29.63
C ILE E 94 10.29 -12.50 30.08
N LEU E 95 10.01 -11.57 29.16
CA LEU E 95 9.12 -10.45 29.42
C LEU E 95 7.80 -10.72 28.74
N LEU E 96 6.73 -10.64 29.53
CA LEU E 96 5.39 -10.87 29.03
C LEU E 96 4.50 -9.78 29.53
N VAL E 97 4.99 -8.55 29.42
CA VAL E 97 4.22 -7.38 29.78
C VAL E 97 3.54 -6.76 28.55
N LYS E 98 2.71 -5.75 28.82
CA LYS E 98 1.98 -5.04 27.77
C LYS E 98 2.95 -4.48 26.74
N ALA E 99 2.67 -4.73 25.46
CA ALA E 99 3.54 -4.21 24.41
C ALA E 99 3.72 -2.72 24.56
N GLY E 100 4.90 -2.23 24.23
CA GLY E 100 5.14 -0.80 24.24
C GLY E 100 6.23 -0.35 25.20
N GLN E 101 5.97 0.76 25.90
CA GLN E 101 6.98 1.36 26.78
C GLN E 101 7.34 0.44 27.94
N ALA E 102 6.35 -0.32 28.42
CA ALA E 102 6.57 -1.27 29.49
C ALA E 102 7.78 -2.17 29.22
N VAL E 103 7.92 -2.61 27.97
CA VAL E 103 9.05 -3.47 27.62
C VAL E 103 10.37 -2.71 27.76
N ASP E 104 10.42 -1.49 27.22
CA ASP E 104 11.61 -0.67 27.34
C ASP E 104 11.92 -0.34 28.80
N ASP E 105 10.88 -0.06 29.58
CA ASP E 105 11.07 0.20 31.01
C ASP E 105 11.82 -0.95 31.71
N PHE E 106 11.40 -2.18 31.46
CA PHE E 106 12.05 -3.33 32.09
C PHE E 106 13.47 -3.53 31.57
N ILE E 107 13.66 -3.35 30.27
CA ILE E 107 14.97 -3.50 29.67
C ILE E 107 15.95 -2.52 30.33
N GLU E 108 15.51 -1.28 30.49
CA GLU E 108 16.37 -0.26 31.08
C GLU E 108 16.79 -0.61 32.51
N LYS E 109 15.87 -1.15 33.30
CA LYS E 109 16.18 -1.55 34.67
C LYS E 109 17.02 -2.82 34.75
N LEU E 110 16.87 -3.72 33.76
CA LEU E 110 17.56 -5.00 33.78
C LEU E 110 19.02 -4.91 33.38
N VAL E 111 19.30 -4.13 32.36
CA VAL E 111 20.66 -4.06 31.79
C VAL E 111 21.77 -3.82 32.83
N PRO E 112 21.56 -2.90 33.78
CA PRO E 112 22.62 -2.68 34.77
C PRO E 112 22.80 -3.87 35.70
N LEU E 113 21.80 -4.73 35.79
CA LEU E 113 21.84 -5.91 36.67
C LEU E 113 22.45 -7.15 36.00
N LEU E 114 22.60 -7.09 34.69
CA LEU E 114 23.00 -8.27 33.92
C LEU E 114 24.47 -8.30 33.56
N ASP E 115 24.92 -9.47 33.17
CA ASP E 115 26.29 -9.66 32.70
C ASP E 115 26.29 -9.90 31.20
N THR E 116 27.44 -9.68 30.59
CA THR E 116 27.64 -9.98 29.18
C THR E 116 27.22 -11.41 28.86
N GLY E 117 26.37 -11.58 27.84
CA GLY E 117 25.94 -12.90 27.42
C GLY E 117 24.60 -13.32 28.01
N ASP E 118 24.08 -12.48 28.90
CA ASP E 118 22.77 -12.74 29.47
C ASP E 118 21.71 -12.48 28.39
N ILE E 119 20.51 -13.02 28.60
CA ILE E 119 19.53 -13.12 27.52
C ILE E 119 18.15 -12.61 27.95
N ILE E 120 17.61 -11.66 27.19
CA ILE E 120 16.24 -11.18 27.45
C ILE E 120 15.33 -11.55 26.29
N ILE E 121 14.21 -12.18 26.62
CA ILE E 121 13.25 -12.62 25.62
C ILE E 121 11.93 -11.90 25.78
N ASP E 122 11.59 -11.06 24.81
CA ASP E 122 10.28 -10.41 24.76
C ASP E 122 9.26 -11.26 24.02
N GLY E 123 8.32 -11.80 24.78
CA GLY E 123 7.35 -12.74 24.24
C GLY E 123 6.01 -12.08 23.94
N GLY E 124 5.92 -10.78 24.22
CA GLY E 124 4.68 -10.07 24.00
C GLY E 124 4.45 -9.75 22.53
N ASN E 125 3.30 -9.15 22.25
CA ASN E 125 3.00 -8.68 20.90
C ASN E 125 3.62 -7.32 20.58
N SER E 126 4.94 -7.29 20.45
CA SER E 126 5.64 -6.04 20.18
C SER E 126 5.72 -5.80 18.68
N GLU E 127 5.66 -4.54 18.26
CA GLU E 127 5.91 -4.19 16.88
C GLU E 127 7.36 -4.55 16.52
N TYR E 128 7.55 -5.13 15.34
CA TYR E 128 8.87 -5.64 14.96
C TYR E 128 9.98 -4.56 14.89
N ARG E 129 9.62 -3.32 14.56
CA ARG E 129 10.61 -2.25 14.49
C ARG E 129 11.21 -1.97 15.86
N ASP E 130 10.36 -2.00 16.89
CA ASP E 130 10.81 -1.89 18.27
C ASP E 130 11.75 -3.03 18.63
N THR E 131 11.40 -4.23 18.20
CA THR E 131 12.22 -5.40 18.46
C THR E 131 13.57 -5.31 17.77
N THR E 132 13.58 -4.84 16.52
CA THR E 132 14.83 -4.62 15.81
C THR E 132 15.75 -3.63 16.55
N ARG E 133 15.15 -2.52 16.97
CA ARG E 133 15.83 -1.48 17.72
C ARG E 133 16.45 -2.01 19.01
N ARG E 134 15.64 -2.67 19.83
CA ARG E 134 16.12 -3.24 21.08
C ARG E 134 17.23 -4.27 20.83
N CYS E 135 17.06 -5.10 19.81
CA CYS E 135 18.03 -6.13 19.51
C CYS E 135 19.40 -5.50 19.23
N ARG E 136 19.41 -4.43 18.44
CA ARG E 136 20.66 -3.77 18.09
C ARG E 136 21.30 -3.06 19.27
N ASP E 137 20.49 -2.35 20.07
CA ASP E 137 21.02 -1.60 21.20
C ASP E 137 21.64 -2.57 22.22
N LEU E 138 20.93 -3.65 22.55
CA LEU E 138 21.39 -4.58 23.55
C LEU E 138 22.61 -5.35 23.08
N LYS E 139 22.65 -5.67 21.80
CA LYS E 139 23.81 -6.34 21.23
C LYS E 139 25.06 -5.52 21.50
N ALA E 140 24.97 -4.23 21.27
CA ALA E 140 26.08 -3.32 21.47
C ALA E 140 26.51 -3.33 22.93
N LYS E 141 25.59 -3.70 23.81
CA LYS E 141 25.90 -3.72 25.23
C LYS E 141 26.19 -5.14 25.76
N GLY E 142 26.38 -6.10 24.87
CA GLY E 142 26.75 -7.46 25.25
C GLY E 142 25.59 -8.32 25.72
N ILE E 143 24.37 -7.84 25.48
CA ILE E 143 23.17 -8.54 25.93
C ILE E 143 22.42 -9.14 24.77
N LEU E 144 22.07 -10.41 24.88
CA LEU E 144 21.45 -11.13 23.78
C LEU E 144 19.94 -11.01 23.87
N PHE E 145 19.35 -10.39 22.86
CA PHE E 145 17.92 -10.08 22.88
C PHE E 145 17.16 -10.92 21.89
N VAL E 146 16.11 -11.57 22.39
CA VAL E 146 15.22 -12.37 21.57
C VAL E 146 13.81 -11.76 21.60
N GLY E 147 13.26 -11.55 20.43
CA GLY E 147 11.86 -11.19 20.32
C GLY E 147 11.11 -12.37 19.74
N SER E 148 10.16 -12.89 20.51
CA SER E 148 9.50 -14.12 20.12
C SER E 148 8.01 -13.97 20.13
N GLY E 149 7.36 -14.37 19.04
CA GLY E 149 5.93 -14.43 19.04
C GLY E 149 5.50 -15.64 19.85
N VAL E 150 4.36 -15.52 20.51
CA VAL E 150 3.72 -16.64 21.17
C VAL E 150 2.28 -16.74 20.70
N SER E 151 1.88 -17.90 20.19
CA SER E 151 0.47 -18.09 19.82
C SER E 151 -0.19 -19.21 20.61
N GLY E 152 -1.52 -19.19 20.67
CA GLY E 152 -2.29 -20.25 21.27
C GLY E 152 -3.17 -19.77 22.40
N GLY E 153 -3.09 -18.49 22.73
CA GLY E 153 -3.85 -17.96 23.85
C GLY E 153 -3.59 -18.69 25.15
N GLU E 154 -4.55 -18.60 26.06
CA GLU E 154 -4.40 -19.19 27.40
C GLU E 154 -4.03 -20.65 27.34
N GLU E 155 -4.80 -21.40 26.57
CA GLU E 155 -4.66 -22.83 26.48
C GLU E 155 -3.30 -23.24 25.90
N GLY E 156 -2.90 -22.55 24.83
CA GLY E 156 -1.62 -22.79 24.21
C GLY E 156 -0.48 -22.53 25.18
N ALA E 157 -0.55 -21.39 25.86
CA ALA E 157 0.50 -20.99 26.81
C ALA E 157 0.61 -22.04 27.92
N ARG E 158 -0.54 -22.56 28.33
CA ARG E 158 -0.59 -23.52 29.42
C ARG E 158 -0.03 -24.89 29.07
N TYR E 159 -0.32 -25.38 27.86
CA TYR E 159 -0.03 -26.77 27.49
C TYR E 159 0.93 -26.99 26.31
N GLY E 160 1.02 -26.01 25.42
CA GLY E 160 1.94 -26.09 24.29
C GLY E 160 1.66 -25.00 23.25
N PRO E 161 2.41 -23.90 23.31
CA PRO E 161 2.19 -22.85 22.32
C PRO E 161 3.02 -23.01 21.05
N SER E 162 2.61 -22.30 20.00
CA SER E 162 3.48 -22.03 18.87
C SER E 162 4.44 -20.94 19.33
N LEU E 163 5.74 -21.14 19.14
CA LEU E 163 6.74 -20.13 19.47
C LEU E 163 7.53 -19.70 18.24
N MET E 164 7.64 -18.40 18.06
CA MET E 164 8.31 -17.83 16.88
C MET E 164 9.45 -16.91 17.27
N PRO E 165 10.60 -17.49 17.67
CA PRO E 165 11.76 -16.76 18.19
C PRO E 165 12.62 -16.16 17.10
N GLY E 166 12.92 -14.88 17.24
CA GLY E 166 13.86 -14.20 16.36
C GLY E 166 14.68 -13.20 17.14
N GLY E 167 15.71 -12.66 16.52
CA GLY E 167 16.51 -11.65 17.20
C GLY E 167 17.99 -11.93 17.08
N ASN E 168 18.65 -12.00 18.22
CA ASN E 168 20.07 -12.30 18.29
C ASN E 168 20.31 -13.80 18.35
N LYS E 169 20.69 -14.42 17.24
CA LYS E 169 20.75 -15.88 17.20
C LYS E 169 21.76 -16.50 18.17
N GLU E 170 22.65 -15.67 18.70
CA GLU E 170 23.61 -16.12 19.69
C GLU E 170 22.90 -16.68 20.94
N ALA E 171 21.64 -16.28 21.12
CA ALA E 171 20.86 -16.79 22.25
C ALA E 171 20.17 -18.11 21.98
N TRP E 172 19.95 -18.43 20.70
CA TRP E 172 19.12 -19.57 20.35
C TRP E 172 19.56 -20.89 21.03
N PRO E 173 20.85 -21.21 20.96
CA PRO E 173 21.38 -22.41 21.63
C PRO E 173 21.07 -22.45 23.12
N HIS E 174 20.94 -21.29 23.74
CA HIS E 174 20.69 -21.23 25.18
C HIS E 174 19.21 -21.32 25.57
N ILE E 175 18.31 -21.21 24.60
CA ILE E 175 16.88 -21.25 24.91
C ILE E 175 16.18 -22.37 24.18
N LYS E 176 16.87 -22.96 23.22
CA LYS E 176 16.32 -24.00 22.34
C LYS E 176 15.62 -25.10 23.13
N THR E 177 16.29 -25.55 24.18
CA THR E 177 15.85 -26.68 24.96
C THR E 177 14.54 -26.42 25.68
N ILE E 178 14.46 -25.29 26.36
CA ILE E 178 13.22 -24.90 27.02
C ILE E 178 12.11 -24.57 26.00
N PHE E 179 12.45 -23.78 25.00
CA PHE E 179 11.45 -23.37 24.02
C PHE E 179 10.85 -24.53 23.26
N GLN E 180 11.70 -25.39 22.70
CA GLN E 180 11.20 -26.54 21.97
C GLN E 180 10.56 -27.52 22.94
N GLY E 181 11.03 -27.48 24.19
CA GLY E 181 10.50 -28.32 25.24
C GLY E 181 9.03 -28.08 25.53
N ILE E 182 8.67 -26.81 25.70
CA ILE E 182 7.29 -26.50 26.08
C ILE E 182 6.37 -26.29 24.89
N ALA E 183 6.94 -26.20 23.69
CA ALA E 183 6.12 -25.91 22.50
C ALA E 183 5.19 -27.07 22.15
N ALA E 184 4.04 -26.74 21.54
CA ALA E 184 3.18 -27.76 20.94
C ALA E 184 4.00 -28.68 20.04
N LYS E 185 3.68 -29.98 20.00
CA LYS E 185 4.32 -30.90 19.06
C LYS E 185 3.30 -31.40 18.04
N VAL E 186 3.76 -31.67 16.82
CA VAL E 186 2.88 -32.15 15.77
C VAL E 186 3.29 -33.54 15.36
N GLY E 187 2.32 -34.29 14.82
CA GLY E 187 2.57 -35.58 14.16
C GLY E 187 3.72 -36.39 14.72
N THR E 188 4.88 -36.29 14.08
CA THR E 188 6.06 -37.07 14.45
C THR E 188 6.73 -36.59 15.74
N GLY E 189 6.17 -35.55 16.36
CA GLY E 189 6.71 -35.01 17.59
C GLY E 189 7.62 -33.82 17.41
N GLU E 190 7.67 -33.26 16.19
CA GLU E 190 8.48 -32.07 15.97
C GLU E 190 7.82 -30.84 16.59
N PRO E 191 8.65 -30.00 17.23
CA PRO E 191 8.20 -28.85 18.01
C PRO E 191 7.77 -27.70 17.10
N CYS E 192 6.68 -27.04 17.45
CA CYS E 192 6.21 -25.89 16.68
C CYS E 192 6.95 -24.68 17.18
N CYS E 193 8.25 -24.75 16.98
CA CYS E 193 9.15 -23.72 17.44
C CYS E 193 10.52 -23.94 16.83
N ASP E 194 10.94 -23.02 15.99
CA ASP E 194 12.30 -23.02 15.49
C ASP E 194 12.74 -21.56 15.28
N TRP E 195 14.04 -21.34 15.14
CA TRP E 195 14.57 -19.99 14.92
C TRP E 195 14.03 -19.40 13.63
N VAL E 196 13.41 -18.23 13.74
CA VAL E 196 12.76 -17.58 12.63
C VAL E 196 13.76 -16.78 11.82
N GLY E 197 14.54 -15.95 12.50
CA GLY E 197 15.50 -15.11 11.82
C GLY E 197 15.98 -13.93 12.65
N ASP E 198 16.69 -13.02 12.00
CA ASP E 198 17.35 -11.93 12.71
C ASP E 198 16.43 -10.79 13.18
N GLU E 199 16.86 -10.13 14.25
CA GLU E 199 16.19 -8.95 14.80
C GLU E 199 14.70 -9.13 14.94
N GLY E 200 13.90 -8.27 14.30
CA GLY E 200 12.47 -8.30 14.48
C GLY E 200 11.71 -9.36 13.69
N ALA E 201 12.43 -10.28 13.06
CA ALA E 201 11.78 -11.32 12.24
C ALA E 201 10.71 -12.13 12.97
N GLY E 202 11.01 -12.55 14.20
CA GLY E 202 10.06 -13.31 14.98
C GLY E 202 8.76 -12.55 15.17
N HIS E 203 8.84 -11.30 15.58
CA HIS E 203 7.64 -10.53 15.81
C HIS E 203 6.94 -10.15 14.53
N PHE E 204 7.68 -10.11 13.43
CA PHE E 204 7.07 -9.87 12.14
C PHE E 204 6.18 -11.05 11.77
N VAL E 205 6.66 -12.24 12.08
CA VAL E 205 5.94 -13.48 11.80
C VAL E 205 4.67 -13.66 12.62
N LYS E 206 4.71 -13.33 13.91
CA LYS E 206 3.54 -13.36 14.77
C LYS E 206 2.48 -12.46 14.18
N MET E 207 2.93 -11.31 13.68
CA MET E 207 2.04 -10.30 13.11
C MET E 207 1.27 -10.90 11.91
N VAL E 208 2.04 -11.45 10.99
CA VAL E 208 1.47 -12.14 9.85
C VAL E 208 0.52 -13.26 10.26
N HIS E 209 0.91 -14.05 11.27
CA HIS E 209 0.04 -15.08 11.80
C HIS E 209 -1.35 -14.50 12.10
N ASN E 210 -1.36 -13.35 12.76
CA ASN E 210 -2.62 -12.71 13.13
C ASN E 210 -3.39 -12.12 11.94
N GLY E 211 -2.65 -11.68 10.93
CA GLY E 211 -3.28 -11.25 9.69
C GLY E 211 -4.07 -12.36 9.08
N ILE E 212 -3.40 -13.51 8.86
CA ILE E 212 -4.05 -14.69 8.30
C ILE E 212 -5.25 -15.11 9.15
N GLU E 213 -5.08 -15.05 10.46
CA GLU E 213 -6.13 -15.34 11.41
C GLU E 213 -7.38 -14.49 11.20
N TYR E 214 -7.19 -13.19 11.20
CA TYR E 214 -8.25 -12.24 10.90
C TYR E 214 -8.99 -12.60 9.61
N GLY E 215 -8.23 -12.97 8.57
CA GLY E 215 -8.80 -13.26 7.27
C GLY E 215 -9.66 -14.50 7.36
N ASP E 216 -9.12 -15.52 8.00
CA ASP E 216 -9.80 -16.82 8.14
C ASP E 216 -11.10 -16.65 8.89
N MET E 217 -11.05 -15.87 9.97
CA MET E 217 -12.20 -15.65 10.81
C MET E 217 -13.32 -14.96 10.04
N GLN E 218 -12.95 -13.96 9.26
CA GLN E 218 -13.94 -13.21 8.51
C GLN E 218 -14.57 -14.08 7.41
N LEU E 219 -13.75 -14.86 6.72
CA LEU E 219 -14.21 -15.82 5.73
C LEU E 219 -15.23 -16.76 6.31
N ILE E 220 -14.92 -17.29 7.48
CA ILE E 220 -15.84 -18.18 8.17
C ILE E 220 -17.17 -17.49 8.44
N CYS E 221 -17.12 -16.23 8.86
CA CYS E 221 -18.32 -15.46 9.13
C CYS E 221 -19.16 -15.28 7.88
N GLU E 222 -18.51 -15.11 6.73
CA GLU E 222 -19.19 -14.94 5.46
C GLU E 222 -19.90 -16.24 5.04
N ALA E 223 -19.22 -17.35 5.22
CA ALA E 223 -19.81 -18.66 5.02
C ALA E 223 -21.04 -18.81 5.88
N TYR E 224 -20.89 -18.48 7.15
CA TYR E 224 -21.98 -18.59 8.10
C TYR E 224 -23.15 -17.72 7.68
N HIS E 225 -22.85 -16.52 7.19
CA HIS E 225 -23.88 -15.58 6.78
C HIS E 225 -24.68 -16.15 5.61
N LEU E 226 -23.98 -16.76 4.65
CA LEU E 226 -24.62 -17.40 3.51
C LEU E 226 -25.49 -18.59 3.95
N MET E 227 -24.96 -19.41 4.85
CA MET E 227 -25.72 -20.54 5.38
C MET E 227 -27.00 -20.05 6.04
N LYS E 228 -26.88 -18.99 6.81
CA LYS E 228 -28.00 -18.50 7.59
C LYS E 228 -29.05 -17.79 6.73
N ASP E 229 -28.59 -16.93 5.83
CA ASP E 229 -29.46 -15.99 5.15
C ASP E 229 -29.85 -16.36 3.72
N VAL E 230 -29.00 -17.13 3.04
CA VAL E 230 -29.34 -17.66 1.73
C VAL E 230 -30.01 -19.03 1.84
N LEU E 231 -29.40 -19.95 2.58
CA LEU E 231 -29.93 -21.30 2.70
C LEU E 231 -30.90 -21.46 3.88
N GLY E 232 -31.05 -20.41 4.69
CA GLY E 232 -31.97 -20.42 5.82
C GLY E 232 -31.79 -21.55 6.81
N MET E 233 -30.54 -21.93 7.08
CA MET E 233 -30.25 -23.04 7.95
C MET E 233 -30.39 -22.69 9.42
N ALA E 234 -30.71 -23.69 10.23
CA ALA E 234 -30.84 -23.55 11.67
C ALA E 234 -29.47 -23.58 12.31
N GLN E 235 -29.38 -23.03 13.52
CA GLN E 235 -28.12 -22.97 14.26
C GLN E 235 -27.39 -24.33 14.30
N ASP E 236 -28.08 -25.36 14.75
CA ASP E 236 -27.49 -26.69 14.94
C ASP E 236 -27.13 -27.36 13.62
N GLU E 237 -27.92 -27.04 12.59
CA GLU E 237 -27.70 -27.53 11.24
C GLU E 237 -26.39 -26.95 10.72
N MET E 238 -26.17 -25.66 10.96
CA MET E 238 -24.93 -25.02 10.55
C MET E 238 -23.74 -25.55 11.33
N ALA E 239 -23.92 -25.75 12.64
CA ALA E 239 -22.88 -26.37 13.47
C ALA E 239 -22.47 -27.71 12.85
N GLN E 240 -23.45 -28.50 12.44
CA GLN E 240 -23.16 -29.77 11.81
C GLN E 240 -22.34 -29.61 10.53
N ALA E 241 -22.71 -28.64 9.72
CA ALA E 241 -22.00 -28.42 8.47
C ALA E 241 -20.53 -28.15 8.74
N PHE E 242 -20.24 -27.26 9.69
CA PHE E 242 -18.84 -26.96 10.05
C PHE E 242 -18.13 -28.18 10.59
N GLU E 243 -18.84 -28.91 11.45
CA GLU E 243 -18.31 -30.15 11.99
C GLU E 243 -17.91 -31.13 10.88
N ASP E 244 -18.73 -31.21 9.84
CA ASP E 244 -18.42 -32.07 8.68
C ASP E 244 -17.25 -31.54 7.87
N TRP E 245 -17.30 -30.24 7.60
CA TRP E 245 -16.25 -29.53 6.88
C TRP E 245 -14.86 -29.75 7.51
N ASN E 246 -14.84 -29.88 8.84
CA ASN E 246 -13.62 -30.06 9.58
C ASN E 246 -12.96 -31.43 9.35
N LYS E 247 -13.66 -32.31 8.65
CA LYS E 247 -13.16 -33.67 8.41
C LYS E 247 -12.38 -33.73 7.10
N THR E 248 -12.61 -32.73 6.27
CA THR E 248 -11.99 -32.62 4.94
C THR E 248 -10.81 -31.64 4.87
N GLU E 249 -10.67 -31.02 3.70
CA GLU E 249 -9.61 -30.05 3.44
C GLU E 249 -9.63 -28.87 4.41
N LEU E 250 -10.81 -28.48 4.90
CA LEU E 250 -10.89 -27.35 5.83
C LEU E 250 -10.54 -27.69 7.28
N ASP E 251 -10.11 -28.92 7.53
CA ASP E 251 -9.65 -29.36 8.85
C ASP E 251 -8.69 -28.33 9.49
N SER E 252 -9.18 -27.66 10.53
CA SER E 252 -8.45 -26.57 11.15
C SER E 252 -9.08 -26.20 12.49
N PHE E 253 -8.30 -25.52 13.34
CA PHE E 253 -8.79 -25.12 14.67
C PHE E 253 -9.97 -24.15 14.61
N LEU E 254 -9.90 -23.14 13.74
CA LEU E 254 -11.00 -22.20 13.60
C LEU E 254 -12.32 -22.84 13.13
N ILE E 255 -12.26 -23.76 12.18
CA ILE E 255 -13.48 -24.45 11.75
C ILE E 255 -14.02 -25.24 12.92
N GLU E 256 -13.14 -25.98 13.58
CA GLU E 256 -13.51 -26.75 14.75
C GLU E 256 -14.30 -25.94 15.78
N ILE E 257 -13.70 -24.86 16.30
CA ILE E 257 -14.37 -24.09 17.36
C ILE E 257 -15.64 -23.39 16.89
N THR E 258 -15.72 -23.09 15.60
CA THR E 258 -16.92 -22.48 15.05
C THR E 258 -18.10 -23.45 15.18
N ALA E 259 -17.86 -24.72 14.90
CA ALA E 259 -18.88 -25.73 15.09
C ALA E 259 -19.29 -25.77 16.56
N ASN E 260 -18.33 -25.71 17.47
CA ASN E 260 -18.65 -25.70 18.90
C ASN E 260 -19.47 -24.50 19.29
N ILE E 261 -19.04 -23.33 18.82
CA ILE E 261 -19.72 -22.09 19.18
C ILE E 261 -21.18 -22.16 18.71
N LEU E 262 -21.40 -22.67 17.50
CA LEU E 262 -22.76 -22.73 16.94
C LEU E 262 -23.71 -23.63 17.74
N LYS E 263 -23.19 -24.72 18.31
CA LYS E 263 -23.96 -25.67 19.13
C LYS E 263 -24.32 -25.06 20.47
N PHE E 264 -23.45 -24.17 20.95
CA PHE E 264 -23.48 -23.77 22.35
C PHE E 264 -24.82 -23.19 22.82
N GLN E 265 -25.32 -23.70 23.94
CA GLN E 265 -26.58 -23.23 24.47
C GLN E 265 -26.39 -22.51 25.79
N ASP E 266 -27.09 -21.39 25.94
CA ASP E 266 -27.02 -20.64 27.18
C ASP E 266 -27.83 -21.37 28.25
N THR E 267 -27.71 -20.90 29.49
CA THR E 267 -28.36 -21.52 30.64
C THR E 267 -29.87 -21.66 30.50
N ASP E 268 -30.45 -20.88 29.60
CA ASP E 268 -31.90 -20.92 29.39
C ASP E 268 -32.30 -21.86 28.23
N GLY E 269 -31.34 -22.61 27.70
CA GLY E 269 -31.62 -23.55 26.63
C GLY E 269 -31.58 -22.99 25.22
N LYS E 270 -31.65 -21.66 25.11
CA LYS E 270 -31.51 -21.02 23.80
C LYS E 270 -30.03 -20.90 23.44
N HIS E 271 -29.73 -20.88 22.13
CA HIS E 271 -28.36 -20.75 21.66
C HIS E 271 -27.80 -19.39 22.06
N LEU E 272 -26.51 -19.39 22.41
CA LEU E 272 -25.88 -18.18 22.94
C LEU E 272 -25.51 -17.18 21.83
N LEU E 273 -25.03 -17.70 20.70
CA LEU E 273 -24.46 -16.86 19.65
C LEU E 273 -25.41 -15.76 19.20
N PRO E 274 -26.68 -16.11 18.98
CA PRO E 274 -27.63 -15.12 18.50
C PRO E 274 -27.89 -13.99 19.51
N LYS E 275 -27.49 -14.18 20.76
CA LYS E 275 -27.64 -13.12 21.76
C LYS E 275 -26.47 -12.13 21.77
N ILE E 276 -25.39 -12.46 21.08
CA ILE E 276 -24.15 -11.69 21.16
C ILE E 276 -24.14 -10.46 20.26
N ARG E 277 -23.69 -9.34 20.81
CA ARG E 277 -23.61 -8.09 20.08
C ARG E 277 -22.57 -8.16 18.95
N ASP E 278 -22.98 -7.72 17.76
CA ASP E 278 -22.17 -7.92 16.56
C ASP E 278 -21.25 -6.73 16.29
N SER E 279 -20.39 -6.43 17.25
CA SER E 279 -19.41 -5.38 17.11
C SER E 279 -18.03 -5.94 17.47
N ALA E 280 -17.22 -6.18 16.45
CA ALA E 280 -15.93 -6.85 16.64
C ALA E 280 -14.83 -5.93 17.16
N GLY E 281 -14.12 -6.39 18.18
CA GLY E 281 -12.99 -5.67 18.71
C GLY E 281 -11.71 -6.08 17.99
N GLN E 282 -10.66 -5.30 18.18
CA GLN E 282 -9.35 -5.64 17.67
C GLN E 282 -8.27 -5.01 18.55
N LYS E 283 -7.13 -5.65 18.64
CA LYS E 283 -6.08 -5.15 19.53
C LYS E 283 -4.80 -4.71 18.78
N GLY E 284 -4.87 -4.54 17.47
CA GLY E 284 -3.75 -3.94 16.75
C GLY E 284 -3.05 -4.77 15.70
N THR E 285 -2.82 -6.05 15.99
CA THR E 285 -2.01 -6.89 15.09
C THR E 285 -2.52 -6.95 13.65
N GLY E 286 -3.84 -7.07 13.50
CA GLY E 286 -4.45 -7.17 12.18
C GLY E 286 -4.16 -5.89 11.43
N LYS E 287 -4.49 -4.79 12.09
CA LYS E 287 -4.22 -3.45 11.57
C LYS E 287 -2.75 -3.32 11.15
N TRP E 288 -1.84 -3.76 12.01
CA TRP E 288 -0.42 -3.65 11.69
C TRP E 288 -0.03 -4.37 10.41
N THR E 289 -0.60 -5.55 10.24
CA THR E 289 -0.26 -6.38 9.10
C THR E 289 -0.66 -5.65 7.81
N ALA E 290 -1.87 -5.11 7.82
CA ALA E 290 -2.39 -4.37 6.67
C ALA E 290 -1.55 -3.12 6.37
N ILE E 291 -1.15 -2.43 7.42
CA ILE E 291 -0.29 -1.27 7.31
C ILE E 291 1.11 -1.61 6.74
N SER E 292 1.68 -2.70 7.21
CA SER E 292 2.97 -3.19 6.71
C SER E 292 2.88 -3.46 5.23
N ALA E 293 1.80 -4.14 4.86
CA ALA E 293 1.48 -4.48 3.49
C ALA E 293 1.46 -3.23 2.60
N LEU E 294 0.70 -2.23 3.03
CA LEU E 294 0.62 -0.98 2.30
C LEU E 294 1.98 -0.32 2.20
N GLU E 295 2.71 -0.31 3.32
CA GLU E 295 3.99 0.37 3.35
C GLU E 295 5.03 -0.23 2.40
N TYR E 296 4.97 -1.54 2.19
CA TYR E 296 5.95 -2.22 1.35
C TYR E 296 5.40 -2.66 -0.01
N GLY E 297 4.17 -2.25 -0.31
CA GLY E 297 3.54 -2.52 -1.60
C GLY E 297 3.28 -3.98 -1.91
N VAL E 298 2.84 -4.72 -0.91
CA VAL E 298 2.42 -6.10 -1.12
C VAL E 298 0.89 -6.14 -1.07
N PRO E 299 0.26 -6.71 -2.10
CA PRO E 299 -1.21 -6.73 -2.17
C PRO E 299 -1.88 -7.78 -1.25
N VAL E 300 -1.80 -7.54 0.05
CA VAL E 300 -2.40 -8.42 1.04
C VAL E 300 -3.84 -7.98 1.28
N THR E 301 -4.68 -8.21 0.27
CA THR E 301 -6.01 -7.62 0.22
C THR E 301 -7.00 -8.20 1.23
N LEU E 302 -6.87 -9.48 1.54
CA LEU E 302 -7.82 -10.12 2.46
C LEU E 302 -7.74 -9.58 3.89
N ILE E 303 -6.53 -9.42 4.40
CA ILE E 303 -6.35 -8.84 5.71
C ILE E 303 -6.88 -7.41 5.80
N GLY E 304 -6.65 -6.62 4.75
CA GLY E 304 -7.24 -5.30 4.66
C GLY E 304 -8.73 -5.35 4.85
N GLU E 305 -9.39 -6.20 4.07
CA GLU E 305 -10.85 -6.27 4.14
C GLU E 305 -11.29 -6.77 5.50
N ALA E 306 -10.56 -7.75 6.04
CA ALA E 306 -10.88 -8.29 7.35
C ALA E 306 -10.87 -7.20 8.43
N VAL E 307 -9.81 -6.41 8.47
CA VAL E 307 -9.70 -5.32 9.42
C VAL E 307 -10.83 -4.29 9.26
N PHE E 308 -11.06 -3.89 8.01
CA PHE E 308 -12.10 -2.90 7.77
C PHE E 308 -13.47 -3.47 8.11
N ALA E 309 -13.63 -4.77 7.91
CA ALA E 309 -14.88 -5.43 8.27
C ALA E 309 -15.18 -5.28 9.77
N ARG E 310 -14.16 -5.45 10.59
CA ARG E 310 -14.32 -5.21 12.01
C ARG E 310 -14.73 -3.75 12.30
N CYS E 311 -14.04 -2.81 11.64
CA CYS E 311 -14.36 -1.40 11.80
C CYS E 311 -15.82 -1.13 11.49
N LEU E 312 -16.26 -1.67 10.36
CA LEU E 312 -17.65 -1.53 9.92
C LEU E 312 -18.64 -2.10 10.93
N SER E 313 -18.31 -3.24 11.51
CA SER E 313 -19.20 -3.85 12.50
C SER E 313 -19.35 -2.95 13.74
N SER E 314 -18.29 -2.22 14.05
CA SER E 314 -18.27 -1.30 15.18
C SER E 314 -19.23 -0.14 15.02
N LEU E 315 -19.54 0.22 13.79
CA LEU E 315 -20.52 1.26 13.50
C LEU E 315 -21.94 0.73 13.67
N LYS E 316 -22.14 -0.03 14.74
CA LYS E 316 -23.40 -0.72 14.95
C LYS E 316 -24.59 0.24 14.98
N ASP E 317 -24.46 1.35 15.70
CA ASP E 317 -25.56 2.29 15.78
C ASP E 317 -25.88 2.94 14.42
N GLU E 318 -24.84 3.27 13.67
CA GLU E 318 -25.02 3.76 12.31
C GLU E 318 -25.71 2.72 11.43
N ARG E 319 -25.35 1.45 11.59
CA ARG E 319 -25.92 0.40 10.75
C ARG E 319 -27.40 0.21 11.07
N ILE E 320 -27.77 0.36 12.32
CA ILE E 320 -29.19 0.27 12.70
C ILE E 320 -29.93 1.39 11.98
N GLN E 321 -29.37 2.59 12.05
CA GLN E 321 -29.90 3.74 11.32
C GLN E 321 -30.05 3.44 9.84
N ALA E 322 -28.93 3.06 9.23
CA ALA E 322 -28.88 2.86 7.79
C ALA E 322 -29.84 1.77 7.33
N SER E 323 -30.03 0.74 8.17
CA SER E 323 -30.89 -0.38 7.77
C SER E 323 -32.34 0.06 7.52
N LYS E 324 -32.70 1.21 8.09
CA LYS E 324 -34.05 1.73 7.96
C LYS E 324 -34.25 2.43 6.61
N LYS E 325 -33.16 2.99 6.07
CA LYS E 325 -33.20 3.77 4.83
C LYS E 325 -32.73 3.05 3.57
N LEU E 326 -31.68 2.23 3.70
CA LEU E 326 -31.08 1.61 2.54
C LEU E 326 -31.63 0.21 2.33
N LYS E 327 -32.26 0.00 1.18
CA LYS E 327 -32.89 -1.28 0.89
C LYS E 327 -31.88 -2.17 0.18
N GLY E 328 -32.07 -3.47 0.30
CA GLY E 328 -31.24 -4.42 -0.42
C GLY E 328 -31.92 -4.91 -1.68
N PRO E 329 -31.40 -6.03 -2.23
CA PRO E 329 -32.08 -6.64 -3.35
C PRO E 329 -33.49 -6.93 -2.87
N GLN E 330 -34.48 -6.41 -3.58
CA GLN E 330 -35.85 -6.50 -3.13
C GLN E 330 -36.40 -7.90 -3.30
N LYS E 331 -36.16 -8.49 -4.47
CA LYS E 331 -36.86 -9.72 -4.82
C LYS E 331 -35.93 -10.92 -5.02
N PHE E 332 -35.23 -11.33 -3.96
CA PHE E 332 -34.42 -12.54 -4.03
C PHE E 332 -34.95 -13.70 -3.21
N GLN E 333 -35.08 -14.86 -3.86
CA GLN E 333 -35.42 -16.11 -3.21
C GLN E 333 -34.52 -17.20 -3.78
N PHE E 334 -33.87 -17.95 -2.90
CA PHE E 334 -32.99 -19.02 -3.36
C PHE E 334 -33.84 -20.20 -3.83
N ASP E 335 -33.74 -20.50 -5.12
CA ASP E 335 -34.52 -21.59 -5.71
C ASP E 335 -33.58 -22.61 -6.34
N GLY E 336 -32.80 -23.27 -5.51
CA GLY E 336 -31.87 -24.28 -5.99
C GLY E 336 -31.69 -25.40 -4.98
N ASP E 337 -30.81 -26.34 -5.30
CA ASP E 337 -30.53 -27.44 -4.39
C ASP E 337 -29.62 -26.99 -3.23
N LYS E 338 -30.23 -26.79 -2.08
CA LYS E 338 -29.53 -26.36 -0.88
C LYS E 338 -28.23 -27.10 -0.62
N LYS E 339 -28.27 -28.42 -0.76
CA LYS E 339 -27.10 -29.24 -0.50
C LYS E 339 -25.97 -28.89 -1.46
N SER E 340 -26.30 -28.73 -2.74
CA SER E 340 -25.30 -28.36 -3.75
C SER E 340 -24.67 -27.03 -3.42
N PHE E 341 -25.49 -26.05 -3.03
CA PHE E 341 -24.99 -24.73 -2.70
C PHE E 341 -24.13 -24.71 -1.45
N LEU E 342 -24.50 -25.55 -0.49
CA LEU E 342 -23.70 -25.65 0.72
C LEU E 342 -22.29 -26.10 0.38
N GLU E 343 -22.17 -27.07 -0.52
CA GLU E 343 -20.85 -27.51 -0.94
C GLU E 343 -20.13 -26.42 -1.75
N ASP E 344 -20.89 -25.62 -2.50
CA ASP E 344 -20.32 -24.46 -3.16
C ASP E 344 -19.65 -23.52 -2.16
N ILE E 345 -20.37 -23.22 -1.08
CA ILE E 345 -19.84 -22.37 -0.03
C ILE E 345 -18.55 -22.96 0.51
N ARG E 346 -18.54 -24.27 0.74
CA ARG E 346 -17.35 -24.91 1.29
C ARG E 346 -16.16 -24.72 0.37
N LYS E 347 -16.35 -24.95 -0.92
CA LYS E 347 -15.26 -24.83 -1.86
C LYS E 347 -14.81 -23.36 -2.04
N ALA E 348 -15.78 -22.45 -2.01
CA ALA E 348 -15.47 -21.04 -2.07
C ALA E 348 -14.59 -20.67 -0.89
N LEU E 349 -14.96 -21.16 0.28
CA LEU E 349 -14.24 -20.91 1.52
C LEU E 349 -12.80 -21.45 1.43
N TYR E 350 -12.65 -22.66 0.92
CA TYR E 350 -11.36 -23.27 0.77
C TYR E 350 -10.46 -22.46 -0.18
N ALA E 351 -10.98 -22.07 -1.33
CA ALA E 351 -10.18 -21.32 -2.30
C ALA E 351 -9.75 -19.98 -1.75
N SER E 352 -10.69 -19.26 -1.14
CA SER E 352 -10.36 -18.00 -0.52
C SER E 352 -9.34 -18.15 0.59
N LYS E 353 -9.48 -19.19 1.42
CA LYS E 353 -8.51 -19.48 2.49
C LYS E 353 -7.12 -19.61 1.85
N ILE E 354 -7.07 -20.25 0.71
CA ILE E 354 -5.81 -20.43 0.01
C ILE E 354 -5.19 -19.09 -0.38
N ILE E 355 -5.98 -18.24 -0.99
CA ILE E 355 -5.55 -16.87 -1.31
C ILE E 355 -5.02 -16.13 -0.06
N SER E 356 -5.75 -16.21 1.04
CA SER E 356 -5.32 -15.58 2.29
C SER E 356 -3.87 -15.97 2.61
N TYR E 357 -3.58 -17.27 2.62
CA TYR E 357 -2.24 -17.74 2.94
C TYR E 357 -1.20 -17.34 1.89
N ALA E 358 -1.61 -17.38 0.64
CA ALA E 358 -0.70 -17.04 -0.45
C ALA E 358 -0.25 -15.60 -0.29
N GLN E 359 -1.19 -14.74 0.08
CA GLN E 359 -0.89 -13.32 0.28
C GLN E 359 0.04 -13.14 1.46
N GLY E 360 -0.29 -13.80 2.56
CA GLY E 360 0.59 -13.81 3.72
C GLY E 360 2.03 -14.12 3.42
N PHE E 361 2.27 -15.15 2.61
CA PHE E 361 3.62 -15.57 2.30
C PHE E 361 4.29 -14.62 1.30
N MET E 362 3.48 -13.89 0.55
CA MET E 362 3.99 -12.87 -0.36
C MET E 362 4.64 -11.79 0.50
N LEU E 363 3.96 -11.45 1.58
CA LEU E 363 4.43 -10.40 2.46
C LEU E 363 5.68 -10.86 3.22
N LEU E 364 5.73 -12.11 3.63
CA LEU E 364 6.92 -12.63 4.26
C LEU E 364 8.12 -12.55 3.32
N ARG E 365 7.93 -12.96 2.07
CA ARG E 365 9.02 -12.92 1.12
C ARG E 365 9.50 -11.47 0.94
N GLN E 366 8.55 -10.53 0.88
CA GLN E 366 8.88 -9.12 0.71
C GLN E 366 9.72 -8.61 1.88
N ALA E 367 9.34 -9.01 3.08
CA ALA E 367 10.08 -8.64 4.28
C ALA E 367 11.53 -9.13 4.23
N ALA E 368 11.73 -10.38 3.87
CA ALA E 368 13.07 -10.92 3.70
C ALA E 368 13.90 -10.04 2.79
N THR E 369 13.28 -9.62 1.69
CA THR E 369 13.91 -8.76 0.71
C THR E 369 14.24 -7.40 1.33
N GLU E 370 13.23 -6.80 1.93
CA GLU E 370 13.38 -5.48 2.52
C GLU E 370 14.45 -5.43 3.60
N PHE E 371 14.48 -6.41 4.48
CA PHE E 371 15.33 -6.34 5.68
C PHE E 371 16.51 -7.27 5.69
N GLY E 372 16.61 -8.14 4.70
CA GLY E 372 17.74 -9.05 4.63
C GLY E 372 17.57 -10.27 5.51
N TRP E 373 16.40 -10.42 6.13
CA TRP E 373 16.17 -11.60 6.95
C TRP E 373 16.18 -12.86 6.10
N THR E 374 16.84 -13.89 6.60
CA THR E 374 16.80 -15.18 5.92
C THR E 374 15.71 -16.06 6.52
N LEU E 375 14.49 -15.84 6.03
CA LEU E 375 13.33 -16.57 6.50
C LEU E 375 13.20 -17.95 5.85
N ASN E 376 12.87 -18.94 6.66
CA ASN E 376 12.56 -20.28 6.14
C ASN E 376 11.07 -20.51 6.08
N TYR E 377 10.50 -20.35 4.87
CA TYR E 377 9.05 -20.28 4.75
C TYR E 377 8.43 -21.61 5.11
N GLY E 378 9.04 -22.68 4.64
CA GLY E 378 8.56 -24.01 5.01
C GLY E 378 8.62 -24.22 6.52
N GLY E 379 9.68 -23.73 7.14
CA GLY E 379 9.82 -23.85 8.57
C GLY E 379 8.76 -23.06 9.30
N ILE E 380 8.48 -21.86 8.81
CA ILE E 380 7.42 -21.05 9.39
C ILE E 380 6.07 -21.79 9.32
N ALA E 381 5.78 -22.42 8.18
CA ALA E 381 4.55 -23.20 8.06
C ALA E 381 4.52 -24.31 9.08
N LEU E 382 5.66 -24.97 9.30
CA LEU E 382 5.74 -26.03 10.30
C LEU E 382 5.44 -25.53 11.72
N MET E 383 5.93 -24.33 12.04
CA MET E 383 5.70 -23.72 13.34
C MET E 383 4.23 -23.47 13.63
N TRP E 384 3.48 -23.12 12.58
CA TRP E 384 2.06 -22.83 12.70
C TRP E 384 1.20 -24.09 12.59
N ARG E 385 1.83 -25.25 12.49
CA ARG E 385 1.11 -26.48 12.25
C ARG E 385 0.31 -26.85 13.48
N GLY E 386 0.81 -26.44 14.63
CA GLY E 386 0.15 -26.72 15.89
C GLY E 386 0.31 -25.51 16.79
N GLY E 387 -0.36 -25.53 17.94
CA GLY E 387 -0.19 -24.48 18.92
C GLY E 387 -0.94 -23.20 18.63
N CYS E 388 -0.90 -22.73 17.38
CA CYS E 388 -1.49 -21.44 17.06
C CYS E 388 -2.94 -21.52 16.70
N ILE E 389 -3.57 -20.36 16.64
CA ILE E 389 -4.98 -20.23 16.35
C ILE E 389 -5.30 -20.64 14.90
N ILE E 390 -4.34 -20.46 13.99
CA ILE E 390 -4.58 -20.76 12.59
C ILE E 390 -4.13 -22.17 12.20
N ARG E 391 -3.88 -23.02 13.18
CA ARG E 391 -3.41 -24.37 12.91
C ARG E 391 -4.40 -25.16 12.05
N SER E 392 -3.86 -25.89 11.08
CA SER E 392 -4.69 -26.67 10.17
C SER E 392 -3.86 -27.66 9.36
N VAL E 393 -4.53 -28.70 8.86
CA VAL E 393 -3.91 -29.66 7.99
C VAL E 393 -3.33 -28.91 6.80
N PHE E 394 -4.09 -27.94 6.32
CA PHE E 394 -3.71 -27.06 5.23
C PHE E 394 -2.23 -26.66 5.30
N LEU E 395 -1.73 -26.43 6.51
CA LEU E 395 -0.37 -25.92 6.72
C LEU E 395 0.74 -26.91 6.38
N GLY E 396 0.45 -28.20 6.47
CA GLY E 396 1.40 -29.21 6.03
C GLY E 396 1.62 -29.13 4.53
N LYS E 397 0.59 -28.75 3.79
CA LYS E 397 0.68 -28.60 2.35
C LYS E 397 1.58 -27.45 1.97
N ILE E 398 1.48 -26.37 2.73
CA ILE E 398 2.35 -25.21 2.53
C ILE E 398 3.82 -25.60 2.75
N LYS E 399 4.08 -26.35 3.82
CA LYS E 399 5.43 -26.82 4.07
C LYS E 399 5.93 -27.67 2.89
N ASP E 400 5.06 -28.53 2.38
CA ASP E 400 5.38 -29.40 1.24
C ASP E 400 5.76 -28.59 0.02
N ALA E 401 4.97 -27.57 -0.29
CA ALA E 401 5.26 -26.70 -1.40
C ALA E 401 6.64 -26.06 -1.32
N PHE E 402 6.98 -25.50 -0.17
CA PHE E 402 8.30 -24.90 0.00
C PHE E 402 9.41 -25.95 0.05
N ASP E 403 9.07 -27.16 0.45
CA ASP E 403 9.99 -28.27 0.38
C ASP E 403 10.36 -28.58 -1.08
N ARG E 404 9.35 -28.73 -1.93
CA ARG E 404 9.55 -28.99 -3.36
C ARG E 404 10.25 -27.85 -4.06
N ASN E 405 10.07 -26.64 -3.56
CA ASN E 405 10.67 -25.47 -4.18
C ASN E 405 10.83 -24.32 -3.18
N PRO E 406 11.98 -24.28 -2.51
CA PRO E 406 12.16 -23.28 -1.45
C PRO E 406 12.15 -21.85 -1.98
N GLU E 407 12.24 -21.69 -3.30
CA GLU E 407 12.27 -20.35 -3.90
C GLU E 407 10.95 -19.90 -4.55
N LEU E 408 9.94 -20.75 -4.55
CA LEU E 408 8.58 -20.42 -4.97
C LEU E 408 8.13 -18.95 -4.73
N GLN E 409 7.68 -18.27 -5.79
CA GLN E 409 7.27 -16.87 -5.71
C GLN E 409 5.87 -16.70 -5.15
N ASN E 410 5.06 -17.75 -5.28
CA ASN E 410 3.68 -17.68 -4.84
C ASN E 410 3.12 -19.09 -4.67
N LEU E 411 2.36 -19.29 -3.59
CA LEU E 411 1.71 -20.58 -3.33
C LEU E 411 0.87 -21.06 -4.50
N LEU E 412 0.25 -20.11 -5.21
CA LEU E 412 -0.68 -20.43 -6.27
C LEU E 412 0.01 -21.12 -7.41
N LEU E 413 1.33 -20.93 -7.50
CA LEU E 413 2.14 -21.57 -8.52
C LEU E 413 2.47 -23.03 -8.23
N ASP E 414 2.31 -23.44 -6.98
CA ASP E 414 2.52 -24.84 -6.62
C ASP E 414 1.35 -25.71 -7.11
N ASP E 415 1.65 -26.90 -7.59
CA ASP E 415 0.63 -27.74 -8.20
C ASP E 415 -0.52 -28.07 -7.26
N PHE E 416 -0.22 -28.41 -6.01
CA PHE E 416 -1.29 -28.74 -5.07
C PHE E 416 -2.32 -27.61 -4.95
N PHE E 417 -1.83 -26.37 -4.84
CA PHE E 417 -2.68 -25.23 -4.63
C PHE E 417 -3.33 -24.71 -5.90
N LYS E 418 -2.58 -24.79 -7.00
CA LYS E 418 -3.14 -24.47 -8.30
C LYS E 418 -4.33 -25.38 -8.60
N SER E 419 -4.13 -26.68 -8.40
CA SER E 419 -5.19 -27.67 -8.65
C SER E 419 -6.40 -27.46 -7.77
N ALA E 420 -6.17 -27.23 -6.48
CA ALA E 420 -7.25 -27.00 -5.52
C ALA E 420 -8.13 -25.85 -5.99
N VAL E 421 -7.50 -24.72 -6.27
CA VAL E 421 -8.22 -23.53 -6.69
C VAL E 421 -8.94 -23.77 -8.01
N GLU E 422 -8.27 -24.45 -8.93
CA GLU E 422 -8.89 -24.79 -10.20
C GLU E 422 -10.18 -25.60 -9.99
N ASN E 423 -10.13 -26.57 -9.09
CA ASN E 423 -11.29 -27.39 -8.77
C ASN E 423 -12.40 -26.68 -8.04
N CYS E 424 -12.06 -25.59 -7.35
CA CYS E 424 -13.04 -24.85 -6.58
C CYS E 424 -13.63 -23.69 -7.35
N GLN E 425 -12.99 -23.36 -8.47
CA GLN E 425 -13.27 -22.13 -9.18
C GLN E 425 -14.75 -21.92 -9.50
N ASP E 426 -15.36 -22.93 -10.11
CA ASP E 426 -16.75 -22.84 -10.51
C ASP E 426 -17.68 -22.62 -9.31
N SER E 427 -17.48 -23.39 -8.26
CA SER E 427 -18.32 -23.24 -7.07
C SER E 427 -18.08 -21.88 -6.42
N TRP E 428 -16.84 -21.46 -6.41
CA TRP E 428 -16.43 -20.17 -5.88
C TRP E 428 -17.21 -19.03 -6.54
N ARG E 429 -17.21 -19.00 -7.87
CA ARG E 429 -17.92 -17.94 -8.58
C ARG E 429 -19.43 -18.04 -8.39
N ARG E 430 -19.93 -19.27 -8.25
CA ARG E 430 -21.35 -19.49 -8.08
C ARG E 430 -21.77 -18.91 -6.73
N ALA E 431 -20.98 -19.23 -5.70
CA ALA E 431 -21.25 -18.75 -4.34
C ALA E 431 -21.27 -17.24 -4.28
N VAL E 432 -20.26 -16.62 -4.87
CA VAL E 432 -20.14 -15.18 -4.84
C VAL E 432 -21.29 -14.53 -5.63
N SER E 433 -21.57 -15.03 -6.82
CA SER E 433 -22.64 -14.46 -7.64
C SER E 433 -23.97 -14.53 -6.93
N THR E 434 -24.23 -15.64 -6.27
CA THR E 434 -25.48 -15.82 -5.53
C THR E 434 -25.50 -14.87 -4.34
N GLY E 435 -24.38 -14.80 -3.63
CA GLY E 435 -24.26 -13.92 -2.50
C GLY E 435 -24.57 -12.49 -2.89
N VAL E 436 -23.99 -12.07 -4.00
CA VAL E 436 -24.20 -10.71 -4.50
C VAL E 436 -25.68 -10.46 -4.80
N GLN E 437 -26.31 -11.43 -5.44
CA GLN E 437 -27.72 -11.27 -5.75
C GLN E 437 -28.61 -11.27 -4.51
N ALA E 438 -28.22 -12.04 -3.50
CA ALA E 438 -28.95 -12.08 -2.23
C ALA E 438 -28.70 -10.84 -1.38
N GLY E 439 -27.64 -10.11 -1.67
CA GLY E 439 -27.32 -8.91 -0.92
C GLY E 439 -26.49 -9.18 0.33
N ILE E 440 -25.80 -10.32 0.34
CA ILE E 440 -24.98 -10.72 1.49
C ILE E 440 -23.57 -10.16 1.38
N PRO E 441 -23.11 -9.41 2.39
CA PRO E 441 -21.76 -8.82 2.37
C PRO E 441 -20.69 -9.90 2.41
N MET E 442 -19.82 -9.92 1.40
CA MET E 442 -18.72 -10.88 1.39
C MET E 442 -17.41 -10.19 1.01
N PRO E 443 -16.97 -9.24 1.85
CA PRO E 443 -15.75 -8.49 1.59
C PRO E 443 -14.57 -9.39 1.27
N CYS E 444 -14.45 -10.49 2.00
CA CYS E 444 -13.30 -11.36 1.85
C CYS E 444 -13.40 -12.39 0.73
N PHE E 445 -14.58 -12.98 0.55
CA PHE E 445 -14.79 -13.89 -0.58
C PHE E 445 -14.48 -13.15 -1.87
N THR E 446 -15.00 -11.93 -1.99
CA THR E 446 -14.89 -11.17 -3.23
C THR E 446 -13.49 -10.67 -3.46
N THR E 447 -12.85 -10.16 -2.41
CA THR E 447 -11.50 -9.66 -2.58
C THR E 447 -10.56 -10.80 -2.96
N ALA E 448 -10.77 -11.97 -2.38
CA ALA E 448 -9.95 -13.13 -2.72
C ALA E 448 -10.10 -13.51 -4.19
N LEU E 449 -11.34 -13.51 -4.67
CA LEU E 449 -11.59 -13.88 -6.05
C LEU E 449 -11.04 -12.79 -6.97
N SER E 450 -11.29 -11.53 -6.63
CA SER E 450 -10.72 -10.41 -7.40
C SER E 450 -9.21 -10.52 -7.52
N PHE E 451 -8.55 -10.85 -6.43
CA PHE E 451 -7.12 -11.06 -6.46
C PHE E 451 -6.72 -12.25 -7.35
N TYR E 452 -7.43 -13.36 -7.23
CA TYR E 452 -7.12 -14.49 -8.10
C TYR E 452 -7.22 -14.10 -9.58
N ASP E 453 -8.32 -13.45 -9.94
CA ASP E 453 -8.55 -13.01 -11.31
C ASP E 453 -7.53 -11.96 -11.75
N GLY E 454 -7.13 -11.09 -10.83
CA GLY E 454 -6.14 -10.07 -11.13
C GLY E 454 -4.78 -10.68 -11.37
N TYR E 455 -4.37 -11.55 -10.47
CA TYR E 455 -3.05 -12.15 -10.49
C TYR E 455 -2.82 -13.05 -11.70
N ARG E 456 -3.87 -13.68 -12.20
CA ARG E 456 -3.74 -14.62 -13.32
C ARG E 456 -3.74 -13.96 -14.68
N HIS E 457 -3.97 -12.64 -14.72
CA HIS E 457 -4.02 -11.89 -15.97
C HIS E 457 -2.69 -11.31 -16.40
N GLU E 458 -2.25 -11.62 -17.61
CA GLU E 458 -1.03 -11.02 -18.14
C GLU E 458 -1.23 -9.54 -18.40
N MET E 459 -2.42 -9.17 -18.85
CA MET E 459 -2.76 -7.77 -19.08
C MET E 459 -3.84 -7.28 -18.14
N LEU E 460 -3.58 -6.15 -17.51
CA LEU E 460 -4.53 -5.52 -16.61
C LEU E 460 -4.80 -4.08 -17.09
N PRO E 461 -5.93 -3.50 -16.69
CA PRO E 461 -6.27 -2.13 -17.09
C PRO E 461 -5.40 -1.05 -16.43
N ALA E 462 -4.38 -1.46 -15.69
CA ALA E 462 -3.49 -0.49 -15.04
C ALA E 462 -2.84 0.46 -16.03
N SER E 463 -2.70 0.03 -17.28
CA SER E 463 -2.18 0.92 -18.31
C SER E 463 -3.03 2.18 -18.45
N LEU E 464 -4.33 2.07 -18.21
CA LEU E 464 -5.21 3.22 -18.26
C LEU E 464 -4.93 4.17 -17.08
N ILE E 465 -4.66 3.61 -15.90
CA ILE E 465 -4.20 4.42 -14.78
C ILE E 465 -2.94 5.17 -15.18
N GLN E 466 -1.99 4.49 -15.78
CA GLN E 466 -0.77 5.13 -16.24
C GLN E 466 -1.05 6.27 -17.23
N ALA E 467 -1.99 6.04 -18.15
CA ALA E 467 -2.37 7.04 -19.13
C ALA E 467 -2.98 8.25 -18.45
N GLN E 468 -3.87 8.00 -17.51
CA GLN E 468 -4.53 9.07 -16.79
C GLN E 468 -3.55 9.92 -15.99
N ARG E 469 -2.67 9.25 -15.26
CA ARG E 469 -1.66 9.93 -14.45
C ARG E 469 -0.77 10.81 -15.31
N ASP E 470 -0.37 10.31 -16.48
CA ASP E 470 0.45 11.10 -17.37
C ASP E 470 -0.34 12.24 -17.99
N TYR E 471 -1.61 11.99 -18.21
CA TYR E 471 -2.47 12.97 -18.84
C TYR E 471 -2.67 14.18 -17.91
N PHE E 472 -3.01 13.95 -16.64
CA PHE E 472 -3.30 15.08 -15.77
C PHE E 472 -2.12 15.58 -14.96
N GLY E 473 -1.18 14.70 -14.64
CA GLY E 473 -0.08 15.06 -13.77
C GLY E 473 1.29 14.90 -14.39
N ALA E 474 1.33 14.52 -15.66
CA ALA E 474 2.59 14.30 -16.36
C ALA E 474 3.54 13.37 -15.61
N HIS E 475 3.00 12.29 -15.06
CA HIS E 475 3.81 11.40 -14.23
C HIS E 475 4.71 10.47 -15.07
N THR E 476 4.49 10.46 -16.38
CA THR E 476 5.20 9.62 -17.36
C THR E 476 4.83 8.15 -17.24
N TYR E 477 5.15 7.38 -18.27
CA TYR E 477 4.75 5.99 -18.35
C TYR E 477 5.79 5.25 -19.18
N GLU E 478 5.69 3.91 -19.23
CA GLU E 478 6.58 3.14 -20.08
C GLU E 478 5.76 2.40 -21.10
N LEU E 479 6.42 2.04 -22.21
CA LEU E 479 5.80 1.18 -23.21
C LEU E 479 6.08 -0.26 -22.88
N LEU E 480 5.12 -1.13 -23.17
CA LEU E 480 5.32 -2.57 -23.06
C LEU E 480 6.61 -2.99 -23.73
N ALA E 481 6.84 -2.48 -24.93
CA ALA E 481 7.95 -2.91 -25.76
C ALA E 481 9.33 -2.48 -25.25
N LYS E 482 9.39 -1.48 -24.37
CA LYS E 482 10.67 -1.07 -23.79
C LYS E 482 10.53 -0.58 -22.35
N PRO E 483 10.36 -1.52 -21.42
CA PRO E 483 10.21 -1.14 -20.02
C PRO E 483 11.46 -0.44 -19.53
N GLY E 484 11.30 0.45 -18.58
CA GLY E 484 12.43 1.16 -17.99
C GLY E 484 12.68 2.53 -18.55
N GLN E 485 12.19 2.77 -19.76
CA GLN E 485 12.33 4.07 -20.39
C GLN E 485 11.00 4.83 -20.27
N PHE E 486 11.02 5.94 -19.56
CA PHE E 486 9.79 6.68 -19.25
C PHE E 486 9.50 7.82 -20.21
N ILE E 487 8.24 7.95 -20.57
CA ILE E 487 7.79 8.88 -21.58
C ILE E 487 6.69 9.79 -21.04
N HIS E 488 6.71 11.05 -21.45
CA HIS E 488 5.54 11.92 -21.29
C HIS E 488 4.92 12.26 -22.63
N THR E 489 3.61 12.12 -22.72
CA THR E 489 2.89 12.44 -23.94
C THR E 489 2.05 13.69 -23.77
N ASN E 490 2.02 14.54 -24.80
CA ASN E 490 1.15 15.71 -24.82
C ASN E 490 -0.28 15.33 -25.20
N TRP E 491 -0.96 14.68 -24.27
CA TRP E 491 -2.30 14.14 -24.51
C TRP E 491 -3.29 15.16 -25.05
N THR E 492 -3.33 16.34 -24.42
CA THR E 492 -4.31 17.36 -24.80
C THR E 492 -3.91 18.09 -26.07
N GLY E 493 -2.63 18.06 -26.39
CA GLY E 493 -2.13 18.78 -27.54
C GLY E 493 -1.81 20.23 -27.24
N HIS E 494 -2.08 20.67 -26.01
CA HIS E 494 -1.83 22.04 -25.60
C HIS E 494 -0.95 22.13 -24.38
N GLY E 495 -0.43 20.99 -23.94
CA GLY E 495 0.39 20.97 -22.74
C GLY E 495 1.82 21.38 -22.99
N GLY E 496 2.59 21.47 -21.91
CA GLY E 496 4.01 21.79 -21.99
C GLY E 496 4.87 20.55 -22.17
N THR E 497 6.19 20.74 -22.10
CA THR E 497 7.12 19.63 -22.27
C THR E 497 7.67 19.20 -20.93
N VAL E 498 7.68 20.14 -19.98
CA VAL E 498 8.19 19.86 -18.65
C VAL E 498 7.21 18.97 -17.89
N SER E 499 7.67 17.79 -17.54
CA SER E 499 6.82 16.82 -16.87
C SER E 499 7.20 16.72 -15.41
N SER E 500 6.58 15.79 -14.71
CA SER E 500 7.00 15.42 -13.38
C SER E 500 8.11 14.41 -13.55
N SER E 501 8.82 14.11 -12.46
CA SER E 501 9.79 13.03 -12.49
C SER E 501 9.08 11.71 -12.24
N SER E 502 9.75 10.63 -12.64
CA SER E 502 9.19 9.31 -12.49
C SER E 502 9.77 8.69 -11.22
N TYR E 503 8.93 8.53 -10.20
CA TYR E 503 9.38 7.93 -8.95
C TYR E 503 8.20 7.38 -8.19
N ASN E 504 8.46 6.42 -7.32
CA ASN E 504 7.42 5.87 -6.47
C ASN E 504 7.71 6.21 -5.01
N ALA E 505 6.68 6.17 -4.18
CA ALA E 505 6.82 6.47 -2.76
C ALA E 505 5.57 6.05 -2.00
N ALA F 24 13.15 44.65 -3.16
CA ALA F 24 11.80 44.22 -2.82
C ALA F 24 10.82 44.52 -3.96
N GLN F 25 11.04 43.84 -5.07
CA GLN F 25 10.24 44.03 -6.28
C GLN F 25 9.21 42.90 -6.48
N ALA F 26 9.58 41.67 -6.12
CA ALA F 26 8.72 40.51 -6.33
C ALA F 26 7.64 40.37 -5.25
N ASP F 27 6.45 39.95 -5.68
CA ASP F 27 5.31 39.76 -4.78
C ASP F 27 5.42 38.44 -4.04
N ILE F 28 6.11 37.48 -4.63
CA ILE F 28 6.12 36.14 -4.10
C ILE F 28 7.22 35.34 -4.78
N ALA F 29 7.70 34.32 -4.09
CA ALA F 29 8.71 33.43 -4.63
C ALA F 29 8.14 32.02 -4.71
N LEU F 30 8.62 31.24 -5.67
CA LEU F 30 8.27 29.83 -5.72
C LEU F 30 9.51 29.01 -6.01
N ILE F 31 9.70 27.95 -5.23
CA ILE F 31 10.82 27.04 -5.39
C ILE F 31 10.36 25.67 -5.93
N GLY F 32 10.99 25.22 -7.01
CA GLY F 32 10.61 23.99 -7.67
C GLY F 32 10.15 24.24 -9.10
N LEU F 33 10.92 23.76 -10.06
CA LEU F 33 10.64 24.09 -11.44
C LEU F 33 10.36 22.85 -12.29
N ALA F 34 9.62 21.90 -11.71
CA ALA F 34 9.07 20.80 -12.46
C ALA F 34 7.71 21.25 -12.96
N VAL F 35 6.87 20.31 -13.37
CA VAL F 35 5.59 20.68 -13.97
C VAL F 35 4.75 21.61 -13.07
N MET F 36 4.55 21.25 -11.81
CA MET F 36 3.68 22.06 -10.94
C MET F 36 4.20 23.49 -10.73
N GLY F 37 5.50 23.59 -10.46
CA GLY F 37 6.09 24.86 -10.14
C GLY F 37 6.08 25.81 -11.33
N GLN F 38 6.55 25.34 -12.49
CA GLN F 38 6.58 26.17 -13.67
C GLN F 38 5.19 26.68 -14.02
N ASN F 39 4.22 25.79 -14.04
CA ASN F 39 2.86 26.18 -14.41
C ASN F 39 2.17 27.11 -13.41
N LEU F 40 2.38 26.87 -12.12
CA LEU F 40 1.80 27.75 -11.11
C LEU F 40 2.43 29.15 -11.17
N ILE F 41 3.72 29.21 -11.45
CA ILE F 41 4.38 30.49 -11.63
C ILE F 41 3.75 31.28 -12.79
N LEU F 42 3.59 30.64 -13.93
CA LEU F 42 2.98 31.28 -15.09
C LEU F 42 1.55 31.73 -14.76
N ASN F 43 0.85 30.94 -13.95
CA ASN F 43 -0.51 31.31 -13.56
C ASN F 43 -0.49 32.63 -12.80
N MET F 44 0.37 32.72 -11.78
CA MET F 44 0.46 33.93 -10.99
C MET F 44 0.96 35.11 -11.81
N ASN F 45 1.90 34.86 -12.69
CA ASN F 45 2.33 35.88 -13.60
C ASN F 45 1.17 36.46 -14.41
N ASP F 46 0.34 35.59 -14.98
CA ASP F 46 -0.78 36.03 -15.79
C ASP F 46 -1.80 36.85 -15.00
N HIS F 47 -1.79 36.68 -13.69
CA HIS F 47 -2.69 37.42 -12.81
C HIS F 47 -2.04 38.71 -12.31
N GLY F 48 -0.85 38.99 -12.83
CA GLY F 48 -0.21 40.27 -12.59
C GLY F 48 0.76 40.32 -11.44
N PHE F 49 0.99 39.17 -10.79
CA PHE F 49 1.96 39.09 -9.72
C PHE F 49 3.37 38.86 -10.22
N VAL F 50 4.33 39.62 -9.68
CA VAL F 50 5.73 39.37 -9.97
C VAL F 50 6.27 38.25 -9.09
N VAL F 51 6.83 37.23 -9.74
CA VAL F 51 7.21 36.02 -9.05
C VAL F 51 8.70 35.80 -9.21
N CYS F 52 9.37 35.44 -8.11
CA CYS F 52 10.78 35.08 -8.17
C CYS F 52 10.92 33.58 -8.15
N ALA F 53 11.47 33.03 -9.23
CA ALA F 53 11.63 31.60 -9.38
C ALA F 53 12.98 31.12 -8.87
N PHE F 54 12.97 29.99 -8.17
CA PHE F 54 14.21 29.35 -7.73
C PHE F 54 14.05 27.82 -7.71
N ASN F 55 15.19 27.12 -7.69
CA ASN F 55 15.20 25.68 -7.75
C ASN F 55 16.53 25.17 -7.22
N ARG F 56 16.55 23.98 -6.61
CA ARG F 56 17.80 23.37 -6.14
C ARG F 56 18.86 23.36 -7.23
N THR F 57 18.51 22.76 -8.36
CA THR F 57 19.36 22.82 -9.55
C THR F 57 19.15 24.18 -10.21
N VAL F 58 20.12 25.07 -10.01
CA VAL F 58 19.99 26.48 -10.36
C VAL F 58 19.96 26.71 -11.87
N SER F 59 20.64 25.85 -12.61
CA SER F 59 20.66 25.99 -14.05
C SER F 59 19.24 26.01 -14.62
N LYS F 60 18.32 25.30 -13.96
CA LYS F 60 16.95 25.22 -14.44
C LYS F 60 16.21 26.55 -14.33
N VAL F 61 16.66 27.41 -13.43
CA VAL F 61 16.07 28.75 -13.32
C VAL F 61 16.29 29.53 -14.61
N ASP F 62 17.53 29.52 -15.08
CA ASP F 62 17.85 30.22 -16.31
C ASP F 62 17.15 29.60 -17.52
N ASP F 63 17.11 28.28 -17.58
CA ASP F 63 16.43 27.58 -18.67
C ASP F 63 14.98 28.03 -18.72
N PHE F 64 14.37 28.12 -17.55
CA PHE F 64 12.98 28.53 -17.44
C PHE F 64 12.76 29.95 -17.93
N LEU F 65 13.60 30.87 -17.49
CA LEU F 65 13.48 32.29 -17.87
C LEU F 65 13.75 32.50 -19.35
N ALA F 66 14.51 31.59 -19.94
CA ALA F 66 14.89 31.70 -21.34
C ALA F 66 13.86 31.07 -22.25
N ASN F 67 13.01 30.23 -21.67
CA ASN F 67 12.05 29.46 -22.46
C ASN F 67 10.62 29.75 -22.08
N GLU F 68 10.05 28.91 -21.23
CA GLU F 68 8.64 29.02 -20.86
C GLU F 68 8.27 30.38 -20.28
N ALA F 69 9.20 31.03 -19.59
CA ALA F 69 8.92 32.31 -18.98
C ALA F 69 9.50 33.49 -19.79
N LYS F 70 9.81 33.23 -21.07
CA LYS F 70 10.58 34.20 -21.84
C LYS F 70 9.91 35.55 -22.06
N GLY F 71 8.59 35.59 -22.12
CA GLY F 71 7.91 36.87 -22.22
C GLY F 71 7.12 37.30 -20.98
N THR F 72 7.65 37.02 -19.79
CA THR F 72 6.91 37.27 -18.56
C THR F 72 7.59 38.27 -17.66
N LYS F 73 6.94 38.60 -16.54
CA LYS F 73 7.58 39.46 -15.55
C LYS F 73 8.29 38.63 -14.48
N VAL F 74 8.47 37.35 -14.76
CA VAL F 74 9.13 36.49 -13.80
C VAL F 74 10.61 36.84 -13.67
N VAL F 75 11.10 36.88 -12.43
CA VAL F 75 12.53 37.05 -12.17
C VAL F 75 13.11 35.80 -11.51
N GLY F 76 14.41 35.60 -11.69
CA GLY F 76 15.08 34.45 -11.12
C GLY F 76 16.08 34.84 -10.05
N ALA F 77 16.47 33.87 -9.23
CA ALA F 77 17.52 34.08 -8.25
C ALA F 77 18.55 32.97 -8.42
N GLN F 78 19.79 33.26 -8.04
CA GLN F 78 20.83 32.25 -8.15
C GLN F 78 21.14 31.65 -6.78
N SER F 79 20.44 32.14 -5.77
CA SER F 79 20.61 31.65 -4.40
C SER F 79 19.38 31.97 -3.56
N LEU F 80 19.20 31.22 -2.46
CA LEU F 80 18.13 31.51 -1.51
C LEU F 80 18.23 32.93 -0.96
N LYS F 81 19.45 33.29 -0.56
CA LYS F 81 19.73 34.65 -0.08
C LYS F 81 19.19 35.70 -1.03
N GLU F 82 19.56 35.58 -2.31
CA GLU F 82 19.13 36.52 -3.33
C GLU F 82 17.62 36.51 -3.53
N MET F 83 17.04 35.32 -3.53
CA MET F 83 15.60 35.16 -3.71
C MET F 83 14.83 35.87 -2.61
N VAL F 84 15.24 35.64 -1.36
CA VAL F 84 14.60 36.25 -0.21
C VAL F 84 14.67 37.77 -0.27
N SER F 85 15.80 38.29 -0.74
CA SER F 85 16.03 39.73 -0.75
C SER F 85 15.14 40.48 -1.75
N LYS F 86 14.60 39.76 -2.73
CA LYS F 86 13.72 40.36 -3.73
C LYS F 86 12.27 40.44 -3.29
N LEU F 87 11.95 39.89 -2.13
CA LEU F 87 10.55 39.77 -1.70
C LEU F 87 10.01 40.94 -0.88
N LYS F 88 8.78 41.33 -1.19
CA LYS F 88 8.06 42.30 -0.38
C LYS F 88 7.69 41.66 0.97
N LYS F 89 7.74 42.46 2.03
CA LYS F 89 7.37 41.95 3.36
C LYS F 89 5.88 42.15 3.64
N PRO F 90 5.26 41.20 4.36
CA PRO F 90 5.86 39.95 4.82
C PRO F 90 6.19 39.03 3.65
N ARG F 91 7.38 38.50 3.64
CA ARG F 91 7.85 37.66 2.55
C ARG F 91 7.03 36.38 2.42
N ARG F 92 6.72 36.01 1.19
CA ARG F 92 5.91 34.83 0.91
C ARG F 92 6.65 33.90 -0.06
N ILE F 93 6.92 32.68 0.39
CA ILE F 93 7.65 31.72 -0.40
C ILE F 93 6.85 30.42 -0.52
N ILE F 94 6.68 29.97 -1.75
CA ILE F 94 5.97 28.73 -2.04
C ILE F 94 6.97 27.66 -2.37
N LEU F 95 6.74 26.48 -1.80
CA LEU F 95 7.51 25.28 -2.12
C LEU F 95 6.66 24.30 -2.93
N LEU F 96 7.13 23.96 -4.13
CA LEU F 96 6.53 22.90 -4.94
C LEU F 96 7.61 21.92 -5.36
N VAL F 97 8.13 21.21 -4.37
CA VAL F 97 9.16 20.21 -4.62
C VAL F 97 8.64 18.85 -4.18
N LYS F 98 9.33 17.79 -4.60
CA LYS F 98 9.10 16.43 -4.11
C LYS F 98 8.92 16.39 -2.59
N ALA F 99 7.83 15.79 -2.12
CA ALA F 99 7.53 15.74 -0.69
C ALA F 99 8.58 14.98 0.10
N GLY F 100 8.76 15.37 1.36
CA GLY F 100 9.73 14.68 2.20
C GLY F 100 10.85 15.54 2.73
N GLN F 101 12.06 14.99 2.74
CA GLN F 101 13.21 15.66 3.33
C GLN F 101 13.48 16.99 2.64
N ALA F 102 13.28 17.00 1.32
CA ALA F 102 13.54 18.21 0.52
C ALA F 102 12.83 19.42 1.10
N VAL F 103 11.61 19.24 1.58
CA VAL F 103 10.88 20.35 2.20
C VAL F 103 11.57 20.82 3.48
N ASP F 104 11.94 19.89 4.35
CA ASP F 104 12.66 20.24 5.57
C ASP F 104 14.02 20.91 5.25
N ASP F 105 14.70 20.41 4.23
CA ASP F 105 15.96 21.01 3.80
C ASP F 105 15.81 22.49 3.46
N PHE F 106 14.78 22.85 2.70
CA PHE F 106 14.56 24.25 2.34
C PHE F 106 14.15 25.09 3.55
N ILE F 107 13.29 24.54 4.40
CA ILE F 107 12.89 25.28 5.59
C ILE F 107 14.09 25.60 6.45
N GLU F 108 14.98 24.63 6.62
CA GLU F 108 16.16 24.85 7.46
C GLU F 108 17.03 25.98 6.92
N LYS F 109 17.19 26.04 5.60
CA LYS F 109 18.01 27.08 4.98
C LYS F 109 17.30 28.44 4.93
N LEU F 110 15.97 28.44 4.90
CA LEU F 110 15.21 29.68 4.82
C LEU F 110 15.12 30.43 6.13
N VAL F 111 14.86 29.69 7.20
CA VAL F 111 14.59 30.27 8.51
C VAL F 111 15.61 31.36 8.94
N PRO F 112 16.92 31.11 8.74
CA PRO F 112 17.92 32.11 9.09
C PRO F 112 17.81 33.39 8.25
N LEU F 113 17.22 33.27 7.07
CA LEU F 113 17.17 34.38 6.14
C LEU F 113 15.90 35.20 6.32
N LEU F 114 14.95 34.68 7.09
CA LEU F 114 13.64 35.31 7.20
C LEU F 114 13.45 36.17 8.44
N ASP F 115 12.46 37.03 8.40
CA ASP F 115 12.10 37.84 9.54
C ASP F 115 10.81 37.33 10.14
N THR F 116 10.56 37.72 11.38
CA THR F 116 9.31 37.36 12.04
C THR F 116 8.12 37.85 11.23
N GLY F 117 7.16 36.96 11.01
CA GLY F 117 5.97 37.30 10.27
C GLY F 117 6.03 36.89 8.81
N ASP F 118 7.19 36.41 8.37
CA ASP F 118 7.34 35.90 7.02
C ASP F 118 6.62 34.58 6.91
N ILE F 119 6.34 34.17 5.66
CA ILE F 119 5.37 33.12 5.38
C ILE F 119 5.91 32.08 4.41
N ILE F 120 5.90 30.81 4.82
CA ILE F 120 6.32 29.72 3.96
C ILE F 120 5.12 28.82 3.67
N ILE F 121 4.89 28.54 2.39
CA ILE F 121 3.74 27.77 1.95
C ILE F 121 4.19 26.50 1.23
N ASP F 122 3.99 25.34 1.87
CA ASP F 122 4.27 24.04 1.25
C ASP F 122 3.07 23.59 0.44
N GLY F 123 3.22 23.60 -0.89
CA GLY F 123 2.14 23.25 -1.79
C GLY F 123 2.21 21.83 -2.31
N GLY F 124 3.26 21.10 -1.93
CA GLY F 124 3.45 19.74 -2.37
C GLY F 124 2.59 18.75 -1.64
N ASN F 125 2.72 17.49 -2.02
CA ASN F 125 1.93 16.44 -1.39
C ASN F 125 2.61 15.89 -0.14
N SER F 126 2.62 16.67 0.93
CA SER F 126 3.32 16.25 2.13
C SER F 126 2.37 15.51 3.06
N GLU F 127 2.90 14.52 3.81
CA GLU F 127 2.14 13.90 4.89
C GLU F 127 1.66 14.95 5.90
N TYR F 128 0.41 14.86 6.31
CA TYR F 128 -0.14 15.88 7.22
C TYR F 128 0.59 15.98 8.57
N ARG F 129 1.12 14.87 9.07
CA ARG F 129 1.83 14.92 10.34
C ARG F 129 3.11 15.75 10.24
N ASP F 130 3.78 15.66 9.08
CA ASP F 130 4.95 16.48 8.82
C ASP F 130 4.56 17.96 8.79
N THR F 131 3.42 18.24 8.18
CA THR F 131 2.97 19.61 8.08
C THR F 131 2.64 20.15 9.46
N THR F 132 1.99 19.33 10.28
CA THR F 132 1.64 19.72 11.64
C THR F 132 2.91 20.08 12.43
N ARG F 133 3.91 19.21 12.32
CA ARG F 133 5.18 19.41 12.97
C ARG F 133 5.88 20.71 12.54
N ARG F 134 5.96 20.92 11.24
CA ARG F 134 6.62 22.08 10.69
C ARG F 134 5.87 23.34 11.13
N CYS F 135 4.55 23.27 11.13
CA CYS F 135 3.74 24.41 11.48
C CYS F 135 4.00 24.83 12.93
N ARG F 136 4.09 23.87 13.84
CA ARG F 136 4.36 24.17 15.23
C ARG F 136 5.78 24.67 15.49
N ASP F 137 6.75 24.05 14.85
CA ASP F 137 8.15 24.46 14.99
C ASP F 137 8.33 25.90 14.51
N LEU F 138 7.80 26.20 13.33
CA LEU F 138 8.02 27.51 12.75
C LEU F 138 7.28 28.57 13.52
N LYS F 139 6.10 28.21 14.02
CA LYS F 139 5.33 29.14 14.83
C LYS F 139 6.17 29.64 15.99
N ALA F 140 6.80 28.71 16.69
CA ALA F 140 7.65 29.03 17.81
C ALA F 140 8.79 29.95 17.41
N LYS F 141 9.14 29.94 16.13
CA LYS F 141 10.23 30.78 15.66
C LYS F 141 9.75 32.05 14.96
N GLY F 142 8.46 32.37 15.09
CA GLY F 142 7.90 33.59 14.51
C GLY F 142 7.60 33.54 13.03
N ILE F 143 7.66 32.34 12.45
CA ILE F 143 7.43 32.16 11.02
C ILE F 143 6.09 31.47 10.76
N LEU F 144 5.31 32.03 9.84
CA LEU F 144 3.97 31.54 9.55
C LEU F 144 4.03 30.47 8.46
N PHE F 145 3.60 29.28 8.82
CA PHE F 145 3.66 28.15 7.93
C PHE F 145 2.29 27.72 7.42
N VAL F 146 2.18 27.61 6.11
CA VAL F 146 0.97 27.11 5.48
C VAL F 146 1.29 25.84 4.72
N GLY F 147 0.52 24.81 4.99
CA GLY F 147 0.57 23.60 4.19
C GLY F 147 -0.70 23.57 3.36
N SER F 148 -0.53 23.61 2.05
CA SER F 148 -1.69 23.69 1.15
C SER F 148 -1.70 22.60 0.11
N GLY F 149 -2.85 21.95 -0.03
CA GLY F 149 -3.02 21.00 -1.11
C GLY F 149 -3.24 21.77 -2.41
N VAL F 150 -2.74 21.21 -3.51
CA VAL F 150 -2.97 21.77 -4.82
C VAL F 150 -3.49 20.67 -5.74
N SER F 151 -4.64 20.89 -6.34
CA SER F 151 -5.20 19.89 -7.23
C SER F 151 -5.33 20.44 -8.65
N GLY F 152 -5.40 19.55 -9.63
CA GLY F 152 -5.69 19.92 -11.01
C GLY F 152 -4.57 19.57 -11.95
N GLY F 153 -3.47 19.06 -11.40
CA GLY F 153 -2.33 18.69 -12.22
C GLY F 153 -1.78 19.86 -13.02
N GLU F 154 -1.13 19.56 -14.15
CA GLU F 154 -0.50 20.58 -14.98
C GLU F 154 -1.49 21.67 -15.41
N GLU F 155 -2.63 21.25 -15.96
CA GLU F 155 -3.57 22.22 -16.49
C GLU F 155 -4.18 23.08 -15.38
N GLY F 156 -4.51 22.46 -14.26
CA GLY F 156 -5.03 23.17 -13.11
C GLY F 156 -4.05 24.21 -12.62
N ALA F 157 -2.80 23.81 -12.44
CA ALA F 157 -1.75 24.71 -11.98
C ALA F 157 -1.59 25.88 -12.94
N ARG F 158 -1.66 25.57 -14.22
CA ARG F 158 -1.49 26.58 -15.25
C ARG F 158 -2.59 27.63 -15.32
N TYR F 159 -3.85 27.20 -15.16
CA TYR F 159 -4.99 28.08 -15.43
C TYR F 159 -5.93 28.34 -14.24
N GLY F 160 -5.93 27.47 -13.24
CA GLY F 160 -6.81 27.62 -12.10
C GLY F 160 -6.97 26.34 -11.30
N PRO F 161 -6.20 26.18 -10.23
CA PRO F 161 -6.23 24.97 -9.40
C PRO F 161 -7.24 25.08 -8.28
N SER F 162 -7.62 23.93 -7.75
CA SER F 162 -8.23 23.83 -6.44
C SER F 162 -7.12 23.98 -5.41
N LEU F 163 -7.31 24.88 -4.46
CA LEU F 163 -6.31 25.10 -3.40
C LEU F 163 -6.91 24.84 -2.02
N MET F 164 -6.19 24.06 -1.24
CA MET F 164 -6.64 23.65 0.08
C MET F 164 -5.61 24.09 1.16
N PRO F 165 -5.62 25.38 1.49
CA PRO F 165 -4.71 25.99 2.46
C PRO F 165 -5.07 25.66 3.90
N GLY F 166 -4.09 25.18 4.67
CA GLY F 166 -4.26 25.01 6.11
C GLY F 166 -2.94 25.31 6.80
N GLY F 167 -2.97 25.35 8.12
CA GLY F 167 -1.75 25.61 8.88
C GLY F 167 -1.90 26.74 9.86
N ASN F 168 -1.02 27.73 9.76
CA ASN F 168 -1.07 28.88 10.65
C ASN F 168 -1.98 29.97 10.07
N LYS F 169 -3.18 30.10 10.60
CA LYS F 169 -4.18 31.00 9.99
C LYS F 169 -3.76 32.46 9.96
N GLU F 170 -2.71 32.81 10.72
CA GLU F 170 -2.23 34.18 10.75
C GLU F 170 -1.69 34.58 9.36
N ALA F 171 -1.36 33.58 8.57
CA ALA F 171 -0.88 33.79 7.22
C ALA F 171 -2.01 34.04 6.23
N TRP F 172 -3.20 33.55 6.53
CA TRP F 172 -4.29 33.53 5.54
C TRP F 172 -4.57 34.89 4.90
N PRO F 173 -4.70 35.93 5.72
CA PRO F 173 -5.00 37.25 5.15
C PRO F 173 -3.91 37.74 4.22
N HIS F 174 -2.69 37.26 4.39
CA HIS F 174 -1.56 37.70 3.57
C HIS F 174 -1.40 36.91 2.28
N ILE F 175 -2.20 35.87 2.11
CA ILE F 175 -2.07 35.00 0.95
C ILE F 175 -3.40 34.82 0.22
N LYS F 176 -4.48 35.24 0.89
CA LYS F 176 -5.84 35.08 0.40
C LYS F 176 -6.04 35.68 -0.99
N THR F 177 -5.49 36.87 -1.19
CA THR F 177 -5.67 37.57 -2.47
C THR F 177 -5.05 36.83 -3.66
N ILE F 178 -3.80 36.40 -3.50
CA ILE F 178 -3.15 35.66 -4.55
C ILE F 178 -3.80 34.30 -4.73
N PHE F 179 -4.02 33.59 -3.62
CA PHE F 179 -4.57 32.24 -3.69
C PHE F 179 -5.95 32.18 -4.35
N GLN F 180 -6.87 32.99 -3.86
CA GLN F 180 -8.19 33.05 -4.46
C GLN F 180 -8.13 33.66 -5.84
N GLY F 181 -7.12 34.49 -6.07
CA GLY F 181 -6.96 35.12 -7.36
C GLY F 181 -6.65 34.12 -8.46
N ILE F 182 -5.78 33.15 -8.18
CA ILE F 182 -5.34 32.23 -9.21
C ILE F 182 -6.19 30.96 -9.24
N ALA F 183 -7.01 30.78 -8.21
CA ALA F 183 -7.80 29.55 -8.07
C ALA F 183 -8.84 29.41 -9.16
N ALA F 184 -9.17 28.17 -9.51
CA ALA F 184 -10.32 27.92 -10.37
C ALA F 184 -11.54 28.69 -9.85
N LYS F 185 -12.27 29.36 -10.73
CA LYS F 185 -13.55 29.94 -10.34
C LYS F 185 -14.68 29.07 -10.90
N VAL F 186 -15.74 28.90 -10.13
CA VAL F 186 -16.88 28.14 -10.63
C VAL F 186 -18.11 29.02 -10.79
N GLY F 187 -19.03 28.57 -11.62
CA GLY F 187 -20.35 29.18 -11.76
C GLY F 187 -20.41 30.68 -11.52
N THR F 188 -20.79 31.06 -10.30
CA THR F 188 -20.97 32.46 -9.93
C THR F 188 -19.66 33.25 -9.78
N GLY F 189 -18.53 32.59 -9.99
CA GLY F 189 -17.24 33.23 -9.84
C GLY F 189 -16.58 32.99 -8.49
N GLU F 190 -17.15 32.10 -7.67
CA GLU F 190 -16.56 31.77 -6.38
C GLU F 190 -15.29 30.94 -6.55
N PRO F 191 -14.23 31.29 -5.81
CA PRO F 191 -12.93 30.65 -5.98
C PRO F 191 -12.90 29.28 -5.34
N CYS F 192 -12.25 28.33 -5.98
CA CYS F 192 -12.05 27.01 -5.42
C CYS F 192 -10.86 27.03 -4.48
N CYS F 193 -11.02 27.80 -3.41
CA CYS F 193 -9.98 27.98 -2.43
C CYS F 193 -10.47 28.77 -1.22
N ASP F 194 -10.40 28.11 -0.06
CA ASP F 194 -10.79 28.73 1.18
C ASP F 194 -9.97 28.10 2.29
N TRP F 195 -9.83 28.79 3.42
CA TRP F 195 -9.05 28.26 4.54
C TRP F 195 -9.70 26.98 5.05
N VAL F 196 -8.91 25.91 5.05
CA VAL F 196 -9.35 24.59 5.45
C VAL F 196 -9.36 24.42 6.98
N GLY F 197 -8.23 24.75 7.62
CA GLY F 197 -8.13 24.62 9.06
C GLY F 197 -6.70 24.61 9.58
N ASP F 198 -6.56 24.27 10.86
CA ASP F 198 -5.29 24.39 11.56
C ASP F 198 -4.26 23.30 11.18
N GLU F 199 -2.99 23.68 11.27
CA GLU F 199 -1.87 22.75 11.08
C GLU F 199 -1.97 21.91 9.83
N GLY F 200 -1.92 20.59 9.98
CA GLY F 200 -1.93 19.71 8.82
C GLY F 200 -3.28 19.49 8.13
N ALA F 201 -4.32 20.19 8.56
CA ALA F 201 -5.65 20.02 7.96
C ALA F 201 -5.69 20.16 6.42
N GLY F 202 -5.01 21.16 5.87
CA GLY F 202 -5.00 21.31 4.42
C GLY F 202 -4.46 20.09 3.72
N HIS F 203 -3.32 19.59 4.18
CA HIS F 203 -2.73 18.42 3.54
C HIS F 203 -3.51 17.13 3.83
N PHE F 204 -4.28 17.12 4.90
CA PHE F 204 -5.09 15.95 5.18
C PHE F 204 -6.23 15.87 4.18
N VAL F 205 -6.87 16.99 3.93
CA VAL F 205 -7.93 17.05 2.94
C VAL F 205 -7.42 16.70 1.55
N LYS F 206 -6.24 17.21 1.21
CA LYS F 206 -5.62 16.86 -0.05
C LYS F 206 -5.37 15.36 -0.14
N MET F 207 -4.95 14.76 0.97
CA MET F 207 -4.75 13.31 0.98
C MET F 207 -6.05 12.57 0.65
N VAL F 208 -7.12 12.93 1.33
CA VAL F 208 -8.42 12.32 1.10
C VAL F 208 -8.84 12.52 -0.34
N HIS F 209 -8.64 13.73 -0.86
CA HIS F 209 -8.89 14.01 -2.28
C HIS F 209 -8.20 12.94 -3.16
N ASN F 210 -6.94 12.63 -2.88
CA ASN F 210 -6.24 11.63 -3.67
C ASN F 210 -6.76 10.23 -3.45
N GLY F 211 -7.24 9.95 -2.25
CA GLY F 211 -7.82 8.66 -1.97
C GLY F 211 -9.03 8.43 -2.84
N ILE F 212 -9.93 9.40 -2.86
CA ILE F 212 -11.13 9.36 -3.69
C ILE F 212 -10.71 9.23 -5.14
N GLU F 213 -9.72 9.99 -5.56
CA GLU F 213 -9.23 9.91 -6.93
C GLU F 213 -8.73 8.50 -7.31
N TYR F 214 -7.85 7.92 -6.51
CA TYR F 214 -7.40 6.55 -6.75
C TYR F 214 -8.58 5.59 -6.93
N GLY F 215 -9.60 5.75 -6.09
CA GLY F 215 -10.77 4.90 -6.13
C GLY F 215 -11.50 5.04 -7.45
N ASP F 216 -11.76 6.29 -7.83
CA ASP F 216 -12.48 6.58 -9.08
C ASP F 216 -11.73 6.07 -10.28
N MET F 217 -10.42 6.25 -10.30
CA MET F 217 -9.63 5.80 -11.42
C MET F 217 -9.71 4.28 -11.55
N GLN F 218 -9.62 3.58 -10.43
CA GLN F 218 -9.63 2.13 -10.49
C GLN F 218 -11.01 1.61 -10.94
N LEU F 219 -12.07 2.22 -10.43
CA LEU F 219 -13.42 1.90 -10.87
C LEU F 219 -13.57 2.08 -12.38
N ILE F 220 -13.03 3.19 -12.90
CA ILE F 220 -13.11 3.47 -14.33
C ILE F 220 -12.38 2.36 -15.11
N CYS F 221 -11.21 1.96 -14.63
CA CYS F 221 -10.48 0.84 -15.24
C CYS F 221 -11.29 -0.46 -15.27
N GLU F 222 -12.03 -0.74 -14.21
CA GLU F 222 -12.83 -1.96 -14.14
C GLU F 222 -13.98 -1.91 -15.14
N ALA F 223 -14.65 -0.77 -15.25
CA ALA F 223 -15.67 -0.57 -16.27
C ALA F 223 -15.07 -0.79 -17.66
N TYR F 224 -13.91 -0.20 -17.88
CA TYR F 224 -13.21 -0.37 -19.15
C TYR F 224 -12.93 -1.84 -19.41
N HIS F 225 -12.47 -2.55 -18.38
CA HIS F 225 -12.15 -3.97 -18.52
C HIS F 225 -13.39 -4.77 -18.93
N LEU F 226 -14.53 -4.47 -18.30
CA LEU F 226 -15.78 -5.13 -18.64
C LEU F 226 -16.17 -4.83 -20.08
N MET F 227 -16.07 -3.57 -20.49
CA MET F 227 -16.44 -3.19 -21.84
C MET F 227 -15.57 -3.92 -22.83
N LYS F 228 -14.29 -4.02 -22.50
CA LYS F 228 -13.33 -4.60 -23.43
C LYS F 228 -13.46 -6.13 -23.51
N ASP F 229 -13.55 -6.78 -22.36
CA ASP F 229 -13.43 -8.23 -22.28
C ASP F 229 -14.75 -9.01 -22.16
N VAL F 230 -15.79 -8.37 -21.66
CA VAL F 230 -17.11 -9.01 -21.64
C VAL F 230 -17.91 -8.62 -22.87
N LEU F 231 -17.94 -7.33 -23.18
CA LEU F 231 -18.76 -6.85 -24.30
C LEU F 231 -17.99 -6.83 -25.62
N GLY F 232 -16.69 -7.10 -25.55
CA GLY F 232 -15.82 -7.09 -26.71
C GLY F 232 -15.79 -5.80 -27.52
N MET F 233 -15.90 -4.65 -26.86
CA MET F 233 -16.00 -3.38 -27.57
C MET F 233 -14.66 -2.89 -28.10
N ALA F 234 -14.71 -2.13 -29.21
CA ALA F 234 -13.50 -1.56 -29.81
C ALA F 234 -13.09 -0.28 -29.08
N GLN F 235 -11.85 0.12 -29.25
CA GLN F 235 -11.34 1.26 -28.50
C GLN F 235 -12.20 2.50 -28.68
N ASP F 236 -12.53 2.85 -29.92
CA ASP F 236 -13.27 4.07 -30.18
C ASP F 236 -14.73 3.96 -29.75
N GLU F 237 -15.25 2.75 -29.77
CA GLU F 237 -16.60 2.52 -29.29
C GLU F 237 -16.65 2.77 -27.78
N MET F 238 -15.63 2.30 -27.09
CA MET F 238 -15.54 2.54 -25.65
C MET F 238 -15.31 4.02 -25.34
N ALA F 239 -14.44 4.67 -26.11
CA ALA F 239 -14.30 6.12 -26.03
C ALA F 239 -15.68 6.79 -26.09
N GLN F 240 -16.48 6.39 -27.08
CA GLN F 240 -17.81 6.98 -27.25
C GLN F 240 -18.69 6.78 -26.03
N ALA F 241 -18.64 5.57 -25.47
CA ALA F 241 -19.44 5.27 -24.28
C ALA F 241 -19.13 6.22 -23.15
N PHE F 242 -17.84 6.40 -22.88
CA PHE F 242 -17.42 7.31 -21.82
C PHE F 242 -17.83 8.73 -22.12
N GLU F 243 -17.67 9.13 -23.38
CA GLU F 243 -18.09 10.46 -23.83
C GLU F 243 -19.57 10.70 -23.54
N ASP F 244 -20.39 9.69 -23.79
CA ASP F 244 -21.81 9.76 -23.53
C ASP F 244 -22.10 9.78 -22.03
N TRP F 245 -21.45 8.88 -21.29
CA TRP F 245 -21.61 8.83 -19.84
C TRP F 245 -21.30 10.18 -19.20
N ASN F 246 -20.39 10.93 -19.80
CA ASN F 246 -19.97 12.20 -19.25
C ASN F 246 -21.04 13.29 -19.36
N LYS F 247 -22.15 12.98 -20.03
CA LYS F 247 -23.19 13.97 -20.19
C LYS F 247 -24.27 13.81 -19.13
N THR F 248 -24.27 12.68 -18.45
CA THR F 248 -25.24 12.48 -17.39
C THR F 248 -24.64 12.49 -15.99
N GLU F 249 -25.07 11.57 -15.14
CA GLU F 249 -24.72 11.62 -13.73
C GLU F 249 -23.22 11.48 -13.50
N LEU F 250 -22.55 10.75 -14.40
CA LEU F 250 -21.12 10.52 -14.30
C LEU F 250 -20.25 11.68 -14.80
N ASP F 251 -20.90 12.79 -15.12
CA ASP F 251 -20.22 14.01 -15.55
C ASP F 251 -19.08 14.41 -14.58
N SER F 252 -17.85 14.26 -15.04
CA SER F 252 -16.69 14.45 -14.20
C SER F 252 -15.41 14.52 -15.04
N PHE F 253 -14.39 15.15 -14.48
CA PHE F 253 -13.10 15.25 -15.13
C PHE F 253 -12.50 13.89 -15.54
N LEU F 254 -12.51 12.93 -14.63
CA LEU F 254 -11.88 11.65 -14.93
C LEU F 254 -12.59 10.89 -16.06
N ILE F 255 -13.91 10.94 -16.08
CA ILE F 255 -14.66 10.32 -17.17
C ILE F 255 -14.32 10.99 -18.48
N GLU F 256 -14.34 12.31 -18.47
CA GLU F 256 -13.99 13.08 -19.66
C GLU F 256 -12.63 12.69 -20.23
N ILE F 257 -11.58 12.68 -19.41
CA ILE F 257 -10.25 12.44 -19.96
C ILE F 257 -10.06 10.99 -20.40
N THR F 258 -10.82 10.09 -19.78
CA THR F 258 -10.75 8.70 -20.16
C THR F 258 -11.26 8.52 -21.58
N ALA F 259 -12.35 9.22 -21.91
CA ALA F 259 -12.82 9.23 -23.29
C ALA F 259 -11.74 9.74 -24.24
N ASN F 260 -11.06 10.81 -23.87
CA ASN F 260 -9.96 11.35 -24.68
C ASN F 260 -8.83 10.36 -24.86
N ILE F 261 -8.42 9.73 -23.76
CA ILE F 261 -7.33 8.76 -23.78
C ILE F 261 -7.65 7.58 -24.70
N LEU F 262 -8.88 7.07 -24.60
CA LEU F 262 -9.31 5.97 -25.46
C LEU F 262 -9.23 6.27 -26.96
N LYS F 263 -9.52 7.51 -27.35
CA LYS F 263 -9.46 7.92 -28.75
C LYS F 263 -8.05 8.18 -29.21
N PHE F 264 -7.16 8.52 -28.28
CA PHE F 264 -5.87 9.07 -28.65
C PHE F 264 -5.01 8.15 -29.53
N GLN F 265 -4.50 8.70 -30.62
CA GLN F 265 -3.72 7.92 -31.56
C GLN F 265 -2.26 8.36 -31.59
N ASP F 266 -1.38 7.38 -31.65
CA ASP F 266 0.05 7.61 -31.68
C ASP F 266 0.42 8.11 -33.08
N THR F 267 1.64 8.60 -33.24
CA THR F 267 2.08 9.18 -34.51
C THR F 267 1.97 8.20 -35.68
N ASP F 268 1.85 6.91 -35.39
CA ASP F 268 1.74 5.88 -36.42
C ASP F 268 0.30 5.52 -36.74
N GLY F 269 -0.66 6.29 -36.20
CA GLY F 269 -2.06 6.04 -36.45
C GLY F 269 -2.72 5.00 -35.56
N LYS F 270 -1.92 4.16 -34.92
CA LYS F 270 -2.44 3.20 -33.94
C LYS F 270 -2.77 3.88 -32.62
N HIS F 271 -3.74 3.34 -31.88
CA HIS F 271 -4.08 3.87 -30.57
C HIS F 271 -2.89 3.73 -29.63
N LEU F 272 -2.67 4.74 -28.79
CA LEU F 272 -1.53 4.74 -27.88
C LEU F 272 -1.70 3.84 -26.67
N LEU F 273 -2.91 3.84 -26.10
CA LEU F 273 -3.14 3.15 -24.83
C LEU F 273 -2.72 1.67 -24.83
N PRO F 274 -3.05 0.94 -25.91
CA PRO F 274 -2.66 -0.47 -25.95
C PRO F 274 -1.16 -0.68 -25.97
N LYS F 275 -0.38 0.34 -26.27
CA LYS F 275 1.09 0.20 -26.24
C LYS F 275 1.68 0.38 -24.84
N ILE F 276 0.89 0.91 -23.93
CA ILE F 276 1.39 1.34 -22.62
C ILE F 276 1.54 0.20 -21.63
N ARG F 277 2.69 0.15 -20.96
CA ARG F 277 2.97 -0.85 -19.94
C ARG F 277 2.00 -0.78 -18.77
N ASP F 278 1.59 -1.96 -18.36
CA ASP F 278 0.44 -2.21 -17.52
C ASP F 278 0.86 -2.27 -16.01
N SER F 279 1.65 -1.30 -15.58
CA SER F 279 2.22 -1.28 -14.23
C SER F 279 2.06 0.10 -13.59
N ALA F 280 1.11 0.23 -12.69
CA ALA F 280 0.76 1.54 -12.14
C ALA F 280 1.72 2.02 -11.08
N GLY F 281 2.14 3.27 -11.21
CA GLY F 281 2.98 3.90 -10.21
C GLY F 281 2.13 4.57 -9.15
N GLN F 282 2.77 4.97 -8.06
CA GLN F 282 2.10 5.76 -7.04
C GLN F 282 3.14 6.51 -6.24
N LYS F 283 2.75 7.65 -5.69
CA LYS F 283 3.69 8.54 -5.03
C LYS F 283 3.38 8.78 -3.56
N GLY F 284 2.49 7.97 -3.00
CA GLY F 284 2.34 7.92 -1.56
C GLY F 284 0.99 8.30 -0.97
N THR F 285 0.35 9.33 -1.53
CA THR F 285 -0.87 9.84 -0.95
C THR F 285 -2.00 8.80 -0.81
N GLY F 286 -2.18 7.95 -1.82
CA GLY F 286 -3.21 6.95 -1.74
C GLY F 286 -2.92 6.01 -0.57
N LYS F 287 -1.69 5.51 -0.55
CA LYS F 287 -1.21 4.67 0.52
C LYS F 287 -1.44 5.33 1.88
N TRP F 288 -1.12 6.62 2.01
CA TRP F 288 -1.30 7.30 3.30
C TRP F 288 -2.76 7.35 3.72
N THR F 289 -3.66 7.54 2.75
CA THR F 289 -5.08 7.60 3.08
C THR F 289 -5.53 6.27 3.66
N ALA F 290 -5.11 5.17 3.03
CA ALA F 290 -5.51 3.83 3.50
C ALA F 290 -4.94 3.58 4.89
N ILE F 291 -3.70 3.98 5.09
CA ILE F 291 -3.04 3.79 6.37
C ILE F 291 -3.72 4.61 7.48
N SER F 292 -4.11 5.84 7.18
CA SER F 292 -4.83 6.67 8.16
C SER F 292 -6.17 6.04 8.52
N ALA F 293 -6.87 5.55 7.51
CA ALA F 293 -8.12 4.83 7.70
C ALA F 293 -7.94 3.66 8.66
N LEU F 294 -6.92 2.84 8.42
CA LEU F 294 -6.67 1.68 9.27
C LEU F 294 -6.33 2.14 10.67
N GLU F 295 -5.48 3.17 10.78
CA GLU F 295 -5.07 3.68 12.08
C GLU F 295 -6.23 4.17 12.95
N TYR F 296 -7.26 4.77 12.34
CA TYR F 296 -8.34 5.34 13.14
C TYR F 296 -9.65 4.55 13.04
N GLY F 297 -9.58 3.37 12.43
CA GLY F 297 -10.73 2.48 12.36
C GLY F 297 -11.90 2.95 11.51
N VAL F 298 -11.61 3.60 10.39
CA VAL F 298 -12.64 3.99 9.42
C VAL F 298 -12.57 3.03 8.24
N PRO F 299 -13.70 2.40 7.90
CA PRO F 299 -13.75 1.41 6.82
C PRO F 299 -13.73 2.02 5.42
N VAL F 300 -12.59 2.58 5.04
CA VAL F 300 -12.41 3.21 3.74
C VAL F 300 -11.89 2.17 2.78
N THR F 301 -12.76 1.22 2.43
CA THR F 301 -12.37 -0.01 1.76
C THR F 301 -11.95 0.18 0.30
N LEU F 302 -12.58 1.12 -0.39
CA LEU F 302 -12.26 1.38 -1.80
C LEU F 302 -10.82 1.83 -2.04
N ILE F 303 -10.36 2.78 -1.24
CA ILE F 303 -8.98 3.27 -1.35
C ILE F 303 -8.00 2.14 -1.10
N GLY F 304 -8.27 1.32 -0.09
CA GLY F 304 -7.43 0.17 0.17
C GLY F 304 -7.29 -0.69 -1.08
N GLU F 305 -8.42 -1.07 -1.67
CA GLU F 305 -8.42 -1.94 -2.85
C GLU F 305 -7.69 -1.28 -3.99
N ALA F 306 -7.92 0.03 -4.14
CA ALA F 306 -7.29 0.81 -5.22
C ALA F 306 -5.78 0.81 -5.12
N VAL F 307 -5.25 1.09 -3.93
CA VAL F 307 -3.81 1.04 -3.71
C VAL F 307 -3.25 -0.36 -3.96
N PHE F 308 -3.92 -1.38 -3.41
CA PHE F 308 -3.44 -2.76 -3.59
C PHE F 308 -3.49 -3.15 -5.06
N ALA F 309 -4.49 -2.63 -5.78
CA ALA F 309 -4.59 -2.90 -7.22
C ALA F 309 -3.34 -2.41 -7.95
N ARG F 310 -2.89 -1.21 -7.62
CA ARG F 310 -1.65 -0.72 -8.19
C ARG F 310 -0.47 -1.62 -7.87
N CYS F 311 -0.37 -2.04 -6.61
CA CYS F 311 0.69 -2.96 -6.19
C CYS F 311 0.67 -4.24 -7.04
N LEU F 312 -0.51 -4.84 -7.14
CA LEU F 312 -0.71 -6.02 -7.97
C LEU F 312 -0.27 -5.82 -9.43
N SER F 313 -0.58 -4.66 -10.00
CA SER F 313 -0.22 -4.42 -11.40
C SER F 313 1.30 -4.36 -11.56
N SER F 314 1.98 -3.92 -10.51
CA SER F 314 3.45 -3.84 -10.52
C SER F 314 4.13 -5.19 -10.59
N LEU F 315 3.44 -6.24 -10.13
CA LEU F 315 3.94 -7.60 -10.25
C LEU F 315 3.79 -8.14 -11.66
N LYS F 316 4.09 -7.29 -12.63
CA LYS F 316 3.87 -7.61 -14.04
C LYS F 316 4.52 -8.92 -14.43
N ASP F 317 5.79 -9.07 -14.09
CA ASP F 317 6.50 -10.29 -14.46
C ASP F 317 5.91 -11.54 -13.82
N GLU F 318 5.55 -11.44 -12.55
CA GLU F 318 4.83 -12.52 -11.89
C GLU F 318 3.50 -12.84 -12.57
N ARG F 319 2.79 -11.80 -13.01
CA ARG F 319 1.47 -12.00 -13.63
C ARG F 319 1.60 -12.71 -14.97
N ILE F 320 2.64 -12.39 -15.73
CA ILE F 320 2.94 -13.11 -16.97
C ILE F 320 3.18 -14.57 -16.67
N GLN F 321 4.01 -14.83 -15.66
CA GLN F 321 4.24 -16.19 -15.18
C GLN F 321 2.95 -16.89 -14.81
N ALA F 322 2.18 -16.26 -13.92
CA ALA F 322 0.96 -16.87 -13.40
C ALA F 322 -0.07 -17.13 -14.48
N SER F 323 -0.10 -16.31 -15.51
CA SER F 323 -1.12 -16.43 -16.54
C SER F 323 -0.95 -17.71 -17.34
N LYS F 324 0.24 -18.29 -17.29
CA LYS F 324 0.49 -19.56 -17.98
C LYS F 324 -0.02 -20.78 -17.18
N LYS F 325 -0.13 -20.65 -15.86
CA LYS F 325 -0.51 -21.76 -14.99
C LYS F 325 -1.95 -21.68 -14.48
N LEU F 326 -2.40 -20.48 -14.17
CA LEU F 326 -3.70 -20.30 -13.52
C LEU F 326 -4.78 -20.03 -14.56
N LYS F 327 -5.75 -20.93 -14.63
CA LYS F 327 -6.82 -20.81 -15.60
C LYS F 327 -7.99 -20.04 -15.02
N GLY F 328 -8.76 -19.38 -15.88
CA GLY F 328 -9.96 -18.68 -15.44
C GLY F 328 -11.19 -19.53 -15.70
N PRO F 329 -12.38 -18.89 -15.78
CA PRO F 329 -13.62 -19.61 -16.11
C PRO F 329 -13.54 -20.13 -17.54
N GLN F 330 -13.75 -21.42 -17.72
CA GLN F 330 -13.51 -22.02 -19.03
C GLN F 330 -14.66 -21.78 -20.01
N LYS F 331 -15.88 -21.90 -19.53
CA LYS F 331 -17.04 -21.90 -20.41
C LYS F 331 -18.01 -20.76 -20.14
N PHE F 332 -17.53 -19.53 -19.99
CA PHE F 332 -18.45 -18.42 -19.77
C PHE F 332 -19.11 -18.00 -21.07
N GLN F 333 -20.41 -17.74 -21.00
CA GLN F 333 -21.13 -17.17 -22.11
C GLN F 333 -21.96 -15.97 -21.65
N PHE F 334 -21.69 -14.82 -22.24
CA PHE F 334 -22.47 -13.63 -22.02
C PHE F 334 -23.90 -13.85 -22.54
N ASP F 335 -24.88 -13.24 -21.88
CA ASP F 335 -26.29 -13.51 -22.20
C ASP F 335 -26.77 -12.88 -23.49
N GLY F 336 -25.94 -12.01 -24.09
CA GLY F 336 -26.25 -11.46 -25.40
C GLY F 336 -26.55 -9.96 -25.44
N ASP F 337 -27.26 -9.45 -24.43
CA ASP F 337 -27.78 -8.08 -24.45
C ASP F 337 -26.76 -6.96 -24.12
N LYS F 338 -26.07 -6.49 -25.15
CA LYS F 338 -24.92 -5.61 -24.96
C LYS F 338 -25.29 -4.21 -24.49
N LYS F 339 -26.29 -3.61 -25.12
CA LYS F 339 -26.70 -2.25 -24.79
C LYS F 339 -27.16 -2.19 -23.35
N SER F 340 -27.99 -3.15 -22.98
CA SER F 340 -28.52 -3.26 -21.61
C SER F 340 -27.41 -3.40 -20.58
N PHE F 341 -26.44 -4.25 -20.87
CA PHE F 341 -25.33 -4.46 -19.97
C PHE F 341 -24.38 -3.26 -19.87
N LEU F 342 -24.21 -2.53 -20.96
CA LEU F 342 -23.39 -1.33 -20.92
C LEU F 342 -24.00 -0.33 -19.94
N GLU F 343 -25.31 -0.18 -19.98
CA GLU F 343 -26.01 0.69 -19.05
C GLU F 343 -25.82 0.19 -17.62
N ASP F 344 -25.83 -1.12 -17.44
CA ASP F 344 -25.58 -1.72 -16.14
C ASP F 344 -24.21 -1.30 -15.62
N ILE F 345 -23.20 -1.38 -16.46
CA ILE F 345 -21.85 -0.94 -16.10
C ILE F 345 -21.86 0.52 -15.67
N ARG F 346 -22.57 1.35 -16.42
CA ARG F 346 -22.66 2.77 -16.11
C ARG F 346 -23.21 2.99 -14.71
N LYS F 347 -24.33 2.33 -14.41
CA LYS F 347 -24.96 2.49 -13.12
C LYS F 347 -24.11 1.93 -11.98
N ALA F 348 -23.44 0.81 -12.23
CA ALA F 348 -22.55 0.21 -11.24
C ALA F 348 -21.44 1.21 -10.91
N LEU F 349 -20.91 1.83 -11.97
CA LEU F 349 -19.82 2.79 -11.82
C LEU F 349 -20.28 3.98 -10.99
N TYR F 350 -21.48 4.45 -11.26
CA TYR F 350 -22.05 5.58 -10.53
C TYR F 350 -22.22 5.25 -9.05
N ALA F 351 -22.81 4.11 -8.74
CA ALA F 351 -23.04 3.74 -7.35
C ALA F 351 -21.73 3.60 -6.61
N SER F 352 -20.78 2.90 -7.23
CA SER F 352 -19.50 2.70 -6.59
C SER F 352 -18.77 4.04 -6.39
N LYS F 353 -18.84 4.91 -7.39
CA LYS F 353 -18.27 6.25 -7.29
C LYS F 353 -18.84 6.94 -6.06
N ILE F 354 -20.14 6.77 -5.84
CA ILE F 354 -20.78 7.33 -4.67
C ILE F 354 -20.18 6.80 -3.37
N ILE F 355 -20.04 5.49 -3.25
CA ILE F 355 -19.38 4.88 -2.10
C ILE F 355 -17.97 5.47 -1.86
N SER F 356 -17.20 5.59 -2.94
CA SER F 356 -15.87 6.19 -2.87
C SER F 356 -15.90 7.50 -2.10
N TYR F 357 -16.74 8.44 -2.54
CA TYR F 357 -16.86 9.74 -1.86
C TYR F 357 -17.41 9.65 -0.44
N ALA F 358 -18.41 8.80 -0.23
CA ALA F 358 -18.97 8.64 1.10
C ALA F 358 -17.90 8.21 2.09
N GLN F 359 -17.06 7.27 1.67
CA GLN F 359 -15.97 6.78 2.50
C GLN F 359 -14.99 7.92 2.79
N GLY F 360 -14.60 8.62 1.75
CA GLY F 360 -13.80 9.82 1.88
C GLY F 360 -14.27 10.76 2.96
N PHE F 361 -15.56 11.07 2.96
CA PHE F 361 -16.09 12.01 3.95
C PHE F 361 -16.19 11.43 5.36
N MET F 362 -16.30 10.10 5.44
CA MET F 362 -16.24 9.41 6.73
C MET F 362 -14.88 9.65 7.37
N LEU F 363 -13.84 9.57 6.55
CA LEU F 363 -12.49 9.80 7.01
C LEU F 363 -12.28 11.26 7.44
N LEU F 364 -12.79 12.20 6.66
CA LEU F 364 -12.70 13.61 7.04
C LEU F 364 -13.37 13.89 8.38
N ARG F 365 -14.57 13.36 8.55
CA ARG F 365 -15.29 13.47 9.81
C ARG F 365 -14.47 12.92 10.97
N GLN F 366 -13.85 11.76 10.75
CA GLN F 366 -13.05 11.11 11.79
C GLN F 366 -11.86 11.97 12.18
N ALA F 367 -11.21 12.57 11.19
CA ALA F 367 -10.08 13.46 11.43
C ALA F 367 -10.48 14.66 12.29
N ALA F 368 -11.62 15.27 11.97
CA ALA F 368 -12.12 16.39 12.75
C ALA F 368 -12.23 15.99 14.21
N THR F 369 -12.72 14.79 14.43
CA THR F 369 -12.89 14.28 15.78
C THR F 369 -11.53 14.01 16.43
N GLU F 370 -10.65 13.29 15.71
CA GLU F 370 -9.32 12.98 16.23
C GLU F 370 -8.49 14.21 16.58
N PHE F 371 -8.55 15.26 15.76
CA PHE F 371 -7.60 16.37 15.89
C PHE F 371 -8.24 17.68 16.28
N GLY F 372 -9.56 17.73 16.33
CA GLY F 372 -10.25 18.93 16.74
C GLY F 372 -10.34 19.96 15.64
N TRP F 373 -9.96 19.58 14.43
CA TRP F 373 -10.16 20.43 13.26
C TRP F 373 -11.63 20.73 13.03
N THR F 374 -11.93 21.99 12.77
CA THR F 374 -13.28 22.42 12.47
C THR F 374 -13.45 22.44 10.95
N LEU F 375 -13.63 21.26 10.37
CA LEU F 375 -13.74 21.11 8.92
C LEU F 375 -15.13 21.46 8.41
N ASN F 376 -15.18 22.21 7.31
CA ASN F 376 -16.43 22.51 6.63
C ASN F 376 -16.61 21.54 5.45
N TYR F 377 -17.39 20.49 5.66
CA TYR F 377 -17.51 19.44 4.65
C TYR F 377 -18.11 19.95 3.36
N GLY F 378 -19.22 20.69 3.48
CA GLY F 378 -19.82 21.35 2.33
C GLY F 378 -18.83 22.23 1.58
N GLY F 379 -18.05 23.01 2.33
CA GLY F 379 -17.07 23.89 1.73
C GLY F 379 -15.96 23.14 1.02
N ILE F 380 -15.54 22.02 1.58
CA ILE F 380 -14.54 21.17 0.95
C ILE F 380 -15.05 20.67 -0.41
N ALA F 381 -16.29 20.22 -0.40
CA ALA F 381 -16.97 19.82 -1.62
C ALA F 381 -16.92 20.93 -2.68
N LEU F 382 -17.19 22.16 -2.28
CA LEU F 382 -17.19 23.28 -3.22
C LEU F 382 -15.80 23.57 -3.76
N MET F 383 -14.77 23.40 -2.92
CA MET F 383 -13.39 23.55 -3.34
C MET F 383 -13.02 22.61 -4.48
N TRP F 384 -13.76 21.51 -4.59
CA TRP F 384 -13.47 20.50 -5.58
C TRP F 384 -14.19 20.68 -6.93
N ARG F 385 -14.96 21.76 -7.07
CA ARG F 385 -15.76 21.95 -8.28
C ARG F 385 -14.97 22.44 -9.49
N GLY F 386 -13.77 22.97 -9.24
CA GLY F 386 -12.92 23.44 -10.32
C GLY F 386 -11.45 23.11 -10.14
N GLY F 387 -10.71 23.12 -11.25
CA GLY F 387 -9.27 22.87 -11.21
C GLY F 387 -8.88 21.70 -10.34
N CYS F 388 -9.66 20.64 -10.43
CA CYS F 388 -9.57 19.57 -9.47
C CYS F 388 -9.82 18.25 -10.20
N ILE F 389 -9.00 17.24 -9.90
CA ILE F 389 -9.08 15.96 -10.58
C ILE F 389 -10.39 15.23 -10.30
N ILE F 390 -10.95 15.41 -9.11
CA ILE F 390 -12.20 14.75 -8.78
C ILE F 390 -13.41 15.66 -8.92
N ARG F 391 -13.30 16.69 -9.76
CA ARG F 391 -14.44 17.51 -10.11
C ARG F 391 -15.56 16.62 -10.64
N SER F 392 -16.72 16.72 -10.02
CA SER F 392 -17.87 15.93 -10.43
C SER F 392 -19.10 16.82 -10.37
N VAL F 393 -20.10 16.49 -11.18
CA VAL F 393 -21.29 17.33 -11.24
C VAL F 393 -22.06 17.25 -9.92
N PHE F 394 -21.85 16.20 -9.16
CA PHE F 394 -22.64 16.06 -7.93
C PHE F 394 -22.00 16.64 -6.66
N LEU F 395 -20.81 17.22 -6.83
CA LEU F 395 -20.17 17.86 -5.70
C LEU F 395 -21.10 18.89 -5.09
N GLY F 396 -21.91 19.52 -5.93
CA GLY F 396 -22.89 20.48 -5.46
C GLY F 396 -23.95 19.80 -4.61
N LYS F 397 -24.24 18.54 -4.94
CA LYS F 397 -25.20 17.76 -4.17
C LYS F 397 -24.67 17.46 -2.77
N ILE F 398 -23.37 17.17 -2.69
CA ILE F 398 -22.71 16.94 -1.42
C ILE F 398 -22.80 18.19 -0.54
N LYS F 399 -22.49 19.34 -1.13
CA LYS F 399 -22.64 20.59 -0.40
C LYS F 399 -24.07 20.75 0.12
N ASP F 400 -25.05 20.51 -0.74
CA ASP F 400 -26.45 20.61 -0.35
C ASP F 400 -26.81 19.71 0.82
N ALA F 401 -26.34 18.46 0.77
CA ALA F 401 -26.54 17.50 1.85
C ALA F 401 -26.04 18.01 3.20
N PHE F 402 -24.82 18.52 3.23
CA PHE F 402 -24.25 19.06 4.45
C PHE F 402 -24.92 20.38 4.86
N ASP F 403 -25.46 21.10 3.88
CA ASP F 403 -26.23 22.30 4.18
C ASP F 403 -27.50 21.95 4.94
N ARG F 404 -28.23 20.96 4.46
CA ARG F 404 -29.48 20.53 5.09
C ARG F 404 -29.23 19.91 6.46
N ASN F 405 -28.07 19.29 6.62
CA ASN F 405 -27.73 18.62 7.86
C ASN F 405 -26.23 18.56 8.06
N PRO F 406 -25.67 19.57 8.75
CA PRO F 406 -24.23 19.72 8.93
C PRO F 406 -23.64 18.55 9.72
N GLU F 407 -24.51 17.84 10.43
CA GLU F 407 -24.09 16.71 11.24
C GLU F 407 -24.25 15.35 10.54
N LEU F 408 -24.63 15.38 9.26
CA LEU F 408 -24.77 14.19 8.44
C LEU F 408 -23.65 13.19 8.71
N GLN F 409 -24.01 11.98 9.12
CA GLN F 409 -23.00 10.96 9.48
C GLN F 409 -22.47 10.20 8.29
N ASN F 410 -23.23 10.21 7.20
CA ASN F 410 -22.82 9.51 6.00
C ASN F 410 -23.58 10.01 4.80
N LEU F 411 -22.89 10.16 3.67
CA LEU F 411 -23.54 10.65 2.46
C LEU F 411 -24.68 9.75 2.01
N LEU F 412 -24.58 8.45 2.30
CA LEU F 412 -25.59 7.48 1.90
C LEU F 412 -26.93 7.80 2.53
N LEU F 413 -26.91 8.48 3.66
CA LEU F 413 -28.14 8.81 4.35
C LEU F 413 -28.85 10.01 3.76
N ASP F 414 -28.16 10.80 2.94
CA ASP F 414 -28.81 11.90 2.27
C ASP F 414 -29.66 11.39 1.11
N ASP F 415 -30.82 12.03 0.91
CA ASP F 415 -31.79 11.49 -0.04
C ASP F 415 -31.29 11.39 -1.47
N PHE F 416 -30.59 12.41 -1.96
CA PHE F 416 -30.05 12.37 -3.31
C PHE F 416 -29.18 11.15 -3.56
N PHE F 417 -28.32 10.83 -2.60
CA PHE F 417 -27.40 9.70 -2.73
C PHE F 417 -28.05 8.36 -2.42
N LYS F 418 -28.95 8.33 -1.45
CA LYS F 418 -29.71 7.13 -1.16
C LYS F 418 -30.49 6.72 -2.39
N SER F 419 -31.14 7.69 -3.02
CA SER F 419 -31.99 7.42 -4.18
C SER F 419 -31.16 6.93 -5.35
N ALA F 420 -30.03 7.58 -5.58
CA ALA F 420 -29.18 7.23 -6.71
C ALA F 420 -28.73 5.77 -6.57
N VAL F 421 -28.27 5.42 -5.39
CA VAL F 421 -27.79 4.06 -5.14
C VAL F 421 -28.91 3.06 -5.26
N GLU F 422 -30.09 3.43 -4.74
CA GLU F 422 -31.24 2.54 -4.84
C GLU F 422 -31.59 2.27 -6.30
N ASN F 423 -31.53 3.29 -7.14
CA ASN F 423 -31.85 3.09 -8.57
C ASN F 423 -30.78 2.34 -9.35
N CYS F 424 -29.57 2.31 -8.82
CA CYS F 424 -28.47 1.65 -9.51
C CYS F 424 -28.29 0.22 -9.02
N GLN F 425 -28.93 -0.10 -7.91
CA GLN F 425 -28.65 -1.32 -7.18
C GLN F 425 -28.73 -2.58 -8.04
N ASP F 426 -29.83 -2.74 -8.77
CA ASP F 426 -30.01 -3.92 -9.60
C ASP F 426 -28.94 -4.05 -10.68
N SER F 427 -28.67 -2.96 -11.38
CA SER F 427 -27.66 -2.94 -12.41
C SER F 427 -26.31 -3.28 -11.80
N TRP F 428 -26.05 -2.67 -10.64
CA TRP F 428 -24.81 -2.88 -9.91
C TRP F 428 -24.56 -4.36 -9.72
N ARG F 429 -25.56 -5.05 -9.16
CA ARG F 429 -25.43 -6.47 -8.81
C ARG F 429 -25.31 -7.33 -10.06
N ARG F 430 -26.01 -6.93 -11.10
CA ARG F 430 -25.95 -7.62 -12.39
C ARG F 430 -24.53 -7.51 -12.98
N ALA F 431 -23.97 -6.30 -12.93
CA ALA F 431 -22.63 -6.05 -13.47
C ALA F 431 -21.58 -6.88 -12.74
N VAL F 432 -21.64 -6.86 -11.42
CA VAL F 432 -20.69 -7.59 -10.61
C VAL F 432 -20.82 -9.10 -10.81
N SER F 433 -22.04 -9.61 -10.75
CA SER F 433 -22.26 -11.03 -10.88
C SER F 433 -21.78 -11.53 -12.25
N THR F 434 -22.04 -10.76 -13.30
CA THR F 434 -21.56 -11.11 -14.62
C THR F 434 -20.03 -11.06 -14.63
N GLY F 435 -19.47 -10.01 -14.06
CA GLY F 435 -18.03 -9.83 -14.02
C GLY F 435 -17.36 -11.03 -13.37
N VAL F 436 -17.96 -11.47 -12.26
CA VAL F 436 -17.43 -12.62 -11.55
C VAL F 436 -17.47 -13.90 -12.39
N GLN F 437 -18.58 -14.10 -13.10
CA GLN F 437 -18.74 -15.25 -13.94
C GLN F 437 -17.77 -15.24 -15.12
N ALA F 438 -17.48 -14.05 -15.62
CA ALA F 438 -16.57 -13.91 -16.73
C ALA F 438 -15.08 -13.97 -16.30
N GLY F 439 -14.84 -13.81 -15.01
CA GLY F 439 -13.48 -13.88 -14.49
C GLY F 439 -12.75 -12.55 -14.55
N ILE F 440 -13.51 -11.47 -14.56
CA ILE F 440 -12.94 -10.13 -14.63
C ILE F 440 -12.68 -9.58 -13.24
N PRO F 441 -11.42 -9.19 -12.96
CA PRO F 441 -11.02 -8.62 -11.66
C PRO F 441 -11.76 -7.32 -11.38
N MET F 442 -12.57 -7.26 -10.33
CA MET F 442 -13.22 -6.01 -9.97
C MET F 442 -13.09 -5.69 -8.49
N PRO F 443 -11.83 -5.49 -8.03
CA PRO F 443 -11.56 -5.26 -6.62
C PRO F 443 -12.38 -4.11 -6.06
N CYS F 444 -12.50 -3.03 -6.83
CA CYS F 444 -13.22 -1.86 -6.36
C CYS F 444 -14.74 -1.91 -6.47
N PHE F 445 -15.26 -2.46 -7.57
CA PHE F 445 -16.70 -2.65 -7.69
C PHE F 445 -17.21 -3.54 -6.58
N THR F 446 -16.51 -4.64 -6.32
CA THR F 446 -16.93 -5.62 -5.31
C THR F 446 -16.80 -5.12 -3.88
N THR F 447 -15.73 -4.38 -3.60
CA THR F 447 -15.55 -3.86 -2.25
C THR F 447 -16.60 -2.78 -1.96
N ALA F 448 -16.93 -2.00 -2.98
CA ALA F 448 -17.95 -0.95 -2.84
C ALA F 448 -19.31 -1.55 -2.54
N LEU F 449 -19.66 -2.60 -3.27
CA LEU F 449 -20.92 -3.30 -3.05
C LEU F 449 -20.92 -4.00 -1.69
N SER F 450 -19.82 -4.68 -1.36
CA SER F 450 -19.71 -5.35 -0.07
C SER F 450 -19.90 -4.35 1.05
N PHE F 451 -19.32 -3.18 0.88
CA PHE F 451 -19.48 -2.13 1.88
C PHE F 451 -20.94 -1.66 2.00
N TYR F 452 -21.60 -1.44 0.87
CA TYR F 452 -23.01 -1.06 0.88
C TYR F 452 -23.85 -2.09 1.61
N ASP F 453 -23.66 -3.35 1.27
CA ASP F 453 -24.41 -4.43 1.90
C ASP F 453 -24.10 -4.57 3.38
N GLY F 454 -22.86 -4.31 3.76
CA GLY F 454 -22.46 -4.39 5.15
C GLY F 454 -23.08 -3.26 5.96
N TYR F 455 -22.96 -2.05 5.43
CA TYR F 455 -23.39 -0.83 6.10
C TYR F 455 -24.90 -0.78 6.33
N ARG F 456 -25.66 -1.41 5.45
CA ARG F 456 -27.11 -1.36 5.53
C ARG F 456 -27.72 -2.49 6.36
N HIS F 457 -26.93 -3.54 6.62
CA HIS F 457 -27.37 -4.63 7.50
C HIS F 457 -27.35 -4.27 8.97
N GLU F 458 -28.50 -4.39 9.62
CA GLU F 458 -28.58 -4.18 11.06
C GLU F 458 -27.80 -5.24 11.83
N MET F 459 -27.91 -6.50 11.39
CA MET F 459 -27.14 -7.60 11.95
C MET F 459 -26.06 -8.13 11.01
N LEU F 460 -24.85 -8.27 11.54
CA LEU F 460 -23.72 -8.83 10.80
C LEU F 460 -23.17 -10.03 11.56
N PRO F 461 -22.43 -10.92 10.87
CA PRO F 461 -21.83 -12.10 11.51
C PRO F 461 -20.66 -11.78 12.45
N ALA F 462 -20.38 -10.51 12.68
CA ALA F 462 -19.30 -10.08 13.55
C ALA F 462 -19.45 -10.67 14.94
N SER F 463 -20.68 -10.96 15.34
CA SER F 463 -20.96 -11.60 16.61
C SER F 463 -20.19 -12.92 16.74
N LEU F 464 -20.03 -13.63 15.63
CA LEU F 464 -19.27 -14.88 15.60
C LEU F 464 -17.81 -14.62 15.85
N ILE F 465 -17.29 -13.53 15.31
CA ILE F 465 -15.91 -13.14 15.59
C ILE F 465 -15.73 -12.89 17.09
N GLN F 466 -16.66 -12.15 17.68
CA GLN F 466 -16.63 -11.93 19.13
C GLN F 466 -16.67 -13.25 19.90
N ALA F 467 -17.53 -14.17 19.46
CA ALA F 467 -17.61 -15.48 20.10
C ALA F 467 -16.26 -16.21 20.03
N GLN F 468 -15.66 -16.25 18.84
CA GLN F 468 -14.40 -16.96 18.67
C GLN F 468 -13.30 -16.33 19.51
N ARG F 469 -13.26 -15.00 19.53
CA ARG F 469 -12.23 -14.30 20.30
C ARG F 469 -12.37 -14.61 21.78
N ASP F 470 -13.60 -14.64 22.27
CA ASP F 470 -13.80 -14.98 23.68
C ASP F 470 -13.43 -16.44 23.96
N TYR F 471 -13.65 -17.27 22.96
CA TYR F 471 -13.44 -18.69 23.09
C TYR F 471 -11.95 -18.99 23.22
N PHE F 472 -11.14 -18.46 22.31
CA PHE F 472 -9.71 -18.80 22.35
C PHE F 472 -8.83 -17.84 23.14
N GLY F 473 -9.27 -16.58 23.27
CA GLY F 473 -8.45 -15.57 23.93
C GLY F 473 -9.11 -14.88 25.10
N ALA F 474 -10.32 -15.32 25.43
CA ALA F 474 -11.08 -14.75 26.55
C ALA F 474 -11.17 -13.22 26.46
N HIS F 475 -11.42 -12.70 25.26
CA HIS F 475 -11.43 -11.23 25.07
C HIS F 475 -12.74 -10.61 25.54
N THR F 476 -13.71 -11.45 25.91
CA THR F 476 -15.04 -11.03 26.41
C THR F 476 -15.88 -10.44 25.30
N TYR F 477 -17.18 -10.35 25.55
CA TYR F 477 -18.13 -9.90 24.55
C TYR F 477 -19.34 -9.26 25.25
N GLU F 478 -20.22 -8.65 24.47
CA GLU F 478 -21.43 -8.04 25.04
C GLU F 478 -22.64 -8.75 24.48
N LEU F 479 -23.73 -8.72 25.23
CA LEU F 479 -25.02 -9.19 24.74
C LEU F 479 -25.74 -8.05 24.03
N LEU F 480 -26.48 -8.38 22.98
CA LEU F 480 -27.33 -7.40 22.30
C LEU F 480 -28.22 -6.66 23.30
N ALA F 481 -28.80 -7.41 24.23
CA ALA F 481 -29.78 -6.86 25.19
C ALA F 481 -29.17 -5.94 26.24
N LYS F 482 -27.85 -5.96 26.39
CA LYS F 482 -27.20 -5.10 27.39
C LYS F 482 -25.82 -4.67 26.96
N PRO F 483 -25.75 -3.78 25.97
CA PRO F 483 -24.45 -3.33 25.48
C PRO F 483 -23.70 -2.64 26.59
N GLY F 484 -22.38 -2.74 26.56
CA GLY F 484 -21.54 -2.02 27.50
C GLY F 484 -21.06 -2.89 28.65
N GLN F 485 -21.79 -3.96 28.91
CA GLN F 485 -21.40 -4.90 29.96
C GLN F 485 -20.73 -6.10 29.31
N PHE F 486 -19.46 -6.30 29.65
CA PHE F 486 -18.67 -7.38 29.04
C PHE F 486 -18.65 -8.68 29.81
N ILE F 487 -18.72 -9.77 29.08
CA ILE F 487 -18.88 -11.09 29.64
C ILE F 487 -17.81 -12.04 29.11
N HIS F 488 -17.33 -12.93 29.97
CA HIS F 488 -16.56 -14.05 29.48
C HIS F 488 -17.25 -15.37 29.75
N THR F 489 -17.31 -16.23 28.73
CA THR F 489 -17.99 -17.50 28.85
C THR F 489 -16.97 -18.63 28.87
N ASN F 490 -17.22 -19.63 29.69
CA ASN F 490 -16.39 -20.84 29.67
C ASN F 490 -16.85 -21.80 28.57
N TRP F 491 -16.54 -21.44 27.33
CA TRP F 491 -17.03 -22.19 26.17
C TRP F 491 -16.70 -23.66 26.21
N THR F 492 -15.47 -24.00 26.55
CA THR F 492 -15.06 -25.40 26.49
C THR F 492 -15.53 -26.16 27.71
N GLY F 493 -15.84 -25.45 28.79
CA GLY F 493 -16.27 -26.09 30.01
C GLY F 493 -15.10 -26.51 30.91
N HIS F 494 -13.89 -26.27 30.43
CA HIS F 494 -12.67 -26.64 31.18
C HIS F 494 -11.78 -25.41 31.44
#